data_8ZY7
#
_entry.id   8ZY7
#
_cell.length_a   1.00
_cell.length_b   1.00
_cell.length_c   1.00
_cell.angle_alpha   90.00
_cell.angle_beta   90.00
_cell.angle_gamma   90.00
#
_symmetry.space_group_name_H-M   'P 1'
#
loop_
_entity.id
_entity.type
_entity.pdbx_description
1 polymer 'Spike glycoprotein'
2 branched 2-acetamido-2-deoxy-beta-D-glucopyranose-(1-4)-2-acetamido-2-deoxy-beta-D-glucopyranose
3 non-polymer 2-acetamido-2-deoxy-beta-D-glucopyranose
#
_entity_poly.entity_id   1
_entity_poly.type   'polypeptide(L)'
_entity_poly.pdbx_seq_one_letter_code
;MKILIFAFLVTLVKAQEGCGVINLKTQPILTQVSSSRRGVYYNDDIFRSDVLHLTQDYFLPFHSNLTQYFSLNIESDKIV
YFDNPILKFGDGVYFAATEKSNVIRGWVFGSTFDNTTQSAIIVNNSTHIIIRVCYFNLCKDPMYTVSAGTQVSSWVYQSA
FNCTYDRVEKSFQLDTSPKTGNFTDLREFVFKNRDGFFTVYQTYTPVNLLRGLPSGLSVLKPILKLPFGINITSFRVVMA
MFSKTTSNYVPESAAYYVGNLKQSTFMLSFNQNGTIVDAVDCSQDPLAELKCTTKSFNVSKGIYQTSNFRVSPVTEVVRF
PNITNLCPFDKVFNATRFPSVYAWERTKISDCVADYTVFYNSTSFSTFNCYGVSPSKLIDLCFTSVYADTFLIRFSEVRQ
VAPGQTGVIADYNYKLPDDFTGCVIAWNTAKQDVGSYFYRSHRSSKLKPFERDLSSEENGVRTLSTYDFNQYVPLEYQAT
RVVVLSFELLNAPATVCGPKLSTSLVKNQCVNFNFNGFKGTGVLTDSSKTFQSFQQFGRDASDFTDSVRDPQTLRILDIS
PCSFGGVSVITPGTNTSSAVAVLYQDVNCTDVPTTLHADQLAPSWRVYTTGPYVFQTQAGCLIGAEHVNASYQCDIPIGA
GICASYHTASLLRSTGQKSIVAYTMSLGAENSVAYANNSIAIPTNFSISVTTEVMPVSMAKTSVDCTMYICGDSLECSNL
LLQYGSFCTQLNRALSGIAVEQDKNTQEVFAQVKQMYKTPTIRDFGGFNFSQILPDPLKPTKRSFIEDLLYNKVTLADAG
FMKQYADCLGGINARDLICAQKFNGLTVLPPLLTDDMIAAYTAALISGTATAGWTFGAGAALQIPFAMQMAYRFNGIGVT
QNVLYENQKQIANQFNKAITQIQESLTTTSTALGKLQDVVNQNAQALNTLVKQLSSNFGAISSALNDILSRLDKVEAEVQ
IDRLITGRLQSLQTYVTQQLIRAAEIRTSANLAATKMSECVLGQSKRVDFCGKGYHLMSFPQSAPHGVVFLHVTYVPSQE
RNFTTAPAICHEGKAYFPREGVFVSNGSFWFITQRNFYSPQIITTDNTFVAGSCDVVIGIINNTVYDPLQPELDSFKQEL
DKYFKNHTSPDVDLGDISGINASVVDIQKEIDRLNEVAKNLNESLIDLQELGKYEQGSGYIPEAPRDGQAYVRKDGEWVL
LSTFLLEVLFQGPGHHHHHHHHSAWSHPQFEKGGGSGGGGSGGSAWSHPQFEKSA
;
_entity_poly.pdbx_strand_id   A,B,C
#
# COMPACT_ATOMS: atom_id res chain seq x y z
N LEU A 30 24.68 -45.29 32.53
CA LEU A 30 24.53 -43.88 32.16
C LEU A 30 23.09 -43.44 32.27
N THR A 31 22.65 -43.17 33.49
CA THR A 31 21.29 -42.71 33.72
C THR A 31 21.09 -41.29 33.20
N GLN A 32 19.85 -40.96 32.86
CA GLN A 32 19.52 -39.70 32.22
C GLN A 32 18.64 -38.87 33.14
N VAL A 33 19.00 -37.59 33.30
CA VAL A 33 18.29 -36.66 34.16
C VAL A 33 17.75 -35.53 33.31
N SER A 34 16.52 -35.11 33.58
CA SER A 34 15.90 -34.03 32.83
C SER A 34 16.55 -32.69 33.20
N SER A 35 16.64 -31.80 32.21
CA SER A 35 17.23 -30.47 32.39
C SER A 35 16.11 -29.44 32.23
N SER A 36 15.49 -29.07 33.35
CA SER A 36 14.33 -28.20 33.34
C SER A 36 14.78 -26.75 33.23
N ARG A 37 14.59 -26.15 32.06
CA ARG A 37 14.83 -24.73 31.79
C ARG A 37 16.27 -24.32 32.10
N ARG A 38 17.22 -25.18 31.71
CA ARG A 38 18.63 -24.94 31.96
C ARG A 38 19.36 -24.62 30.66
N GLY A 39 20.50 -23.95 30.80
CA GLY A 39 21.36 -23.67 29.67
C GLY A 39 20.91 -22.54 28.77
N VAL A 40 20.82 -21.32 29.32
CA VAL A 40 20.51 -20.13 28.56
C VAL A 40 21.69 -19.18 28.68
N TYR A 41 22.24 -18.77 27.54
CA TYR A 41 23.42 -17.91 27.55
C TYR A 41 23.21 -16.67 26.69
N TYR A 42 24.28 -15.91 26.46
CA TYR A 42 24.24 -14.71 25.64
C TYR A 42 24.85 -15.06 24.28
N ASN A 43 23.99 -15.25 23.28
CA ASN A 43 24.47 -15.57 21.94
C ASN A 43 24.90 -14.34 21.15
N ASP A 44 24.57 -13.14 21.62
CA ASP A 44 24.90 -11.90 20.93
C ASP A 44 25.62 -10.97 21.88
N ASP A 45 26.66 -10.31 21.39
CA ASP A 45 27.49 -9.42 22.19
C ASP A 45 26.93 -8.01 22.29
N ILE A 46 25.84 -7.71 21.58
CA ILE A 46 25.29 -6.35 21.62
C ILE A 46 24.51 -6.14 22.90
N PHE A 47 24.33 -4.88 23.26
CA PHE A 47 23.63 -4.49 24.48
C PHE A 47 22.18 -4.18 24.16
N ARG A 48 21.27 -4.79 24.92
CA ARG A 48 19.84 -4.60 24.73
C ARG A 48 19.16 -4.44 26.08
N SER A 49 18.23 -3.49 26.17
CA SER A 49 17.49 -3.24 27.40
C SER A 49 16.02 -3.03 27.08
N ASP A 50 15.15 -3.69 27.86
CA ASP A 50 13.70 -3.57 27.76
C ASP A 50 13.20 -3.95 26.35
N VAL A 51 13.40 -5.22 26.00
CA VAL A 51 13.14 -5.69 24.66
C VAL A 51 12.75 -7.17 24.74
N LEU A 52 11.87 -7.60 23.84
CA LEU A 52 11.41 -8.97 23.75
C LEU A 52 11.91 -9.62 22.46
N HIS A 53 13.19 -9.41 22.17
CA HIS A 53 13.79 -9.81 20.91
C HIS A 53 13.86 -11.33 20.78
N LEU A 54 13.59 -11.83 19.57
CA LEU A 54 13.62 -13.26 19.27
C LEU A 54 14.88 -13.62 18.52
N THR A 55 15.61 -14.62 19.01
CA THR A 55 16.82 -15.08 18.35
C THR A 55 16.56 -16.41 17.64
N GLN A 56 17.49 -16.77 16.77
CA GLN A 56 17.49 -18.08 16.10
C GLN A 56 18.95 -18.55 16.05
N ASP A 57 19.34 -19.30 17.07
CA ASP A 57 20.71 -19.76 17.20
C ASP A 57 20.68 -21.13 17.88
N TYR A 58 21.83 -21.58 18.37
CA TYR A 58 21.94 -22.88 19.02
C TYR A 58 21.70 -22.72 20.51
N PHE A 59 20.80 -23.55 21.05
CA PHE A 59 20.46 -23.52 22.46
C PHE A 59 20.27 -24.94 22.95
N LEU A 60 20.33 -25.11 24.26
CA LEU A 60 19.93 -26.38 24.86
C LEU A 60 18.40 -26.43 24.92
N PRO A 61 17.77 -27.45 24.36
CA PRO A 61 16.30 -27.53 24.39
C PRO A 61 15.78 -27.71 25.81
N PHE A 62 14.62 -27.13 26.05
CA PHE A 62 14.02 -27.20 27.38
C PHE A 62 13.54 -28.62 27.67
N HIS A 63 13.71 -29.03 28.94
CA HIS A 63 13.30 -30.34 29.43
C HIS A 63 13.96 -31.48 28.65
N SER A 64 15.22 -31.30 28.31
CA SER A 64 15.99 -32.34 27.63
C SER A 64 16.68 -33.25 28.65
N ASN A 65 17.02 -34.45 28.21
CA ASN A 65 17.57 -35.48 29.09
C ASN A 65 19.08 -35.54 28.91
N LEU A 66 19.81 -34.99 29.87
CA LEU A 66 21.26 -35.08 29.89
C LEU A 66 21.70 -36.41 30.51
N THR A 67 22.94 -36.78 30.24
CA THR A 67 23.52 -37.98 30.83
C THR A 67 24.19 -37.66 32.16
N GLN A 68 24.18 -38.64 33.07
CA GLN A 68 24.73 -38.48 34.40
C GLN A 68 26.01 -39.32 34.50
N TYR A 69 27.12 -38.66 34.85
CA TYR A 69 28.40 -39.33 35.04
C TYR A 69 28.79 -39.22 36.50
N PHE A 70 29.09 -40.35 37.14
CA PHE A 70 29.42 -40.39 38.55
C PHE A 70 30.93 -40.41 38.75
N SER A 71 31.33 -40.24 40.01
CA SER A 71 32.73 -40.32 40.39
C SER A 71 32.90 -41.03 41.73
N LEU A 72 32.03 -42.00 42.01
CA LEU A 72 32.01 -42.66 43.31
C LEU A 72 33.23 -43.55 43.49
N ASN A 73 33.58 -43.78 44.77
CA ASN A 73 34.72 -44.64 45.10
C ASN A 73 34.31 -46.09 45.28
N ILE A 74 33.19 -46.35 45.94
CA ILE A 74 32.72 -47.71 46.16
C ILE A 74 31.33 -47.90 45.57
N TYR A 81 32.39 -45.52 38.93
CA TYR A 81 33.75 -45.23 39.38
C TYR A 81 34.32 -44.02 38.65
N PHE A 82 35.61 -44.07 38.36
CA PHE A 82 36.31 -42.99 37.67
C PHE A 82 36.15 -43.19 36.16
N ASP A 83 35.23 -42.44 35.57
CA ASP A 83 35.00 -42.50 34.12
C ASP A 83 34.98 -41.09 33.56
N ASN A 84 35.71 -40.90 32.46
CA ASN A 84 35.70 -39.62 31.73
C ASN A 84 35.89 -39.93 30.26
N PRO A 85 34.86 -40.40 29.58
CA PRO A 85 35.01 -40.82 28.18
C PRO A 85 35.09 -39.63 27.25
N ILE A 86 35.51 -39.92 26.02
CA ILE A 86 35.62 -38.89 24.99
C ILE A 86 34.21 -38.50 24.55
N LEU A 87 33.75 -37.34 25.00
CA LEU A 87 32.38 -36.90 24.74
C LEU A 87 32.26 -36.35 23.33
N LYS A 88 31.05 -35.94 22.97
CA LYS A 88 30.76 -35.42 21.64
C LYS A 88 30.54 -33.92 21.74
N PHE A 89 31.36 -33.16 21.02
CA PHE A 89 31.25 -31.71 20.92
C PHE A 89 30.66 -31.39 19.56
N GLY A 90 29.38 -31.03 19.53
CA GLY A 90 28.72 -30.75 18.27
C GLY A 90 28.75 -29.27 17.95
N ASP A 91 27.60 -28.61 18.03
CA ASP A 91 27.52 -27.16 17.89
C ASP A 91 27.67 -26.44 19.21
N GLY A 92 27.89 -27.18 20.29
CA GLY A 92 27.99 -26.62 21.63
C GLY A 92 27.72 -27.68 22.67
N VAL A 93 28.18 -27.40 23.88
CA VAL A 93 28.07 -28.35 24.98
C VAL A 93 27.66 -27.60 26.24
N TYR A 94 26.66 -28.14 26.94
CA TYR A 94 26.29 -27.67 28.27
C TYR A 94 26.92 -28.60 29.30
N PHE A 95 27.73 -28.03 30.18
CA PHE A 95 28.48 -28.80 31.18
C PHE A 95 28.15 -28.24 32.56
N ALA A 96 27.50 -29.06 33.39
CA ALA A 96 27.15 -28.68 34.75
C ALA A 96 27.67 -29.75 35.69
N ALA A 97 28.56 -29.36 36.60
CA ALA A 97 29.21 -30.28 37.52
C ALA A 97 28.86 -29.93 38.95
N THR A 98 28.45 -30.92 39.73
CA THR A 98 28.16 -30.74 41.15
C THR A 98 29.36 -31.24 41.95
N GLU A 99 30.38 -30.39 42.01
CA GLU A 99 31.62 -30.74 42.70
C GLU A 99 31.42 -30.70 44.21
N LYS A 100 32.29 -31.42 44.92
CA LYS A 100 32.26 -31.46 46.38
C LYS A 100 33.45 -30.74 46.99
N SER A 101 34.69 -31.17 46.68
CA SER A 101 35.89 -30.40 47.00
C SER A 101 36.80 -30.38 45.77
N ASN A 102 36.50 -29.47 44.83
CA ASN A 102 37.34 -29.15 43.68
C ASN A 102 37.78 -30.38 42.89
N VAL A 103 36.86 -31.34 42.73
CA VAL A 103 37.18 -32.54 41.96
C VAL A 103 37.30 -32.20 40.48
N ILE A 104 36.37 -31.41 39.96
CA ILE A 104 36.42 -30.99 38.56
C ILE A 104 37.38 -29.81 38.43
N ARG A 105 38.46 -30.01 37.67
CA ARG A 105 39.49 -28.99 37.50
C ARG A 105 39.27 -28.18 36.23
N GLY A 106 39.21 -28.85 35.08
CA GLY A 106 39.08 -28.15 33.81
C GLY A 106 38.68 -29.06 32.66
N TRP A 107 39.08 -28.68 31.45
CA TRP A 107 38.66 -29.40 30.25
C TRP A 107 39.84 -29.52 29.29
N VAL A 108 39.76 -30.54 28.42
CA VAL A 108 40.68 -30.70 27.31
C VAL A 108 39.84 -30.83 26.04
N PHE A 109 40.04 -29.92 25.10
CA PHE A 109 39.33 -29.95 23.83
C PHE A 109 40.23 -30.60 22.79
N GLY A 110 39.78 -30.58 21.54
CA GLY A 110 40.54 -31.14 20.45
C GLY A 110 39.62 -31.78 19.44
N SER A 111 40.22 -32.51 18.49
CA SER A 111 39.47 -33.20 17.45
C SER A 111 39.63 -34.71 17.51
N THR A 112 40.87 -35.20 17.65
CA THR A 112 41.12 -36.63 17.71
C THR A 112 41.92 -37.08 18.93
N PHE A 113 42.43 -36.14 19.73
CA PHE A 113 43.24 -36.42 20.92
C PHE A 113 44.46 -37.29 20.59
N ASP A 114 45.10 -36.98 19.46
CA ASP A 114 46.23 -37.74 18.96
C ASP A 114 47.45 -36.82 18.82
N ASN A 115 48.51 -37.37 18.24
CA ASN A 115 49.73 -36.60 17.99
C ASN A 115 49.60 -35.66 16.81
N THR A 116 48.57 -35.81 15.98
CA THR A 116 48.46 -35.11 14.72
C THR A 116 47.40 -33.99 14.73
N THR A 117 46.84 -33.67 15.89
CA THR A 117 45.85 -32.62 15.98
C THR A 117 46.07 -31.84 17.27
N GLN A 118 45.71 -30.55 17.24
CA GLN A 118 45.97 -29.64 18.34
C GLN A 118 44.84 -29.66 19.35
N SER A 119 45.20 -29.66 20.63
CA SER A 119 44.25 -29.55 21.73
C SER A 119 44.27 -28.14 22.30
N ALA A 120 43.23 -27.80 23.05
CA ALA A 120 42.97 -26.43 23.49
C ALA A 120 42.61 -26.41 24.97
N ILE A 121 43.47 -27.01 25.81
CA ILE A 121 43.15 -27.27 27.21
C ILE A 121 42.91 -25.98 27.99
N ILE A 122 42.01 -26.05 28.96
CA ILE A 122 41.75 -24.97 29.92
C ILE A 122 41.77 -25.64 31.30
N VAL A 123 42.91 -25.60 31.97
CA VAL A 123 43.14 -26.35 33.19
C VAL A 123 43.80 -25.44 34.21
N ASN A 124 43.34 -25.50 35.46
CA ASN A 124 44.01 -24.79 36.54
C ASN A 124 45.06 -25.68 37.19
N ASN A 125 46.22 -25.10 37.48
CA ASN A 125 47.33 -25.80 38.14
C ASN A 125 47.23 -25.75 39.66
N SER A 126 46.04 -25.47 40.19
CA SER A 126 45.67 -25.15 41.56
C SER A 126 46.13 -23.76 42.01
N THR A 127 46.84 -23.01 41.17
CA THR A 127 47.17 -21.63 41.51
C THR A 127 46.85 -20.63 40.40
N HIS A 128 47.06 -21.01 39.14
CA HIS A 128 46.84 -20.17 37.97
C HIS A 128 45.76 -20.80 37.10
N ILE A 129 45.57 -20.23 35.90
CA ILE A 129 44.82 -20.88 34.84
C ILE A 129 45.62 -20.73 33.55
N ILE A 130 45.89 -21.85 32.88
CA ILE A 130 46.68 -21.87 31.66
C ILE A 130 45.76 -22.25 30.49
N ILE A 131 45.80 -21.45 29.44
CA ILE A 131 45.06 -21.71 28.20
C ILE A 131 46.10 -21.83 27.09
N ARG A 132 46.35 -23.05 26.66
CA ARG A 132 47.36 -23.32 25.63
C ARG A 132 46.74 -24.09 24.48
N VAL A 133 47.16 -23.78 23.27
CA VAL A 133 46.75 -24.49 22.06
C VAL A 133 48.03 -25.00 21.40
N CYS A 134 48.44 -26.22 21.75
CA CYS A 134 49.66 -26.82 21.24
C CYS A 134 49.35 -28.20 20.69
N TYR A 135 50.40 -28.91 20.27
CA TYR A 135 50.32 -30.31 19.90
C TYR A 135 50.61 -31.14 21.15
N PHE A 136 49.57 -31.73 21.73
CA PHE A 136 49.69 -32.38 23.03
C PHE A 136 49.97 -33.87 22.89
N ASN A 137 50.36 -34.48 24.01
CA ASN A 137 50.74 -35.88 24.09
C ASN A 137 50.08 -36.53 25.29
N LEU A 138 48.76 -36.35 25.42
CA LEU A 138 48.05 -36.70 26.64
C LEU A 138 48.02 -38.21 26.86
N CYS A 139 47.86 -38.59 28.13
CA CYS A 139 47.79 -39.99 28.52
C CYS A 139 46.38 -40.52 28.32
N LYS A 140 46.17 -41.78 28.72
CA LYS A 140 44.84 -42.37 28.64
C LYS A 140 43.89 -41.75 29.67
N ASP A 141 44.37 -41.55 30.89
CA ASP A 141 43.59 -40.93 31.95
C ASP A 141 44.32 -39.71 32.47
N PRO A 142 43.86 -38.49 32.17
CA PRO A 142 44.56 -37.29 32.66
C PRO A 142 44.15 -36.91 34.09
N MET A 143 44.70 -37.64 35.05
CA MET A 143 44.35 -37.45 36.45
C MET A 143 45.21 -36.34 37.08
N TYR A 144 44.87 -36.00 38.31
CA TYR A 144 45.60 -35.03 39.12
C TYR A 144 45.91 -35.66 40.47
N THR A 145 46.65 -34.92 41.30
CA THR A 145 46.97 -35.33 42.66
C THR A 145 46.84 -34.14 43.59
N VAL A 146 46.50 -34.42 44.83
CA VAL A 146 46.20 -33.37 45.81
C VAL A 146 47.25 -33.36 46.90
N SER A 147 47.34 -32.22 47.60
CA SER A 147 48.34 -32.00 48.64
C SER A 147 47.99 -32.66 49.96
N ALA A 148 46.78 -33.23 50.10
CA ALA A 148 46.44 -33.96 51.31
C ALA A 148 47.28 -35.22 51.47
N GLY A 149 47.62 -35.87 50.36
CA GLY A 149 48.50 -37.02 50.35
C GLY A 149 49.97 -36.71 50.21
N THR A 150 50.36 -35.44 50.42
CA THR A 150 51.75 -34.97 50.34
C THR A 150 52.39 -35.30 48.99
N GLN A 151 51.62 -35.14 47.91
CA GLN A 151 52.12 -35.41 46.56
C GLN A 151 51.32 -34.59 45.58
N VAL A 152 51.93 -33.55 45.02
CA VAL A 152 51.32 -32.73 43.98
C VAL A 152 52.16 -32.87 42.72
N SER A 153 51.54 -33.36 41.64
CA SER A 153 52.23 -33.52 40.37
C SER A 153 51.19 -33.53 39.26
N SER A 154 51.16 -32.48 38.45
CA SER A 154 50.19 -32.38 37.37
C SER A 154 50.53 -33.38 36.27
N TRP A 155 49.65 -34.35 36.05
CA TRP A 155 49.85 -35.41 35.07
C TRP A 155 48.85 -35.29 33.92
N VAL A 156 48.59 -34.07 33.48
CA VAL A 156 47.63 -33.85 32.40
C VAL A 156 48.18 -34.34 31.06
N TYR A 157 49.44 -34.03 30.77
CA TYR A 157 50.02 -34.36 29.48
C TYR A 157 51.52 -34.56 29.63
N GLN A 158 52.11 -35.21 28.62
CA GLN A 158 53.53 -35.55 28.64
C GLN A 158 54.39 -34.40 28.14
N SER A 159 54.17 -33.96 26.92
CA SER A 159 54.97 -32.89 26.33
C SER A 159 54.16 -32.18 25.26
N ALA A 160 54.60 -30.98 24.91
CA ALA A 160 53.95 -30.16 23.90
C ALA A 160 54.99 -29.59 22.94
N PHE A 161 54.56 -29.34 21.71
CA PHE A 161 55.45 -28.78 20.69
C PHE A 161 54.60 -28.03 19.67
N ASN A 162 55.26 -27.09 18.98
CA ASN A 162 54.65 -26.27 17.93
C ASN A 162 53.41 -25.53 18.43
N CYS A 163 53.50 -24.97 19.62
CA CYS A 163 52.37 -24.28 20.24
C CYS A 163 52.17 -22.91 19.60
N THR A 164 50.91 -22.62 19.24
CA THR A 164 50.56 -21.38 18.55
C THR A 164 49.79 -20.40 19.44
N TYR A 165 49.48 -20.77 20.68
CA TYR A 165 48.73 -19.89 21.57
C TYR A 165 48.98 -20.32 23.00
N ASP A 166 49.28 -19.36 23.88
CA ASP A 166 49.56 -19.65 25.27
C ASP A 166 49.40 -18.38 26.08
N ARG A 167 48.70 -18.47 27.21
CA ARG A 167 48.57 -17.36 28.14
C ARG A 167 48.34 -17.92 29.54
N VAL A 168 48.99 -17.31 30.53
CA VAL A 168 48.91 -17.72 31.92
C VAL A 168 48.36 -16.56 32.73
N GLU A 169 47.33 -16.83 33.53
CA GLU A 169 46.74 -15.84 34.42
C GLU A 169 46.56 -16.46 35.80
N LYS A 170 46.72 -15.64 36.83
CA LYS A 170 46.65 -16.08 38.21
C LYS A 170 45.47 -15.44 38.95
N SER A 171 44.32 -15.36 38.31
CA SER A 171 43.15 -14.71 38.89
C SER A 171 42.32 -15.67 39.73
N PHE A 172 42.98 -16.40 40.64
CA PHE A 172 42.29 -17.27 41.59
C PHE A 172 43.23 -17.56 42.75
N GLN A 173 42.63 -18.00 43.86
CA GLN A 173 43.36 -18.45 45.02
C GLN A 173 43.47 -19.97 44.97
N LEU A 174 44.38 -20.53 45.79
CA LEU A 174 44.57 -21.97 45.83
C LEU A 174 43.32 -22.67 46.33
N ASP A 175 42.96 -23.76 45.65
CA ASP A 175 41.75 -24.50 45.97
C ASP A 175 41.90 -25.26 47.27
N THR A 176 40.77 -25.55 47.90
CA THR A 176 40.77 -26.32 49.14
C THR A 176 41.06 -27.78 48.85
N SER A 177 42.35 -28.14 48.86
CA SER A 177 42.75 -29.53 48.66
C SER A 177 42.16 -30.53 49.66
N PRO A 178 42.02 -30.23 50.97
CA PRO A 178 41.28 -31.15 51.84
C PRO A 178 39.82 -31.31 51.41
N LYS A 179 39.27 -32.49 51.70
CA LYS A 179 37.97 -32.88 51.17
C LYS A 179 36.84 -32.38 52.07
N THR A 180 35.60 -32.68 51.67
CA THR A 180 34.41 -32.19 52.35
C THR A 180 33.36 -33.31 52.31
N GLY A 181 32.47 -33.32 53.31
CA GLY A 181 31.52 -34.40 53.48
C GLY A 181 30.21 -34.31 52.71
N ASN A 182 29.95 -33.22 51.99
CA ASN A 182 28.70 -33.09 51.25
C ASN A 182 28.90 -32.13 50.09
N PHE A 183 27.97 -32.19 49.13
CA PHE A 183 27.97 -31.27 48.02
C PHE A 183 27.62 -29.85 48.49
N THR A 184 28.34 -28.87 47.96
CA THR A 184 28.17 -27.48 48.36
C THR A 184 27.73 -26.57 47.23
N ASP A 185 28.41 -26.62 46.09
CA ASP A 185 28.15 -25.67 45.01
C ASP A 185 28.09 -26.42 43.69
N LEU A 186 27.39 -25.81 42.72
CA LEU A 186 27.28 -26.35 41.38
C LEU A 186 27.71 -25.28 40.38
N ARG A 187 28.50 -25.69 39.39
CA ARG A 187 29.03 -24.78 38.38
C ARG A 187 28.56 -25.25 37.00
N GLU A 188 28.07 -24.32 36.19
CA GLU A 188 27.61 -24.61 34.85
C GLU A 188 28.48 -23.87 33.83
N PHE A 189 28.82 -24.57 32.74
CA PHE A 189 29.67 -24.02 31.70
C PHE A 189 29.09 -24.33 30.33
N VAL A 190 29.33 -23.42 29.39
CA VAL A 190 28.92 -23.57 27.99
C VAL A 190 30.05 -23.08 27.11
N PHE A 191 30.45 -23.88 26.14
CA PHE A 191 31.52 -23.55 25.21
C PHE A 191 30.96 -23.47 23.80
N LYS A 192 31.32 -22.41 23.07
CA LYS A 192 30.86 -22.24 21.70
C LYS A 192 32.04 -21.87 20.81
N ASN A 193 32.23 -22.63 19.73
CA ASN A 193 33.27 -22.35 18.75
C ASN A 193 32.61 -21.88 17.47
N ARG A 194 32.97 -20.67 17.03
CA ARG A 194 32.35 -20.10 15.84
C ARG A 194 33.29 -19.08 15.22
N ASP A 195 33.52 -19.23 13.91
CA ASP A 195 34.33 -18.31 13.10
C ASP A 195 35.74 -18.15 13.67
N GLY A 196 36.31 -19.24 14.16
CA GLY A 196 37.64 -19.20 14.75
C GLY A 196 37.71 -18.59 16.13
N PHE A 197 36.57 -18.30 16.75
CA PHE A 197 36.52 -17.68 18.07
C PHE A 197 35.88 -18.66 19.05
N PHE A 198 36.53 -18.85 20.19
CA PHE A 198 36.07 -19.75 21.24
C PHE A 198 35.55 -18.91 22.40
N THR A 199 34.25 -19.02 22.65
CA THR A 199 33.58 -18.22 23.68
C THR A 199 33.13 -19.14 24.82
N VAL A 200 33.40 -18.71 26.05
CA VAL A 200 33.11 -19.49 27.24
C VAL A 200 32.13 -18.72 28.11
N TYR A 201 31.07 -19.39 28.55
CA TYR A 201 30.07 -18.83 29.44
C TYR A 201 30.01 -19.68 30.70
N GLN A 202 29.91 -19.03 31.87
CA GLN A 202 29.97 -19.75 33.13
C GLN A 202 29.03 -19.16 34.15
N THR A 203 28.57 -20.01 35.07
CA THR A 203 27.84 -19.58 36.25
C THR A 203 28.17 -20.53 37.39
N TYR A 204 27.94 -20.06 38.62
CA TYR A 204 28.44 -20.73 39.81
C TYR A 204 27.50 -20.39 40.97
N THR A 205 26.81 -21.40 41.49
CA THR A 205 25.77 -21.14 42.48
C THR A 205 25.90 -22.08 43.68
N PRO A 206 25.67 -21.58 44.89
CA PRO A 206 25.69 -22.46 46.08
C PRO A 206 24.33 -23.05 46.39
N VAL A 207 24.33 -24.34 46.71
CA VAL A 207 23.10 -25.07 47.01
C VAL A 207 23.33 -25.95 48.24
N ASN A 208 22.33 -26.76 48.58
CA ASN A 208 22.47 -27.83 49.57
C ASN A 208 21.83 -29.07 48.96
N LEU A 209 22.64 -29.83 48.22
CA LEU A 209 22.15 -30.94 47.43
C LEU A 209 22.73 -32.25 47.96
N LEU A 210 22.01 -33.34 47.68
CA LEU A 210 22.46 -34.69 47.99
C LEU A 210 22.56 -35.57 46.75
N ARG A 211 21.62 -35.42 45.81
CA ARG A 211 21.60 -36.25 44.60
C ARG A 211 20.74 -35.54 43.56
N GLY A 212 21.23 -35.49 42.32
CA GLY A 212 20.45 -34.94 41.23
C GLY A 212 20.71 -33.47 40.97
N LEU A 213 19.98 -32.94 39.99
CA LEU A 213 20.07 -31.57 39.52
C LEU A 213 18.81 -30.79 39.86
N PRO A 214 18.94 -29.57 40.35
CA PRO A 214 17.74 -28.79 40.72
C PRO A 214 17.00 -28.28 39.49
N SER A 215 15.85 -27.67 39.75
CA SER A 215 14.98 -27.14 38.71
C SER A 215 14.92 -25.63 38.81
N GLY A 216 15.06 -24.97 37.66
CA GLY A 216 14.99 -23.52 37.63
C GLY A 216 15.61 -22.98 36.35
N LEU A 217 15.53 -21.67 36.21
CA LEU A 217 16.07 -20.98 35.05
C LEU A 217 17.41 -20.35 35.41
N SER A 218 18.44 -20.71 34.65
CA SER A 218 19.80 -20.25 34.91
C SER A 218 20.35 -19.54 33.68
N VAL A 219 20.90 -18.35 33.88
CA VAL A 219 21.52 -17.59 32.81
C VAL A 219 23.03 -17.57 33.02
N LEU A 220 23.76 -17.32 31.94
CA LEU A 220 25.22 -17.31 31.96
C LEU A 220 25.72 -15.95 31.49
N LYS A 221 27.04 -15.77 31.58
CA LYS A 221 27.69 -14.55 31.14
C LYS A 221 29.02 -14.88 30.49
N PRO A 222 29.43 -14.12 29.48
CA PRO A 222 30.71 -14.41 28.81
C PRO A 222 31.90 -13.90 29.62
N ILE A 223 32.97 -14.69 29.63
CA ILE A 223 34.20 -14.31 30.32
C ILE A 223 35.38 -14.40 29.36
N LEU A 224 35.27 -15.27 28.35
CA LEU A 224 36.39 -15.54 27.46
C LEU A 224 35.90 -15.56 26.01
N LYS A 225 36.62 -14.87 25.13
CA LYS A 225 36.36 -14.79 23.70
C LYS A 225 37.65 -15.00 22.93
N LEU A 226 38.36 -16.09 23.24
CA LEU A 226 39.72 -16.27 22.77
C LEU A 226 39.75 -16.61 21.28
N PRO A 227 40.83 -16.25 20.58
CA PRO A 227 41.05 -16.78 19.23
C PRO A 227 41.83 -18.09 19.27
N PHE A 228 41.28 -19.15 18.71
CA PHE A 228 41.91 -20.46 18.73
C PHE A 228 42.34 -20.94 17.35
N GLY A 229 41.44 -20.93 16.38
CA GLY A 229 41.78 -21.28 15.02
C GLY A 229 41.74 -22.76 14.70
N ILE A 230 41.47 -23.62 15.67
CA ILE A 230 41.36 -25.05 15.44
C ILE A 230 39.89 -25.44 15.36
N ASN A 231 39.62 -26.65 14.87
CA ASN A 231 38.28 -27.18 14.84
C ASN A 231 38.12 -28.23 15.94
N ILE A 232 36.99 -28.19 16.62
CA ILE A 232 36.75 -28.98 17.82
C ILE A 232 35.52 -29.84 17.61
N THR A 233 35.66 -31.15 17.84
CA THR A 233 34.55 -32.08 17.73
C THR A 233 34.42 -33.04 18.90
N SER A 234 35.38 -33.05 19.83
CA SER A 234 35.31 -33.93 21.00
C SER A 234 36.09 -33.29 22.13
N PHE A 235 35.60 -33.48 23.36
CA PHE A 235 36.23 -32.86 24.52
C PHE A 235 36.13 -33.79 25.73
N ARG A 236 37.02 -33.56 26.69
CA ARG A 236 37.06 -34.36 27.91
C ARG A 236 37.02 -33.49 29.17
N VAL A 237 37.22 -34.10 30.33
CA VAL A 237 37.25 -33.40 31.60
C VAL A 237 38.31 -34.05 32.48
N VAL A 238 39.10 -33.22 33.15
CA VAL A 238 40.15 -33.69 34.04
C VAL A 238 39.63 -33.67 35.48
N MET A 239 39.87 -34.75 36.20
CA MET A 239 39.41 -34.88 37.58
C MET A 239 40.59 -35.17 38.50
N ALA A 240 40.45 -34.79 39.76
CA ALA A 240 41.51 -34.94 40.74
C ALA A 240 41.34 -36.27 41.47
N MET A 241 42.37 -37.12 41.39
CA MET A 241 42.37 -38.42 42.03
C MET A 241 43.19 -38.37 43.31
N PHE A 242 42.81 -39.20 44.28
CA PHE A 242 43.56 -39.38 45.51
C PHE A 242 43.86 -40.85 45.72
N SER A 243 45.13 -41.18 45.87
CA SER A 243 45.55 -42.57 46.08
C SER A 243 45.73 -42.86 47.56
N VAL A 250 41.76 -42.77 44.03
CA VAL A 250 40.33 -42.80 43.73
C VAL A 250 39.60 -41.67 44.47
N PRO A 251 38.86 -40.85 43.73
CA PRO A 251 38.18 -39.70 44.34
C PRO A 251 36.99 -40.12 45.18
N GLU A 252 36.48 -39.17 45.96
CA GLU A 252 35.40 -39.47 46.90
C GLU A 252 34.04 -39.45 46.21
N SER A 253 33.63 -38.29 45.70
CA SER A 253 32.29 -38.15 45.12
C SER A 253 32.24 -36.90 44.27
N ALA A 254 31.78 -37.05 43.03
CA ALA A 254 31.53 -35.93 42.14
C ALA A 254 30.56 -36.39 41.06
N ALA A 255 29.92 -35.42 40.41
CA ALA A 255 28.97 -35.72 39.35
C ALA A 255 28.88 -34.55 38.39
N TYR A 256 28.89 -34.85 37.09
CA TYR A 256 28.75 -33.82 36.07
C TYR A 256 27.79 -34.32 34.99
N TYR A 257 27.19 -33.37 34.28
CA TYR A 257 26.19 -33.66 33.27
C TYR A 257 26.56 -32.96 31.97
N VAL A 258 26.40 -33.67 30.86
CA VAL A 258 26.80 -33.20 29.54
C VAL A 258 25.58 -33.17 28.63
N GLY A 259 25.33 -32.00 28.02
CA GLY A 259 24.28 -31.85 27.05
C GLY A 259 24.82 -31.30 25.73
N ASN A 260 23.98 -31.34 24.71
CA ASN A 260 24.35 -30.87 23.38
C ASN A 260 23.35 -29.83 22.91
N LEU A 261 23.85 -28.69 22.43
CA LEU A 261 22.98 -27.66 21.91
C LEU A 261 22.42 -28.06 20.55
N LYS A 262 21.20 -27.59 20.27
CA LYS A 262 20.53 -27.85 19.01
C LYS A 262 19.92 -26.56 18.49
N GLN A 263 19.67 -26.53 17.18
CA GLN A 263 19.09 -25.35 16.56
C GLN A 263 17.65 -25.17 17.01
N SER A 264 17.31 -23.97 17.48
CA SER A 264 16.00 -23.71 18.06
C SER A 264 15.72 -22.22 17.98
N THR A 265 14.46 -21.88 18.26
CA THR A 265 14.00 -20.50 18.33
C THR A 265 13.63 -20.15 19.76
N PHE A 266 14.24 -19.09 20.29
CA PHE A 266 14.06 -18.68 21.67
C PHE A 266 13.55 -17.24 21.71
N MET A 267 12.63 -16.97 22.63
CA MET A 267 12.21 -15.61 22.95
C MET A 267 12.77 -15.24 24.32
N LEU A 268 13.45 -14.10 24.38
CA LEU A 268 14.11 -13.66 25.61
C LEU A 268 13.56 -12.32 26.05
N SER A 269 13.54 -12.12 27.37
CA SER A 269 13.09 -10.87 27.96
C SER A 269 14.26 -10.18 28.64
N PHE A 270 14.29 -8.86 28.56
CA PHE A 270 15.38 -8.05 29.12
C PHE A 270 14.82 -6.97 30.03
N ASN A 271 15.48 -6.76 31.16
CA ASN A 271 15.07 -5.75 32.12
C ASN A 271 15.78 -4.43 31.81
N GLN A 272 15.72 -3.50 32.76
CA GLN A 272 16.45 -2.24 32.62
C GLN A 272 17.94 -2.39 32.89
N ASN A 273 18.36 -3.50 33.48
CA ASN A 273 19.77 -3.75 33.78
C ASN A 273 20.52 -4.36 32.60
N GLY A 274 19.81 -4.95 31.64
CA GLY A 274 20.47 -5.66 30.57
C GLY A 274 20.65 -7.15 30.82
N THR A 275 19.83 -7.74 31.70
CA THR A 275 19.93 -9.15 32.03
C THR A 275 18.65 -9.86 31.63
N ILE A 276 18.74 -11.18 31.51
CA ILE A 276 17.61 -12.00 31.11
C ILE A 276 16.84 -12.43 32.35
N VAL A 277 15.55 -12.11 32.39
CA VAL A 277 14.68 -12.49 33.50
C VAL A 277 13.66 -13.55 33.10
N ASP A 278 13.49 -13.82 31.82
CA ASP A 278 12.53 -14.82 31.36
C ASP A 278 12.95 -15.31 29.98
N ALA A 279 12.77 -16.60 29.74
CA ALA A 279 13.13 -17.21 28.47
C ALA A 279 12.26 -18.44 28.25
N VAL A 280 11.64 -18.53 27.07
CA VAL A 280 10.77 -19.64 26.73
C VAL A 280 11.24 -20.27 25.42
N ASP A 281 11.31 -21.59 25.40
CA ASP A 281 11.66 -22.35 24.19
C ASP A 281 10.37 -22.68 23.46
N CYS A 282 10.23 -22.14 22.25
CA CYS A 282 8.99 -22.27 21.49
C CYS A 282 9.01 -23.50 20.58
N SER A 283 9.29 -24.67 21.15
CA SER A 283 9.22 -25.90 20.38
C SER A 283 8.78 -27.11 21.22
N GLN A 284 8.23 -26.89 22.41
CA GLN A 284 7.87 -27.99 23.30
C GLN A 284 6.39 -28.07 23.62
N ASP A 285 5.72 -26.94 23.80
CA ASP A 285 4.32 -26.93 24.18
C ASP A 285 3.54 -25.98 23.27
N PRO A 286 2.24 -26.23 23.08
CA PRO A 286 1.41 -25.26 22.34
C PRO A 286 1.35 -23.89 23.01
N LEU A 287 1.43 -23.83 24.33
CA LEU A 287 1.43 -22.54 25.02
C LEU A 287 2.70 -21.75 24.70
N ALA A 288 3.84 -22.43 24.58
CA ALA A 288 5.08 -21.77 24.18
C ALA A 288 4.98 -21.21 22.77
N GLU A 289 4.40 -21.97 21.85
CA GLU A 289 4.20 -21.49 20.49
C GLU A 289 3.24 -20.32 20.45
N LEU A 290 2.20 -20.36 21.29
CA LEU A 290 1.26 -19.24 21.38
C LEU A 290 1.95 -17.99 21.92
N LYS A 291 2.80 -18.15 22.93
CA LYS A 291 3.55 -17.02 23.47
C LYS A 291 4.51 -16.43 22.44
N CYS A 292 5.14 -17.30 21.64
CA CYS A 292 6.00 -16.82 20.55
C CYS A 292 5.20 -16.08 19.49
N THR A 293 4.02 -16.59 19.14
CA THR A 293 3.23 -15.97 18.07
C THR A 293 2.64 -14.64 18.52
N THR A 294 2.18 -14.55 19.76
CA THR A 294 1.54 -13.33 20.24
C THR A 294 2.54 -12.24 20.63
N LYS A 295 3.84 -12.54 20.60
CA LYS A 295 4.92 -11.59 20.92
C LYS A 295 4.79 -11.05 22.34
N SER A 296 4.36 -11.89 23.26
CA SER A 296 4.21 -11.48 24.66
C SER A 296 4.30 -12.70 25.56
N PHE A 297 4.74 -12.46 26.80
CA PHE A 297 4.81 -13.52 27.80
C PHE A 297 3.48 -13.72 28.52
N ASN A 298 2.49 -12.86 28.27
CA ASN A 298 1.18 -12.94 28.89
C ASN A 298 0.11 -12.99 27.80
N VAL A 299 -0.91 -13.81 28.01
CA VAL A 299 -2.03 -13.92 27.08
C VAL A 299 -3.34 -13.81 27.85
N SER A 300 -4.37 -13.35 27.15
CA SER A 300 -5.70 -13.24 27.72
C SER A 300 -6.49 -14.51 27.45
N LYS A 301 -7.79 -14.49 27.69
CA LYS A 301 -8.65 -15.65 27.49
C LYS A 301 -9.25 -15.60 26.09
N GLY A 302 -9.02 -16.65 25.30
CA GLY A 302 -9.57 -16.70 23.96
C GLY A 302 -8.90 -17.81 23.17
N ILE A 303 -9.17 -17.81 21.87
CA ILE A 303 -8.59 -18.76 20.94
C ILE A 303 -7.82 -17.98 19.87
N TYR A 304 -6.54 -18.31 19.71
CA TYR A 304 -5.67 -17.64 18.75
C TYR A 304 -5.01 -18.66 17.84
N GLN A 305 -4.78 -18.24 16.60
CA GLN A 305 -4.05 -19.06 15.64
C GLN A 305 -2.55 -18.90 15.84
N THR A 306 -1.83 -20.02 15.80
CA THR A 306 -0.40 -20.02 16.05
C THR A 306 0.38 -20.35 14.77
N SER A 307 1.63 -19.92 14.75
CA SER A 307 2.53 -20.20 13.64
C SER A 307 3.13 -21.59 13.81
N ASN A 308 4.15 -21.92 13.01
CA ASN A 308 4.75 -23.25 13.01
C ASN A 308 6.21 -23.16 13.45
N PHE A 309 6.48 -23.61 14.68
CA PHE A 309 7.84 -23.87 15.14
C PHE A 309 7.97 -25.31 15.63
N ARG A 310 7.21 -26.23 15.03
CA ARG A 310 7.11 -27.58 15.55
C ARG A 310 8.19 -28.51 15.01
N VAL A 311 8.24 -28.67 13.68
CA VAL A 311 9.11 -29.64 13.05
C VAL A 311 10.38 -28.94 12.57
N SER A 312 11.44 -29.74 12.39
CA SER A 312 12.71 -29.27 11.89
C SER A 312 13.40 -30.44 11.20
N PRO A 313 14.00 -30.23 10.03
CA PRO A 313 14.69 -31.32 9.34
C PRO A 313 15.93 -31.78 10.10
N VAL A 314 16.21 -33.08 10.01
CA VAL A 314 17.35 -33.67 10.70
C VAL A 314 18.28 -34.46 9.80
N THR A 315 17.83 -34.95 8.65
CA THR A 315 18.67 -35.74 7.76
C THR A 315 18.52 -35.23 6.33
N GLU A 316 19.58 -35.40 5.55
CA GLU A 316 19.66 -34.87 4.20
C GLU A 316 19.59 -36.00 3.18
N VAL A 317 18.92 -35.73 2.06
CA VAL A 317 18.78 -36.69 0.96
C VAL A 317 19.48 -36.11 -0.25
N VAL A 318 20.38 -36.88 -0.85
CA VAL A 318 21.14 -36.47 -2.02
C VAL A 318 20.97 -37.54 -3.09
N ARG A 319 20.52 -37.14 -4.29
CA ARG A 319 20.32 -38.06 -5.40
C ARG A 319 20.94 -37.46 -6.65
N PHE A 320 21.97 -38.11 -7.16
CA PHE A 320 22.69 -37.69 -8.36
C PHE A 320 22.80 -38.88 -9.32
N PRO A 321 22.80 -38.62 -10.63
CA PRO A 321 22.99 -39.72 -11.58
C PRO A 321 24.40 -40.28 -11.48
N ASN A 322 24.52 -41.58 -11.71
CA ASN A 322 25.81 -42.27 -11.54
C ASN A 322 26.60 -42.17 -12.84
N ILE A 323 27.38 -41.10 -12.97
CA ILE A 323 28.32 -40.94 -14.06
C ILE A 323 29.71 -40.81 -13.45
N THR A 324 30.67 -41.58 -13.97
CA THR A 324 32.01 -41.62 -13.41
C THR A 324 33.09 -41.17 -14.39
N ASN A 325 32.72 -40.73 -15.59
CA ASN A 325 33.72 -40.29 -16.56
C ASN A 325 34.27 -38.93 -16.16
N LEU A 326 35.61 -38.84 -16.13
CA LEU A 326 36.26 -37.57 -15.87
C LEU A 326 36.24 -36.71 -17.13
N CYS A 327 35.95 -35.42 -16.95
CA CYS A 327 35.80 -34.53 -18.09
C CYS A 327 37.14 -34.24 -18.73
N PRO A 328 37.18 -34.03 -20.05
CA PRO A 328 38.44 -33.67 -20.71
C PRO A 328 38.87 -32.24 -20.40
N PHE A 329 39.32 -32.02 -19.17
CA PHE A 329 39.84 -30.71 -18.78
C PHE A 329 41.29 -30.52 -19.17
N ASP A 330 41.95 -31.56 -19.67
CA ASP A 330 43.34 -31.46 -20.11
C ASP A 330 43.47 -31.31 -21.61
N LYS A 331 42.56 -31.89 -22.39
CA LYS A 331 42.58 -31.75 -23.83
C LYS A 331 41.80 -30.53 -24.32
N VAL A 332 41.08 -29.84 -23.44
CA VAL A 332 40.39 -28.61 -23.78
C VAL A 332 41.19 -27.39 -23.33
N PHE A 333 41.65 -27.38 -22.08
CA PHE A 333 42.42 -26.26 -21.58
C PHE A 333 43.84 -26.29 -22.11
N ASN A 334 44.54 -27.40 -21.92
CA ASN A 334 45.94 -27.52 -22.32
C ASN A 334 46.03 -28.19 -23.69
N ALA A 335 45.68 -27.44 -24.72
CA ALA A 335 45.83 -27.92 -26.08
C ALA A 335 47.18 -27.50 -26.64
N THR A 336 47.53 -28.05 -27.80
CA THR A 336 48.82 -27.76 -28.39
C THR A 336 48.87 -26.34 -28.98
N ARG A 337 47.79 -25.91 -29.62
CA ARG A 337 47.73 -24.60 -30.25
C ARG A 337 46.32 -24.05 -30.12
N PHE A 338 46.18 -22.97 -29.37
CA PHE A 338 44.90 -22.28 -29.28
C PHE A 338 44.67 -21.44 -30.54
N PRO A 339 43.43 -21.37 -31.03
CA PRO A 339 43.17 -20.61 -32.26
C PRO A 339 43.20 -19.11 -32.01
N SER A 340 43.36 -18.37 -33.10
CA SER A 340 43.32 -16.92 -33.04
C SER A 340 41.89 -16.44 -32.75
N VAL A 341 41.78 -15.17 -32.34
CA VAL A 341 40.53 -14.67 -31.79
C VAL A 341 39.46 -14.55 -32.88
N TYR A 342 39.83 -14.17 -34.10
CA TYR A 342 38.83 -13.93 -35.13
C TYR A 342 38.20 -15.20 -35.68
N ALA A 343 38.76 -16.37 -35.36
CA ALA A 343 38.26 -17.67 -35.81
C ALA A 343 38.16 -18.63 -34.63
N TRP A 344 37.52 -18.17 -33.56
CA TRP A 344 37.41 -18.97 -32.35
C TRP A 344 36.51 -20.18 -32.58
N GLU A 345 36.87 -21.29 -31.94
CA GLU A 345 36.15 -22.55 -32.11
C GLU A 345 35.17 -22.76 -30.97
N ARG A 346 34.36 -23.81 -31.10
CA ARG A 346 33.27 -24.08 -30.17
C ARG A 346 33.19 -25.59 -29.95
N THR A 347 33.31 -26.02 -28.71
CA THR A 347 33.36 -27.44 -28.35
C THR A 347 32.20 -27.77 -27.43
N LYS A 348 31.65 -28.97 -27.58
CA LYS A 348 30.52 -29.43 -26.78
C LYS A 348 31.01 -30.37 -25.68
N ILE A 349 30.43 -30.24 -24.50
CA ILE A 349 30.77 -31.05 -23.34
C ILE A 349 29.52 -31.81 -22.89
N SER A 350 29.63 -33.12 -22.74
CA SER A 350 28.50 -33.93 -22.32
C SER A 350 29.01 -35.22 -21.68
N ASP A 351 28.18 -35.78 -20.80
CA ASP A 351 28.43 -37.04 -20.09
C ASP A 351 29.76 -37.01 -19.33
N CYS A 352 29.82 -36.10 -18.36
CA CYS A 352 31.06 -35.78 -17.66
C CYS A 352 30.84 -35.82 -16.15
N VAL A 353 31.93 -35.58 -15.43
CA VAL A 353 31.89 -35.09 -14.06
C VAL A 353 32.77 -33.85 -14.02
N ALA A 354 32.36 -32.86 -13.23
CA ALA A 354 32.98 -31.54 -13.25
C ALA A 354 33.86 -31.40 -12.01
N ASP A 355 35.15 -31.62 -12.17
CA ASP A 355 36.11 -31.59 -11.06
C ASP A 355 37.19 -30.56 -11.39
N TYR A 356 37.11 -29.38 -10.77
CA TYR A 356 38.12 -28.36 -10.92
C TYR A 356 39.36 -28.61 -10.06
N THR A 357 39.26 -29.55 -9.12
CA THR A 357 40.32 -29.76 -8.14
C THR A 357 41.62 -30.22 -8.78
N VAL A 358 41.54 -30.87 -9.94
CA VAL A 358 42.74 -31.32 -10.65
C VAL A 358 43.56 -30.14 -11.17
N PHE A 359 43.00 -28.94 -11.22
CA PHE A 359 43.74 -27.75 -11.58
C PHE A 359 44.42 -27.08 -10.39
N TYR A 360 44.24 -27.62 -9.18
CA TYR A 360 44.67 -26.89 -7.99
C TYR A 360 46.18 -26.90 -7.82
N ASN A 361 46.84 -28.04 -8.08
CA ASN A 361 48.27 -28.16 -7.90
C ASN A 361 49.05 -28.01 -9.21
N SER A 362 48.38 -27.60 -10.29
CA SER A 362 49.06 -27.48 -11.58
C SER A 362 49.12 -26.03 -12.06
N THR A 363 47.98 -25.35 -12.17
CA THR A 363 47.93 -24.03 -12.79
C THR A 363 47.21 -23.04 -11.88
N SER A 364 47.50 -21.76 -12.09
CA SER A 364 46.83 -20.66 -11.40
C SER A 364 46.23 -19.73 -12.45
N PHE A 365 44.93 -19.48 -12.35
CA PHE A 365 44.24 -18.66 -13.34
C PHE A 365 44.38 -17.18 -12.98
N SER A 366 44.71 -16.37 -13.99
CA SER A 366 44.86 -14.94 -13.76
C SER A 366 43.52 -14.29 -13.42
N THR A 367 42.44 -14.71 -14.09
CA THR A 367 41.12 -14.22 -13.75
C THR A 367 40.10 -15.33 -14.00
N PHE A 368 39.09 -15.38 -13.13
CA PHE A 368 38.05 -16.40 -13.21
C PHE A 368 36.80 -15.81 -12.56
N ASN A 369 35.87 -15.36 -13.39
CA ASN A 369 34.65 -14.71 -12.87
C ASN A 369 33.42 -15.27 -13.57
N CYS A 370 32.37 -15.50 -12.79
CA CYS A 370 31.16 -16.14 -13.28
C CYS A 370 29.98 -15.18 -13.19
N TYR A 371 29.16 -15.19 -14.24
CA TYR A 371 27.93 -14.41 -14.30
C TYR A 371 26.74 -15.36 -14.32
N GLY A 372 25.75 -15.08 -13.47
CA GLY A 372 24.55 -15.88 -13.42
C GLY A 372 24.52 -16.82 -12.24
N VAL A 373 25.66 -17.46 -11.95
CA VAL A 373 25.79 -18.35 -10.81
C VAL A 373 26.97 -17.89 -9.98
N SER A 374 26.96 -18.28 -8.71
CA SER A 374 28.07 -17.96 -7.83
C SER A 374 29.27 -18.86 -8.15
N PRO A 375 30.49 -18.35 -8.03
CA PRO A 375 31.67 -19.21 -8.24
C PRO A 375 31.94 -20.19 -7.13
N SER A 376 31.11 -20.23 -6.07
CA SER A 376 31.27 -21.17 -4.98
C SER A 376 30.17 -22.22 -4.93
N LYS A 377 29.13 -22.09 -5.75
CA LYS A 377 28.02 -23.03 -5.74
C LYS A 377 27.99 -23.93 -6.98
N LEU A 378 29.04 -23.90 -7.79
CA LEU A 378 29.10 -24.73 -8.99
C LEU A 378 29.75 -26.09 -8.75
N ILE A 379 30.20 -26.36 -7.53
CA ILE A 379 30.73 -27.67 -7.20
C ILE A 379 29.60 -28.71 -7.17
N ASP A 380 28.43 -28.30 -6.71
CA ASP A 380 27.33 -29.24 -6.49
C ASP A 380 26.16 -29.00 -7.44
N LEU A 381 26.42 -28.40 -8.58
CA LEU A 381 25.36 -28.09 -9.55
C LEU A 381 25.41 -29.08 -10.70
N CYS A 382 24.28 -29.20 -11.39
CA CYS A 382 24.14 -30.05 -12.57
C CYS A 382 23.65 -29.21 -13.74
N PHE A 383 24.34 -29.33 -14.87
CA PHE A 383 24.01 -28.56 -16.06
C PHE A 383 23.53 -29.49 -17.18
N THR A 384 22.81 -28.91 -18.12
CA THR A 384 22.25 -29.66 -19.24
C THR A 384 23.04 -29.52 -20.53
N SER A 385 23.75 -28.41 -20.72
CA SER A 385 24.56 -28.21 -21.91
C SER A 385 25.69 -27.25 -21.59
N VAL A 386 26.92 -27.66 -21.90
CA VAL A 386 28.11 -26.86 -21.59
C VAL A 386 28.92 -26.73 -22.87
N TYR A 387 29.26 -25.48 -23.23
CA TYR A 387 30.08 -25.21 -24.39
C TYR A 387 31.37 -24.52 -23.97
N ALA A 388 32.36 -24.55 -24.87
CA ALA A 388 33.75 -24.30 -24.51
C ALA A 388 34.43 -23.36 -25.51
N ASP A 389 33.84 -22.19 -25.73
CA ASP A 389 34.43 -21.16 -26.59
C ASP A 389 35.85 -20.81 -26.16
N THR A 390 36.78 -20.89 -27.11
CA THR A 390 38.20 -20.76 -26.81
C THR A 390 38.89 -19.90 -27.86
N PHE A 391 39.80 -19.04 -27.41
CA PHE A 391 40.59 -18.19 -28.29
C PHE A 391 41.81 -17.69 -27.51
N LEU A 392 42.59 -16.83 -28.14
CA LEU A 392 43.85 -16.33 -27.56
C LEU A 392 44.01 -14.87 -27.91
N ILE A 393 44.08 -14.02 -26.89
CA ILE A 393 44.15 -12.57 -27.05
C ILE A 393 45.32 -12.04 -26.24
N ARG A 394 45.47 -10.72 -26.25
CA ARG A 394 46.46 -10.05 -25.42
C ARG A 394 45.98 -9.98 -23.97
N PHE A 395 46.93 -9.72 -23.06
CA PHE A 395 46.60 -9.68 -21.64
C PHE A 395 45.81 -8.42 -21.26
N SER A 396 45.92 -7.35 -22.05
CA SER A 396 45.24 -6.11 -21.71
C SER A 396 43.81 -6.04 -22.23
N GLU A 397 43.35 -7.06 -22.96
CA GLU A 397 42.01 -7.07 -23.52
C GLU A 397 41.06 -8.02 -22.80
N VAL A 398 41.51 -8.67 -21.73
CA VAL A 398 40.69 -9.63 -21.01
C VAL A 398 39.50 -8.92 -20.34
N ARG A 399 39.65 -7.63 -20.01
CA ARG A 399 38.53 -6.85 -19.50
C ARG A 399 37.42 -6.69 -20.52
N GLN A 400 37.71 -6.82 -21.81
CA GLN A 400 36.70 -6.65 -22.84
C GLN A 400 35.82 -7.89 -23.00
N VAL A 401 36.27 -9.05 -22.54
CA VAL A 401 35.48 -10.28 -22.65
C VAL A 401 34.59 -10.33 -21.42
N ALA A 402 33.47 -9.61 -21.49
CA ALA A 402 32.51 -9.45 -20.41
C ALA A 402 31.24 -8.86 -21.00
N PRO A 403 30.07 -9.11 -20.40
CA PRO A 403 28.83 -8.51 -20.92
C PRO A 403 28.82 -7.00 -20.74
N GLY A 404 28.63 -6.28 -21.84
CA GLY A 404 28.54 -4.84 -21.80
C GLY A 404 29.87 -4.12 -21.80
N GLN A 405 30.69 -4.35 -22.82
CA GLN A 405 31.97 -3.68 -22.95
C GLN A 405 32.27 -3.47 -24.42
N THR A 406 33.18 -2.53 -24.71
CA THR A 406 33.58 -2.21 -26.07
C THR A 406 35.09 -2.23 -26.20
N GLY A 407 35.53 -2.28 -27.45
CA GLY A 407 36.94 -2.40 -27.77
C GLY A 407 37.10 -3.02 -29.15
N VAL A 408 38.27 -3.60 -29.39
CA VAL A 408 38.51 -4.30 -30.65
C VAL A 408 38.09 -5.77 -30.56
N ILE A 409 37.82 -6.28 -29.36
CA ILE A 409 37.44 -7.67 -29.17
C ILE A 409 35.93 -7.85 -29.12
N ALA A 410 35.24 -7.00 -28.37
CA ALA A 410 33.80 -7.13 -28.17
C ALA A 410 32.99 -6.46 -29.27
N ASP A 411 33.63 -5.84 -30.26
CA ASP A 411 32.93 -5.18 -31.34
C ASP A 411 32.99 -5.96 -32.65
N TYR A 412 34.18 -6.32 -33.10
CA TYR A 412 34.37 -6.93 -34.41
C TYR A 412 34.84 -8.38 -34.36
N ASN A 413 35.19 -8.90 -33.18
CA ASN A 413 35.76 -10.24 -33.07
C ASN A 413 34.85 -11.22 -32.33
N TYR A 414 34.46 -10.91 -31.11
CA TYR A 414 33.73 -11.86 -30.27
C TYR A 414 32.91 -11.09 -29.26
N LYS A 415 31.59 -11.20 -29.36
CA LYS A 415 30.67 -10.46 -28.48
C LYS A 415 29.80 -11.44 -27.71
N LEU A 416 29.69 -11.23 -26.41
CA LEU A 416 28.87 -11.98 -25.47
C LEU A 416 27.47 -11.36 -25.37
N PRO A 417 26.43 -12.17 -25.27
CA PRO A 417 25.06 -11.62 -25.16
C PRO A 417 24.84 -10.96 -23.82
N ASP A 418 23.73 -10.23 -23.74
CA ASP A 418 23.43 -9.45 -22.54
C ASP A 418 22.98 -10.33 -21.38
N ASP A 419 22.31 -11.44 -21.67
CA ASP A 419 21.83 -12.37 -20.66
C ASP A 419 22.76 -13.56 -20.49
N PHE A 420 24.07 -13.32 -20.58
CA PHE A 420 25.05 -14.40 -20.50
C PHE A 420 25.11 -14.97 -19.09
N THR A 421 25.05 -16.30 -18.99
CA THR A 421 25.11 -17.01 -17.71
C THR A 421 26.16 -18.10 -17.84
N GLY A 422 27.40 -17.76 -17.53
CA GLY A 422 28.50 -18.71 -17.64
C GLY A 422 29.65 -18.26 -16.79
N CYS A 423 30.86 -18.64 -17.22
CA CYS A 423 32.07 -18.26 -16.52
C CYS A 423 33.15 -17.90 -17.54
N VAL A 424 34.03 -16.99 -17.16
CA VAL A 424 35.15 -16.56 -17.98
C VAL A 424 36.43 -16.85 -17.21
N ILE A 425 37.32 -17.62 -17.84
CA ILE A 425 38.60 -18.01 -17.26
C ILE A 425 39.70 -17.54 -18.20
N ALA A 426 40.80 -17.03 -17.64
CA ALA A 426 41.92 -16.59 -18.44
C ALA A 426 43.19 -16.64 -17.62
N TRP A 427 44.28 -17.12 -18.23
CA TRP A 427 45.57 -17.22 -17.58
C TRP A 427 46.66 -16.90 -18.59
N ASN A 428 47.81 -16.46 -18.09
CA ASN A 428 48.88 -15.92 -18.91
C ASN A 428 49.82 -17.05 -19.35
N THR A 429 49.96 -17.22 -20.67
CA THR A 429 50.91 -18.15 -21.27
C THR A 429 51.79 -17.35 -22.24
N ALA A 430 52.86 -16.76 -21.71
CA ALA A 430 53.77 -15.99 -22.54
C ALA A 430 54.95 -16.81 -23.08
N LYS A 431 55.10 -18.06 -22.63
CA LYS A 431 56.26 -18.86 -22.98
C LYS A 431 55.95 -19.95 -24.01
N GLN A 432 54.76 -20.54 -23.96
CA GLN A 432 54.43 -21.67 -24.83
C GLN A 432 53.53 -21.28 -25.99
N ASP A 433 53.28 -19.98 -26.20
CA ASP A 433 52.46 -19.50 -27.31
C ASP A 433 53.26 -18.41 -28.03
N VAL A 434 54.09 -18.82 -28.98
CA VAL A 434 54.95 -17.92 -29.74
C VAL A 434 54.57 -18.03 -31.21
N GLY A 435 54.34 -16.90 -31.86
CA GLY A 435 54.00 -16.91 -33.27
C GLY A 435 53.32 -15.60 -33.66
N SER A 436 52.46 -15.69 -34.68
CA SER A 436 51.70 -14.56 -35.18
C SER A 436 50.23 -14.91 -35.19
N TYR A 437 49.41 -14.03 -34.60
CA TYR A 437 47.97 -14.24 -34.53
C TYR A 437 47.27 -12.98 -35.00
N PHE A 438 46.11 -13.15 -35.64
CA PHE A 438 45.45 -12.07 -36.34
C PHE A 438 44.12 -11.71 -35.67
N TYR A 439 43.64 -10.51 -36.00
CA TYR A 439 42.38 -10.00 -35.48
C TYR A 439 41.88 -8.91 -36.41
N ARG A 440 40.60 -8.57 -36.27
CA ARG A 440 39.94 -7.65 -37.19
C ARG A 440 39.98 -6.25 -36.59
N SER A 441 40.75 -5.36 -37.22
CA SER A 441 40.88 -3.99 -36.71
C SER A 441 39.62 -3.18 -36.98
N HIS A 442 39.07 -3.27 -38.18
CA HIS A 442 37.90 -2.49 -38.57
C HIS A 442 36.93 -3.35 -39.34
N ARG A 443 35.65 -2.94 -39.33
CA ARG A 443 34.60 -3.68 -39.98
C ARG A 443 33.50 -2.71 -40.39
N SER A 444 32.63 -3.16 -41.29
CA SER A 444 31.54 -2.31 -41.75
C SER A 444 30.45 -2.16 -40.69
N SER A 445 30.31 -3.14 -39.80
CA SER A 445 29.29 -3.09 -38.77
C SER A 445 29.73 -3.90 -37.56
N LYS A 446 29.07 -3.67 -36.44
CA LYS A 446 29.36 -4.40 -35.22
C LYS A 446 28.87 -5.84 -35.32
N LEU A 447 29.31 -6.67 -34.40
CA LEU A 447 28.97 -8.08 -34.40
C LEU A 447 27.80 -8.37 -33.47
N LYS A 448 27.00 -9.36 -33.87
CA LYS A 448 25.92 -9.91 -33.06
C LYS A 448 26.51 -10.91 -32.06
N PRO A 449 25.77 -11.21 -30.98
CA PRO A 449 26.30 -12.15 -29.97
C PRO A 449 26.59 -13.54 -30.54
N PHE A 450 27.76 -14.06 -30.17
CA PHE A 450 28.23 -15.40 -30.54
C PHE A 450 28.27 -15.60 -32.06
N GLU A 451 28.64 -14.54 -32.78
CA GLU A 451 28.77 -14.60 -34.23
C GLU A 451 30.24 -14.72 -34.61
N ARG A 452 30.48 -15.26 -35.79
CA ARG A 452 31.83 -15.49 -36.29
C ARG A 452 31.94 -15.02 -37.73
N ASP A 453 33.06 -14.36 -38.06
CA ASP A 453 33.35 -13.90 -39.41
C ASP A 453 34.78 -14.29 -39.75
N LEU A 454 34.94 -15.11 -40.79
CA LEU A 454 36.25 -15.59 -41.20
C LEU A 454 36.77 -14.88 -42.45
N SER A 455 36.16 -13.77 -42.85
CA SER A 455 36.59 -13.07 -44.06
C SER A 455 37.91 -12.34 -43.79
N SER A 456 38.94 -12.71 -44.55
CA SER A 456 40.25 -12.08 -44.44
C SER A 456 40.63 -11.24 -45.65
N GLU A 457 40.11 -11.58 -46.82
CA GLU A 457 40.31 -10.79 -48.03
C GLU A 457 39.01 -10.07 -48.39
N GLU A 458 39.14 -8.82 -48.82
CA GLU A 458 37.99 -7.97 -49.09
C GLU A 458 38.36 -7.03 -50.24
N ASN A 459 37.61 -5.93 -50.35
CA ASN A 459 37.92 -4.92 -51.37
C ASN A 459 39.30 -4.31 -51.15
N GLY A 460 39.75 -4.22 -49.89
CA GLY A 460 41.10 -3.80 -49.60
C GLY A 460 42.09 -4.95 -49.77
N VAL A 461 43.35 -4.66 -49.45
CA VAL A 461 44.40 -5.68 -49.52
C VAL A 461 44.19 -6.73 -48.44
N ARG A 462 43.96 -6.29 -47.21
CA ARG A 462 43.72 -7.20 -46.09
C ARG A 462 43.00 -6.42 -45.00
N THR A 463 41.99 -7.04 -44.40
CA THR A 463 41.21 -6.44 -43.32
C THR A 463 41.60 -6.96 -41.95
N LEU A 464 42.71 -7.68 -41.84
CA LEU A 464 43.15 -8.28 -40.59
C LEU A 464 44.49 -7.70 -40.18
N SER A 465 44.57 -7.20 -38.95
CA SER A 465 45.83 -6.75 -38.38
C SER A 465 46.46 -7.89 -37.58
N THR A 466 47.76 -7.76 -37.33
CA THR A 466 48.53 -8.81 -36.68
C THR A 466 49.30 -8.28 -35.49
N TYR A 467 49.49 -9.14 -34.49
CA TYR A 467 50.39 -8.86 -33.39
C TYR A 467 51.33 -10.04 -33.21
N ASP A 468 52.54 -9.75 -32.75
CA ASP A 468 53.58 -10.76 -32.56
C ASP A 468 53.67 -11.13 -31.09
N PHE A 469 53.55 -12.42 -30.80
CA PHE A 469 53.59 -12.93 -29.43
C PHE A 469 54.94 -13.60 -29.19
N ASN A 470 55.65 -13.12 -28.18
CA ASN A 470 56.90 -13.73 -27.72
C ASN A 470 57.18 -13.22 -26.31
N GLN A 471 58.33 -13.59 -25.77
CA GLN A 471 58.81 -13.02 -24.53
C GLN A 471 59.61 -11.76 -24.83
N TYR A 472 60.26 -11.20 -23.81
CA TYR A 472 60.98 -9.92 -23.89
C TYR A 472 60.07 -8.81 -24.41
N VAL A 473 58.83 -8.83 -23.93
CA VAL A 473 57.76 -7.94 -24.41
C VAL A 473 57.03 -7.45 -23.16
N PRO A 474 56.55 -6.20 -23.13
CA PRO A 474 55.79 -5.72 -21.96
C PRO A 474 54.53 -6.55 -21.74
N LEU A 475 54.15 -6.67 -20.47
CA LEU A 475 53.12 -7.62 -20.05
C LEU A 475 51.74 -7.25 -20.59
N GLU A 476 51.50 -5.99 -20.95
CA GLU A 476 50.25 -5.62 -21.58
C GLU A 476 50.16 -6.06 -23.02
N TYR A 477 51.26 -6.55 -23.60
CA TYR A 477 51.29 -7.06 -24.96
C TYR A 477 51.62 -8.55 -25.02
N GLN A 478 51.32 -9.30 -23.96
CA GLN A 478 51.61 -10.71 -23.90
C GLN A 478 50.35 -11.54 -24.10
N ALA A 479 50.54 -12.79 -24.52
CA ALA A 479 49.43 -13.67 -24.87
C ALA A 479 48.67 -14.11 -23.62
N THR A 480 47.43 -14.54 -23.83
CA THR A 480 46.57 -14.97 -22.72
C THR A 480 45.53 -15.93 -23.27
N ARG A 481 45.55 -17.17 -22.80
CA ARG A 481 44.57 -18.15 -23.21
C ARG A 481 43.24 -17.91 -22.50
N VAL A 482 42.16 -17.83 -23.26
CA VAL A 482 40.83 -17.53 -22.72
C VAL A 482 39.91 -18.70 -23.05
N VAL A 483 39.20 -19.20 -22.04
CA VAL A 483 38.17 -20.21 -22.20
C VAL A 483 36.87 -19.64 -21.64
N VAL A 484 35.84 -19.63 -22.47
CA VAL A 484 34.54 -19.09 -22.09
C VAL A 484 33.55 -20.24 -22.04
N LEU A 485 33.08 -20.56 -20.84
CA LEU A 485 32.08 -21.59 -20.65
C LEU A 485 30.71 -20.96 -20.47
N SER A 486 29.68 -21.62 -21.01
CA SER A 486 28.31 -21.09 -20.97
C SER A 486 27.37 -22.26 -20.68
N PHE A 487 27.00 -22.43 -19.42
CA PHE A 487 26.06 -23.48 -19.03
C PHE A 487 24.63 -22.98 -19.15
N GLU A 488 23.69 -23.88 -18.90
CA GLU A 488 22.27 -23.55 -18.86
C GLU A 488 21.56 -24.60 -18.03
N LEU A 489 20.42 -24.21 -17.46
CA LEU A 489 19.62 -25.08 -16.61
C LEU A 489 18.20 -25.13 -17.15
N LEU A 490 17.70 -26.34 -17.42
CA LEU A 490 16.39 -26.53 -18.01
C LEU A 490 15.70 -27.69 -17.33
N ASN A 491 14.51 -28.03 -17.81
CA ASN A 491 13.78 -29.21 -17.35
C ASN A 491 14.10 -30.41 -18.26
N ALA A 492 15.39 -30.71 -18.31
CA ALA A 492 15.95 -31.75 -19.17
C ALA A 492 16.90 -32.60 -18.34
N PRO A 493 17.18 -33.83 -18.76
CA PRO A 493 18.19 -34.62 -18.08
C PRO A 493 19.57 -33.97 -18.14
N ALA A 494 20.31 -34.06 -17.04
CA ALA A 494 21.61 -33.41 -16.95
C ALA A 494 22.68 -34.22 -17.66
N THR A 495 23.75 -33.54 -18.04
CA THR A 495 24.88 -34.17 -18.70
C THR A 495 26.21 -33.92 -17.99
N VAL A 496 26.41 -32.73 -17.44
CA VAL A 496 27.61 -32.41 -16.67
C VAL A 496 27.19 -32.14 -15.24
N CYS A 497 27.79 -32.86 -14.29
CA CYS A 497 27.44 -32.73 -12.89
C CYS A 497 28.70 -32.73 -12.04
N GLY A 498 28.57 -32.19 -10.84
CA GLY A 498 29.67 -32.17 -9.90
C GLY A 498 29.80 -33.47 -9.15
N PRO A 499 30.92 -33.63 -8.44
CA PRO A 499 31.15 -34.86 -7.68
C PRO A 499 30.31 -34.87 -6.41
N LYS A 500 29.42 -35.83 -6.31
CA LYS A 500 28.55 -35.97 -5.13
C LYS A 500 28.09 -37.41 -5.03
N LEU A 501 27.95 -37.89 -3.81
CA LEU A 501 27.59 -39.29 -3.55
C LEU A 501 26.12 -39.37 -3.16
N SER A 502 25.38 -40.23 -3.86
CA SER A 502 23.96 -40.40 -3.57
C SER A 502 23.77 -41.20 -2.28
N THR A 503 22.69 -40.89 -1.57
CA THR A 503 22.35 -41.57 -0.33
C THR A 503 21.02 -42.29 -0.49
N SER A 504 20.51 -42.83 0.61
CA SER A 504 19.24 -43.55 0.61
C SER A 504 18.07 -42.57 0.55
N LEU A 505 16.89 -43.11 0.27
CA LEU A 505 15.67 -42.32 0.15
C LEU A 505 14.80 -42.55 1.39
N VAL A 506 14.39 -41.45 2.02
CA VAL A 506 13.53 -41.48 3.20
C VAL A 506 12.21 -40.82 2.83
N LYS A 507 11.11 -41.50 3.12
CA LYS A 507 9.77 -41.02 2.79
C LYS A 507 8.98 -40.72 4.05
N ASN A 508 7.98 -39.84 3.88
CA ASN A 508 7.04 -39.45 4.94
C ASN A 508 7.74 -38.85 6.15
N GLN A 509 8.76 -38.02 5.89
CA GLN A 509 9.48 -37.34 6.95
C GLN A 509 9.88 -35.96 6.46
N CYS A 510 10.11 -35.06 7.42
CA CYS A 510 10.52 -33.68 7.11
C CYS A 510 12.03 -33.67 6.90
N VAL A 511 12.45 -33.68 5.64
CA VAL A 511 13.86 -33.73 5.28
C VAL A 511 14.16 -32.58 4.32
N ASN A 512 15.46 -32.33 4.11
CA ASN A 512 15.93 -31.40 3.10
C ASN A 512 16.68 -32.19 2.03
N PHE A 513 16.27 -32.03 0.78
CA PHE A 513 16.69 -32.91 -0.30
C PHE A 513 17.65 -32.19 -1.24
N ASN A 514 18.17 -32.95 -2.21
CA ASN A 514 19.09 -32.42 -3.21
C ASN A 514 18.96 -33.29 -4.46
N PHE A 515 18.25 -32.79 -5.47
CA PHE A 515 18.02 -33.53 -6.70
C PHE A 515 18.69 -32.77 -7.85
N ASN A 516 19.91 -33.20 -8.19
CA ASN A 516 20.74 -32.59 -9.25
C ASN A 516 20.93 -31.10 -9.01
N GLY A 517 21.28 -30.75 -7.78
CA GLY A 517 21.51 -29.36 -7.44
C GLY A 517 20.27 -28.54 -7.20
N PHE A 518 19.12 -29.18 -7.00
CA PHE A 518 17.88 -28.48 -6.68
C PHE A 518 17.64 -28.63 -5.18
N LYS A 519 18.23 -27.72 -4.41
CA LYS A 519 18.20 -27.82 -2.96
C LYS A 519 16.89 -27.26 -2.41
N GLY A 520 16.23 -28.04 -1.55
CA GLY A 520 14.97 -27.62 -0.98
C GLY A 520 14.69 -28.25 0.38
N THR A 521 13.43 -28.25 0.79
CA THR A 521 13.02 -28.84 2.07
C THR A 521 11.55 -29.21 1.97
N GLY A 522 11.24 -30.47 2.27
CA GLY A 522 9.87 -30.91 2.22
C GLY A 522 9.74 -32.38 2.59
N VAL A 523 8.54 -32.90 2.38
CA VAL A 523 8.22 -34.29 2.69
C VAL A 523 8.08 -35.05 1.37
N LEU A 524 8.82 -36.14 1.24
CA LEU A 524 8.82 -36.94 0.02
C LEU A 524 7.81 -38.08 0.13
N THR A 525 7.03 -38.27 -0.92
CA THR A 525 6.00 -39.30 -0.96
C THR A 525 6.01 -39.93 -2.35
N ASP A 526 5.91 -41.26 -2.40
CA ASP A 526 5.82 -41.99 -3.66
C ASP A 526 4.57 -41.59 -4.43
N SER A 527 4.75 -40.91 -5.56
CA SER A 527 3.65 -40.33 -6.30
C SER A 527 3.17 -41.28 -7.40
N SER A 528 2.15 -40.85 -8.13
CA SER A 528 1.60 -41.64 -9.23
C SER A 528 1.30 -40.80 -10.46
N LYS A 529 1.75 -39.55 -10.51
CA LYS A 529 1.52 -38.72 -11.68
C LYS A 529 2.40 -39.17 -12.84
N THR A 530 1.98 -38.81 -14.06
CA THR A 530 2.66 -39.22 -15.27
C THR A 530 3.36 -38.02 -15.89
N PHE A 531 4.63 -38.18 -16.22
CA PHE A 531 5.44 -37.16 -16.87
C PHE A 531 5.68 -37.54 -18.33
N GLN A 532 6.50 -36.76 -19.01
CA GLN A 532 6.95 -37.08 -20.35
C GLN A 532 8.16 -38.01 -20.25
N SER A 533 8.83 -38.25 -21.37
CA SER A 533 10.02 -39.09 -21.39
C SER A 533 11.28 -38.35 -20.99
N PHE A 534 11.20 -37.04 -20.79
CA PHE A 534 12.37 -36.23 -20.45
C PHE A 534 12.15 -35.27 -19.29
N GLN A 535 10.92 -35.11 -18.80
CA GLN A 535 10.62 -34.11 -17.80
C GLN A 535 11.20 -34.52 -16.44
N GLN A 536 11.85 -33.58 -15.76
CA GLN A 536 12.47 -33.85 -14.46
C GLN A 536 11.55 -33.47 -13.31
N PHE A 537 11.09 -32.22 -13.26
CA PHE A 537 10.22 -31.77 -12.19
C PHE A 537 9.03 -31.00 -12.75
N GLY A 538 7.84 -31.28 -12.22
CA GLY A 538 6.65 -30.51 -12.55
C GLY A 538 6.52 -29.28 -11.67
N ARG A 539 5.57 -28.42 -12.02
CA ARG A 539 5.36 -27.16 -11.32
C ARG A 539 3.88 -26.93 -11.06
N ASP A 540 3.62 -26.09 -10.05
CA ASP A 540 2.27 -25.72 -9.66
C ASP A 540 1.84 -24.46 -10.41
N ALA A 541 0.71 -23.88 -9.99
CA ALA A 541 0.30 -22.60 -10.54
C ALA A 541 1.15 -21.45 -10.00
N SER A 542 1.71 -21.61 -8.80
CA SER A 542 2.55 -20.60 -8.18
C SER A 542 4.03 -20.87 -8.37
N ASP A 543 4.39 -21.64 -9.40
CA ASP A 543 5.78 -21.98 -9.75
C ASP A 543 6.51 -22.65 -8.59
N PHE A 544 5.80 -23.52 -7.86
CA PHE A 544 6.35 -24.26 -6.74
C PHE A 544 6.49 -25.72 -7.15
N THR A 545 7.71 -26.25 -7.07
CA THR A 545 7.96 -27.63 -7.47
C THR A 545 7.34 -28.59 -6.47
N ASP A 546 6.44 -29.43 -6.95
CA ASP A 546 5.76 -30.40 -6.10
C ASP A 546 6.02 -31.85 -6.47
N SER A 547 6.37 -32.13 -7.72
CA SER A 547 6.72 -33.47 -8.16
C SER A 547 8.07 -33.44 -8.85
N VAL A 548 8.90 -34.45 -8.58
CA VAL A 548 10.25 -34.49 -9.12
C VAL A 548 10.62 -35.95 -9.38
N ARG A 549 11.40 -36.17 -10.43
CA ARG A 549 11.89 -37.50 -10.78
C ARG A 549 13.34 -37.61 -10.32
N ASP A 550 13.62 -38.61 -9.50
CA ASP A 550 14.99 -38.82 -9.04
C ASP A 550 15.82 -39.43 -10.17
N PRO A 551 17.10 -39.05 -10.28
CA PRO A 551 17.94 -39.60 -11.35
C PRO A 551 18.23 -41.09 -11.21
N GLN A 552 18.06 -41.67 -10.03
CA GLN A 552 18.24 -43.10 -9.82
C GLN A 552 16.88 -43.77 -9.68
N THR A 553 16.74 -44.95 -10.32
CA THR A 553 15.56 -45.80 -10.39
C THR A 553 14.40 -45.18 -11.15
N LEU A 554 14.53 -43.91 -11.56
CA LEU A 554 13.61 -43.23 -12.48
C LEU A 554 12.16 -43.26 -12.02
N ARG A 555 11.94 -43.17 -10.71
CA ARG A 555 10.60 -43.12 -10.16
C ARG A 555 10.13 -41.67 -10.07
N ILE A 556 8.90 -41.47 -9.58
CA ILE A 556 8.31 -40.15 -9.42
C ILE A 556 8.01 -39.94 -7.95
N LEU A 557 8.45 -38.81 -7.40
CA LEU A 557 8.27 -38.48 -5.99
C LEU A 557 7.51 -37.17 -5.86
N ASP A 558 6.61 -37.12 -4.89
CA ASP A 558 5.82 -35.93 -4.63
C ASP A 558 6.39 -35.17 -3.43
N ILE A 559 6.34 -33.85 -3.50
CA ILE A 559 6.88 -32.98 -2.46
C ILE A 559 5.72 -32.23 -1.81
N SER A 560 5.65 -32.30 -0.49
CA SER A 560 4.61 -31.64 0.29
C SER A 560 5.26 -30.82 1.39
N PRO A 561 4.61 -29.74 1.84
CA PRO A 561 5.18 -28.95 2.94
C PRO A 561 5.19 -29.73 4.25
N CYS A 562 6.19 -29.41 5.08
CA CYS A 562 6.32 -30.09 6.37
C CYS A 562 5.19 -29.69 7.31
N SER A 563 4.92 -28.40 7.43
CA SER A 563 3.80 -27.94 8.25
C SER A 563 2.49 -28.21 7.52
N PHE A 564 1.46 -28.57 8.29
CA PHE A 564 0.20 -29.05 7.72
C PHE A 564 -0.97 -28.34 8.39
N GLY A 565 -1.63 -27.46 7.65
CA GLY A 565 -2.88 -26.87 8.09
C GLY A 565 -2.71 -25.77 9.13
N GLY A 566 -3.83 -25.44 9.76
CA GLY A 566 -3.88 -24.42 10.80
C GLY A 566 -4.21 -25.04 12.14
N VAL A 567 -3.45 -24.63 13.16
CA VAL A 567 -3.59 -25.14 14.51
C VAL A 567 -3.99 -23.99 15.41
N SER A 568 -5.08 -24.15 16.15
CA SER A 568 -5.58 -23.14 17.06
C SER A 568 -5.38 -23.60 18.50
N VAL A 569 -5.07 -22.66 19.39
CA VAL A 569 -4.86 -22.95 20.79
C VAL A 569 -5.93 -22.22 21.59
N ILE A 570 -6.69 -22.98 22.37
CA ILE A 570 -7.74 -22.43 23.23
C ILE A 570 -7.19 -22.42 24.66
N THR A 571 -7.20 -21.24 25.28
CA THR A 571 -6.60 -21.06 26.58
C THR A 571 -7.44 -20.13 27.43
N PRO A 572 -7.47 -20.34 28.75
CA PRO A 572 -7.94 -19.30 29.67
C PRO A 572 -6.82 -18.29 29.93
N GLY A 573 -7.03 -17.37 30.88
CA GLY A 573 -5.99 -16.43 31.21
C GLY A 573 -4.79 -17.10 31.87
N THR A 574 -3.62 -16.50 31.68
CA THR A 574 -2.40 -17.02 32.29
C THR A 574 -2.46 -16.94 33.80
N ASN A 575 -3.01 -15.84 34.34
CA ASN A 575 -3.17 -15.70 35.78
C ASN A 575 -4.18 -16.70 36.36
N THR A 576 -5.06 -17.26 35.54
CA THR A 576 -6.02 -18.25 36.00
C THR A 576 -5.43 -19.65 35.97
N SER A 577 -4.87 -20.06 34.84
CA SER A 577 -4.31 -21.40 34.69
C SER A 577 -3.28 -21.38 33.56
N SER A 578 -2.70 -22.55 33.31
CA SER A 578 -1.72 -22.72 32.23
C SER A 578 -1.99 -24.00 31.45
N ALA A 579 -3.26 -24.38 31.32
CA ALA A 579 -3.66 -25.55 30.57
C ALA A 579 -4.36 -25.11 29.28
N VAL A 580 -3.99 -25.72 28.17
CA VAL A 580 -4.49 -25.32 26.86
C VAL A 580 -5.12 -26.53 26.17
N ALA A 581 -5.92 -26.24 25.16
CA ALA A 581 -6.49 -27.25 24.28
C ALA A 581 -6.11 -26.92 22.85
N VAL A 582 -5.96 -27.95 22.02
CA VAL A 582 -5.49 -27.80 20.64
C VAL A 582 -6.61 -28.18 19.70
N LEU A 583 -6.92 -27.31 18.76
CA LEU A 583 -7.93 -27.54 17.73
C LEU A 583 -7.25 -27.60 16.38
N TYR A 584 -7.46 -28.71 15.67
CA TYR A 584 -6.96 -28.86 14.31
C TYR A 584 -8.09 -28.59 13.32
N GLN A 585 -7.71 -28.26 12.09
CA GLN A 585 -8.66 -27.81 11.08
C GLN A 585 -8.90 -28.93 10.08
N ASP A 586 -10.12 -29.49 10.12
CA ASP A 586 -10.64 -30.43 9.12
C ASP A 586 -9.79 -31.70 9.01
N VAL A 587 -9.50 -32.30 10.17
CA VAL A 587 -8.84 -33.60 10.24
C VAL A 587 -9.64 -34.50 11.17
N ASN A 588 -9.36 -35.80 11.07
CA ASN A 588 -9.90 -36.79 11.98
C ASN A 588 -8.87 -37.11 13.06
N CYS A 589 -9.35 -37.60 14.20
CA CYS A 589 -8.45 -37.88 15.31
C CYS A 589 -7.61 -39.11 15.07
N THR A 590 -8.04 -40.02 14.19
CA THR A 590 -7.23 -41.17 13.85
C THR A 590 -6.07 -40.80 12.93
N ASP A 591 -6.14 -39.63 12.28
CA ASP A 591 -5.10 -39.15 11.39
C ASP A 591 -4.27 -38.03 11.98
N VAL A 592 -4.53 -37.65 13.24
CA VAL A 592 -3.74 -36.58 13.87
C VAL A 592 -2.27 -36.97 14.06
N PRO A 593 -1.92 -38.15 14.59
CA PRO A 593 -0.47 -38.48 14.66
C PRO A 593 0.20 -38.62 13.30
N THR A 594 -0.53 -39.07 12.27
CA THR A 594 0.08 -39.20 10.95
C THR A 594 0.28 -37.85 10.30
N THR A 595 -0.70 -36.94 10.42
CA THR A 595 -0.62 -35.66 9.74
C THR A 595 0.37 -34.73 10.42
N LEU A 596 0.40 -34.71 11.75
CA LEU A 596 1.26 -33.79 12.47
C LEU A 596 2.68 -34.30 12.63
N HIS A 597 2.98 -35.53 12.18
CA HIS A 597 4.28 -36.17 12.30
C HIS A 597 4.71 -36.25 13.77
N ALA A 598 3.94 -37.02 14.54
CA ALA A 598 4.15 -37.12 15.98
C ALA A 598 5.46 -37.80 16.35
N ASP A 599 6.08 -38.54 15.43
CA ASP A 599 7.37 -39.17 15.72
C ASP A 599 8.47 -38.12 15.81
N GLN A 600 8.41 -37.08 14.97
CA GLN A 600 9.42 -36.04 14.96
C GLN A 600 9.15 -34.92 15.95
N LEU A 601 7.98 -34.91 16.59
CA LEU A 601 7.62 -33.83 17.49
C LEU A 601 8.28 -34.03 18.85
N ALA A 602 8.23 -32.97 19.66
CA ALA A 602 8.71 -33.05 21.02
C ALA A 602 7.82 -33.96 21.86
N PRO A 603 8.37 -34.64 22.86
CA PRO A 603 7.55 -35.53 23.70
C PRO A 603 6.44 -34.83 24.46
N SER A 604 6.57 -33.53 24.74
CA SER A 604 5.47 -32.81 25.35
C SER A 604 4.36 -32.52 24.35
N TRP A 605 4.72 -32.40 23.06
CA TRP A 605 3.72 -32.19 22.02
C TRP A 605 2.90 -33.44 21.74
N ARG A 606 3.47 -34.62 21.96
CA ARG A 606 2.79 -35.87 21.64
C ARG A 606 1.61 -36.15 22.55
N VAL A 607 1.56 -35.54 23.74
CA VAL A 607 0.42 -35.72 24.62
C VAL A 607 -0.80 -34.94 24.14
N TYR A 608 -0.63 -33.99 23.22
CA TYR A 608 -1.72 -33.24 22.63
C TYR A 608 -2.16 -33.80 21.29
N THR A 609 -1.59 -34.92 20.84
CA THR A 609 -2.01 -35.56 19.60
C THR A 609 -2.87 -36.80 19.83
N THR A 610 -2.89 -37.32 21.05
CA THR A 610 -3.70 -38.49 21.38
C THR A 610 -3.95 -38.48 22.88
N GLY A 611 -4.91 -39.31 23.30
CA GLY A 611 -5.21 -39.46 24.70
C GLY A 611 -6.69 -39.72 24.94
N PRO A 612 -7.12 -39.60 26.21
CA PRO A 612 -8.53 -39.82 26.53
C PRO A 612 -9.39 -38.61 26.22
N TYR A 613 -8.80 -37.41 26.26
CA TYR A 613 -9.53 -36.17 26.01
C TYR A 613 -9.52 -35.91 24.51
N VAL A 614 -10.54 -36.45 23.83
CA VAL A 614 -10.67 -36.32 22.38
C VAL A 614 -12.15 -36.07 22.08
N PHE A 615 -12.42 -35.05 21.27
CA PHE A 615 -13.79 -34.73 20.87
C PHE A 615 -13.81 -34.45 19.38
N GLN A 616 -14.77 -35.06 18.67
CA GLN A 616 -14.87 -34.90 17.23
C GLN A 616 -15.98 -33.91 16.90
N THR A 617 -15.60 -32.73 16.42
CA THR A 617 -16.54 -31.71 16.00
C THR A 617 -16.67 -31.74 14.48
N GLN A 618 -17.39 -30.76 13.94
CA GLN A 618 -17.62 -30.65 12.50
C GLN A 618 -16.55 -29.83 11.79
N ALA A 619 -15.55 -29.34 12.50
CA ALA A 619 -14.52 -28.47 11.96
C ALA A 619 -13.14 -28.91 12.42
N GLY A 620 -12.87 -30.20 12.29
CA GLY A 620 -11.70 -30.79 12.91
C GLY A 620 -11.98 -31.19 14.34
N CYS A 621 -11.09 -31.99 14.90
CA CYS A 621 -11.35 -32.60 16.19
C CYS A 621 -10.37 -32.06 17.24
N LEU A 622 -10.91 -31.81 18.43
CA LEU A 622 -10.25 -31.05 19.48
C LEU A 622 -9.71 -31.99 20.56
N ILE A 623 -8.46 -31.77 20.96
CA ILE A 623 -7.77 -32.58 21.94
C ILE A 623 -7.33 -31.68 23.08
N GLY A 624 -7.75 -32.02 24.30
CA GLY A 624 -7.35 -31.24 25.46
C GLY A 624 -8.48 -30.98 26.43
N ALA A 625 -9.70 -30.92 25.92
CA ALA A 625 -10.88 -30.62 26.73
C ALA A 625 -11.87 -31.76 26.64
N GLU A 626 -12.45 -32.12 27.79
CA GLU A 626 -13.43 -33.20 27.82
C GLU A 626 -14.80 -32.68 27.42
N HIS A 627 -15.62 -33.58 26.89
CA HIS A 627 -16.94 -33.24 26.36
C HIS A 627 -18.00 -33.54 27.41
N VAL A 628 -18.92 -32.59 27.60
CA VAL A 628 -20.00 -32.74 28.55
C VAL A 628 -21.33 -32.69 27.79
N ASN A 629 -22.37 -33.20 28.43
CA ASN A 629 -23.69 -33.30 27.81
C ASN A 629 -24.59 -32.12 28.13
N ALA A 630 -24.15 -31.18 28.96
CA ALA A 630 -24.97 -30.04 29.35
C ALA A 630 -24.91 -28.96 28.26
N SER A 631 -25.53 -27.82 28.52
CA SER A 631 -25.54 -26.73 27.56
C SER A 631 -25.63 -25.41 28.33
N TYR A 632 -24.58 -24.61 28.25
CA TYR A 632 -24.53 -23.29 28.87
C TYR A 632 -24.36 -22.23 27.78
N GLN A 633 -24.16 -20.99 28.21
CA GLN A 633 -23.86 -19.92 27.27
C GLN A 633 -22.44 -20.06 26.75
N CYS A 634 -22.16 -19.35 25.65
CA CYS A 634 -20.86 -19.44 25.01
C CYS A 634 -19.84 -18.58 25.75
N ASP A 635 -18.66 -19.15 26.00
CA ASP A 635 -17.56 -18.44 26.63
C ASP A 635 -16.39 -18.26 25.67
N ILE A 636 -15.86 -19.35 25.12
CA ILE A 636 -14.83 -19.30 24.10
C ILE A 636 -15.37 -20.02 22.87
N PRO A 637 -15.81 -19.29 21.85
CA PRO A 637 -16.44 -19.95 20.69
C PRO A 637 -15.44 -20.67 19.79
N ILE A 638 -15.53 -21.99 19.71
CA ILE A 638 -14.65 -22.76 18.85
C ILE A 638 -15.11 -22.67 17.40
N GLY A 639 -16.31 -23.12 17.13
CA GLY A 639 -16.86 -23.13 15.79
C GLY A 639 -17.85 -24.29 15.65
N ALA A 640 -18.81 -24.10 14.74
CA ALA A 640 -19.87 -25.07 14.43
C ALA A 640 -20.67 -25.45 15.67
N GLY A 641 -21.11 -24.42 16.41
CA GLY A 641 -21.98 -24.64 17.55
C GLY A 641 -21.30 -25.22 18.77
N ILE A 642 -20.00 -25.02 18.92
CA ILE A 642 -19.24 -25.57 20.03
C ILE A 642 -18.57 -24.42 20.77
N CYS A 643 -18.71 -24.41 22.10
CA CYS A 643 -18.04 -23.42 22.93
C CYS A 643 -17.25 -24.13 24.02
N ALA A 644 -16.20 -23.46 24.49
CA ALA A 644 -15.35 -23.99 25.55
C ALA A 644 -15.37 -23.04 26.74
N SER A 645 -15.17 -23.61 27.93
CA SER A 645 -15.18 -22.86 29.17
C SER A 645 -14.18 -23.49 30.13
N TYR A 646 -14.08 -22.89 31.32
CA TYR A 646 -13.18 -23.37 32.37
C TYR A 646 -14.05 -23.66 33.60
N HIS A 647 -14.57 -24.88 33.68
CA HIS A 647 -15.49 -25.28 34.73
C HIS A 647 -14.77 -26.12 35.78
N THR A 648 -15.53 -26.59 36.76
CA THR A 648 -15.00 -27.42 37.84
C THR A 648 -15.02 -28.89 37.46
N GLN A 657 -10.96 -30.70 40.91
CA GLN A 657 -10.08 -29.73 40.28
C GLN A 657 -10.75 -29.12 39.05
N LYS A 658 -10.23 -27.97 38.61
CA LYS A 658 -10.78 -27.27 37.45
C LYS A 658 -10.12 -27.78 36.17
N SER A 659 -10.88 -27.76 35.08
CA SER A 659 -10.40 -28.21 33.78
C SER A 659 -11.19 -27.51 32.69
N ILE A 660 -10.74 -27.70 31.46
CA ILE A 660 -11.40 -27.11 30.30
C ILE A 660 -12.44 -28.10 29.77
N VAL A 661 -13.67 -27.61 29.57
CA VAL A 661 -14.75 -28.43 29.07
C VAL A 661 -15.23 -27.85 27.75
N ALA A 662 -15.91 -28.69 26.97
CA ALA A 662 -16.48 -28.29 25.69
C ALA A 662 -17.89 -28.84 25.58
N TYR A 663 -18.80 -27.98 25.12
CA TYR A 663 -20.22 -28.34 25.06
C TYR A 663 -20.81 -27.76 23.78
N THR A 664 -22.14 -27.81 23.69
CA THR A 664 -22.88 -27.15 22.63
C THR A 664 -23.65 -25.98 23.23
N MET A 665 -23.59 -24.82 22.57
CA MET A 665 -24.18 -23.62 23.13
C MET A 665 -25.70 -23.69 23.13
N SER A 666 -26.31 -23.19 24.19
CA SER A 666 -27.75 -23.11 24.31
C SER A 666 -28.25 -21.83 23.66
N LEU A 667 -29.33 -21.93 22.90
CA LEU A 667 -29.89 -20.80 22.17
C LEU A 667 -30.93 -20.02 22.96
N GLY A 668 -31.21 -20.42 24.20
CA GLY A 668 -32.21 -19.78 25.01
C GLY A 668 -33.13 -20.78 25.68
N ALA A 669 -33.91 -20.26 26.62
CA ALA A 669 -34.84 -21.09 27.37
C ALA A 669 -36.00 -21.54 26.47
N GLU A 670 -36.33 -22.83 26.56
CA GLU A 670 -37.43 -23.37 25.78
C GLU A 670 -38.76 -22.86 26.32
N ASN A 671 -39.63 -22.39 25.43
CA ASN A 671 -40.90 -21.80 25.82
C ASN A 671 -42.02 -22.35 24.95
N SER A 672 -43.23 -22.35 25.49
CA SER A 672 -44.41 -22.75 24.76
C SER A 672 -45.54 -21.82 25.11
N VAL A 673 -46.46 -21.62 24.17
CA VAL A 673 -47.63 -20.79 24.38
C VAL A 673 -48.86 -21.62 24.01
N ALA A 674 -49.97 -21.31 24.66
CA ALA A 674 -51.22 -22.05 24.49
C ALA A 674 -52.11 -21.27 23.53
N TYR A 675 -52.24 -21.79 22.31
CA TYR A 675 -53.03 -21.13 21.27
C TYR A 675 -54.38 -21.83 21.15
N ALA A 676 -55.45 -21.05 21.29
CA ALA A 676 -56.81 -21.52 21.05
C ALA A 676 -57.53 -20.44 20.25
N ASN A 677 -58.57 -20.85 19.53
CA ASN A 677 -59.26 -19.93 18.63
C ASN A 677 -60.19 -18.97 19.36
N ASN A 678 -60.40 -19.15 20.67
CA ASN A 678 -61.22 -18.24 21.47
C ASN A 678 -60.57 -17.96 22.81
N SER A 679 -59.25 -17.75 22.81
CA SER A 679 -58.52 -17.46 24.04
C SER A 679 -57.57 -16.30 23.80
N ILE A 680 -57.56 -15.34 24.72
CA ILE A 680 -56.72 -14.15 24.60
C ILE A 680 -56.12 -13.84 25.97
N ALA A 681 -54.87 -13.39 26.00
CA ALA A 681 -54.20 -12.99 27.22
C ALA A 681 -54.12 -11.47 27.28
N ILE A 682 -54.53 -10.90 28.41
CA ILE A 682 -54.53 -9.45 28.59
C ILE A 682 -53.80 -9.09 29.88
N PRO A 683 -52.85 -8.17 29.84
CA PRO A 683 -52.10 -7.82 31.05
C PRO A 683 -52.97 -7.04 32.04
N THR A 684 -52.56 -7.11 33.31
CA THR A 684 -53.26 -6.45 34.40
C THR A 684 -52.39 -5.48 35.18
N ASN A 685 -51.09 -5.41 34.89
CA ASN A 685 -50.17 -4.54 35.60
C ASN A 685 -49.00 -4.25 34.68
N PHE A 686 -48.23 -3.23 35.04
CA PHE A 686 -47.12 -2.81 34.20
C PHE A 686 -45.89 -2.52 35.06
N SER A 687 -44.83 -2.09 34.39
CA SER A 687 -43.59 -1.70 35.03
C SER A 687 -42.86 -0.71 34.14
N ILE A 688 -42.13 0.20 34.77
CA ILE A 688 -41.36 1.22 34.07
C ILE A 688 -39.88 0.87 34.23
N SER A 689 -39.17 0.75 33.11
CA SER A 689 -37.77 0.34 33.11
C SER A 689 -36.92 1.40 32.44
N VAL A 690 -35.65 1.46 32.83
CA VAL A 690 -34.68 2.39 32.28
C VAL A 690 -33.52 1.58 31.73
N THR A 691 -33.20 1.79 30.45
CA THR A 691 -32.19 1.00 29.75
C THR A 691 -31.12 1.92 29.20
N THR A 692 -29.85 1.59 29.45
CA THR A 692 -28.74 2.40 28.99
C THR A 692 -28.25 1.93 27.63
N GLU A 693 -27.82 2.88 26.79
CA GLU A 693 -27.30 2.60 25.46
C GLU A 693 -26.07 3.45 25.21
N VAL A 694 -24.92 2.81 25.04
CA VAL A 694 -23.65 3.50 24.87
C VAL A 694 -23.29 3.54 23.39
N MET A 695 -22.89 4.72 22.89
CA MET A 695 -22.50 4.85 21.50
C MET A 695 -21.31 5.80 21.34
N PRO A 696 -20.24 5.37 20.68
CA PRO A 696 -19.15 6.29 20.35
C PRO A 696 -19.61 7.32 19.32
N VAL A 697 -19.01 8.51 19.40
CA VAL A 697 -19.34 9.63 18.51
C VAL A 697 -18.11 10.11 17.74
N SER A 698 -16.99 10.31 18.44
CA SER A 698 -15.78 10.80 17.82
C SER A 698 -14.59 9.99 18.33
N MET A 699 -13.46 10.13 17.63
CA MET A 699 -12.23 9.48 18.06
C MET A 699 -11.11 10.52 18.17
N ALA A 700 -9.89 10.07 18.39
CA ALA A 700 -8.77 10.98 18.63
C ALA A 700 -8.24 11.50 17.29
N LYS A 701 -8.24 12.82 17.14
CA LYS A 701 -7.65 13.43 15.95
C LYS A 701 -6.13 13.34 16.02
N THR A 702 -5.50 13.12 14.87
CA THR A 702 -4.06 12.88 14.83
C THR A 702 -3.45 13.68 13.68
N SER A 703 -2.26 14.24 13.94
CA SER A 703 -1.45 14.89 12.92
C SER A 703 -0.08 14.22 12.87
N VAL A 704 0.48 14.12 11.67
CA VAL A 704 1.75 13.46 11.44
C VAL A 704 2.67 14.40 10.68
N ASP A 705 3.90 14.58 11.19
CA ASP A 705 4.91 15.36 10.50
C ASP A 705 5.77 14.43 9.65
N CYS A 706 5.92 14.78 8.37
CA CYS A 706 6.67 13.92 7.46
C CYS A 706 8.17 13.94 7.74
N THR A 707 8.74 15.14 7.91
CA THR A 707 10.19 15.27 7.95
C THR A 707 10.76 14.70 9.25
N MET A 708 10.05 14.84 10.36
CA MET A 708 10.55 14.33 11.63
C MET A 708 10.50 12.80 11.68
N TYR A 709 9.47 12.20 11.11
CA TYR A 709 9.33 10.75 11.19
C TYR A 709 10.30 10.05 10.24
N ILE A 710 10.48 10.59 9.03
CA ILE A 710 11.26 9.90 8.02
C ILE A 710 12.75 10.14 8.21
N CYS A 711 13.14 11.40 8.36
CA CYS A 711 14.55 11.78 8.47
C CYS A 711 14.84 12.22 9.90
N GLY A 712 15.78 11.54 10.54
CA GLY A 712 16.08 11.81 11.93
C GLY A 712 16.88 13.07 12.17
N ASP A 713 16.30 14.23 11.82
CA ASP A 713 16.90 15.56 12.01
C ASP A 713 18.25 15.67 11.33
N SER A 714 18.39 15.05 10.17
CA SER A 714 19.63 15.04 9.41
C SER A 714 19.44 15.73 8.08
N LEU A 715 20.44 16.53 7.68
CA LEU A 715 20.34 17.31 6.46
C LEU A 715 20.53 16.46 5.21
N GLU A 716 21.27 15.36 5.31
CA GLU A 716 21.49 14.51 4.13
C GLU A 716 20.23 13.78 3.73
N CYS A 717 19.42 13.36 4.70
CA CYS A 717 18.17 12.66 4.37
C CYS A 717 17.14 13.61 3.77
N SER A 718 17.09 14.85 4.27
CA SER A 718 16.08 15.79 3.80
C SER A 718 16.34 16.28 2.37
N ASN A 719 17.57 16.14 1.88
CA ASN A 719 17.86 16.50 0.50
C ASN A 719 17.35 15.47 -0.49
N LEU A 720 17.08 14.25 -0.04
CA LEU A 720 16.50 13.21 -0.89
C LEU A 720 14.99 13.09 -0.75
N LEU A 721 14.41 13.65 0.31
CA LEU A 721 12.97 13.56 0.53
C LEU A 721 12.20 14.49 -0.41
N LEU A 722 12.86 15.50 -0.98
CA LEU A 722 12.17 16.49 -1.80
C LEU A 722 11.59 15.86 -3.07
N GLN A 723 12.26 14.87 -3.63
CA GLN A 723 11.72 14.14 -4.78
C GLN A 723 10.46 13.37 -4.42
N TYR A 724 10.28 13.01 -3.15
CA TYR A 724 9.04 12.40 -2.67
C TYR A 724 8.06 13.43 -2.14
N GLY A 725 8.26 14.71 -2.46
CA GLY A 725 7.48 15.79 -1.88
C GLY A 725 5.99 15.74 -2.16
N SER A 726 5.59 15.16 -3.30
CA SER A 726 4.18 15.02 -3.60
C SER A 726 3.52 13.91 -2.79
N PHE A 727 4.31 12.98 -2.24
CA PHE A 727 3.76 11.87 -1.49
C PHE A 727 3.44 12.22 -0.04
N CYS A 728 3.83 13.40 0.43
CA CYS A 728 3.66 13.77 1.82
C CYS A 728 2.44 14.65 2.07
N THR A 729 2.22 15.66 1.23
CA THR A 729 1.03 16.49 1.38
C THR A 729 -0.25 15.69 1.19
N GLN A 730 -0.20 14.70 0.30
CA GLN A 730 -1.33 13.77 0.13
C GLN A 730 -1.63 13.02 1.42
N LEU A 731 -0.61 12.78 2.26
CA LEU A 731 -0.87 12.27 3.61
C LEU A 731 -1.53 13.35 4.46
N ASN A 732 -0.97 14.56 4.45
CA ASN A 732 -1.47 15.63 5.30
C ASN A 732 -2.78 16.22 4.81
N ARG A 733 -3.20 15.89 3.59
CA ARG A 733 -4.54 16.22 3.13
C ARG A 733 -5.57 15.17 3.52
N ALA A 734 -5.13 14.04 4.09
CA ALA A 734 -6.04 12.98 4.51
C ALA A 734 -6.34 13.03 6.00
N LEU A 735 -5.29 13.05 6.84
CA LEU A 735 -5.49 13.13 8.29
C LEU A 735 -6.17 14.43 8.68
N SER A 736 -5.77 15.54 8.06
CA SER A 736 -6.47 16.80 8.28
C SER A 736 -7.89 16.76 7.72
N GLY A 737 -8.17 15.87 6.78
CA GLY A 737 -9.55 15.65 6.38
C GLY A 737 -10.35 14.86 7.38
N ILE A 738 -9.69 14.11 8.26
CA ILE A 738 -10.38 13.35 9.29
C ILE A 738 -10.71 14.23 10.48
N ALA A 739 -9.73 15.04 10.93
CA ALA A 739 -9.86 15.81 12.15
C ALA A 739 -10.99 16.83 12.06
N VAL A 740 -11.07 17.56 10.94
CA VAL A 740 -12.16 18.51 10.75
C VAL A 740 -13.51 17.82 10.62
N GLU A 741 -13.51 16.52 10.32
CA GLU A 741 -14.74 15.75 10.39
C GLU A 741 -15.13 15.43 11.83
N GLN A 742 -14.14 15.17 12.69
CA GLN A 742 -14.43 14.78 14.07
C GLN A 742 -14.97 15.92 14.90
N ASP A 743 -14.76 17.17 14.47
CA ASP A 743 -15.39 18.30 15.13
C ASP A 743 -16.82 18.53 14.65
N LYS A 744 -17.26 17.80 13.63
CA LYS A 744 -18.63 17.87 13.16
C LYS A 744 -19.50 16.81 13.79
N ASN A 745 -18.95 15.59 13.98
CA ASN A 745 -19.70 14.47 14.55
C ASN A 745 -20.26 14.79 15.92
N THR A 746 -19.55 15.59 16.71
CA THR A 746 -20.09 16.02 17.99
C THR A 746 -21.24 17.01 17.80
N GLN A 747 -21.04 18.00 16.93
CA GLN A 747 -22.03 19.07 16.80
C GLN A 747 -23.29 18.63 16.10
N GLU A 748 -23.25 17.48 15.40
CA GLU A 748 -24.48 16.91 14.87
C GLU A 748 -25.29 16.23 15.96
N VAL A 749 -24.64 15.73 17.00
CA VAL A 749 -25.33 14.95 18.03
C VAL A 749 -25.89 15.88 19.08
N PHE A 750 -25.03 16.66 19.72
CA PHE A 750 -25.44 17.45 20.88
C PHE A 750 -26.03 18.80 20.50
N ALA A 751 -25.46 19.48 19.51
CA ALA A 751 -25.91 20.83 19.13
C ALA A 751 -27.10 20.71 18.19
N GLN A 752 -28.25 20.35 18.77
CA GLN A 752 -29.51 20.25 18.05
C GLN A 752 -30.51 21.32 18.49
N VAL A 753 -30.09 22.24 19.36
CA VAL A 753 -30.94 23.32 19.83
C VAL A 753 -30.17 24.63 19.70
N LYS A 754 -30.85 25.67 19.22
CA LYS A 754 -30.24 26.98 19.09
C LYS A 754 -30.52 27.87 20.30
N GLN A 755 -31.18 27.34 21.32
CA GLN A 755 -31.47 28.07 22.54
C GLN A 755 -30.90 27.31 23.74
N MET A 756 -30.44 28.06 24.74
CA MET A 756 -29.94 27.48 25.98
C MET A 756 -30.99 27.69 27.06
N TYR A 757 -31.80 26.66 27.29
CA TYR A 757 -32.78 26.69 28.37
C TYR A 757 -32.04 26.48 29.68
N LYS A 758 -32.19 27.41 30.62
CA LYS A 758 -31.52 27.28 31.90
C LYS A 758 -32.21 26.21 32.74
N THR A 759 -31.40 25.50 33.52
CA THR A 759 -31.93 24.43 34.36
C THR A 759 -32.80 25.02 35.47
N PRO A 760 -33.98 24.49 35.71
CA PRO A 760 -34.87 25.07 36.71
C PRO A 760 -34.35 24.87 38.12
N THR A 761 -34.81 25.76 39.03
CA THR A 761 -34.39 25.71 40.41
C THR A 761 -35.02 24.57 41.20
N ILE A 762 -36.01 23.89 40.64
CA ILE A 762 -36.69 22.79 41.31
C ILE A 762 -36.38 21.49 40.58
N ARG A 763 -36.47 20.38 41.31
CA ARG A 763 -36.22 19.05 40.75
C ARG A 763 -37.39 18.10 41.03
N ASP A 764 -38.58 18.63 41.31
CA ASP A 764 -39.76 17.82 41.58
C ASP A 764 -40.82 18.19 40.54
N PHE A 765 -40.78 17.50 39.40
CA PHE A 765 -41.74 17.74 38.32
C PHE A 765 -42.93 16.80 38.49
N GLY A 766 -43.76 17.12 39.47
CA GLY A 766 -44.96 16.34 39.76
C GLY A 766 -44.67 14.95 40.30
N GLY A 767 -43.67 14.81 41.17
CA GLY A 767 -43.34 13.56 41.79
C GLY A 767 -42.18 12.83 41.15
N PHE A 768 -41.80 13.20 39.93
CA PHE A 768 -40.69 12.55 39.23
C PHE A 768 -39.40 13.28 39.60
N ASN A 769 -38.43 12.54 40.13
CA ASN A 769 -37.20 13.12 40.65
C ASN A 769 -36.16 13.24 39.54
N PHE A 770 -35.67 14.46 39.31
CA PHE A 770 -34.71 14.75 38.26
C PHE A 770 -33.35 15.17 38.83
N SER A 771 -33.11 14.90 40.11
CA SER A 771 -31.92 15.44 40.78
C SER A 771 -30.62 14.79 40.33
N GLN A 772 -30.68 13.63 39.70
CA GLN A 772 -29.47 12.92 39.29
C GLN A 772 -29.00 13.29 37.89
N ILE A 773 -29.92 13.61 37.00
CA ILE A 773 -29.55 13.85 35.60
C ILE A 773 -29.26 15.31 35.29
N LEU A 774 -29.78 16.25 36.10
CA LEU A 774 -29.51 17.66 35.92
C LEU A 774 -28.36 18.11 36.82
N PRO A 775 -27.60 19.13 36.42
CA PRO A 775 -26.48 19.60 37.25
C PRO A 775 -26.97 20.22 38.55
N ASP A 776 -26.15 20.07 39.59
CA ASP A 776 -26.46 20.63 40.90
C ASP A 776 -25.88 22.03 41.02
N PRO A 777 -26.69 23.06 41.26
CA PRO A 777 -26.13 24.42 41.39
C PRO A 777 -25.35 24.65 42.68
N LEU A 778 -25.41 23.74 43.65
CA LEU A 778 -24.69 23.86 44.91
C LEU A 778 -23.40 23.04 44.91
N LYS A 779 -22.82 22.80 43.74
CA LYS A 779 -21.62 21.99 43.61
C LYS A 779 -20.64 22.71 42.67
N PRO A 780 -19.34 22.59 42.93
CA PRO A 780 -18.36 23.18 42.00
C PRO A 780 -18.35 22.55 40.62
N THR A 781 -18.81 21.31 40.49
CA THR A 781 -18.84 20.65 39.18
C THR A 781 -20.12 21.03 38.43
N LYS A 782 -19.97 21.30 37.14
CA LYS A 782 -21.10 21.66 36.30
C LYS A 782 -21.71 20.47 35.58
N ARG A 783 -21.24 19.26 35.85
CA ARG A 783 -21.81 18.04 35.31
C ARG A 783 -22.63 17.32 36.39
N SER A 784 -23.60 16.54 35.94
CA SER A 784 -24.53 15.88 36.84
C SER A 784 -23.87 14.69 37.53
N PHE A 785 -24.64 14.02 38.39
CA PHE A 785 -24.10 12.93 39.19
C PHE A 785 -23.80 11.71 38.34
N ILE A 786 -24.73 11.33 37.47
CA ILE A 786 -24.50 10.18 36.60
C ILE A 786 -23.47 10.51 35.53
N GLU A 787 -23.36 11.78 35.15
CA GLU A 787 -22.26 12.20 34.28
C GLU A 787 -20.92 12.09 35.00
N ASP A 788 -20.89 12.36 36.30
CA ASP A 788 -19.67 12.19 37.06
C ASP A 788 -19.32 10.71 37.21
N LEU A 789 -20.32 9.85 37.37
CA LEU A 789 -20.06 8.41 37.44
C LEU A 789 -19.63 7.84 36.10
N LEU A 790 -20.13 8.41 35.00
CA LEU A 790 -19.73 7.94 33.67
C LEU A 790 -18.31 8.35 33.35
N TYR A 791 -17.89 9.53 33.82
CA TYR A 791 -16.48 9.88 33.84
C TYR A 791 -15.79 9.11 34.96
N ASN A 792 -14.46 9.26 35.02
CA ASN A 792 -13.52 8.45 35.80
C ASN A 792 -13.86 6.96 35.82
N LYS A 793 -14.29 6.45 34.67
CA LYS A 793 -14.52 5.04 34.36
C LYS A 793 -13.77 4.62 33.12
N VAL A 794 -13.72 5.48 32.10
CA VAL A 794 -12.88 5.26 30.93
C VAL A 794 -11.51 5.85 31.24
N THR A 795 -10.48 5.00 31.23
CA THR A 795 -9.12 5.43 31.56
C THR A 795 -8.55 6.17 30.37
N LEU A 796 -8.77 7.49 30.34
CA LEU A 796 -8.28 8.31 29.24
C LEU A 796 -6.77 8.49 29.28
N ALA A 797 -6.15 8.36 30.45
CA ALA A 797 -4.71 8.49 30.57
C ALA A 797 -4.03 7.24 30.02
N ASP A 798 -2.70 7.35 29.85
CA ASP A 798 -1.85 6.31 29.25
C ASP A 798 -2.35 5.91 27.87
N ALA A 799 -2.75 6.91 27.07
CA ALA A 799 -3.33 6.64 25.77
C ALA A 799 -2.88 7.62 24.69
N GLY A 800 -1.94 8.51 24.98
CA GLY A 800 -1.56 9.52 24.01
C GLY A 800 -2.47 10.72 24.06
N PHE A 801 -2.70 11.24 25.27
CA PHE A 801 -3.57 12.38 25.51
C PHE A 801 -2.74 13.51 26.11
N MET A 802 -3.44 14.51 26.65
CA MET A 802 -2.80 15.76 27.07
C MET A 802 -1.73 15.52 28.13
N LYS A 803 -0.56 16.12 27.90
CA LYS A 803 0.62 15.88 28.71
C LYS A 803 1.61 17.01 28.42
N GLN A 804 2.12 17.63 29.46
CA GLN A 804 2.99 18.79 29.31
C GLN A 804 4.32 18.39 28.66
N TYR A 805 4.89 19.32 27.90
CA TYR A 805 6.17 19.10 27.25
C TYR A 805 7.36 19.41 28.15
N ALA A 806 7.12 20.01 29.32
CA ALA A 806 8.21 20.33 30.23
C ALA A 806 8.80 19.08 30.86
N ASP A 807 7.95 18.19 31.34
CA ASP A 807 8.40 16.95 31.97
C ASP A 807 8.69 15.85 30.96
N CYS A 808 8.44 16.09 29.67
CA CYS A 808 8.75 15.08 28.66
C CYS A 808 10.25 15.01 28.41
N LEU A 809 10.93 16.15 28.36
CA LEU A 809 12.37 16.18 28.12
C LEU A 809 13.18 16.24 29.41
N GLY A 810 12.56 16.64 30.53
CA GLY A 810 13.27 16.71 31.79
C GLY A 810 12.72 15.76 32.83
N GLY A 811 12.38 14.54 32.40
CA GLY A 811 11.80 13.56 33.29
C GLY A 811 12.83 12.97 34.23
N ILE A 812 12.32 12.22 35.22
CA ILE A 812 13.18 11.57 36.20
C ILE A 812 13.96 10.44 35.53
N ASN A 813 13.27 9.61 34.74
CA ASN A 813 13.91 8.53 34.01
C ASN A 813 13.53 8.47 32.54
N ALA A 814 12.53 9.24 32.12
CA ALA A 814 12.02 9.33 30.72
C ALA A 814 11.57 7.93 30.30
N ARG A 815 11.87 7.53 29.05
CA ARG A 815 11.46 6.23 28.49
C ARG A 815 9.95 6.03 28.56
N ASP A 816 9.20 7.10 28.29
CA ASP A 816 7.76 7.06 28.27
C ASP A 816 7.25 6.63 26.90
N LEU A 817 6.02 6.11 26.88
CA LEU A 817 5.40 5.71 25.63
C LEU A 817 4.74 6.87 24.89
N ILE A 818 4.67 8.04 25.51
CA ILE A 818 4.12 9.23 24.87
C ILE A 818 5.19 10.21 24.45
N CYS A 819 6.37 10.18 25.08
CA CYS A 819 7.43 11.11 24.71
C CYS A 819 8.06 10.75 23.37
N ALA A 820 8.10 9.46 23.03
CA ALA A 820 8.62 9.06 21.73
C ALA A 820 7.70 9.47 20.60
N GLN A 821 6.38 9.47 20.86
CA GLN A 821 5.43 9.94 19.84
C GLN A 821 5.62 11.42 19.55
N LYS A 822 5.88 12.22 20.59
CA LYS A 822 6.13 13.64 20.37
C LYS A 822 7.51 13.88 19.78
N PHE A 823 8.48 13.03 20.10
CA PHE A 823 9.82 13.17 19.53
C PHE A 823 9.89 12.71 18.08
N ASN A 824 8.94 11.88 17.64
CA ASN A 824 8.89 11.41 16.26
C ASN A 824 7.83 12.13 15.44
N GLY A 825 7.33 13.27 15.93
CA GLY A 825 6.35 14.06 15.20
C GLY A 825 4.99 13.41 15.03
N LEU A 826 4.46 12.81 16.10
CA LEU A 826 3.11 12.24 16.11
C LEU A 826 2.37 12.82 17.31
N THR A 827 1.58 13.85 17.09
CA THR A 827 0.84 14.52 18.13
C THR A 827 -0.66 14.24 18.00
N VAL A 828 -1.39 14.55 19.06
CA VAL A 828 -2.85 14.41 19.09
C VAL A 828 -3.44 15.79 19.34
N LEU A 829 -4.21 16.28 18.37
CA LEU A 829 -4.81 17.60 18.45
C LEU A 829 -5.99 17.59 19.42
N PRO A 830 -6.22 18.68 20.14
CA PRO A 830 -7.36 18.74 21.07
C PRO A 830 -8.67 18.92 20.32
N PRO A 831 -9.78 18.48 20.91
CA PRO A 831 -11.08 18.73 20.27
C PRO A 831 -11.51 20.17 20.44
N LEU A 832 -12.42 20.59 19.56
CA LEU A 832 -12.91 21.97 19.60
C LEU A 832 -13.84 22.18 20.80
N LEU A 833 -14.74 21.25 21.05
CA LEU A 833 -15.71 21.38 22.13
C LEU A 833 -15.16 20.76 23.41
N THR A 834 -15.21 21.52 24.50
CA THR A 834 -14.77 21.02 25.79
C THR A 834 -15.83 20.11 26.39
N ASP A 835 -15.53 19.56 27.57
CA ASP A 835 -16.50 18.73 28.26
C ASP A 835 -17.57 19.59 28.92
N ASP A 836 -17.22 20.80 29.34
CA ASP A 836 -18.19 21.69 29.97
C ASP A 836 -19.27 22.13 28.98
N MET A 837 -18.88 22.44 27.74
CA MET A 837 -19.86 22.82 26.72
C MET A 837 -20.78 21.66 26.38
N ILE A 838 -20.24 20.45 26.29
CA ILE A 838 -21.05 19.27 26.01
C ILE A 838 -22.02 19.00 27.14
N ALA A 839 -21.57 19.16 28.40
CA ALA A 839 -22.46 19.01 29.54
C ALA A 839 -23.53 20.09 29.56
N ALA A 840 -23.19 21.30 29.12
CA ALA A 840 -24.19 22.37 29.00
C ALA A 840 -25.24 22.04 27.95
N TYR A 841 -24.81 21.49 26.82
CA TYR A 841 -25.75 21.04 25.78
C TYR A 841 -26.69 19.96 26.32
N THR A 842 -26.12 18.98 27.04
CA THR A 842 -26.92 17.90 27.61
C THR A 842 -27.93 18.42 28.63
N ALA A 843 -27.49 19.34 29.51
CA ALA A 843 -28.37 19.91 30.51
C ALA A 843 -29.47 20.75 29.88
N ALA A 844 -29.15 21.49 28.82
CA ALA A 844 -30.17 22.26 28.11
C ALA A 844 -31.19 21.36 27.46
N LEU A 845 -30.74 20.26 26.84
CA LEU A 845 -31.67 19.32 26.22
C LEU A 845 -32.58 18.67 27.25
N ILE A 846 -32.03 18.26 28.40
CA ILE A 846 -32.83 17.62 29.44
C ILE A 846 -33.82 18.60 30.05
N SER A 847 -33.39 19.84 30.28
CA SER A 847 -34.30 20.85 30.84
C SER A 847 -35.40 21.23 29.86
N GLY A 848 -35.08 21.30 28.58
CA GLY A 848 -36.11 21.56 27.58
C GLY A 848 -37.10 20.41 27.46
N THR A 849 -36.63 19.17 27.59
CA THR A 849 -37.54 18.03 27.60
C THR A 849 -38.42 18.03 28.85
N ALA A 850 -37.86 18.42 30.00
CA ALA A 850 -38.61 18.35 31.25
C ALA A 850 -39.65 19.46 31.34
N THR A 851 -39.28 20.68 30.96
CA THR A 851 -40.21 21.80 31.11
C THR A 851 -41.14 21.98 29.91
N ALA A 852 -40.58 21.99 28.70
CA ALA A 852 -41.39 22.22 27.51
C ALA A 852 -42.01 20.94 26.97
N GLY A 853 -41.19 19.89 26.80
CA GLY A 853 -41.72 18.63 26.33
C GLY A 853 -41.20 18.23 24.96
N TRP A 854 -42.10 17.81 24.08
CA TRP A 854 -41.75 17.44 22.72
C TRP A 854 -41.89 18.61 21.74
N THR A 855 -42.39 19.75 22.21
CA THR A 855 -42.75 20.86 21.34
C THR A 855 -41.64 21.88 21.15
N PHE A 856 -40.48 21.69 21.77
CA PHE A 856 -39.37 22.59 21.58
C PHE A 856 -38.42 22.15 20.47
N GLY A 857 -38.71 21.03 19.80
CA GLY A 857 -37.94 20.60 18.67
C GLY A 857 -38.58 21.00 17.35
N ALA A 858 -39.81 21.48 17.41
CA ALA A 858 -40.52 21.93 16.21
C ALA A 858 -40.37 23.44 16.02
N GLY A 859 -40.79 24.23 17.00
CA GLY A 859 -40.65 25.67 16.94
C GLY A 859 -40.21 26.25 18.27
N ALA A 860 -40.94 27.25 18.76
CA ALA A 860 -40.67 27.79 20.08
C ALA A 860 -41.12 26.81 21.16
N ALA A 861 -40.49 26.91 22.33
CA ALA A 861 -40.81 26.02 23.43
C ALA A 861 -42.15 26.39 24.05
N LEU A 862 -42.99 25.40 24.28
CA LEU A 862 -44.32 25.58 24.85
C LEU A 862 -44.35 24.88 26.21
N GLN A 863 -44.66 25.63 27.27
CA GLN A 863 -44.70 25.05 28.60
C GLN A 863 -45.94 24.18 28.78
N ILE A 864 -45.78 23.12 29.58
CA ILE A 864 -46.87 22.21 29.91
C ILE A 864 -46.46 21.51 31.21
N PRO A 865 -47.40 21.25 32.13
CA PRO A 865 -47.06 20.49 33.32
C PRO A 865 -46.65 19.07 32.99
N PHE A 866 -45.79 18.50 33.84
CA PHE A 866 -45.19 17.19 33.56
C PHE A 866 -46.22 16.07 33.63
N ALA A 867 -47.24 16.20 34.49
CA ALA A 867 -48.26 15.17 34.59
C ALA A 867 -49.07 15.06 33.30
N MET A 868 -49.43 16.21 32.72
CA MET A 868 -50.15 16.19 31.44
C MET A 868 -49.27 15.71 30.31
N GLN A 869 -47.98 16.04 30.35
CA GLN A 869 -47.05 15.55 29.33
C GLN A 869 -46.93 14.03 29.39
N MET A 870 -46.82 13.47 30.60
CA MET A 870 -46.77 12.02 30.73
C MET A 870 -48.10 11.36 30.38
N ALA A 871 -49.22 12.05 30.63
CA ALA A 871 -50.51 11.53 30.19
C ALA A 871 -50.60 11.46 28.68
N TYR A 872 -50.12 12.50 27.99
CA TYR A 872 -50.12 12.48 26.52
C TYR A 872 -49.16 11.42 25.99
N ARG A 873 -48.00 11.24 26.64
CA ARG A 873 -47.07 10.21 26.20
C ARG A 873 -47.62 8.80 26.47
N PHE A 874 -48.44 8.65 27.52
CA PHE A 874 -49.15 7.39 27.74
C PHE A 874 -50.21 7.17 26.68
N ASN A 875 -50.84 8.25 26.19
CA ASN A 875 -51.89 8.11 25.19
C ASN A 875 -51.35 7.69 23.82
N GLY A 876 -50.04 7.81 23.59
CA GLY A 876 -49.45 7.40 22.34
C GLY A 876 -49.09 5.94 22.24
N ILE A 877 -49.38 5.16 23.27
CA ILE A 877 -49.09 3.73 23.29
C ILE A 877 -50.31 2.90 22.93
N GLY A 878 -51.45 3.23 23.54
CA GLY A 878 -52.66 2.45 23.41
C GLY A 878 -53.36 2.40 24.75
N VAL A 879 -52.70 2.94 25.77
CA VAL A 879 -53.26 3.04 27.11
C VAL A 879 -53.96 4.38 27.22
N THR A 880 -55.20 4.37 27.72
CA THR A 880 -55.94 5.60 27.92
C THR A 880 -55.32 6.42 29.04
N GLN A 881 -55.68 7.70 29.08
CA GLN A 881 -55.03 8.64 30.00
C GLN A 881 -55.59 8.60 31.41
N ASN A 882 -56.68 7.87 31.65
CA ASN A 882 -57.17 7.73 33.01
C ASN A 882 -56.33 6.78 33.85
N VAL A 883 -55.47 5.98 33.22
CA VAL A 883 -54.65 5.02 33.95
C VAL A 883 -53.58 5.75 34.76
N LEU A 884 -52.96 6.77 34.19
CA LEU A 884 -51.86 7.45 34.85
C LEU A 884 -52.32 8.25 36.05
N TYR A 885 -53.45 8.96 35.93
CA TYR A 885 -53.92 9.82 37.01
C TYR A 885 -54.40 9.02 38.22
N GLU A 886 -54.75 7.75 38.03
CA GLU A 886 -55.07 6.88 39.17
C GLU A 886 -53.84 6.15 39.71
N ASN A 887 -52.71 6.21 39.02
CA ASN A 887 -51.50 5.50 39.44
C ASN A 887 -50.26 6.38 39.36
N GLN A 888 -50.41 7.68 39.62
CA GLN A 888 -49.29 8.61 39.44
C GLN A 888 -48.17 8.34 40.45
N LYS A 889 -48.53 8.03 41.69
CA LYS A 889 -47.52 7.78 42.72
C LYS A 889 -46.75 6.51 42.45
N GLN A 890 -47.42 5.46 41.96
CA GLN A 890 -46.74 4.22 41.63
C GLN A 890 -45.76 4.40 40.48
N ILE A 891 -46.15 5.17 39.46
CA ILE A 891 -45.27 5.42 38.32
C ILE A 891 -44.08 6.27 38.77
N ALA A 892 -44.32 7.27 39.63
CA ALA A 892 -43.23 8.09 40.14
C ALA A 892 -42.23 7.27 40.95
N ASN A 893 -42.75 6.39 41.83
CA ASN A 893 -41.86 5.55 42.64
C ASN A 893 -41.08 4.56 41.78
N GLN A 894 -41.74 4.00 40.75
CA GLN A 894 -41.05 3.08 39.86
C GLN A 894 -39.94 3.79 39.07
N PHE A 895 -40.21 5.01 38.61
CA PHE A 895 -39.20 5.77 37.88
C PHE A 895 -38.02 6.11 38.80
N ASN A 896 -38.31 6.52 40.04
CA ASN A 896 -37.22 6.84 40.98
C ASN A 896 -36.40 5.61 41.33
N LYS A 897 -37.05 4.46 41.54
CA LYS A 897 -36.32 3.25 41.84
C LYS A 897 -35.49 2.77 40.65
N ALA A 898 -36.01 2.93 39.44
CA ALA A 898 -35.24 2.57 38.25
C ALA A 898 -34.01 3.47 38.09
N ILE A 899 -34.17 4.77 38.35
CA ILE A 899 -33.04 5.69 38.27
C ILE A 899 -31.99 5.34 39.32
N THR A 900 -32.43 5.03 40.53
CA THR A 900 -31.51 4.64 41.60
C THR A 900 -30.78 3.34 41.25
N GLN A 901 -31.49 2.37 40.69
CA GLN A 901 -30.86 1.12 40.30
C GLN A 901 -29.89 1.30 39.14
N ILE A 902 -30.16 2.27 38.26
CA ILE A 902 -29.21 2.58 37.19
C ILE A 902 -27.96 3.23 37.76
N GLN A 903 -28.13 4.14 38.72
CA GLN A 903 -26.99 4.84 39.31
C GLN A 903 -26.07 3.88 40.07
N GLU A 904 -26.63 2.96 40.83
CA GLU A 904 -25.81 2.02 41.60
C GLU A 904 -25.17 0.95 40.73
N SER A 905 -25.74 0.67 39.56
CA SER A 905 -25.17 -0.33 38.67
C SER A 905 -23.96 0.18 37.91
N LEU A 906 -23.68 1.48 37.96
CA LEU A 906 -22.51 2.05 37.31
C LEU A 906 -21.30 2.15 38.23
N THR A 907 -21.44 1.78 39.50
CA THR A 907 -20.33 1.81 40.45
C THR A 907 -19.75 0.42 40.72
N THR A 908 -20.60 -0.59 40.82
CA THR A 908 -20.11 -1.95 41.10
C THR A 908 -19.46 -2.58 39.88
N THR A 909 -20.01 -2.34 38.69
CA THR A 909 -19.50 -2.99 37.48
C THR A 909 -18.18 -2.36 37.05
N SER A 910 -17.53 -3.04 36.10
CA SER A 910 -16.28 -2.54 35.52
C SER A 910 -16.26 -2.61 34.00
N THR A 911 -17.16 -3.34 33.36
CA THR A 911 -17.23 -3.44 31.90
C THR A 911 -18.64 -3.05 31.46
N ALA A 912 -18.86 -1.75 31.29
CA ALA A 912 -20.10 -1.24 30.72
C ALA A 912 -19.89 -0.21 29.63
N LEU A 913 -18.71 0.41 29.55
CA LEU A 913 -18.38 1.33 28.47
C LEU A 913 -17.23 0.77 27.66
N GLY A 914 -17.29 -0.51 27.34
CA GLY A 914 -16.19 -1.17 26.65
C GLY A 914 -15.99 -0.69 25.22
N LYS A 915 -17.04 -0.14 24.61
CA LYS A 915 -16.92 0.36 23.24
C LYS A 915 -16.01 1.58 23.19
N LEU A 916 -16.22 2.55 24.09
CA LEU A 916 -15.38 3.73 24.13
C LEU A 916 -13.97 3.41 24.57
N GLN A 917 -13.82 2.46 25.50
CA GLN A 917 -12.50 2.02 25.93
C GLN A 917 -11.75 1.37 24.78
N ASP A 918 -12.44 0.55 23.97
CA ASP A 918 -11.81 -0.04 22.79
C ASP A 918 -11.45 1.02 21.76
N VAL A 919 -12.30 2.04 21.63
CA VAL A 919 -12.02 3.15 20.71
C VAL A 919 -10.73 3.87 21.11
N VAL A 920 -10.55 4.09 22.41
CA VAL A 920 -9.33 4.73 22.90
C VAL A 920 -8.12 3.82 22.69
N ASN A 921 -8.27 2.53 23.05
CA ASN A 921 -7.15 1.60 23.03
C ASN A 921 -6.66 1.33 21.61
N GLN A 922 -7.56 1.32 20.63
CA GLN A 922 -7.15 1.06 19.25
C GLN A 922 -6.25 2.16 18.72
N ASN A 923 -6.61 3.43 18.98
CA ASN A 923 -5.79 4.55 18.55
C ASN A 923 -4.44 4.56 19.26
N ALA A 924 -4.44 4.31 20.57
CA ALA A 924 -3.18 4.30 21.32
C ALA A 924 -2.27 3.18 20.82
N GLN A 925 -2.82 1.99 20.57
CA GLN A 925 -2.02 0.86 20.10
C GLN A 925 -1.51 1.09 18.69
N ALA A 926 -2.32 1.73 17.84
CA ALA A 926 -1.88 2.03 16.47
C ALA A 926 -0.72 3.01 16.46
N LEU A 927 -0.80 4.05 17.30
CA LEU A 927 0.30 5.02 17.37
C LEU A 927 1.56 4.38 17.96
N ASN A 928 1.39 3.50 18.95
CA ASN A 928 2.55 2.80 19.52
C ASN A 928 3.20 1.88 18.49
N THR A 929 2.39 1.20 17.67
CA THR A 929 2.94 0.35 16.62
C THR A 929 3.66 1.17 15.56
N LEU A 930 3.11 2.34 15.22
CA LEU A 930 3.77 3.22 14.26
C LEU A 930 5.11 3.71 14.81
N VAL A 931 5.19 3.98 16.11
CA VAL A 931 6.46 4.36 16.72
C VAL A 931 7.44 3.20 16.68
N LYS A 932 6.98 2.00 17.05
CA LYS A 932 7.85 0.83 17.14
C LYS A 932 8.28 0.28 15.79
N GLN A 933 7.62 0.68 14.70
CA GLN A 933 8.03 0.23 13.37
C GLN A 933 9.21 1.01 12.80
N LEU A 934 9.95 1.75 13.62
CA LEU A 934 11.13 2.48 13.17
C LEU A 934 12.42 1.71 13.36
N SER A 935 12.36 0.46 13.83
CA SER A 935 13.53 -0.34 14.10
C SER A 935 13.82 -1.36 13.00
N SER A 936 13.10 -1.27 11.88
CA SER A 936 13.30 -2.18 10.76
C SER A 936 14.20 -1.52 9.72
N ASN A 937 15.24 -2.23 9.28
CA ASN A 937 16.21 -1.68 8.36
C ASN A 937 15.79 -1.77 6.90
N PHE A 938 14.74 -2.55 6.60
CA PHE A 938 14.19 -2.71 5.25
C PHE A 938 15.23 -3.21 4.25
N GLY A 939 16.15 -4.06 4.71
CA GLY A 939 17.19 -4.60 3.86
C GLY A 939 18.48 -3.81 3.84
N ALA A 940 18.55 -2.68 4.53
CA ALA A 940 19.79 -1.92 4.60
C ALA A 940 20.72 -2.51 5.66
N ILE A 941 21.89 -1.91 5.83
CA ILE A 941 22.86 -2.43 6.79
C ILE A 941 22.56 -2.03 8.22
N SER A 942 21.68 -1.06 8.44
CA SER A 942 21.35 -0.63 9.79
C SER A 942 19.96 0.00 9.80
N SER A 943 19.38 0.06 10.99
CA SER A 943 18.05 0.62 11.18
C SER A 943 18.07 2.08 11.61
N ALA A 944 19.25 2.70 11.66
CA ALA A 944 19.39 4.09 12.04
C ALA A 944 20.17 4.83 10.97
N LEU A 945 19.88 6.13 10.84
CA LEU A 945 20.52 6.94 9.83
C LEU A 945 21.89 7.45 10.24
N ASN A 946 22.31 7.23 11.48
CA ASN A 946 23.58 7.78 11.96
C ASN A 946 24.76 6.84 11.73
N ASP A 947 24.56 5.53 11.82
CA ASP A 947 25.63 4.59 11.54
C ASP A 947 25.70 4.19 10.07
N ILE A 948 24.79 4.70 9.24
CA ILE A 948 24.90 4.54 7.80
C ILE A 948 25.66 5.70 7.18
N LEU A 949 25.38 6.93 7.63
CA LEU A 949 26.06 8.11 7.09
C LEU A 949 27.46 8.29 7.64
N SER A 950 27.81 7.63 8.74
CA SER A 950 29.13 7.76 9.34
C SER A 950 30.04 6.58 9.03
N ARG A 951 29.61 5.66 8.16
CA ARG A 951 30.47 4.57 7.70
C ARG A 951 30.70 4.62 6.20
N LEU A 952 29.66 4.79 5.41
CA LEU A 952 29.76 4.76 3.95
C LEU A 952 29.82 6.18 3.40
N ASP A 953 30.60 6.36 2.34
CA ASP A 953 30.70 7.65 1.69
C ASP A 953 29.44 7.94 0.87
N LYS A 954 29.37 9.15 0.34
CA LYS A 954 28.18 9.62 -0.38
C LYS A 954 27.94 8.88 -1.70
N VAL A 955 28.93 8.13 -2.19
CA VAL A 955 28.75 7.39 -3.44
C VAL A 955 27.77 6.24 -3.24
N GLU A 956 27.92 5.48 -2.16
CA GLU A 956 27.13 4.28 -1.94
C GLU A 956 26.21 4.37 -0.72
N ALA A 957 26.09 5.55 -0.10
CA ALA A 957 25.13 5.73 0.98
C ALA A 957 23.74 6.08 0.48
N GLU A 958 23.62 6.63 -0.74
CA GLU A 958 22.32 7.00 -1.27
C GLU A 958 21.49 5.78 -1.65
N VAL A 959 22.11 4.62 -1.84
CA VAL A 959 21.37 3.41 -2.15
C VAL A 959 20.82 2.71 -0.92
N GLN A 960 21.22 3.16 0.28
CA GLN A 960 20.71 2.62 1.52
C GLN A 960 19.70 3.53 2.22
N ILE A 961 19.91 4.86 2.12
CA ILE A 961 18.97 5.80 2.71
C ILE A 961 17.64 5.77 1.96
N ASP A 962 17.69 5.61 0.64
CA ASP A 962 16.48 5.53 -0.17
C ASP A 962 15.65 4.30 0.18
N ARG A 963 16.30 3.18 0.52
CA ARG A 963 15.58 2.01 0.99
C ARG A 963 14.83 2.30 2.28
N LEU A 964 15.47 3.04 3.20
CA LEU A 964 14.82 3.40 4.45
C LEU A 964 13.65 4.34 4.21
N ILE A 965 13.79 5.29 3.28
CA ILE A 965 12.70 6.22 2.99
C ILE A 965 11.51 5.51 2.36
N THR A 966 11.78 4.62 1.39
CA THR A 966 10.71 3.87 0.76
C THR A 966 10.06 2.88 1.73
N GLY A 967 10.82 2.38 2.70
CA GLY A 967 10.22 1.53 3.71
C GLY A 967 9.37 2.30 4.70
N ARG A 968 9.81 3.50 5.09
CA ARG A 968 9.11 4.28 6.09
C ARG A 968 7.92 5.06 5.53
N LEU A 969 7.81 5.20 4.21
CA LEU A 969 6.58 5.76 3.66
C LEU A 969 5.42 4.78 3.76
N GLN A 970 5.71 3.47 3.69
CA GLN A 970 4.65 2.46 3.73
C GLN A 970 3.95 2.44 5.08
N SER A 971 4.69 2.67 6.17
CA SER A 971 4.09 2.68 7.50
C SER A 971 3.09 3.82 7.63
N LEU A 972 3.45 5.01 7.15
CA LEU A 972 2.53 6.14 7.17
C LEU A 972 1.32 5.90 6.28
N GLN A 973 1.54 5.27 5.11
CA GLN A 973 0.43 4.97 4.22
C GLN A 973 -0.57 4.00 4.86
N THR A 974 -0.06 2.94 5.49
CA THR A 974 -0.93 1.97 6.17
C THR A 974 -1.67 2.60 7.33
N TYR A 975 -0.97 3.45 8.10
CA TYR A 975 -1.60 4.13 9.22
C TYR A 975 -2.73 5.05 8.75
N VAL A 976 -2.51 5.80 7.66
CA VAL A 976 -3.53 6.69 7.14
C VAL A 976 -4.73 5.90 6.62
N THR A 977 -4.49 4.79 5.94
CA THR A 977 -5.59 3.97 5.43
C THR A 977 -6.44 3.39 6.57
N GLN A 978 -5.79 2.86 7.60
CA GLN A 978 -6.55 2.29 8.72
C GLN A 978 -7.29 3.39 9.49
N GLN A 979 -6.69 4.57 9.62
CA GLN A 979 -7.37 5.69 10.25
C GLN A 979 -8.61 6.11 9.45
N LEU A 980 -8.50 6.07 8.11
CA LEU A 980 -9.65 6.42 7.27
C LEU A 980 -10.79 5.43 7.45
N ILE A 981 -10.47 4.13 7.51
CA ILE A 981 -11.51 3.12 7.71
C ILE A 981 -12.18 3.27 9.08
N ARG A 982 -11.37 3.49 10.13
CA ARG A 982 -11.93 3.70 11.45
C ARG A 982 -12.78 4.96 11.52
N ALA A 983 -12.37 6.01 10.81
CA ALA A 983 -13.15 7.24 10.75
C ALA A 983 -14.48 7.01 10.06
N ALA A 984 -14.50 6.17 9.02
CA ALA A 984 -15.76 5.85 8.34
C ALA A 984 -16.73 5.14 9.28
N GLU A 985 -16.23 4.15 10.03
CA GLU A 985 -17.15 3.44 10.93
C GLU A 985 -17.59 4.32 12.10
N ILE A 986 -16.72 5.23 12.57
CA ILE A 986 -17.10 6.15 13.62
C ILE A 986 -18.14 7.16 13.12
N ARG A 987 -18.00 7.58 11.86
CA ARG A 987 -19.00 8.47 11.26
C ARG A 987 -20.36 7.78 11.13
N THR A 988 -20.36 6.49 10.78
CA THR A 988 -21.62 5.74 10.74
C THR A 988 -22.28 5.68 12.11
N SER A 989 -21.48 5.40 13.16
CA SER A 989 -22.04 5.37 14.51
C SER A 989 -22.53 6.74 14.95
N ALA A 990 -21.83 7.81 14.53
CA ALA A 990 -22.24 9.17 14.87
C ALA A 990 -23.56 9.54 14.20
N ASN A 991 -23.74 9.13 12.94
CA ASN A 991 -25.01 9.38 12.26
C ASN A 991 -26.16 8.63 12.94
N LEU A 992 -25.90 7.38 13.38
CA LEU A 992 -26.93 6.66 14.11
C LEU A 992 -27.26 7.34 15.45
N ALA A 993 -26.24 7.85 16.14
CA ALA A 993 -26.46 8.56 17.40
C ALA A 993 -27.26 9.84 17.19
N ALA A 994 -26.96 10.56 16.10
CA ALA A 994 -27.70 11.79 15.80
C ALA A 994 -29.16 11.48 15.49
N THR A 995 -29.42 10.40 14.74
CA THR A 995 -30.80 10.00 14.46
C THR A 995 -31.54 9.60 15.74
N LYS A 996 -30.85 8.88 16.63
CA LYS A 996 -31.46 8.49 17.90
C LYS A 996 -31.78 9.71 18.76
N MET A 997 -30.88 10.69 18.80
CA MET A 997 -31.14 11.90 19.57
C MET A 997 -32.29 12.70 18.97
N SER A 998 -32.37 12.78 17.64
CA SER A 998 -33.42 13.58 17.02
C SER A 998 -34.79 12.92 17.15
N GLU A 999 -34.87 11.60 17.05
CA GLU A 999 -36.16 10.94 17.00
C GLU A 999 -36.69 10.51 18.37
N CYS A 1000 -35.81 10.14 19.30
CA CYS A 1000 -36.27 9.62 20.58
C CYS A 1000 -36.22 10.63 21.72
N VAL A 1001 -35.27 11.55 21.73
CA VAL A 1001 -35.21 12.55 22.79
C VAL A 1001 -36.20 13.67 22.53
N LEU A 1002 -36.24 14.16 21.29
CA LEU A 1002 -37.11 15.27 20.92
C LEU A 1002 -38.53 14.83 20.56
N GLY A 1003 -38.93 13.65 20.98
CA GLY A 1003 -40.25 13.17 20.66
C GLY A 1003 -40.46 11.78 21.22
N GLN A 1004 -41.40 11.05 20.62
CA GLN A 1004 -41.70 9.68 21.02
C GLN A 1004 -41.89 8.87 19.75
N SER A 1005 -40.99 7.93 19.50
CA SER A 1005 -40.98 7.19 18.26
C SER A 1005 -41.77 5.89 18.37
N LYS A 1006 -42.40 5.51 17.26
CA LYS A 1006 -43.19 4.28 17.18
C LYS A 1006 -42.44 3.12 16.55
N ARG A 1007 -41.17 3.30 16.22
CA ARG A 1007 -40.40 2.22 15.60
C ARG A 1007 -40.06 1.17 16.65
N VAL A 1008 -40.32 -0.10 16.30
CA VAL A 1008 -40.14 -1.19 17.25
C VAL A 1008 -38.66 -1.44 17.47
N ASP A 1009 -38.26 -1.48 18.74
CA ASP A 1009 -36.89 -1.80 19.18
C ASP A 1009 -35.85 -0.84 18.62
N PHE A 1010 -36.24 0.41 18.36
CA PHE A 1010 -35.28 1.42 17.95
C PHE A 1010 -34.56 2.00 19.15
N CYS A 1011 -35.31 2.64 20.05
CA CYS A 1011 -34.78 3.13 21.33
C CYS A 1011 -35.58 2.47 22.45
N GLY A 1012 -34.93 1.56 23.16
CA GLY A 1012 -35.57 0.84 24.25
C GLY A 1012 -35.91 -0.58 23.88
N LYS A 1013 -36.68 -1.21 24.77
CA LYS A 1013 -37.19 -2.57 24.57
C LYS A 1013 -38.64 -2.57 25.07
N GLY A 1014 -39.57 -2.32 24.15
CA GLY A 1014 -40.96 -2.19 24.51
C GLY A 1014 -41.59 -0.96 23.91
N TYR A 1015 -42.57 -0.38 24.58
CA TYR A 1015 -43.23 0.82 24.11
C TYR A 1015 -42.50 2.04 24.67
N HIS A 1016 -42.00 2.88 23.78
CA HIS A 1016 -41.13 3.98 24.19
C HIS A 1016 -41.91 5.10 24.88
N LEU A 1017 -41.34 5.63 25.95
CA LEU A 1017 -41.95 6.73 26.69
C LEU A 1017 -41.09 7.99 26.69
N MET A 1018 -39.83 7.90 27.09
CA MET A 1018 -38.92 9.04 27.12
C MET A 1018 -37.53 8.58 26.70
N SER A 1019 -36.58 9.51 26.78
CA SER A 1019 -35.16 9.24 26.58
C SER A 1019 -34.39 10.46 27.06
N PHE A 1020 -33.29 10.21 27.76
CA PHE A 1020 -32.41 11.28 28.23
C PHE A 1020 -30.99 11.04 27.75
N PRO A 1021 -30.29 12.09 27.33
CA PRO A 1021 -28.87 11.94 26.97
C PRO A 1021 -27.95 12.27 28.12
N GLN A 1022 -26.82 11.57 28.17
CA GLN A 1022 -25.72 11.86 29.07
C GLN A 1022 -24.42 11.80 28.29
N SER A 1023 -23.46 12.60 28.70
CA SER A 1023 -22.18 12.65 28.01
C SER A 1023 -21.26 11.53 28.47
N ALA A 1024 -20.22 11.28 27.69
CA ALA A 1024 -19.19 10.32 28.02
C ALA A 1024 -17.94 10.69 27.24
N PRO A 1025 -16.74 10.30 27.71
CA PRO A 1025 -15.52 10.59 26.95
C PRO A 1025 -15.52 9.93 25.59
N HIS A 1026 -15.61 10.78 24.55
CA HIS A 1026 -15.79 10.37 23.16
C HIS A 1026 -17.03 9.50 22.98
N GLY A 1027 -18.13 9.86 23.65
CA GLY A 1027 -19.32 9.05 23.48
C GLY A 1027 -20.54 9.66 24.13
N VAL A 1028 -21.68 9.02 23.87
CA VAL A 1028 -22.96 9.42 24.43
C VAL A 1028 -23.62 8.18 25.04
N VAL A 1029 -24.42 8.41 26.08
CA VAL A 1029 -25.15 7.34 26.77
C VAL A 1029 -26.60 7.77 26.88
N PHE A 1030 -27.49 7.00 26.26
CA PHE A 1030 -28.92 7.28 26.31
C PHE A 1030 -29.57 6.44 27.41
N LEU A 1031 -30.46 7.06 28.17
CA LEU A 1031 -31.30 6.37 29.13
C LEU A 1031 -32.71 6.35 28.57
N HIS A 1032 -33.17 5.18 28.13
CA HIS A 1032 -34.49 5.01 27.56
C HIS A 1032 -35.46 4.59 28.65
N VAL A 1033 -36.56 5.33 28.78
CA VAL A 1033 -37.63 5.02 29.71
C VAL A 1033 -38.70 4.26 28.94
N THR A 1034 -39.00 3.04 29.37
CA THR A 1034 -39.84 2.13 28.60
C THR A 1034 -40.92 1.53 29.51
N TYR A 1035 -42.05 1.19 28.89
CA TYR A 1035 -43.23 0.67 29.57
C TYR A 1035 -43.38 -0.80 29.18
N VAL A 1036 -43.44 -1.69 30.15
CA VAL A 1036 -43.57 -3.12 29.87
C VAL A 1036 -44.69 -3.74 30.69
N PRO A 1037 -45.62 -4.46 30.08
CA PRO A 1037 -46.68 -5.12 30.86
C PRO A 1037 -46.21 -6.45 31.43
N SER A 1038 -46.70 -6.76 32.63
CA SER A 1038 -46.12 -7.85 33.42
C SER A 1038 -47.07 -9.02 33.66
N GLN A 1039 -48.23 -8.79 34.28
CA GLN A 1039 -49.06 -9.88 34.80
C GLN A 1039 -50.23 -10.14 33.88
N GLU A 1040 -50.26 -11.33 33.27
CA GLU A 1040 -51.27 -11.69 32.28
C GLU A 1040 -52.40 -12.48 32.91
N ARG A 1041 -53.41 -12.77 32.09
CA ARG A 1041 -54.58 -13.53 32.52
C ARG A 1041 -55.31 -14.05 31.29
N ASN A 1042 -55.76 -15.30 31.37
CA ASN A 1042 -56.53 -15.90 30.27
C ASN A 1042 -57.94 -15.32 30.23
N PHE A 1043 -58.48 -15.20 29.02
CA PHE A 1043 -59.83 -14.74 28.81
C PHE A 1043 -60.40 -15.37 27.55
N THR A 1044 -61.71 -15.40 27.46
CA THR A 1044 -62.40 -15.87 26.27
C THR A 1044 -62.96 -14.67 25.51
N THR A 1045 -62.70 -14.63 24.22
CA THR A 1045 -63.02 -13.47 23.38
C THR A 1045 -64.03 -13.85 22.31
N ALA A 1046 -64.37 -12.86 21.48
CA ALA A 1046 -65.28 -13.04 20.37
C ALA A 1046 -64.93 -11.99 19.33
N PRO A 1047 -64.97 -12.34 18.03
CA PRO A 1047 -64.66 -11.34 17.01
C PRO A 1047 -65.67 -10.22 16.92
N ALA A 1048 -66.95 -10.50 17.15
CA ALA A 1048 -68.00 -9.48 17.09
C ALA A 1048 -69.19 -9.98 17.88
N ILE A 1049 -70.19 -9.09 18.01
CA ILE A 1049 -71.43 -9.37 18.73
C ILE A 1049 -72.57 -8.84 17.89
N CYS A 1050 -73.61 -9.64 17.68
CA CYS A 1050 -74.80 -9.16 16.98
C CYS A 1050 -76.00 -9.26 17.89
N HIS A 1051 -76.75 -8.16 17.99
CA HIS A 1051 -77.83 -7.99 18.95
C HIS A 1051 -79.19 -8.29 18.34
N GLU A 1052 -79.53 -7.60 17.26
CA GLU A 1052 -80.82 -7.78 16.57
C GLU A 1052 -80.58 -7.98 15.08
N GLY A 1053 -79.64 -8.86 14.75
CA GLY A 1053 -79.31 -9.13 13.37
C GLY A 1053 -78.31 -8.19 12.74
N LYS A 1054 -77.67 -7.32 13.52
CA LYS A 1054 -76.65 -6.41 13.02
C LYS A 1054 -75.38 -6.59 13.83
N ALA A 1055 -74.25 -6.76 13.15
CA ALA A 1055 -73.00 -7.00 13.86
C ALA A 1055 -72.49 -5.72 14.51
N TYR A 1056 -71.98 -5.84 15.73
CA TYR A 1056 -71.44 -4.71 16.47
C TYR A 1056 -69.95 -4.95 16.68
N PHE A 1057 -69.12 -4.22 15.94
CA PHE A 1057 -67.69 -4.40 16.12
C PHE A 1057 -67.17 -3.35 17.10
N PRO A 1058 -66.16 -3.68 17.92
CA PRO A 1058 -65.66 -2.70 18.89
C PRO A 1058 -64.86 -1.61 18.20
N ARG A 1059 -65.01 -0.38 18.69
CA ARG A 1059 -64.25 0.73 18.15
C ARG A 1059 -62.78 0.63 18.55
N GLU A 1060 -62.52 0.66 19.85
CA GLU A 1060 -61.18 0.47 20.40
C GLU A 1060 -61.25 -0.53 21.53
N GLY A 1061 -60.44 -1.59 21.45
CA GLY A 1061 -60.45 -2.65 22.43
C GLY A 1061 -61.03 -3.93 21.88
N VAL A 1062 -61.09 -4.93 22.75
CA VAL A 1062 -61.57 -6.26 22.37
C VAL A 1062 -62.66 -6.69 23.33
N PHE A 1063 -63.53 -7.58 22.86
CA PHE A 1063 -64.56 -8.17 23.68
C PHE A 1063 -63.96 -9.30 24.51
N VAL A 1064 -64.20 -9.26 25.82
CA VAL A 1064 -63.55 -10.15 26.77
C VAL A 1064 -64.59 -10.59 27.79
N SER A 1065 -64.66 -11.90 28.05
CA SER A 1065 -65.60 -12.45 29.03
C SER A 1065 -64.83 -12.91 30.26
N ASN A 1066 -65.29 -12.47 31.44
CA ASN A 1066 -64.70 -12.90 32.70
C ASN A 1066 -65.24 -14.23 33.19
N GLY A 1067 -66.22 -14.80 32.51
CA GLY A 1067 -66.77 -16.09 32.89
C GLY A 1067 -68.28 -16.12 32.88
N SER A 1068 -68.90 -15.00 33.18
CA SER A 1068 -70.37 -14.88 33.17
C SER A 1068 -70.86 -13.67 32.41
N PHE A 1069 -70.12 -12.56 32.43
CA PHE A 1069 -70.49 -11.33 31.76
C PHE A 1069 -69.54 -11.06 30.60
N TRP A 1070 -69.98 -10.23 29.68
CA TRP A 1070 -69.19 -9.85 28.51
C TRP A 1070 -68.89 -8.36 28.58
N PHE A 1071 -67.61 -8.02 28.57
CA PHE A 1071 -67.12 -6.65 28.66
C PHE A 1071 -66.31 -6.30 27.42
N ILE A 1072 -65.93 -5.04 27.30
CA ILE A 1072 -65.04 -4.57 26.25
C ILE A 1072 -63.88 -3.83 26.92
N THR A 1073 -62.66 -4.29 26.69
CA THR A 1073 -61.48 -3.70 27.32
C THR A 1073 -60.53 -3.15 26.26
N GLN A 1074 -59.41 -2.64 26.73
CA GLN A 1074 -58.30 -2.23 25.86
C GLN A 1074 -57.29 -3.36 25.75
N ARG A 1075 -56.42 -3.24 24.76
CA ARG A 1075 -55.51 -4.34 24.44
C ARG A 1075 -54.35 -4.45 25.42
N ASN A 1076 -53.83 -3.31 25.90
CA ASN A 1076 -52.61 -3.29 26.69
C ASN A 1076 -52.86 -3.16 28.19
N PHE A 1077 -54.12 -3.20 28.63
CA PHE A 1077 -54.43 -3.11 30.05
C PHE A 1077 -55.81 -3.70 30.26
N TYR A 1078 -56.09 -4.07 31.50
CA TYR A 1078 -57.37 -4.67 31.86
C TYR A 1078 -58.22 -3.62 32.58
N SER A 1079 -59.05 -2.92 31.82
CA SER A 1079 -60.03 -1.97 32.35
C SER A 1079 -61.37 -2.28 31.70
N PRO A 1080 -62.15 -3.19 32.30
CA PRO A 1080 -63.42 -3.59 31.67
C PRO A 1080 -64.46 -2.49 31.71
N GLN A 1081 -65.23 -2.38 30.63
CA GLN A 1081 -66.30 -1.42 30.51
C GLN A 1081 -67.55 -2.12 29.98
N ILE A 1082 -68.72 -1.55 30.28
CA ILE A 1082 -69.97 -2.11 29.82
C ILE A 1082 -70.10 -1.87 28.32
N ILE A 1083 -70.60 -2.87 27.60
CA ILE A 1083 -70.77 -2.78 26.15
C ILE A 1083 -71.98 -1.90 25.87
N THR A 1084 -71.75 -0.71 25.33
CA THR A 1084 -72.80 0.22 24.95
C THR A 1084 -72.71 0.47 23.44
N THR A 1085 -73.53 1.40 22.96
CA THR A 1085 -73.49 1.77 21.56
C THR A 1085 -72.57 2.95 21.28
N ASP A 1086 -71.94 3.51 22.32
CA ASP A 1086 -71.01 4.61 22.15
C ASP A 1086 -69.57 4.15 21.95
N ASN A 1087 -69.28 2.86 22.14
CA ASN A 1087 -67.96 2.30 21.90
C ASN A 1087 -67.97 1.17 20.88
N THR A 1088 -69.11 0.94 20.21
CA THR A 1088 -69.22 -0.06 19.17
C THR A 1088 -69.82 0.58 17.92
N PHE A 1089 -69.45 0.07 16.76
CA PHE A 1089 -70.02 0.52 15.50
C PHE A 1089 -70.69 -0.65 14.77
N VAL A 1090 -71.81 -0.37 14.13
CA VAL A 1090 -72.71 -1.40 13.62
C VAL A 1090 -72.47 -1.58 12.12
N ALA A 1091 -72.27 -2.83 11.71
CA ALA A 1091 -72.12 -3.18 10.31
C ALA A 1091 -72.53 -4.64 10.12
N GLY A 1092 -72.71 -5.01 8.86
CA GLY A 1092 -72.98 -6.40 8.50
C GLY A 1092 -74.38 -6.87 8.90
N SER A 1093 -74.52 -8.19 8.95
CA SER A 1093 -75.77 -8.83 9.34
C SER A 1093 -75.57 -10.02 10.27
N CYS A 1094 -74.35 -10.30 10.70
CA CYS A 1094 -73.94 -11.38 11.60
C CYS A 1094 -74.31 -12.77 11.09
N ASP A 1095 -74.61 -12.92 9.81
CA ASP A 1095 -74.73 -14.22 9.16
C ASP A 1095 -73.46 -14.62 8.43
N VAL A 1096 -72.45 -13.75 8.42
CA VAL A 1096 -71.23 -13.96 7.65
C VAL A 1096 -70.02 -14.14 8.55
N VAL A 1097 -69.96 -13.42 9.68
CA VAL A 1097 -68.81 -13.46 10.56
C VAL A 1097 -68.73 -14.82 11.25
N ILE A 1098 -67.53 -15.38 11.30
CA ILE A 1098 -67.29 -16.68 11.91
C ILE A 1098 -66.98 -16.49 13.39
N GLY A 1099 -67.72 -17.19 14.24
CA GLY A 1099 -67.48 -17.13 15.67
C GLY A 1099 -68.21 -16.04 16.41
N ILE A 1100 -69.27 -15.48 15.83
CA ILE A 1100 -69.99 -14.39 16.47
C ILE A 1100 -70.94 -14.97 17.52
N ILE A 1101 -71.12 -14.24 18.61
CA ILE A 1101 -71.90 -14.70 19.76
C ILE A 1101 -73.16 -13.83 19.90
N ASN A 1102 -74.04 -14.25 20.80
CA ASN A 1102 -75.25 -13.51 21.12
C ASN A 1102 -75.06 -12.77 22.44
N ASN A 1103 -75.33 -11.47 22.43
CA ASN A 1103 -75.25 -10.66 23.64
C ASN A 1103 -76.11 -9.42 23.47
N THR A 1104 -76.39 -8.76 24.58
CA THR A 1104 -77.18 -7.53 24.59
C THR A 1104 -76.26 -6.32 24.73
N VAL A 1105 -76.67 -5.22 24.09
CA VAL A 1105 -75.89 -3.99 24.06
C VAL A 1105 -76.72 -2.90 24.72
N TYR A 1106 -76.14 -2.26 25.74
CA TYR A 1106 -76.87 -1.25 26.50
C TYR A 1106 -77.09 0.00 25.67
N ASP A 1107 -78.27 0.60 25.83
CA ASP A 1107 -78.63 1.84 25.14
C ASP A 1107 -78.66 2.97 26.15
N PRO A 1108 -77.82 4.00 26.00
CA PRO A 1108 -77.78 5.07 27.00
C PRO A 1108 -79.03 5.94 27.05
N LEU A 1109 -79.85 5.94 26.00
CA LEU A 1109 -81.08 6.74 25.97
C LEU A 1109 -82.22 5.86 26.47
N GLN A 1110 -82.77 6.21 27.63
CA GLN A 1110 -83.88 5.46 28.23
C GLN A 1110 -84.72 6.38 29.09
N PRO A 1111 -85.63 7.15 28.49
CA PRO A 1111 -86.57 7.94 29.29
C PRO A 1111 -87.78 7.09 29.66
N GLU A 1112 -88.28 7.31 30.88
CA GLU A 1112 -89.37 6.52 31.43
C GLU A 1112 -90.45 7.42 32.00
N LEU A 1113 -91.71 7.03 31.77
CA LEU A 1113 -92.90 7.73 32.27
C LEU A 1113 -92.93 9.19 31.82
N ASP A 1114 -92.70 9.39 30.52
CA ASP A 1114 -92.72 10.72 29.93
C ASP A 1114 -94.12 11.32 29.90
N LEU B 30 32.15 51.29 10.38
CA LEU B 30 31.51 50.36 9.45
C LEU B 30 30.02 50.22 9.76
N THR B 31 29.22 51.14 9.22
CA THR B 31 27.78 51.10 9.43
C THR B 31 27.17 49.93 8.67
N GLN B 32 26.04 49.43 9.20
CA GLN B 32 25.36 48.29 8.63
C GLN B 32 24.00 48.71 8.09
N VAL B 33 23.66 48.19 6.91
CA VAL B 33 22.41 48.50 6.22
C VAL B 33 21.58 47.23 6.15
N SER B 34 20.30 47.35 6.48
CA SER B 34 19.39 46.22 6.33
C SER B 34 19.17 45.90 4.86
N SER B 35 19.19 44.62 4.53
CA SER B 35 19.00 44.18 3.15
C SER B 35 17.51 44.05 2.86
N SER B 36 17.18 43.42 1.74
CA SER B 36 15.81 43.18 1.31
C SER B 36 15.80 41.82 0.61
N ARG B 37 14.75 41.57 -0.17
CA ARG B 37 14.67 40.32 -0.92
C ARG B 37 15.64 40.34 -2.09
N ARG B 38 16.94 40.32 -1.80
CA ARG B 38 17.99 40.48 -2.80
C ARG B 38 18.86 39.22 -2.83
N GLY B 39 19.64 39.11 -3.90
CA GLY B 39 20.59 38.02 -4.04
C GLY B 39 19.95 36.68 -4.36
N VAL B 40 19.18 36.64 -5.43
CA VAL B 40 18.56 35.41 -5.92
C VAL B 40 19.15 35.13 -7.30
N TYR B 41 19.67 33.92 -7.49
CA TYR B 41 20.35 33.58 -8.73
C TYR B 41 19.88 32.19 -9.18
N TYR B 42 20.57 31.63 -10.16
CA TYR B 42 20.27 30.31 -10.69
C TYR B 42 21.34 29.35 -10.16
N ASN B 43 20.99 28.59 -9.14
CA ASN B 43 21.91 27.60 -8.59
C ASN B 43 22.03 26.35 -9.45
N ASP B 44 21.09 26.13 -10.37
CA ASP B 44 21.11 24.98 -11.26
C ASP B 44 20.99 25.46 -12.70
N ASP B 45 21.72 24.80 -13.60
CA ASP B 45 21.79 25.20 -14.99
C ASP B 45 20.71 24.57 -15.86
N ILE B 46 19.87 23.70 -15.31
CA ILE B 46 18.84 23.05 -16.10
C ILE B 46 17.68 24.01 -16.34
N PHE B 47 16.88 23.70 -17.34
CA PHE B 47 15.78 24.56 -17.78
C PHE B 47 14.47 24.10 -17.16
N ARG B 48 13.76 25.04 -16.54
CA ARG B 48 12.45 24.78 -15.97
C ARG B 48 11.45 25.83 -16.43
N SER B 49 10.20 25.42 -16.58
CA SER B 49 9.13 26.32 -16.99
C SER B 49 7.85 25.95 -16.28
N ASP B 50 7.22 26.94 -15.64
CA ASP B 50 5.94 26.81 -14.94
C ASP B 50 6.00 25.73 -13.85
N VAL B 51 6.94 25.93 -12.92
CA VAL B 51 7.19 24.97 -11.85
C VAL B 51 7.34 25.71 -10.52
N LEU B 52 7.19 24.97 -9.43
CA LEU B 52 7.33 25.50 -8.08
C LEU B 52 8.46 24.78 -7.35
N HIS B 53 9.61 24.67 -8.02
CA HIS B 53 10.70 23.81 -7.57
C HIS B 53 11.30 24.29 -6.25
N LEU B 54 11.64 23.33 -5.39
CA LEU B 54 12.25 23.59 -4.10
C LEU B 54 13.77 23.40 -4.20
N THR B 55 14.52 24.40 -3.76
CA THR B 55 15.97 24.37 -3.80
C THR B 55 16.53 24.28 -2.40
N GLN B 56 17.67 23.60 -2.27
CA GLN B 56 18.42 23.51 -1.02
C GLN B 56 19.88 23.77 -1.37
N ASP B 57 20.27 25.04 -1.32
CA ASP B 57 21.62 25.45 -1.71
C ASP B 57 22.00 26.64 -0.84
N TYR B 58 23.05 27.35 -1.24
CA TYR B 58 23.53 28.51 -0.50
C TYR B 58 22.93 29.77 -1.11
N PHE B 59 22.20 30.53 -0.29
CA PHE B 59 21.54 31.75 -0.72
C PHE B 59 21.86 32.87 0.26
N LEU B 60 21.60 34.09 -0.17
CA LEU B 60 21.64 35.22 0.77
C LEU B 60 20.30 35.29 1.50
N PRO B 61 20.31 35.28 2.83
CA PRO B 61 19.05 35.28 3.58
C PRO B 61 18.29 36.59 3.42
N PHE B 62 16.97 36.50 3.46
CA PHE B 62 16.12 37.67 3.29
C PHE B 62 16.21 38.58 4.51
N HIS B 63 16.21 39.89 4.25
CA HIS B 63 16.25 40.94 5.28
C HIS B 63 17.46 40.79 6.19
N SER B 64 18.60 40.44 5.60
CA SER B 64 19.84 40.31 6.36
C SER B 64 20.48 41.68 6.57
N ASN B 65 21.65 41.69 7.18
CA ASN B 65 22.38 42.92 7.48
C ASN B 65 23.69 42.91 6.73
N LEU B 66 23.85 43.83 5.78
CA LEU B 66 25.08 43.99 5.00
C LEU B 66 25.91 45.11 5.60
N THR B 67 27.20 45.10 5.26
CA THR B 67 28.10 46.17 5.68
C THR B 67 28.20 47.23 4.60
N GLN B 68 28.39 48.47 5.03
CA GLN B 68 28.45 49.62 4.13
C GLN B 68 29.87 50.17 4.10
N TYR B 69 30.46 50.24 2.91
CA TYR B 69 31.79 50.79 2.72
C TYR B 69 31.71 52.02 1.85
N PHE B 70 32.32 53.11 2.29
CA PHE B 70 32.28 54.38 1.58
C PHE B 70 33.58 54.63 0.84
N SER B 71 33.54 55.59 -0.09
CA SER B 71 34.72 56.05 -0.82
C SER B 71 34.70 57.57 -0.91
N LEU B 72 34.29 58.24 0.15
CA LEU B 72 34.15 59.68 0.13
C LEU B 72 35.52 60.36 0.17
N ASN B 73 35.52 61.65 -0.20
CA ASN B 73 36.74 62.44 -0.24
C ASN B 73 36.78 63.56 0.79
N ILE B 74 35.63 63.96 1.33
CA ILE B 74 35.47 65.05 2.29
C ILE B 74 36.05 66.37 1.76
N TYR B 81 36.72 57.47 4.14
CA TYR B 81 37.55 57.78 2.98
C TYR B 81 37.71 56.54 2.12
N PHE B 82 38.95 56.23 1.74
CA PHE B 82 39.21 55.03 0.95
C PHE B 82 38.99 53.78 1.78
N ASP B 83 38.35 52.78 1.19
CA ASP B 83 37.98 51.58 1.93
C ASP B 83 37.92 50.40 0.97
N ASN B 84 38.92 49.52 1.07
CA ASN B 84 38.92 48.25 0.33
C ASN B 84 39.73 47.22 1.11
N PRO B 85 39.19 46.68 2.20
CA PRO B 85 39.93 45.73 3.01
C PRO B 85 39.76 44.30 2.50
N ILE B 86 40.55 43.40 3.08
CA ILE B 86 40.47 41.98 2.73
C ILE B 86 39.19 41.42 3.32
N LEU B 87 38.20 41.17 2.46
CA LEU B 87 36.92 40.65 2.91
C LEU B 87 36.99 39.13 3.06
N LYS B 88 35.86 38.52 3.38
CA LYS B 88 35.78 37.08 3.62
C LYS B 88 34.91 36.45 2.54
N PHE B 89 35.52 35.63 1.69
CA PHE B 89 34.80 34.88 0.67
C PHE B 89 34.37 33.55 1.28
N GLY B 90 33.33 33.61 2.11
CA GLY B 90 32.82 32.40 2.72
C GLY B 90 31.69 31.78 1.93
N ASP B 91 32.05 30.82 1.08
CA ASP B 91 31.11 30.09 0.21
C ASP B 91 30.28 31.05 -0.65
N GLY B 92 30.92 32.09 -1.17
CA GLY B 92 30.24 33.03 -2.01
C GLY B 92 29.92 34.33 -1.29
N VAL B 93 29.84 35.41 -2.06
CA VAL B 93 29.52 36.74 -1.53
C VAL B 93 28.49 37.39 -2.44
N TYR B 94 27.81 38.39 -1.88
CA TYR B 94 26.87 39.23 -2.63
C TYR B 94 27.46 40.63 -2.69
N PHE B 95 27.91 41.04 -3.88
CA PHE B 95 28.55 42.33 -4.09
C PHE B 95 27.57 43.24 -4.81
N ALA B 96 27.21 44.35 -4.17
CA ALA B 96 26.28 45.32 -4.73
C ALA B 96 26.89 46.71 -4.60
N ALA B 97 27.31 47.28 -5.73
CA ALA B 97 28.01 48.55 -5.76
C ALA B 97 27.16 49.61 -6.42
N THR B 98 26.96 50.72 -5.73
CA THR B 98 26.30 51.90 -6.28
C THR B 98 27.37 52.90 -6.70
N GLU B 99 27.40 53.24 -7.97
CA GLU B 99 28.45 54.09 -8.52
C GLU B 99 27.84 55.10 -9.49
N LYS B 100 28.61 56.14 -9.78
CA LYS B 100 28.20 57.17 -10.72
C LYS B 100 29.19 57.43 -11.83
N SER B 101 30.45 57.01 -11.71
CA SER B 101 31.46 57.27 -12.73
C SER B 101 32.36 56.06 -12.93
N ASN B 102 31.82 54.86 -12.73
CA ASN B 102 32.56 53.59 -12.86
C ASN B 102 33.80 53.56 -11.97
N VAL B 103 33.61 53.95 -10.70
CA VAL B 103 34.71 53.88 -9.74
C VAL B 103 35.08 52.43 -9.46
N ILE B 104 34.09 51.54 -9.42
CA ILE B 104 34.32 50.12 -9.22
C ILE B 104 34.58 49.48 -10.57
N ARG B 105 35.75 48.85 -10.72
CA ARG B 105 36.14 48.20 -11.97
C ARG B 105 36.08 46.69 -11.91
N GLY B 106 36.56 46.09 -10.84
CA GLY B 106 36.63 44.64 -10.77
C GLY B 106 37.07 44.17 -9.41
N TRP B 107 37.50 42.91 -9.34
CA TRP B 107 37.81 42.25 -8.09
C TRP B 107 39.11 41.46 -8.23
N VAL B 108 39.76 41.24 -7.09
CA VAL B 108 40.95 40.41 -7.00
C VAL B 108 40.65 39.30 -6.01
N PHE B 109 40.67 38.07 -6.48
CA PHE B 109 40.38 36.92 -5.65
C PHE B 109 41.68 36.31 -5.14
N GLY B 110 41.61 35.17 -4.47
CA GLY B 110 42.77 34.49 -3.96
C GLY B 110 42.47 33.89 -2.61
N SER B 111 43.54 33.45 -1.93
CA SER B 111 43.42 32.86 -0.61
C SER B 111 44.15 33.67 0.45
N THR B 112 45.43 34.00 0.23
CA THR B 112 46.22 34.73 1.20
C THR B 112 46.79 36.04 0.67
N PHE B 113 46.70 36.31 -0.63
CA PHE B 113 47.19 37.54 -1.26
C PHE B 113 48.69 37.75 -1.01
N ASP B 114 49.48 36.80 -1.48
CA ASP B 114 50.93 36.84 -1.28
C ASP B 114 51.61 36.17 -2.46
N ASN B 115 52.90 35.86 -2.28
CA ASN B 115 53.71 35.25 -3.32
C ASN B 115 53.48 33.75 -3.45
N THR B 116 52.85 33.11 -2.47
CA THR B 116 52.78 31.66 -2.39
C THR B 116 51.40 31.11 -2.73
N THR B 117 50.48 31.94 -3.22
CA THR B 117 49.16 31.46 -3.58
C THR B 117 48.69 32.17 -4.85
N GLN B 118 47.99 31.42 -5.71
CA GLN B 118 47.53 31.94 -6.97
C GLN B 118 46.33 32.88 -6.77
N SER B 119 46.29 33.95 -7.56
CA SER B 119 45.19 34.89 -7.54
C SER B 119 44.46 34.85 -8.88
N ALA B 120 43.17 35.14 -8.85
CA ALA B 120 42.25 34.90 -9.96
C ALA B 120 41.49 36.17 -10.30
N ILE B 121 42.23 37.26 -10.54
CA ILE B 121 41.63 38.58 -10.69
C ILE B 121 40.70 38.66 -11.89
N ILE B 122 39.65 39.47 -11.75
CA ILE B 122 38.74 39.82 -12.84
C ILE B 122 38.64 41.34 -12.86
N VAL B 123 39.09 41.96 -13.95
CA VAL B 123 39.19 43.41 -14.03
C VAL B 123 39.19 43.81 -15.49
N ASN B 124 38.92 45.09 -15.76
CA ASN B 124 38.99 45.64 -17.10
C ASN B 124 40.00 46.77 -17.14
N ASN B 125 40.72 46.88 -18.25
CA ASN B 125 41.71 47.91 -18.47
C ASN B 125 41.10 49.19 -19.06
N SER B 126 39.79 49.38 -18.87
CA SER B 126 38.90 50.35 -19.50
C SER B 126 38.68 50.10 -20.98
N THR B 127 39.24 49.04 -21.56
CA THR B 127 38.92 48.67 -22.93
C THR B 127 38.56 47.19 -23.06
N HIS B 128 39.25 46.30 -22.36
CA HIS B 128 39.01 44.86 -22.43
C HIS B 128 38.97 44.27 -21.04
N ILE B 129 38.12 43.26 -20.86
CA ILE B 129 38.05 42.52 -19.61
C ILE B 129 39.08 41.40 -19.65
N ILE B 130 39.94 41.36 -18.66
CA ILE B 130 41.01 40.37 -18.58
C ILE B 130 40.73 39.44 -17.41
N ILE B 131 40.85 38.14 -17.65
CA ILE B 131 40.65 37.12 -16.63
C ILE B 131 41.92 36.27 -16.61
N ARG B 132 42.77 36.49 -15.60
CA ARG B 132 44.03 35.76 -15.47
C ARG B 132 44.08 35.08 -14.12
N VAL B 133 44.60 33.85 -14.10
CA VAL B 133 44.83 33.11 -12.86
C VAL B 133 46.32 32.80 -12.84
N CYS B 134 47.10 33.69 -12.22
CA CYS B 134 48.55 33.56 -12.23
C CYS B 134 49.08 33.57 -10.81
N TYR B 135 50.40 33.61 -10.64
CA TYR B 135 51.01 33.96 -9.36
C TYR B 135 51.28 35.46 -9.38
N PHE B 136 50.58 36.20 -8.53
CA PHE B 136 50.61 37.65 -8.56
C PHE B 136 51.38 38.21 -7.38
N ASN B 137 51.75 39.48 -7.51
CA ASN B 137 52.38 40.26 -6.45
C ASN B 137 51.53 41.51 -6.27
N LEU B 138 50.51 41.43 -5.44
CA LEU B 138 49.58 42.54 -5.24
C LEU B 138 50.15 43.52 -4.22
N CYS B 139 49.99 44.81 -4.51
CA CYS B 139 50.50 45.85 -3.63
C CYS B 139 49.52 46.07 -2.49
N LYS B 140 49.75 47.12 -1.69
CA LYS B 140 48.88 47.40 -0.56
C LYS B 140 47.49 47.87 -1.02
N ASP B 141 47.43 48.64 -2.09
CA ASP B 141 46.17 49.18 -2.60
C ASP B 141 46.07 48.95 -4.10
N PRO B 142 45.27 47.98 -4.55
CA PRO B 142 45.07 47.74 -6.00
C PRO B 142 44.18 48.82 -6.63
N MET B 143 44.80 49.94 -6.98
CA MET B 143 44.10 51.10 -7.47
C MET B 143 44.37 51.33 -8.95
N TYR B 144 43.45 52.05 -9.60
CA TYR B 144 43.68 52.66 -10.89
C TYR B 144 43.86 54.16 -10.69
N THR B 145 44.19 54.86 -11.76
CA THR B 145 44.25 56.32 -11.71
C THR B 145 43.86 56.88 -13.07
N VAL B 146 43.32 58.10 -13.03
CA VAL B 146 42.92 58.84 -14.22
C VAL B 146 43.36 60.29 -14.04
N SER B 147 43.91 60.87 -15.09
CA SER B 147 44.30 62.27 -15.10
C SER B 147 43.42 63.01 -16.10
N ALA B 148 42.59 63.93 -15.59
CA ALA B 148 41.56 64.63 -16.35
C ALA B 148 40.67 63.64 -17.11
N GLY B 149 40.80 63.62 -18.43
CA GLY B 149 40.07 62.68 -19.26
C GLY B 149 40.88 61.50 -19.75
N THR B 150 42.10 61.32 -19.25
CA THR B 150 42.99 60.25 -19.70
C THR B 150 43.24 59.28 -18.56
N GLN B 151 43.31 57.99 -18.90
CA GLN B 151 43.62 56.94 -17.94
C GLN B 151 45.04 56.44 -18.20
N VAL B 152 45.88 56.51 -17.18
CA VAL B 152 47.25 56.01 -17.26
C VAL B 152 47.43 54.97 -16.17
N SER B 153 48.25 53.94 -16.46
CA SER B 153 48.72 52.91 -15.53
C SER B 153 47.63 51.93 -15.13
N SER B 154 48.02 50.67 -14.93
CA SER B 154 47.09 49.70 -14.35
C SER B 154 47.17 49.67 -12.84
N TRP B 155 48.37 49.45 -12.29
CA TRP B 155 48.66 49.44 -10.85
C TRP B 155 47.79 48.45 -10.09
N VAL B 156 47.46 47.33 -10.73
CA VAL B 156 46.76 46.22 -10.09
C VAL B 156 47.67 45.03 -9.87
N TYR B 157 48.88 45.06 -10.43
CA TYR B 157 49.84 43.97 -10.28
C TYR B 157 51.23 44.54 -9.96
N GLN B 158 52.22 43.66 -9.79
CA GLN B 158 53.61 44.09 -9.82
C GLN B 158 54.38 43.18 -10.77
N SER B 159 53.97 41.92 -10.84
CA SER B 159 54.62 40.92 -11.67
C SER B 159 53.68 39.74 -11.81
N ALA B 160 54.03 38.84 -12.74
CA ALA B 160 53.24 37.63 -12.96
C ALA B 160 54.17 36.53 -13.47
N PHE B 161 53.96 35.32 -12.96
CA PHE B 161 54.76 34.17 -13.36
C PHE B 161 53.96 32.90 -13.11
N ASN B 162 54.28 31.86 -13.88
CA ASN B 162 53.66 30.53 -13.77
C ASN B 162 52.13 30.60 -13.89
N CYS B 163 51.65 31.38 -14.84
CA CYS B 163 50.22 31.56 -15.03
C CYS B 163 49.62 30.35 -15.75
N THR B 164 48.41 29.96 -15.33
CA THR B 164 47.76 28.78 -15.87
C THR B 164 46.48 29.06 -16.63
N TYR B 165 46.00 30.31 -16.66
CA TYR B 165 44.74 30.63 -17.33
C TYR B 165 44.75 32.10 -17.71
N ASP B 166 44.31 32.40 -18.94
CA ASP B 166 44.32 33.77 -19.43
C ASP B 166 43.38 33.86 -20.62
N ARG B 167 42.53 34.89 -20.63
CA ARG B 167 41.64 35.15 -21.75
C ARG B 167 41.29 36.63 -21.78
N VAL B 168 41.54 37.27 -22.91
CA VAL B 168 41.25 38.69 -23.11
C VAL B 168 40.20 38.82 -24.20
N GLU B 169 39.15 39.59 -23.92
CA GLU B 169 38.02 39.74 -24.83
C GLU B 169 38.05 41.13 -25.47
N LYS B 170 37.00 41.43 -26.25
CA LYS B 170 36.87 42.70 -26.96
C LYS B 170 35.42 43.18 -26.86
N SER B 171 34.85 43.13 -25.66
CA SER B 171 33.41 43.32 -25.50
C SER B 171 33.02 44.77 -25.24
N PHE B 172 33.51 45.35 -24.14
CA PHE B 172 32.96 46.61 -23.66
C PHE B 172 33.62 47.81 -24.34
N GLN B 173 32.83 48.86 -24.52
CA GLN B 173 33.33 50.14 -25.00
C GLN B 173 34.04 50.86 -23.85
N LEU B 174 34.89 51.83 -24.21
CA LEU B 174 35.67 52.55 -23.22
C LEU B 174 34.79 53.34 -22.26
N ASP B 175 35.12 53.28 -20.98
CA ASP B 175 34.32 53.90 -19.94
C ASP B 175 34.55 55.41 -19.91
N THR B 176 33.54 56.13 -19.43
CA THR B 176 33.60 57.58 -19.32
C THR B 176 34.51 57.96 -18.15
N SER B 177 35.74 58.38 -18.48
CA SER B 177 36.67 58.83 -17.45
C SER B 177 36.22 60.05 -16.65
N PRO B 178 35.62 61.11 -17.23
CA PRO B 178 35.12 62.19 -16.38
C PRO B 178 33.98 61.75 -15.47
N LYS B 179 33.84 62.43 -14.35
CA LYS B 179 32.96 62.02 -13.27
C LYS B 179 31.76 62.95 -13.16
N THR B 180 30.60 62.37 -12.89
CA THR B 180 29.34 63.10 -12.79
C THR B 180 29.10 63.54 -11.35
N GLY B 181 27.89 64.01 -11.04
CA GLY B 181 27.61 64.57 -9.74
C GLY B 181 26.61 63.80 -8.88
N ASN B 182 25.94 62.79 -9.44
CA ASN B 182 24.97 62.03 -8.68
C ASN B 182 24.94 60.59 -9.17
N PHE B 183 24.53 59.68 -8.28
CA PHE B 183 24.42 58.27 -8.62
C PHE B 183 23.31 58.04 -9.64
N THR B 184 23.53 57.12 -10.56
CA THR B 184 22.58 56.85 -11.63
C THR B 184 22.28 55.37 -11.87
N ASP B 185 23.11 54.45 -11.39
CA ASP B 185 22.88 53.04 -11.63
C ASP B 185 23.57 52.22 -10.55
N LEU B 186 23.09 50.99 -10.37
CA LEU B 186 23.72 50.06 -9.45
C LEU B 186 23.78 48.67 -10.09
N ARG B 187 24.89 47.98 -9.84
CA ARG B 187 25.13 46.65 -10.35
C ARG B 187 25.36 45.69 -9.20
N GLU B 188 24.73 44.52 -9.26
CA GLU B 188 24.86 43.49 -8.24
C GLU B 188 25.58 42.28 -8.82
N PHE B 189 26.44 41.68 -8.01
CA PHE B 189 27.25 40.54 -8.44
C PHE B 189 27.20 39.44 -7.39
N VAL B 190 27.26 38.20 -7.87
CA VAL B 190 27.32 37.01 -7.01
C VAL B 190 28.37 36.07 -7.58
N PHE B 191 29.32 35.66 -6.74
CA PHE B 191 30.38 34.74 -7.15
C PHE B 191 30.21 33.42 -6.43
N LYS B 192 30.43 32.32 -7.15
CA LYS B 192 30.38 30.99 -6.54
C LYS B 192 31.57 30.18 -7.03
N ASN B 193 32.14 29.39 -6.12
CA ASN B 193 33.27 28.51 -6.44
C ASN B 193 32.90 27.11 -5.98
N ARG B 194 32.63 26.21 -6.93
CA ARG B 194 32.16 24.88 -6.58
C ARG B 194 32.70 23.87 -7.59
N ASP B 195 33.28 22.78 -7.07
CA ASP B 195 33.75 21.64 -7.86
C ASP B 195 34.76 22.07 -8.92
N GLY B 196 35.61 23.02 -8.58
CA GLY B 196 36.61 23.52 -9.51
C GLY B 196 36.10 24.50 -10.53
N PHE B 197 34.82 24.90 -10.46
CA PHE B 197 34.23 25.81 -11.42
C PHE B 197 33.84 27.10 -10.72
N PHE B 198 34.20 28.23 -11.32
CA PHE B 198 33.91 29.56 -10.80
C PHE B 198 32.80 30.16 -11.65
N THR B 199 31.64 30.36 -11.05
CA THR B 199 30.46 30.87 -11.74
C THR B 199 30.18 32.30 -11.26
N VAL B 200 29.91 33.18 -12.22
CA VAL B 200 29.67 34.59 -11.95
C VAL B 200 28.25 34.94 -12.41
N TYR B 201 27.51 35.62 -11.54
CA TYR B 201 26.17 36.09 -11.85
C TYR B 201 26.13 37.60 -11.66
N GLN B 202 25.49 38.31 -12.57
CA GLN B 202 25.48 39.76 -12.54
C GLN B 202 24.12 40.31 -12.93
N THR B 203 23.82 41.50 -12.42
CA THR B 203 22.64 42.26 -12.84
C THR B 203 22.95 43.75 -12.73
N TYR B 204 22.18 44.54 -13.46
CA TYR B 204 22.51 45.95 -13.70
C TYR B 204 21.20 46.71 -13.85
N THR B 205 20.95 47.69 -12.97
CA THR B 205 19.70 48.43 -13.03
C THR B 205 19.92 49.91 -12.77
N PRO B 206 19.22 50.79 -13.50
CA PRO B 206 19.34 52.24 -13.27
C PRO B 206 18.36 52.74 -12.23
N VAL B 207 18.87 53.63 -11.37
CA VAL B 207 18.12 54.20 -10.26
C VAL B 207 18.41 55.69 -10.17
N ASN B 208 17.82 56.33 -9.16
CA ASN B 208 18.12 57.72 -8.80
C ASN B 208 18.17 57.75 -7.27
N LEU B 209 19.37 57.55 -6.73
CA LEU B 209 19.55 57.32 -5.31
C LEU B 209 20.35 58.43 -4.66
N LEU B 210 20.05 58.71 -3.40
CA LEU B 210 20.81 59.63 -2.57
C LEU B 210 21.25 58.86 -1.31
N ARG B 211 22.51 58.39 -1.34
CA ARG B 211 23.19 57.60 -0.31
C ARG B 211 22.31 56.55 0.36
N GLY B 212 21.53 55.81 -0.43
CA GLY B 212 20.71 54.75 0.11
C GLY B 212 20.74 53.52 -0.78
N LEU B 213 20.14 52.45 -0.26
CA LEU B 213 20.00 51.20 -0.98
C LEU B 213 18.52 50.84 -1.09
N PRO B 214 18.01 50.62 -2.29
CA PRO B 214 16.56 50.40 -2.47
C PRO B 214 16.14 49.01 -2.00
N SER B 215 14.85 48.74 -2.11
CA SER B 215 14.26 47.48 -1.69
C SER B 215 13.44 46.89 -2.83
N GLY B 216 13.50 45.58 -2.96
CA GLY B 216 12.76 44.89 -4.01
C GLY B 216 13.32 43.50 -4.21
N LEU B 217 12.82 42.83 -5.25
CA LEU B 217 13.24 41.49 -5.62
C LEU B 217 14.09 41.58 -6.88
N SER B 218 15.31 41.06 -6.81
CA SER B 218 16.25 41.12 -7.92
C SER B 218 16.77 39.73 -8.22
N VAL B 219 16.69 39.34 -9.50
CA VAL B 219 17.21 38.05 -9.93
C VAL B 219 18.51 38.29 -10.69
N LEU B 220 19.31 37.23 -10.81
CA LEU B 220 20.62 37.31 -11.44
C LEU B 220 20.72 36.24 -12.51
N LYS B 221 21.66 36.44 -13.44
CA LYS B 221 21.83 35.52 -14.55
C LYS B 221 23.30 35.17 -14.72
N PRO B 222 23.61 33.94 -15.13
CA PRO B 222 25.02 33.55 -15.29
C PRO B 222 25.60 34.01 -16.61
N ILE B 223 26.86 34.44 -16.56
CA ILE B 223 27.58 34.85 -17.76
C ILE B 223 28.90 34.09 -17.88
N LEU B 224 29.45 33.66 -16.75
CA LEU B 224 30.78 33.05 -16.72
C LEU B 224 30.76 31.77 -15.88
N LYS B 225 31.35 30.71 -16.43
CA LYS B 225 31.46 29.40 -15.80
C LYS B 225 32.89 28.88 -15.93
N LEU B 226 33.86 29.71 -15.55
CA LEU B 226 35.26 29.47 -15.84
C LEU B 226 35.81 28.29 -15.04
N PRO B 227 36.80 27.56 -15.59
CA PRO B 227 37.52 26.52 -14.82
C PRO B 227 38.77 27.03 -14.10
N PHE B 228 38.56 27.76 -13.00
CA PHE B 228 39.67 28.37 -12.28
C PHE B 228 40.57 27.33 -11.62
N GLY B 229 39.97 26.40 -10.87
CA GLY B 229 40.72 25.32 -10.28
C GLY B 229 41.54 25.65 -9.05
N ILE B 230 41.31 26.80 -8.43
CA ILE B 230 42.01 27.19 -7.22
C ILE B 230 41.00 27.24 -6.07
N ASN B 231 41.51 27.38 -4.86
CA ASN B 231 40.66 27.54 -3.69
C ASN B 231 40.66 29.01 -3.27
N ILE B 232 39.47 29.52 -2.92
CA ILE B 232 39.27 30.95 -2.67
C ILE B 232 38.61 31.10 -1.31
N THR B 233 39.20 31.95 -0.47
CA THR B 233 38.65 32.25 0.85
C THR B 233 38.61 33.74 1.17
N SER B 234 39.20 34.60 0.35
CA SER B 234 39.15 36.04 0.58
C SER B 234 39.25 36.76 -0.76
N PHE B 235 38.66 37.95 -0.82
CA PHE B 235 38.63 38.71 -2.06
C PHE B 235 38.60 40.20 -1.76
N ARG B 236 38.99 40.98 -2.76
CA ARG B 236 39.02 42.44 -2.64
C ARG B 236 38.24 43.09 -3.77
N VAL B 237 38.33 44.42 -3.87
CA VAL B 237 37.71 45.17 -4.95
C VAL B 237 38.63 46.33 -5.32
N VAL B 238 38.90 46.48 -6.61
CA VAL B 238 39.76 47.56 -7.08
C VAL B 238 38.92 48.82 -7.28
N MET B 239 39.61 49.97 -7.33
CA MET B 239 38.92 51.25 -7.47
C MET B 239 39.57 52.10 -8.55
N ALA B 240 39.14 53.35 -8.67
CA ALA B 240 39.69 54.31 -9.62
C ALA B 240 39.94 55.61 -8.88
N MET B 241 41.13 55.73 -8.30
CA MET B 241 41.50 56.91 -7.54
C MET B 241 41.88 58.06 -8.46
N PHE B 242 41.81 59.27 -7.94
CA PHE B 242 42.26 60.47 -8.63
C PHE B 242 43.36 61.13 -7.82
N SER B 243 44.48 61.43 -8.47
CA SER B 243 45.62 62.03 -7.78
C SER B 243 45.53 63.54 -7.75
N VAL B 250 42.49 62.76 -4.65
CA VAL B 250 41.35 62.37 -3.83
C VAL B 250 40.40 61.47 -4.62
N PRO B 251 40.02 60.34 -4.03
CA PRO B 251 39.10 59.43 -4.71
C PRO B 251 37.71 59.99 -4.84
N GLU B 252 37.01 59.57 -5.89
CA GLU B 252 35.64 59.99 -6.10
C GLU B 252 34.69 59.16 -5.24
N SER B 253 33.50 59.73 -5.00
CA SER B 253 32.57 59.14 -4.05
C SER B 253 31.83 57.96 -4.66
N ALA B 254 31.83 56.83 -3.95
CA ALA B 254 31.10 55.64 -4.34
C ALA B 254 30.88 54.80 -3.10
N ALA B 255 29.95 53.84 -3.20
CA ALA B 255 29.65 52.98 -2.07
C ALA B 255 29.28 51.59 -2.57
N TYR B 256 29.61 50.58 -1.77
CA TYR B 256 29.28 49.20 -2.10
C TYR B 256 28.98 48.44 -0.82
N TYR B 257 28.31 47.30 -0.97
CA TYR B 257 27.88 46.48 0.16
C TYR B 257 28.29 45.04 -0.06
N VAL B 258 28.73 44.38 1.00
CA VAL B 258 29.22 43.01 0.96
C VAL B 258 28.35 42.15 1.87
N GLY B 259 27.85 41.04 1.33
CA GLY B 259 27.09 40.09 2.11
C GLY B 259 27.77 38.74 2.19
N ASN B 260 27.03 37.70 2.58
CA ASN B 260 27.57 36.35 2.64
C ASN B 260 26.45 35.36 2.44
N LEU B 261 26.72 34.29 1.70
CA LEU B 261 25.73 33.27 1.42
C LEU B 261 25.71 32.24 2.53
N LYS B 262 24.51 31.79 2.89
CA LYS B 262 24.31 30.79 3.93
C LYS B 262 23.40 29.69 3.41
N GLN B 263 23.51 28.52 4.03
CA GLN B 263 22.68 27.38 3.65
C GLN B 263 21.23 27.65 4.03
N SER B 264 20.32 27.51 3.06
CA SER B 264 18.93 27.84 3.27
C SER B 264 18.07 27.08 2.27
N THR B 265 16.77 27.05 2.54
CA THR B 265 15.79 26.45 1.66
C THR B 265 14.93 27.55 1.04
N PHE B 266 14.86 27.56 -0.29
CA PHE B 266 14.16 28.60 -1.03
C PHE B 266 13.08 27.97 -1.90
N MET B 267 11.98 28.71 -2.07
CA MET B 267 10.92 28.33 -3.00
C MET B 267 10.87 29.36 -4.12
N LEU B 268 10.97 28.89 -5.36
CA LEU B 268 10.99 29.75 -6.53
C LEU B 268 9.85 29.39 -7.46
N SER B 269 9.13 30.40 -7.92
CA SER B 269 8.10 30.24 -8.94
C SER B 269 8.66 30.66 -10.28
N PHE B 270 8.47 29.82 -11.28
CA PHE B 270 9.06 30.03 -12.60
C PHE B 270 7.97 30.46 -13.59
N ASN B 271 8.24 31.54 -14.31
CA ASN B 271 7.39 31.97 -15.40
C ASN B 271 7.47 30.94 -16.52
N GLN B 272 6.40 30.90 -17.33
CA GLN B 272 6.30 29.96 -18.46
C GLN B 272 7.49 30.10 -19.41
N ASN B 273 8.05 31.29 -19.53
CA ASN B 273 9.19 31.58 -20.40
C ASN B 273 10.33 32.03 -19.48
N GLY B 274 11.05 31.03 -18.97
CA GLY B 274 12.46 31.13 -18.59
C GLY B 274 12.85 32.21 -17.60
N THR B 275 11.95 32.63 -16.72
CA THR B 275 12.28 33.66 -15.75
C THR B 275 11.63 33.35 -14.41
N ILE B 276 12.15 34.01 -13.37
CA ILE B 276 11.65 33.89 -12.01
C ILE B 276 10.84 35.12 -11.68
N VAL B 277 9.64 34.91 -11.15
CA VAL B 277 8.76 36.02 -10.80
C VAL B 277 8.58 36.19 -9.29
N ASP B 278 8.89 35.16 -8.48
CA ASP B 278 8.69 35.27 -7.05
C ASP B 278 9.64 34.31 -6.33
N ALA B 279 10.08 34.72 -5.15
CA ALA B 279 10.96 33.91 -4.32
C ALA B 279 10.73 34.25 -2.85
N VAL B 280 10.73 33.23 -2.01
CA VAL B 280 10.47 33.40 -0.58
C VAL B 280 11.49 32.58 0.20
N ASP B 281 12.17 33.23 1.14
CA ASP B 281 13.09 32.54 2.05
C ASP B 281 12.27 31.93 3.19
N CYS B 282 12.26 30.61 3.25
CA CYS B 282 11.44 29.89 4.23
C CYS B 282 12.20 29.60 5.51
N SER B 283 12.80 30.63 6.10
CA SER B 283 13.45 30.48 7.40
C SER B 283 13.31 31.72 8.28
N GLN B 284 12.43 32.65 7.95
CA GLN B 284 12.35 33.92 8.66
C GLN B 284 11.03 34.14 9.37
N ASP B 285 9.91 33.83 8.73
CA ASP B 285 8.60 34.12 9.29
C ASP B 285 7.74 32.87 9.27
N PRO B 286 6.75 32.77 10.17
CA PRO B 286 5.80 31.65 10.10
C PRO B 286 5.01 31.61 8.80
N LEU B 287 4.71 32.76 8.21
CA LEU B 287 4.00 32.79 6.94
C LEU B 287 4.84 32.19 5.82
N ALA B 288 6.16 32.43 5.83
CA ALA B 288 7.04 31.82 4.85
C ALA B 288 7.09 30.31 5.02
N GLU B 289 7.14 29.84 6.27
CA GLU B 289 7.13 28.40 6.54
C GLU B 289 5.82 27.77 6.08
N LEU B 290 4.70 28.46 6.29
CA LEU B 290 3.42 27.98 5.81
C LEU B 290 3.35 27.93 4.29
N LYS B 291 3.92 28.94 3.63
CA LYS B 291 3.95 28.96 2.18
C LYS B 291 4.80 27.83 1.62
N CYS B 292 5.93 27.53 2.28
CA CYS B 292 6.74 26.39 1.85
C CYS B 292 6.04 25.06 2.12
N THR B 293 5.31 24.97 3.23
CA THR B 293 4.65 23.72 3.58
C THR B 293 3.47 23.43 2.65
N THR B 294 2.68 24.45 2.32
CA THR B 294 1.52 24.23 1.46
C THR B 294 1.90 24.17 -0.01
N LYS B 295 3.10 24.61 -0.37
CA LYS B 295 3.65 24.51 -1.74
C LYS B 295 2.76 25.18 -2.78
N SER B 296 2.17 26.32 -2.43
CA SER B 296 1.22 26.95 -3.34
C SER B 296 1.31 28.45 -3.47
N PHE B 297 2.18 29.14 -2.72
CA PHE B 297 2.37 30.60 -2.74
C PHE B 297 1.11 31.38 -2.37
N ASN B 298 0.08 30.71 -1.85
CA ASN B 298 -1.22 31.32 -1.65
C ASN B 298 -2.00 30.46 -0.66
N VAL B 299 -2.49 31.06 0.40
CA VAL B 299 -3.19 30.33 1.46
C VAL B 299 -4.53 31.01 1.72
N SER B 300 -5.57 30.21 1.88
CA SER B 300 -6.90 30.71 2.22
C SER B 300 -7.03 30.82 3.74
N LYS B 301 -8.26 31.04 4.21
CA LYS B 301 -8.51 31.21 5.64
C LYS B 301 -8.56 29.85 6.33
N GLY B 302 -7.88 29.74 7.46
CA GLY B 302 -7.90 28.53 8.25
C GLY B 302 -6.67 28.41 9.12
N ILE B 303 -6.50 27.21 9.67
CA ILE B 303 -5.36 26.86 10.50
C ILE B 303 -4.69 25.63 9.90
N TYR B 304 -3.38 25.71 9.68
CA TYR B 304 -2.61 24.62 9.10
C TYR B 304 -1.40 24.31 9.97
N GLN B 305 -0.99 23.05 9.95
CA GLN B 305 0.22 22.63 10.65
C GLN B 305 1.41 22.69 9.70
N THR B 306 2.49 23.31 10.14
CA THR B 306 3.66 23.52 9.31
C THR B 306 4.81 22.62 9.76
N SER B 307 5.75 22.39 8.84
CA SER B 307 6.91 21.55 9.10
C SER B 307 7.98 22.37 9.81
N ASN B 308 9.18 21.79 9.94
CA ASN B 308 10.28 22.44 10.63
C ASN B 308 11.24 23.06 9.62
N PHE B 309 11.42 24.38 9.71
CA PHE B 309 12.39 25.08 8.89
C PHE B 309 13.12 26.16 9.68
N ARG B 310 13.12 26.08 11.01
CA ARG B 310 13.56 27.17 11.86
C ARG B 310 15.02 27.04 12.27
N VAL B 311 15.38 25.95 12.95
CA VAL B 311 16.70 25.81 13.53
C VAL B 311 17.64 25.12 12.56
N SER B 312 18.93 25.42 12.69
CA SER B 312 19.98 24.84 11.87
C SER B 312 21.27 24.86 12.68
N PRO B 313 22.08 23.81 12.62
CA PRO B 313 23.32 23.79 13.41
C PRO B 313 24.38 24.70 12.79
N VAL B 314 25.21 25.26 13.66
CA VAL B 314 26.22 26.23 13.23
C VAL B 314 27.61 25.82 13.68
N THR B 315 27.70 25.05 14.76
CA THR B 315 28.98 24.68 15.33
C THR B 315 29.01 23.18 15.62
N GLU B 316 30.21 22.60 15.55
CA GLU B 316 30.42 21.17 15.64
C GLU B 316 31.15 20.83 16.94
N VAL B 317 30.75 19.72 17.56
CA VAL B 317 31.37 19.22 18.78
C VAL B 317 32.00 17.87 18.48
N VAL B 318 33.30 17.74 18.75
CA VAL B 318 34.03 16.50 18.54
C VAL B 318 34.66 16.08 19.87
N ARG B 319 34.38 14.85 20.30
CA ARG B 319 34.93 14.31 21.54
C ARG B 319 35.56 12.96 21.24
N PHE B 320 36.86 12.83 21.54
CA PHE B 320 37.62 11.62 21.32
C PHE B 320 38.44 11.31 22.57
N PRO B 321 38.71 10.04 22.84
CA PRO B 321 39.62 9.71 23.94
C PRO B 321 41.04 10.14 23.60
N ASN B 322 41.80 10.51 24.63
CA ASN B 322 43.15 11.04 24.43
C ASN B 322 44.14 9.90 24.51
N ILE B 323 44.48 9.33 23.35
CA ILE B 323 45.53 8.34 23.22
C ILE B 323 46.55 8.88 22.21
N THR B 324 47.83 8.75 22.55
CA THR B 324 48.89 9.29 21.72
C THR B 324 49.88 8.25 21.22
N ASN B 325 49.70 6.97 21.57
CA ASN B 325 50.62 5.92 21.17
C ASN B 325 50.42 5.58 19.70
N LEU B 326 51.44 5.84 18.88
CA LEU B 326 51.37 5.49 17.47
C LEU B 326 51.35 3.99 17.28
N CYS B 327 50.56 3.53 16.32
CA CYS B 327 50.36 2.11 16.11
C CYS B 327 51.60 1.46 15.51
N PRO B 328 51.89 0.21 15.87
CA PRO B 328 53.05 -0.49 15.26
C PRO B 328 52.77 -0.95 13.84
N PHE B 329 52.66 0.02 12.94
CA PHE B 329 52.51 -0.30 11.52
C PHE B 329 53.82 -0.75 10.90
N ASP B 330 54.95 -0.30 11.44
CA ASP B 330 56.25 -0.69 10.90
C ASP B 330 56.62 -2.12 11.30
N LYS B 331 56.25 -2.53 12.52
CA LYS B 331 56.60 -3.85 13.01
C LYS B 331 55.63 -4.94 12.57
N VAL B 332 54.55 -4.59 11.90
CA VAL B 332 53.57 -5.54 11.41
C VAL B 332 53.62 -5.65 9.89
N PHE B 333 53.54 -4.52 9.19
CA PHE B 333 53.54 -4.54 7.72
C PHE B 333 54.90 -4.94 7.18
N ASN B 334 55.97 -4.30 7.67
CA ASN B 334 57.32 -4.56 7.20
C ASN B 334 58.06 -5.40 8.25
N ALA B 335 57.85 -6.71 8.18
CA ALA B 335 58.53 -7.64 9.07
C ALA B 335 59.68 -8.32 8.35
N THR B 336 60.44 -9.11 9.09
CA THR B 336 61.60 -9.78 8.51
C THR B 336 61.17 -10.93 7.60
N ARG B 337 60.21 -11.74 8.04
CA ARG B 337 59.80 -12.92 7.27
C ARG B 337 58.33 -13.18 7.52
N PHE B 338 57.51 -13.00 6.48
CA PHE B 338 56.11 -13.35 6.57
C PHE B 338 55.95 -14.87 6.46
N PRO B 339 54.97 -15.45 7.15
CA PRO B 339 54.82 -16.90 7.15
C PRO B 339 54.13 -17.39 5.88
N SER B 340 54.22 -18.70 5.67
CA SER B 340 53.50 -19.33 4.57
C SER B 340 52.00 -19.30 4.84
N VAL B 341 51.23 -19.52 3.77
CA VAL B 341 49.80 -19.26 3.80
C VAL B 341 49.07 -20.26 4.70
N TYR B 342 49.50 -21.52 4.71
CA TYR B 342 48.79 -22.55 5.47
C TYR B 342 48.99 -22.42 6.98
N ALA B 343 49.90 -21.57 7.43
CA ALA B 343 50.17 -21.36 8.85
C ALA B 343 50.19 -19.87 9.17
N TRP B 344 49.15 -19.16 8.72
CA TRP B 344 49.06 -17.73 8.92
C TRP B 344 48.89 -17.39 10.40
N GLU B 345 49.39 -16.22 10.78
CA GLU B 345 49.38 -15.79 12.17
C GLU B 345 48.27 -14.78 12.42
N ARG B 346 48.16 -14.32 13.66
CA ARG B 346 47.11 -13.40 14.05
C ARG B 346 47.63 -12.51 15.17
N THR B 347 47.62 -11.20 14.94
CA THR B 347 48.17 -10.24 15.88
C THR B 347 47.09 -9.28 16.34
N LYS B 348 46.96 -9.10 17.65
CA LYS B 348 45.98 -8.17 18.20
C LYS B 348 46.53 -6.75 18.18
N ILE B 349 45.62 -5.79 17.97
CA ILE B 349 45.96 -4.37 17.92
C ILE B 349 45.07 -3.63 18.90
N SER B 350 45.68 -2.89 19.84
CA SER B 350 44.93 -2.14 20.83
C SER B 350 45.75 -0.96 21.30
N ASP B 351 45.04 0.06 21.80
CA ASP B 351 45.60 1.29 22.37
C ASP B 351 46.52 2.00 21.36
N CYS B 352 45.90 2.42 20.25
CA CYS B 352 46.63 2.91 19.09
C CYS B 352 46.02 4.20 18.60
N VAL B 353 46.63 4.75 17.54
CA VAL B 353 45.98 5.70 16.65
C VAL B 353 46.22 5.23 15.22
N ALA B 354 45.15 5.00 14.49
CA ALA B 354 45.23 4.45 13.14
C ALA B 354 45.59 5.58 12.17
N ASP B 355 46.88 5.74 11.90
CA ASP B 355 47.40 6.80 11.03
C ASP B 355 48.08 6.15 9.84
N TYR B 356 47.35 6.02 8.74
CA TYR B 356 47.89 5.45 7.51
C TYR B 356 48.81 6.40 6.77
N THR B 357 48.85 7.69 7.17
CA THR B 357 49.59 8.72 6.46
C THR B 357 51.09 8.44 6.43
N VAL B 358 51.61 7.67 7.39
CA VAL B 358 53.02 7.31 7.39
C VAL B 358 53.40 6.40 6.23
N PHE B 359 52.41 5.76 5.58
CA PHE B 359 52.67 4.92 4.43
C PHE B 359 52.67 5.67 3.11
N TYR B 360 52.43 6.98 3.14
CA TYR B 360 52.17 7.71 1.90
C TYR B 360 53.42 7.96 1.07
N ASN B 361 54.57 8.14 1.71
CA ASN B 361 55.80 8.43 0.98
C ASN B 361 56.80 7.27 1.03
N SER B 362 56.35 6.07 1.40
CA SER B 362 57.27 4.94 1.51
C SER B 362 56.76 3.63 0.94
N THR B 363 55.48 3.48 0.65
CA THR B 363 54.95 2.18 0.25
C THR B 363 53.67 2.38 -0.56
N SER B 364 53.59 1.73 -1.71
CA SER B 364 52.39 1.75 -2.54
C SER B 364 51.78 0.35 -2.54
N PHE B 365 50.49 0.28 -2.18
CA PHE B 365 49.78 -0.99 -2.13
C PHE B 365 49.21 -1.33 -3.49
N SER B 366 49.42 -2.58 -3.93
CA SER B 366 48.87 -3.02 -5.21
C SER B 366 47.35 -3.07 -5.17
N THR B 367 46.77 -3.51 -4.06
CA THR B 367 45.33 -3.49 -3.90
C THR B 367 44.98 -3.25 -2.45
N PHE B 368 43.90 -2.51 -2.23
CA PHE B 368 43.44 -2.17 -0.88
C PHE B 368 41.94 -1.92 -0.97
N ASN B 369 41.15 -2.89 -0.55
CA ASN B 369 39.70 -2.77 -0.64
C ASN B 369 39.05 -3.19 0.67
N CYS B 370 38.01 -2.46 1.06
CA CYS B 370 37.35 -2.66 2.34
C CYS B 370 35.90 -3.07 2.15
N TYR B 371 35.46 -4.02 2.97
CA TYR B 371 34.07 -4.45 3.00
C TYR B 371 33.46 -4.05 4.33
N GLY B 372 32.25 -3.48 4.28
CA GLY B 372 31.55 -3.06 5.48
C GLY B 372 31.65 -1.57 5.73
N VAL B 373 32.83 -0.99 5.51
CA VAL B 373 33.05 0.44 5.66
C VAL B 373 33.67 0.97 4.38
N SER B 374 33.50 2.27 4.16
CA SER B 374 34.11 2.90 3.01
C SER B 374 35.59 3.18 3.29
N PRO B 375 36.45 3.14 2.25
CA PRO B 375 37.88 3.42 2.47
C PRO B 375 38.19 4.90 2.60
N SER B 376 37.16 5.74 2.70
CA SER B 376 37.32 7.17 2.89
C SER B 376 36.88 7.65 4.27
N LYS B 377 36.12 6.84 5.01
CA LYS B 377 35.59 7.25 6.31
C LYS B 377 36.29 6.57 7.48
N LEU B 378 37.33 5.78 7.23
CA LEU B 378 38.02 5.09 8.32
C LEU B 378 39.14 5.92 8.93
N ILE B 379 39.38 7.13 8.41
CA ILE B 379 40.32 8.04 9.06
C ILE B 379 39.74 8.58 10.36
N ASP B 380 38.42 8.74 10.42
CA ASP B 380 37.78 9.35 11.58
C ASP B 380 36.79 8.39 12.24
N LEU B 381 37.19 7.14 12.42
CA LEU B 381 36.38 6.14 13.09
C LEU B 381 37.13 5.58 14.29
N CYS B 382 36.38 4.98 15.21
CA CYS B 382 36.94 4.33 16.39
C CYS B 382 36.47 2.89 16.44
N PHE B 383 37.42 1.97 16.60
CA PHE B 383 37.14 0.55 16.60
C PHE B 383 37.36 -0.03 17.99
N THR B 384 36.81 -1.22 18.22
CA THR B 384 36.92 -1.89 19.51
C THR B 384 37.95 -3.01 19.51
N SER B 385 38.19 -3.67 18.38
CA SER B 385 39.19 -4.72 18.29
C SER B 385 39.64 -4.85 16.85
N VAL B 386 40.95 -4.85 16.63
CA VAL B 386 41.54 -4.95 15.31
C VAL B 386 42.52 -6.11 15.30
N TYR B 387 42.38 -7.01 14.33
CA TYR B 387 43.26 -8.16 14.18
C TYR B 387 44.04 -8.06 12.87
N ALA B 388 45.13 -8.80 12.79
CA ALA B 388 46.17 -8.58 11.78
C ALA B 388 46.63 -9.89 11.13
N ASP B 389 45.67 -10.67 10.62
CA ASP B 389 46.00 -11.92 9.91
C ASP B 389 46.93 -11.66 8.73
N THR B 390 48.11 -12.28 8.77
CA THR B 390 49.14 -12.06 7.77
C THR B 390 49.61 -13.37 7.17
N PHE B 391 49.88 -13.37 5.87
CA PHE B 391 50.39 -14.54 5.18
C PHE B 391 51.09 -14.06 3.91
N LEU B 392 51.44 -15.00 3.03
CA LEU B 392 52.21 -14.70 1.83
C LEU B 392 51.82 -15.68 0.73
N ILE B 393 51.26 -15.16 -0.36
CA ILE B 393 50.74 -15.96 -1.46
C ILE B 393 51.35 -15.46 -2.77
N ARG B 394 50.98 -16.14 -3.85
CA ARG B 394 51.35 -15.71 -5.19
C ARG B 394 50.51 -14.50 -5.59
N PHE B 395 50.96 -13.82 -6.65
CA PHE B 395 50.32 -12.57 -7.06
C PHE B 395 48.97 -12.81 -7.74
N SER B 396 48.81 -13.96 -8.39
CA SER B 396 47.58 -14.22 -9.13
C SER B 396 46.44 -14.70 -8.23
N GLU B 397 46.71 -15.01 -6.97
CA GLU B 397 45.71 -15.55 -6.06
C GLU B 397 45.13 -14.51 -5.12
N VAL B 398 45.50 -13.23 -5.28
CA VAL B 398 44.98 -12.18 -4.42
C VAL B 398 43.49 -12.00 -4.61
N ARG B 399 42.97 -12.32 -5.80
CA ARG B 399 41.54 -12.30 -6.05
C ARG B 399 40.78 -13.35 -5.23
N GLN B 400 41.48 -14.37 -4.72
CA GLN B 400 40.80 -15.39 -3.93
C GLN B 400 40.60 -14.99 -2.48
N VAL B 401 41.31 -13.96 -2.01
CA VAL B 401 41.16 -13.49 -0.62
C VAL B 401 40.02 -12.48 -0.65
N ALA B 402 38.80 -13.00 -0.58
CA ALA B 402 37.59 -12.20 -0.70
C ALA B 402 36.42 -13.04 -0.19
N PRO B 403 35.33 -12.41 0.24
CA PRO B 403 34.13 -13.18 0.59
C PRO B 403 33.50 -13.81 -0.66
N GLY B 404 33.30 -15.11 -0.61
CA GLY B 404 32.67 -15.84 -1.71
C GLY B 404 33.55 -16.04 -2.92
N GLN B 405 34.63 -16.80 -2.76
CA GLN B 405 35.52 -17.15 -3.86
C GLN B 405 36.03 -18.57 -3.64
N THR B 406 36.53 -19.18 -4.72
CA THR B 406 37.13 -20.49 -4.65
C THR B 406 38.49 -20.50 -5.34
N GLY B 407 39.20 -21.59 -5.14
CA GLY B 407 40.56 -21.75 -5.59
C GLY B 407 41.32 -22.61 -4.61
N VAL B 408 42.65 -22.46 -4.61
CA VAL B 408 43.48 -23.20 -3.67
C VAL B 408 43.66 -22.46 -2.36
N ILE B 409 43.29 -21.18 -2.31
CA ILE B 409 43.45 -20.37 -1.10
C ILE B 409 42.18 -20.32 -0.27
N ALA B 410 41.04 -20.10 -0.91
CA ALA B 410 39.79 -19.95 -0.18
C ALA B 410 39.10 -21.28 0.11
N ASP B 411 39.68 -22.41 -0.32
CA ASP B 411 39.11 -23.72 -0.04
C ASP B 411 39.88 -24.47 1.04
N TYR B 412 41.20 -24.59 0.91
CA TYR B 412 41.99 -25.41 1.80
C TYR B 412 43.01 -24.67 2.63
N ASN B 413 43.21 -23.37 2.41
CA ASN B 413 44.25 -22.62 3.10
C ASN B 413 43.68 -21.58 4.06
N TYR B 414 42.85 -20.66 3.57
CA TYR B 414 42.39 -19.55 4.39
C TYR B 414 41.06 -19.06 3.83
N LYS B 415 39.98 -19.27 4.56
CA LYS B 415 38.65 -18.88 4.14
C LYS B 415 38.13 -17.77 5.03
N LEU B 416 37.58 -16.70 4.41
CA LEU B 416 36.93 -15.57 5.05
C LEU B 416 35.44 -15.83 5.20
N PRO B 417 34.82 -15.33 6.28
CA PRO B 417 33.38 -15.50 6.44
C PRO B 417 32.61 -14.62 5.47
N ASP B 418 31.33 -14.98 5.28
CA ASP B 418 30.49 -14.26 4.31
C ASP B 418 30.16 -12.85 4.80
N ASP B 419 29.92 -12.69 6.09
CA ASP B 419 29.59 -11.38 6.66
C ASP B 419 30.86 -10.67 7.15
N PHE B 420 31.84 -10.53 6.25
CA PHE B 420 33.10 -9.93 6.60
C PHE B 420 33.00 -8.41 6.63
N THR B 421 33.63 -7.81 7.64
CA THR B 421 33.68 -6.34 7.77
C THR B 421 35.13 -5.97 8.12
N GLY B 422 35.93 -5.74 7.08
CA GLY B 422 37.32 -5.43 7.28
C GLY B 422 37.93 -4.78 6.07
N CYS B 423 39.25 -4.88 5.97
CA CYS B 423 39.98 -4.35 4.83
C CYS B 423 41.05 -5.36 4.42
N VAL B 424 41.26 -5.49 3.12
CA VAL B 424 42.27 -6.39 2.56
C VAL B 424 43.30 -5.54 1.83
N ILE B 425 44.56 -5.69 2.23
CA ILE B 425 45.69 -4.93 1.69
C ILE B 425 46.69 -5.93 1.13
N ALA B 426 47.20 -5.68 -0.07
CA ALA B 426 48.19 -6.56 -0.66
C ALA B 426 49.11 -5.78 -1.59
N TRP B 427 50.38 -6.13 -1.57
CA TRP B 427 51.39 -5.46 -2.38
C TRP B 427 52.49 -6.45 -2.72
N ASN B 428 53.24 -6.15 -3.78
CA ASN B 428 54.20 -7.08 -4.36
C ASN B 428 55.59 -6.81 -3.79
N THR B 429 56.19 -7.84 -3.16
CA THR B 429 57.59 -7.83 -2.73
C THR B 429 58.23 -9.09 -3.28
N ALA B 430 58.75 -9.01 -4.51
CA ALA B 430 59.43 -10.13 -5.14
C ALA B 430 60.94 -10.09 -4.96
N LYS B 431 61.46 -9.07 -4.27
CA LYS B 431 62.89 -8.91 -4.09
C LYS B 431 63.37 -9.29 -2.69
N GLN B 432 62.57 -9.00 -1.66
CA GLN B 432 62.96 -9.26 -0.28
C GLN B 432 62.33 -10.53 0.30
N ASP B 433 61.66 -11.32 -0.53
CA ASP B 433 61.03 -12.58 -0.09
C ASP B 433 61.46 -13.67 -1.05
N VAL B 434 62.61 -14.30 -0.77
CA VAL B 434 63.17 -15.36 -1.58
C VAL B 434 63.31 -16.60 -0.72
N GLY B 435 62.77 -17.71 -1.18
CA GLY B 435 62.84 -18.96 -0.44
C GLY B 435 61.83 -19.96 -0.97
N SER B 436 61.44 -20.87 -0.09
CA SER B 436 60.45 -21.90 -0.39
C SER B 436 59.30 -21.82 0.60
N TYR B 437 58.09 -21.65 0.09
CA TYR B 437 56.89 -21.54 0.92
C TYR B 437 55.87 -22.56 0.45
N PHE B 438 55.11 -23.09 1.41
CA PHE B 438 54.24 -24.23 1.17
C PHE B 438 52.77 -23.83 1.20
N TYR B 439 51.93 -24.70 0.66
CA TYR B 439 50.49 -24.51 0.66
C TYR B 439 49.82 -25.86 0.46
N ARG B 440 48.67 -26.03 1.11
CA ARG B 440 47.93 -27.29 1.05
C ARG B 440 47.22 -27.41 -0.29
N SER B 441 47.56 -28.44 -1.06
CA SER B 441 46.99 -28.60 -2.40
C SER B 441 45.63 -29.27 -2.35
N HIS B 442 45.52 -30.41 -1.67
CA HIS B 442 44.28 -31.16 -1.61
C HIS B 442 44.00 -31.59 -0.18
N ARG B 443 42.70 -31.68 0.14
CA ARG B 443 42.26 -31.99 1.49
C ARG B 443 41.01 -32.85 1.41
N SER B 444 40.71 -33.54 2.52
CA SER B 444 39.52 -34.37 2.58
C SER B 444 38.24 -33.55 2.67
N SER B 445 38.33 -32.30 3.12
CA SER B 445 37.15 -31.46 3.25
C SER B 445 37.59 -30.00 3.18
N LYS B 446 36.61 -29.12 3.05
CA LYS B 446 36.87 -27.69 2.98
C LYS B 446 37.20 -27.13 4.36
N LEU B 447 37.38 -25.82 4.43
CA LEU B 447 37.75 -25.14 5.66
C LEU B 447 36.63 -24.22 6.13
N LYS B 448 36.42 -24.20 7.45
CA LYS B 448 35.52 -23.24 8.06
C LYS B 448 36.17 -21.85 8.05
N PRO B 449 35.38 -20.78 8.18
CA PRO B 449 35.96 -19.44 8.25
C PRO B 449 36.92 -19.26 9.42
N PHE B 450 38.06 -18.64 9.12
CA PHE B 450 39.12 -18.34 10.10
C PHE B 450 39.61 -19.59 10.81
N GLU B 451 39.71 -20.69 10.08
CA GLU B 451 40.20 -21.95 10.62
C GLU B 451 41.61 -22.22 10.11
N ARG B 452 42.42 -22.87 10.94
CA ARG B 452 43.82 -23.13 10.64
C ARG B 452 44.15 -24.58 10.95
N ASP B 453 44.92 -25.22 10.05
CA ASP B 453 45.40 -26.57 10.28
C ASP B 453 46.86 -26.65 9.84
N LEU B 454 47.71 -27.20 10.71
CA LEU B 454 49.14 -27.28 10.45
C LEU B 454 49.59 -28.72 10.19
N SER B 455 48.68 -29.56 9.71
CA SER B 455 49.00 -30.95 9.44
C SER B 455 49.88 -31.02 8.19
N SER B 456 51.18 -31.27 8.40
CA SER B 456 52.13 -31.36 7.31
C SER B 456 52.05 -32.67 6.55
N GLU B 457 51.29 -33.65 7.05
CA GLU B 457 51.11 -34.93 6.36
C GLU B 457 49.83 -35.57 6.86
N GLU B 458 48.88 -35.77 5.97
CA GLU B 458 47.58 -36.35 6.31
C GLU B 458 47.45 -37.72 5.65
N ASN B 459 47.07 -38.72 6.46
CA ASN B 459 46.93 -40.12 6.06
C ASN B 459 48.30 -40.60 5.56
N GLY B 460 48.45 -40.97 4.29
CA GLY B 460 49.72 -41.40 3.76
C GLY B 460 50.40 -40.45 2.81
N VAL B 461 49.90 -39.21 2.67
CA VAL B 461 50.46 -38.24 1.74
C VAL B 461 50.71 -36.94 2.48
N ARG B 462 51.60 -36.12 1.92
CA ARG B 462 51.99 -34.88 2.58
C ARG B 462 50.89 -33.83 2.52
N THR B 463 50.24 -33.70 1.35
CA THR B 463 49.28 -32.63 1.05
C THR B 463 49.87 -31.26 1.30
N LEU B 464 51.13 -31.07 0.90
CA LEU B 464 51.82 -29.79 1.04
C LEU B 464 52.71 -29.59 -0.19
N SER B 465 52.17 -28.91 -1.20
CA SER B 465 52.97 -28.56 -2.35
C SER B 465 53.74 -27.27 -2.08
N THR B 466 54.84 -27.11 -2.81
CA THR B 466 55.74 -25.97 -2.63
C THR B 466 55.94 -25.24 -3.94
N TYR B 467 56.01 -23.92 -3.86
CA TYR B 467 56.43 -23.10 -4.98
C TYR B 467 57.68 -22.33 -4.61
N ASP B 468 58.53 -22.09 -5.61
CA ASP B 468 59.79 -21.40 -5.41
C ASP B 468 59.62 -19.92 -5.69
N PHE B 469 59.98 -19.08 -4.72
CA PHE B 469 59.84 -17.64 -4.82
C PHE B 469 61.21 -17.01 -5.06
N ASN B 470 61.33 -16.29 -6.17
CA ASN B 470 62.54 -15.54 -6.50
C ASN B 470 62.17 -14.49 -7.54
N GLN B 471 63.18 -13.77 -8.00
CA GLN B 471 63.03 -12.91 -9.16
C GLN B 471 63.29 -13.73 -10.42
N TYR B 472 63.38 -13.06 -11.57
CA TYR B 472 63.49 -13.70 -12.89
C TYR B 472 62.36 -14.70 -13.11
N VAL B 473 61.15 -14.31 -12.71
CA VAL B 473 59.98 -15.20 -12.79
C VAL B 473 58.78 -14.38 -13.25
N PRO B 474 57.85 -15.03 -13.96
CA PRO B 474 56.66 -14.30 -14.45
C PRO B 474 55.83 -13.70 -13.32
N LEU B 475 55.23 -12.54 -13.60
CA LEU B 475 54.60 -11.73 -12.57
C LEU B 475 53.37 -12.40 -11.96
N GLU B 476 52.73 -13.33 -12.67
CA GLU B 476 51.67 -14.13 -12.07
C GLU B 476 52.22 -15.15 -11.07
N TYR B 477 53.53 -15.36 -11.03
CA TYR B 477 54.16 -16.36 -10.17
C TYR B 477 55.04 -15.74 -9.11
N GLN B 478 54.83 -14.47 -8.78
CA GLN B 478 55.68 -13.75 -7.85
C GLN B 478 55.02 -13.64 -6.48
N ALA B 479 55.86 -13.45 -5.46
CA ALA B 479 55.38 -13.36 -4.09
C ALA B 479 54.62 -12.05 -3.86
N THR B 480 53.72 -12.08 -2.88
CA THR B 480 52.86 -10.93 -2.60
C THR B 480 52.42 -11.01 -1.13
N ARG B 481 52.82 -10.01 -0.35
CA ARG B 481 52.41 -9.96 1.05
C ARG B 481 50.98 -9.48 1.15
N VAL B 482 50.18 -10.18 1.97
CA VAL B 482 48.77 -9.84 2.17
C VAL B 482 48.54 -9.67 3.67
N VAL B 483 47.90 -8.56 4.05
CA VAL B 483 47.53 -8.29 5.43
C VAL B 483 46.03 -8.05 5.46
N VAL B 484 45.32 -8.84 6.26
CA VAL B 484 43.87 -8.78 6.36
C VAL B 484 43.51 -8.26 7.75
N LEU B 485 42.76 -7.17 7.80
CA LEU B 485 42.30 -6.59 9.04
C LEU B 485 40.83 -6.93 9.28
N SER B 486 40.38 -6.72 10.51
CA SER B 486 39.01 -7.04 10.88
C SER B 486 38.57 -6.10 11.99
N PHE B 487 37.47 -5.38 11.77
CA PHE B 487 36.96 -4.41 12.71
C PHE B 487 35.62 -4.89 13.29
N GLU B 488 35.25 -4.28 14.42
CA GLU B 488 33.93 -4.46 14.99
C GLU B 488 33.61 -3.24 15.82
N LEU B 489 32.36 -2.77 15.74
CA LEU B 489 31.93 -1.54 16.40
C LEU B 489 30.79 -1.91 17.36
N LEU B 490 31.16 -2.23 18.59
CA LEU B 490 30.20 -2.64 19.61
C LEU B 490 30.00 -1.50 20.61
N ASN B 491 29.22 -1.79 21.65
CA ASN B 491 29.00 -0.85 22.76
C ASN B 491 30.06 -1.07 23.84
N ALA B 492 31.31 -0.91 23.45
CA ALA B 492 32.48 -1.12 24.29
C ALA B 492 33.38 0.10 24.16
N PRO B 493 34.27 0.34 25.14
CA PRO B 493 35.24 1.42 24.99
C PRO B 493 36.17 1.19 23.81
N ALA B 494 36.49 2.27 23.11
CA ALA B 494 37.29 2.18 21.90
C ALA B 494 38.76 1.99 22.24
N THR B 495 39.44 1.19 21.43
CA THR B 495 40.87 0.93 21.60
C THR B 495 41.73 1.51 20.49
N VAL B 496 41.33 1.35 19.23
CA VAL B 496 42.03 1.91 18.09
C VAL B 496 41.15 2.98 17.47
N CYS B 497 41.69 4.19 17.34
CA CYS B 497 40.93 5.32 16.83
C CYS B 497 41.76 6.04 15.77
N GLY B 498 41.16 7.06 15.17
CA GLY B 498 41.84 7.89 14.20
C GLY B 498 42.33 9.18 14.82
N PRO B 499 43.23 9.89 14.13
CA PRO B 499 43.73 11.16 14.67
C PRO B 499 42.68 12.25 14.53
N LYS B 500 42.24 12.79 15.67
CA LYS B 500 41.24 13.83 15.68
C LYS B 500 41.38 14.63 16.97
N LEU B 501 41.23 15.95 16.86
CA LEU B 501 41.38 16.87 17.98
C LEU B 501 40.02 17.18 18.57
N SER B 502 39.90 17.08 19.89
CA SER B 502 38.63 17.29 20.58
C SER B 502 38.43 18.77 20.88
N THR B 503 37.18 19.21 20.77
CA THR B 503 36.81 20.60 21.02
C THR B 503 36.00 20.69 22.32
N SER B 504 35.53 21.91 22.60
CA SER B 504 34.76 22.16 23.81
C SER B 504 33.35 21.60 23.68
N LEU B 505 32.67 21.52 24.82
CA LEU B 505 31.32 20.96 24.89
C LEU B 505 30.31 22.09 25.01
N VAL B 506 29.32 22.09 24.11
CA VAL B 506 28.26 23.09 24.09
C VAL B 506 26.95 22.39 24.43
N LYS B 507 26.22 22.96 25.39
CA LYS B 507 24.99 22.36 25.89
C LYS B 507 23.80 23.26 25.58
N ASN B 508 22.63 22.63 25.46
CA ASN B 508 21.35 23.30 25.22
C ASN B 508 21.36 24.12 23.93
N GLN B 509 22.00 23.57 22.89
CA GLN B 509 22.04 24.20 21.58
C GLN B 509 21.92 23.12 20.51
N CYS B 510 21.43 23.52 19.35
CA CYS B 510 21.28 22.60 18.22
C CYS B 510 22.63 22.51 17.50
N VAL B 511 23.36 21.42 17.77
CA VAL B 511 24.69 21.21 17.23
C VAL B 511 24.77 19.82 16.62
N ASN B 512 25.78 19.62 15.79
CA ASN B 512 26.09 18.31 15.22
C ASN B 512 27.33 17.77 15.92
N PHE B 513 27.18 16.61 16.58
CA PHE B 513 28.20 16.10 17.47
C PHE B 513 29.04 15.01 16.77
N ASN B 514 30.02 14.50 17.52
CA ASN B 514 30.87 13.40 17.05
C ASN B 514 31.45 12.73 18.28
N PHE B 515 31.03 11.49 18.54
CA PHE B 515 31.46 10.74 19.71
C PHE B 515 32.04 9.40 19.24
N ASN B 516 33.36 9.34 19.09
CA ASN B 516 34.09 8.16 18.62
C ASN B 516 33.57 7.68 17.26
N GLY B 517 33.37 8.62 16.35
CA GLY B 517 32.89 8.31 15.02
C GLY B 517 31.39 8.28 14.87
N PHE B 518 30.63 8.48 15.94
CA PHE B 518 29.18 8.50 15.88
C PHE B 518 28.72 9.91 15.53
N LYS B 519 28.52 10.17 14.25
CA LYS B 519 28.17 11.50 13.78
C LYS B 519 26.65 11.65 13.73
N GLY B 520 26.16 12.71 14.35
CA GLY B 520 24.72 12.96 14.39
C GLY B 520 24.44 14.36 14.87
N THR B 521 23.17 14.74 14.79
CA THR B 521 22.71 16.07 15.14
C THR B 521 21.68 16.01 16.26
N GLY B 522 21.79 16.92 17.21
CA GLY B 522 20.83 16.97 18.30
C GLY B 522 21.24 18.00 19.33
N VAL B 523 20.39 18.14 20.33
CA VAL B 523 20.61 19.08 21.43
C VAL B 523 21.18 18.29 22.61
N LEU B 524 22.35 18.69 23.08
CA LEU B 524 23.06 18.00 24.15
C LEU B 524 22.74 18.63 25.49
N THR B 525 22.51 17.80 26.50
CA THR B 525 22.30 18.27 27.86
C THR B 525 22.77 17.21 28.83
N ASP B 526 22.99 17.61 30.08
CA ASP B 526 23.42 16.68 31.10
C ASP B 526 22.30 15.74 31.49
N SER B 527 22.66 14.50 31.77
CA SER B 527 21.69 13.44 32.04
C SER B 527 21.88 12.89 33.45
N SER B 528 20.79 12.33 33.99
CA SER B 528 20.81 11.71 35.31
C SER B 528 20.64 10.19 35.23
N LYS B 529 20.70 9.61 34.05
CA LYS B 529 20.51 8.18 33.90
C LYS B 529 21.76 7.43 34.37
N THR B 530 21.56 6.17 34.73
CA THR B 530 22.63 5.31 35.23
C THR B 530 22.99 4.29 34.16
N PHE B 531 24.28 4.18 33.86
CA PHE B 531 24.79 3.27 32.85
C PHE B 531 25.49 2.09 33.53
N GLN B 532 26.04 1.21 32.71
CA GLN B 532 26.90 0.13 33.19
C GLN B 532 28.33 0.64 33.30
N SER B 533 29.27 -0.25 33.60
CA SER B 533 30.66 0.13 33.74
C SER B 533 31.42 0.10 32.42
N PHE B 534 30.79 -0.34 31.33
CA PHE B 534 31.50 -0.50 30.07
C PHE B 534 30.78 0.18 28.91
N GLN B 535 29.46 0.27 28.99
CA GLN B 535 28.67 0.72 27.84
C GLN B 535 28.87 2.21 27.57
N GLN B 536 28.69 2.58 26.30
CA GLN B 536 28.94 3.94 25.84
C GLN B 536 27.66 4.68 25.50
N PHE B 537 26.83 4.13 24.61
CA PHE B 537 25.58 4.76 24.22
C PHE B 537 24.41 3.81 24.46
N GLY B 538 23.36 4.32 25.10
CA GLY B 538 22.14 3.56 25.32
C GLY B 538 21.08 3.95 24.31
N ARG B 539 20.30 2.96 23.89
CA ARG B 539 19.34 3.13 22.82
C ARG B 539 17.92 3.30 23.37
N ASP B 540 17.04 3.77 22.50
CA ASP B 540 15.63 3.95 22.82
C ASP B 540 14.87 2.69 22.42
N ALA B 541 13.53 2.78 22.43
CA ALA B 541 12.70 1.68 21.97
C ALA B 541 12.59 1.60 20.46
N SER B 542 13.02 2.63 19.75
CA SER B 542 12.98 2.68 18.29
C SER B 542 14.37 2.68 17.67
N ASP B 543 15.35 2.11 18.38
CA ASP B 543 16.75 2.02 17.96
C ASP B 543 17.34 3.40 17.65
N PHE B 544 16.97 4.38 18.46
CA PHE B 544 17.46 5.75 18.33
C PHE B 544 18.35 6.06 19.52
N THR B 545 19.59 6.45 19.27
CA THR B 545 20.54 6.72 20.34
C THR B 545 20.20 8.04 21.01
N ASP B 546 19.77 7.96 22.27
CA ASP B 546 19.36 9.14 23.01
C ASP B 546 20.31 9.52 24.14
N SER B 547 21.17 8.62 24.58
CA SER B 547 22.15 8.90 25.62
C SER B 547 23.51 8.43 25.16
N VAL B 548 24.55 9.20 25.48
CA VAL B 548 25.91 8.86 25.10
C VAL B 548 26.84 9.30 26.22
N ARG B 549 28.02 8.69 26.28
CA ARG B 549 29.02 8.98 27.29
C ARG B 549 30.24 9.59 26.59
N ASP B 550 30.64 10.79 27.01
CA ASP B 550 31.79 11.43 26.41
C ASP B 550 33.07 10.83 26.98
N PRO B 551 33.99 10.36 26.12
CA PRO B 551 35.21 9.71 26.64
C PRO B 551 36.20 10.67 27.27
N GLN B 552 36.03 11.99 27.12
CA GLN B 552 36.94 12.94 27.74
C GLN B 552 36.75 12.96 29.25
N THR B 553 35.56 13.36 29.70
CA THR B 553 35.18 13.27 31.11
C THR B 553 34.05 12.26 31.21
N LEU B 554 34.26 11.22 32.02
CA LEU B 554 33.34 10.08 32.08
C LEU B 554 32.04 10.51 32.73
N ARG B 555 31.03 10.82 31.91
CA ARG B 555 29.73 11.25 32.36
C ARG B 555 28.72 10.95 31.27
N ILE B 556 27.44 11.12 31.57
CA ILE B 556 26.37 10.77 30.67
C ILE B 556 25.70 12.04 30.15
N LEU B 557 25.45 12.09 28.85
CA LEU B 557 24.77 13.20 28.21
C LEU B 557 23.48 12.70 27.56
N ASP B 558 22.52 13.61 27.40
CA ASP B 558 21.24 13.29 26.78
C ASP B 558 21.11 14.01 25.44
N ILE B 559 20.51 13.33 24.47
CA ILE B 559 20.37 13.84 23.12
C ILE B 559 18.89 13.95 22.79
N SER B 560 18.47 15.15 22.37
CA SER B 560 17.09 15.45 22.02
C SER B 560 17.06 16.10 20.65
N PRO B 561 15.95 15.96 19.91
CA PRO B 561 15.86 16.59 18.59
C PRO B 561 15.80 18.11 18.69
N CYS B 562 16.28 18.76 17.63
CA CYS B 562 16.28 20.22 17.60
C CYS B 562 14.86 20.76 17.44
N SER B 563 14.10 20.21 16.51
CA SER B 563 12.71 20.59 16.36
C SER B 563 11.88 20.00 17.50
N PHE B 564 10.90 20.78 17.97
CA PHE B 564 10.13 20.42 19.16
C PHE B 564 8.64 20.52 18.87
N GLY B 565 7.99 19.38 18.70
CA GLY B 565 6.54 19.31 18.66
C GLY B 565 5.93 19.86 17.38
N GLY B 566 4.63 20.15 17.48
CA GLY B 566 3.85 20.69 16.38
C GLY B 566 3.52 22.15 16.61
N VAL B 567 3.72 22.96 15.58
CA VAL B 567 3.51 24.40 15.63
C VAL B 567 2.52 24.77 14.53
N SER B 568 1.37 25.32 14.91
CA SER B 568 0.31 25.65 13.97
C SER B 568 0.29 27.14 13.68
N VAL B 569 -0.11 27.48 12.46
CA VAL B 569 -0.17 28.86 12.00
C VAL B 569 -1.61 29.19 11.65
N ILE B 570 -2.14 30.25 12.25
CA ILE B 570 -3.51 30.71 12.02
C ILE B 570 -3.44 31.99 11.21
N THR B 571 -4.09 32.00 10.06
CA THR B 571 -4.01 33.14 9.16
C THR B 571 -5.36 33.32 8.46
N PRO B 572 -5.72 34.56 8.12
CA PRO B 572 -6.80 34.77 7.15
C PRO B 572 -6.30 34.56 5.73
N GLY B 573 -7.13 34.87 4.74
CA GLY B 573 -6.69 34.78 3.36
C GLY B 573 -5.57 35.75 3.05
N THR B 574 -4.71 35.35 2.10
CA THR B 574 -3.59 36.19 1.71
C THR B 574 -4.07 37.50 1.07
N ASN B 575 -5.11 37.42 0.25
CA ASN B 575 -5.68 38.61 -0.39
C ASN B 575 -6.30 39.58 0.61
N THR B 576 -6.65 39.12 1.81
CA THR B 576 -7.22 40.00 2.81
C THR B 576 -6.14 40.71 3.63
N SER B 577 -5.21 39.95 4.19
CA SER B 577 -4.15 40.51 5.03
C SER B 577 -2.97 39.55 5.02
N SER B 578 -1.96 39.85 5.85
CA SER B 578 -0.78 39.01 5.97
C SER B 578 -0.36 38.80 7.42
N ALA B 579 -1.19 39.20 8.39
CA ALA B 579 -0.87 39.01 9.80
C ALA B 579 -1.27 37.60 10.22
N VAL B 580 -0.41 36.96 11.00
CA VAL B 580 -0.61 35.58 11.42
C VAL B 580 -0.52 35.48 12.94
N ALA B 581 -1.05 34.39 13.47
CA ALA B 581 -0.88 34.01 14.86
C ALA B 581 -0.28 32.61 14.91
N VAL B 582 0.46 32.33 15.97
CA VAL B 582 1.18 31.07 16.08
C VAL B 582 0.72 30.34 17.34
N LEU B 583 0.30 29.10 17.18
CA LEU B 583 -0.13 28.26 18.30
C LEU B 583 0.89 27.17 18.54
N TYR B 584 1.39 27.10 19.77
CA TYR B 584 2.32 26.07 20.19
C TYR B 584 1.59 25.02 20.99
N GLN B 585 1.94 23.75 20.79
CA GLN B 585 1.19 22.64 21.35
C GLN B 585 1.78 22.26 22.71
N ASP B 586 1.00 22.53 23.77
CA ASP B 586 1.25 22.00 25.11
C ASP B 586 2.57 22.49 25.72
N VAL B 587 2.76 23.80 25.72
CA VAL B 587 3.88 24.44 26.41
C VAL B 587 3.38 25.71 27.09
N ASN B 588 3.91 25.99 28.27
CA ASN B 588 3.64 27.27 28.93
C ASN B 588 4.39 28.39 28.22
N CYS B 589 3.94 29.62 28.46
CA CYS B 589 4.46 30.78 27.74
C CYS B 589 5.62 31.45 28.43
N THR B 590 5.99 31.00 29.63
CA THR B 590 7.27 31.36 30.23
C THR B 590 8.38 30.42 29.79
N ASP B 591 8.04 29.37 29.04
CA ASP B 591 9.00 28.41 28.53
C ASP B 591 9.08 28.36 27.02
N VAL B 592 8.26 29.15 26.32
CA VAL B 592 8.31 29.14 24.85
C VAL B 592 9.63 29.62 24.25
N PRO B 593 10.31 30.69 24.73
CA PRO B 593 11.59 31.02 24.08
C PRO B 593 12.71 30.06 24.45
N THR B 594 12.60 29.35 25.56
CA THR B 594 13.58 28.33 25.91
C THR B 594 13.36 27.05 25.09
N THR B 595 12.10 26.70 24.83
CA THR B 595 11.80 25.49 24.08
C THR B 595 12.20 25.64 22.61
N LEU B 596 11.81 26.74 21.99
CA LEU B 596 12.09 26.95 20.57
C LEU B 596 13.53 27.31 20.28
N HIS B 597 14.36 27.53 21.31
CA HIS B 597 15.74 28.00 21.19
C HIS B 597 15.78 29.34 20.42
N ALA B 598 15.17 30.35 21.06
CA ALA B 598 14.96 31.64 20.42
C ALA B 598 16.25 32.38 20.14
N ASP B 599 17.36 32.02 20.78
CA ASP B 599 18.63 32.67 20.50
C ASP B 599 19.18 32.29 19.13
N GLN B 600 18.88 31.07 18.66
CA GLN B 600 19.37 30.60 17.38
C GLN B 600 18.50 31.03 16.21
N LEU B 601 17.36 31.66 16.47
CA LEU B 601 16.45 32.05 15.41
C LEU B 601 16.87 33.39 14.81
N ALA B 602 16.13 33.83 13.80
CA ALA B 602 16.39 35.08 13.11
C ALA B 602 15.96 36.26 13.98
N PRO B 603 16.22 37.51 13.55
CA PRO B 603 15.49 38.63 14.17
C PRO B 603 13.98 38.53 14.00
N SER B 604 13.50 38.06 12.86
CA SER B 604 12.12 37.61 12.75
C SER B 604 12.03 36.18 13.29
N TRP B 605 10.78 35.68 13.40
CA TRP B 605 10.44 34.45 14.13
C TRP B 605 10.81 34.51 15.60
N ARG B 606 11.09 35.71 16.13
CA ARG B 606 11.39 35.91 17.54
C ARG B 606 10.46 36.91 18.20
N VAL B 607 9.74 37.73 17.42
CA VAL B 607 8.66 38.53 17.97
C VAL B 607 7.41 37.68 18.17
N TYR B 608 7.40 36.47 17.62
CA TYR B 608 6.32 35.51 17.82
C TYR B 608 6.58 34.57 18.98
N THR B 609 7.65 34.80 19.75
CA THR B 609 7.93 34.01 20.94
C THR B 609 7.68 34.78 22.23
N THR B 610 7.53 36.10 22.16
CA THR B 610 7.26 36.92 23.34
C THR B 610 6.59 38.21 22.90
N GLY B 611 6.03 38.92 23.87
CA GLY B 611 5.43 40.21 23.60
C GLY B 611 4.21 40.47 24.47
N PRO B 612 3.46 41.52 24.15
CA PRO B 612 2.24 41.80 24.91
C PRO B 612 1.04 40.97 24.50
N TYR B 613 1.05 40.39 23.29
CA TYR B 613 -0.08 39.60 22.79
C TYR B 613 0.21 38.12 23.03
N VAL B 614 -0.08 37.68 24.25
CA VAL B 614 0.05 36.27 24.63
C VAL B 614 -1.23 35.87 25.35
N PHE B 615 -1.92 34.87 24.82
CA PHE B 615 -3.17 34.39 25.41
C PHE B 615 -3.06 32.89 25.65
N GLN B 616 -3.25 32.47 26.90
CA GLN B 616 -3.03 31.09 27.29
C GLN B 616 -4.33 30.30 27.25
N THR B 617 -4.33 29.22 26.45
CA THR B 617 -5.46 28.31 26.35
C THR B 617 -5.09 26.98 27.00
N GLN B 618 -5.98 26.00 26.86
CA GLN B 618 -5.75 24.68 27.44
C GLN B 618 -4.84 23.80 26.60
N ALA B 619 -4.46 24.24 25.40
CA ALA B 619 -3.59 23.47 24.52
C ALA B 619 -2.41 24.30 24.02
N GLY B 620 -1.84 25.12 24.89
CA GLY B 620 -0.82 26.08 24.49
C GLY B 620 -1.39 27.46 24.33
N CYS B 621 -0.49 28.41 24.08
CA CYS B 621 -0.83 29.83 24.08
C CYS B 621 -0.55 30.50 22.75
N LEU B 622 -1.55 31.24 22.28
CA LEU B 622 -1.44 32.02 21.05
C LEU B 622 -0.59 33.26 21.27
N ILE B 623 0.29 33.53 20.32
CA ILE B 623 1.15 34.71 20.33
C ILE B 623 0.92 35.44 19.02
N GLY B 624 0.19 36.55 19.07
CA GLY B 624 -0.09 37.32 17.89
C GLY B 624 -1.52 37.79 17.77
N ALA B 625 -2.37 37.32 18.69
CA ALA B 625 -3.78 37.67 18.69
C ALA B 625 -4.21 38.04 20.10
N GLU B 626 -4.86 39.19 20.24
CA GLU B 626 -5.30 39.66 21.54
C GLU B 626 -6.57 38.94 21.97
N HIS B 627 -6.75 38.84 23.28
CA HIS B 627 -7.90 38.15 23.87
C HIS B 627 -8.98 39.16 24.21
N VAL B 628 -10.21 38.88 23.77
CA VAL B 628 -11.35 39.74 24.03
C VAL B 628 -12.32 39.01 24.95
N ASN B 629 -13.14 39.79 25.65
CA ASN B 629 -14.09 39.24 26.62
C ASN B 629 -15.44 38.92 26.01
N ALA B 630 -15.69 39.28 24.76
CA ALA B 630 -16.98 39.03 24.14
C ALA B 630 -17.06 37.57 23.66
N SER B 631 -18.20 37.23 23.07
CA SER B 631 -18.42 35.88 22.53
C SER B 631 -19.19 36.01 21.23
N TYR B 632 -18.59 35.50 20.15
CA TYR B 632 -19.21 35.49 18.83
C TYR B 632 -19.28 34.05 18.33
N GLN B 633 -19.70 33.89 17.08
CA GLN B 633 -19.67 32.59 16.44
C GLN B 633 -18.24 32.21 16.09
N CYS B 634 -18.05 30.93 15.78
CA CYS B 634 -16.72 30.42 15.48
C CYS B 634 -16.38 30.68 14.02
N ASP B 635 -15.17 31.19 13.78
CA ASP B 635 -14.66 31.41 12.43
C ASP B 635 -13.47 30.52 12.13
N ILE B 636 -12.43 30.57 12.95
CA ILE B 636 -11.27 29.69 12.84
C ILE B 636 -11.10 28.96 14.15
N PRO B 637 -11.49 27.69 14.23
CA PRO B 637 -11.38 26.94 15.49
C PRO B 637 -9.93 26.65 15.83
N ILE B 638 -9.51 27.03 17.03
CA ILE B 638 -8.13 26.90 17.46
C ILE B 638 -7.94 25.62 18.24
N GLY B 639 -8.60 25.53 19.39
CA GLY B 639 -8.40 24.43 20.32
C GLY B 639 -9.61 24.22 21.18
N ALA B 640 -9.38 24.03 22.48
CA ALA B 640 -10.45 23.71 23.41
C ALA B 640 -11.34 24.92 23.67
N GLY B 641 -12.43 25.04 22.92
CA GLY B 641 -13.40 26.09 23.14
C GLY B 641 -12.95 27.48 22.74
N ILE B 642 -11.99 27.59 21.84
CA ILE B 642 -11.41 28.88 21.44
C ILE B 642 -11.51 29.01 19.93
N CYS B 643 -12.01 30.15 19.46
CA CYS B 643 -12.04 30.46 18.04
C CYS B 643 -11.42 31.82 17.81
N ALA B 644 -10.89 32.01 16.60
CA ALA B 644 -10.27 33.26 16.19
C ALA B 644 -10.94 33.79 14.94
N SER B 645 -10.83 35.10 14.74
CA SER B 645 -11.43 35.78 13.60
C SER B 645 -10.56 36.98 13.23
N TYR B 646 -11.05 37.77 12.29
CA TYR B 646 -10.36 38.98 11.82
C TYR B 646 -11.34 40.14 11.94
N HIS B 647 -11.35 40.77 13.11
CA HIS B 647 -12.29 41.84 13.41
C HIS B 647 -11.59 43.19 13.30
N THR B 648 -12.30 44.25 13.66
CA THR B 648 -11.78 45.61 13.61
C THR B 648 -11.05 45.95 14.91
N GLN B 657 -7.67 50.10 12.96
CA GLN B 657 -7.15 49.08 12.05
C GLN B 657 -7.63 47.69 12.46
N LYS B 658 -7.54 46.74 11.52
CA LYS B 658 -8.00 45.38 11.76
C LYS B 658 -6.87 44.54 12.35
N SER B 659 -7.26 43.58 13.19
CA SER B 659 -6.31 42.68 13.82
C SER B 659 -6.97 41.33 14.05
N ILE B 660 -6.22 40.39 14.60
CA ILE B 660 -6.70 39.05 14.88
C ILE B 660 -7.08 38.98 16.35
N VAL B 661 -8.27 38.46 16.63
CA VAL B 661 -8.78 38.36 17.98
C VAL B 661 -8.94 36.88 18.33
N ALA B 662 -9.10 36.62 19.63
CA ALA B 662 -9.33 35.28 20.14
C ALA B 662 -10.36 35.34 21.24
N TYR B 663 -11.33 34.42 21.20
CA TYR B 663 -12.45 34.47 22.13
C TYR B 663 -12.99 33.07 22.35
N THR B 664 -13.70 32.90 23.46
CA THR B 664 -14.48 31.68 23.68
C THR B 664 -15.73 31.72 22.81
N MET B 665 -16.00 30.62 22.12
CA MET B 665 -17.10 30.61 21.16
C MET B 665 -18.44 30.58 21.88
N SER B 666 -19.35 31.47 21.46
CA SER B 666 -20.70 31.45 21.98
C SER B 666 -21.44 30.21 21.48
N LEU B 667 -22.21 29.59 22.36
CA LEU B 667 -22.93 28.37 22.02
C LEU B 667 -24.32 28.68 21.48
N GLY B 668 -25.12 29.40 22.26
CA GLY B 668 -26.46 29.76 21.82
C GLY B 668 -27.02 30.86 22.71
N ALA B 669 -28.13 31.42 22.24
CA ALA B 669 -28.79 32.48 23.00
C ALA B 669 -29.41 31.92 24.27
N GLU B 670 -29.25 32.65 25.37
CA GLU B 670 -29.81 32.22 26.64
C GLU B 670 -31.33 32.34 26.62
N ASN B 671 -32.00 31.34 27.17
CA ASN B 671 -33.46 31.28 27.13
C ASN B 671 -33.97 30.68 28.42
N SER B 672 -35.24 30.98 28.72
CA SER B 672 -35.89 30.44 29.91
C SER B 672 -37.35 30.21 29.61
N VAL B 673 -37.93 29.21 30.27
CA VAL B 673 -39.34 28.86 30.12
C VAL B 673 -40.01 28.98 31.48
N ALA B 674 -41.08 29.78 31.53
CA ALA B 674 -41.84 29.96 32.76
C ALA B 674 -42.71 28.74 32.98
N TYR B 675 -42.27 27.85 33.87
CA TYR B 675 -42.95 26.60 34.12
C TYR B 675 -43.74 26.68 35.42
N ALA B 676 -45.04 26.35 35.34
CA ALA B 676 -45.89 26.22 36.50
C ALA B 676 -46.78 25.01 36.29
N ASN B 677 -47.33 24.49 37.38
CA ASN B 677 -48.08 23.24 37.32
C ASN B 677 -49.48 23.41 36.74
N ASN B 678 -49.94 24.63 36.48
CA ASN B 678 -51.23 24.86 35.87
C ASN B 678 -51.13 25.97 34.81
N SER B 679 -50.08 25.90 33.99
CA SER B 679 -49.87 26.87 32.92
C SER B 679 -49.51 26.14 31.64
N ILE B 680 -50.12 26.55 30.53
CA ILE B 680 -49.89 25.93 29.23
C ILE B 680 -49.91 27.02 28.16
N ALA B 681 -49.03 26.88 27.16
CA ALA B 681 -48.98 27.80 26.03
C ALA B 681 -49.57 27.12 24.81
N ILE B 682 -50.56 27.75 24.20
CA ILE B 682 -51.25 27.22 23.02
C ILE B 682 -51.07 28.22 21.89
N PRO B 683 -50.57 27.80 20.72
CA PRO B 683 -50.38 28.75 19.61
C PRO B 683 -51.69 29.25 19.04
N THR B 684 -51.62 30.44 18.43
CA THR B 684 -52.78 31.08 17.85
C THR B 684 -52.66 31.37 16.36
N ASN B 685 -51.49 31.17 15.78
CA ASN B 685 -51.27 31.38 14.34
C ASN B 685 -50.20 30.41 13.89
N PHE B 686 -49.86 30.45 12.60
CA PHE B 686 -48.90 29.50 12.06
C PHE B 686 -48.20 30.11 10.85
N SER B 687 -47.29 29.33 10.28
CA SER B 687 -46.53 29.75 9.11
C SER B 687 -46.10 28.50 8.34
N ILE B 688 -45.90 28.70 7.03
CA ILE B 688 -45.45 27.65 6.13
C ILE B 688 -44.06 28.01 5.66
N SER B 689 -43.11 27.09 5.82
CA SER B 689 -41.72 27.33 5.48
C SER B 689 -41.23 26.29 4.48
N VAL B 690 -40.47 26.74 3.49
CA VAL B 690 -39.89 25.85 2.49
C VAL B 690 -38.37 25.90 2.65
N THR B 691 -37.78 24.75 2.94
CA THR B 691 -36.36 24.64 3.20
C THR B 691 -35.68 23.74 2.17
N THR B 692 -34.37 23.93 2.02
CA THR B 692 -33.58 23.16 1.07
C THR B 692 -32.75 22.10 1.77
N GLU B 693 -32.48 21.02 1.05
CA GLU B 693 -31.62 19.95 1.54
C GLU B 693 -30.85 19.37 0.37
N VAL B 694 -29.54 19.53 0.35
CA VAL B 694 -28.70 19.16 -0.78
C VAL B 694 -27.91 17.90 -0.42
N MET B 695 -28.07 16.83 -1.20
CA MET B 695 -27.28 15.64 -0.96
C MET B 695 -26.69 15.09 -2.25
N PRO B 696 -25.41 14.70 -2.25
CA PRO B 696 -24.82 14.07 -3.42
C PRO B 696 -25.36 12.66 -3.63
N VAL B 697 -25.28 12.20 -4.89
CA VAL B 697 -25.78 10.90 -5.29
C VAL B 697 -24.68 10.04 -5.89
N SER B 698 -23.90 10.59 -6.82
CA SER B 698 -22.88 9.84 -7.51
C SER B 698 -21.63 10.69 -7.66
N MET B 699 -20.53 10.05 -8.01
CA MET B 699 -19.27 10.71 -8.33
C MET B 699 -18.90 10.39 -9.78
N ALA B 700 -17.70 10.80 -10.18
CA ALA B 700 -17.25 10.64 -11.56
C ALA B 700 -16.64 9.25 -11.74
N LYS B 701 -17.16 8.51 -12.71
CA LYS B 701 -16.61 7.20 -13.02
C LYS B 701 -15.26 7.36 -13.73
N THR B 702 -14.27 6.59 -13.29
CA THR B 702 -12.91 6.72 -13.81
C THR B 702 -12.38 5.36 -14.22
N SER B 703 -11.60 5.34 -15.30
CA SER B 703 -10.92 4.14 -15.76
C SER B 703 -9.44 4.47 -15.95
N VAL B 704 -8.59 3.47 -15.72
CA VAL B 704 -7.14 3.64 -15.72
C VAL B 704 -6.52 2.56 -16.59
N ASP B 705 -5.67 2.97 -17.52
CA ASP B 705 -4.89 2.04 -18.33
C ASP B 705 -3.52 1.86 -17.70
N CYS B 706 -3.15 0.59 -17.44
CA CYS B 706 -1.85 0.30 -16.86
C CYS B 706 -0.72 0.70 -17.79
N THR B 707 -0.76 0.23 -19.03
CA THR B 707 0.12 0.73 -20.07
C THR B 707 -0.27 2.17 -20.38
N MET B 708 0.72 2.96 -20.82
CA MET B 708 0.70 4.42 -21.04
C MET B 708 0.63 5.20 -19.74
N TYR B 709 0.75 4.55 -18.60
CA TYR B 709 1.07 5.24 -17.35
C TYR B 709 2.34 4.71 -16.70
N ILE B 710 2.53 3.40 -16.70
CA ILE B 710 3.74 2.80 -16.14
C ILE B 710 4.84 2.71 -17.19
N CYS B 711 4.49 2.24 -18.39
CA CYS B 711 5.44 2.14 -19.51
C CYS B 711 5.00 3.13 -20.59
N GLY B 712 5.77 4.20 -20.75
CA GLY B 712 5.40 5.25 -21.68
C GLY B 712 5.63 4.93 -23.14
N ASP B 713 4.85 3.99 -23.68
CA ASP B 713 4.86 3.62 -25.10
C ASP B 713 6.23 3.14 -25.56
N SER B 714 6.94 2.43 -24.69
CA SER B 714 8.26 1.88 -25.01
C SER B 714 8.18 0.37 -25.00
N LEU B 715 8.83 -0.26 -25.98
CA LEU B 715 8.78 -1.71 -26.11
C LEU B 715 9.61 -2.41 -25.04
N GLU B 716 10.66 -1.76 -24.54
CA GLU B 716 11.50 -2.40 -23.53
C GLU B 716 10.78 -2.51 -22.19
N CYS B 717 9.95 -1.53 -21.86
CA CYS B 717 9.21 -1.61 -20.60
C CYS B 717 8.03 -2.57 -20.68
N SER B 718 7.39 -2.67 -21.85
CA SER B 718 6.24 -3.55 -21.99
C SER B 718 6.62 -5.02 -21.96
N ASN B 719 7.89 -5.35 -22.19
CA ASN B 719 8.37 -6.71 -22.04
C ASN B 719 8.66 -7.07 -20.59
N LEU B 720 8.75 -6.08 -19.71
CA LEU B 720 8.98 -6.31 -18.29
C LEU B 720 7.71 -6.22 -17.45
N LEU B 721 6.67 -5.55 -17.95
CA LEU B 721 5.44 -5.39 -17.19
C LEU B 721 4.65 -6.69 -17.09
N LEU B 722 4.90 -7.65 -17.99
CA LEU B 722 4.14 -8.89 -18.00
C LEU B 722 4.37 -9.71 -16.74
N GLN B 723 5.55 -9.59 -16.12
CA GLN B 723 5.81 -10.26 -14.85
C GLN B 723 4.94 -9.71 -13.73
N TYR B 724 4.48 -8.46 -13.85
CA TYR B 724 3.52 -7.89 -12.94
C TYR B 724 2.10 -7.96 -13.50
N GLY B 725 1.84 -8.86 -14.45
CA GLY B 725 0.59 -8.85 -15.19
C GLY B 725 -0.64 -9.12 -14.36
N SER B 726 -0.48 -9.87 -13.26
CA SER B 726 -1.61 -10.13 -12.38
C SER B 726 -1.90 -8.96 -11.44
N PHE B 727 -0.99 -7.99 -11.34
CA PHE B 727 -1.18 -6.85 -10.46
C PHE B 727 -1.98 -5.72 -11.10
N CYS B 728 -2.34 -5.86 -12.37
CA CYS B 728 -2.97 -4.77 -13.12
C CYS B 728 -4.48 -4.96 -13.25
N THR B 729 -4.93 -6.16 -13.62
CA THR B 729 -6.36 -6.43 -13.75
C THR B 729 -7.07 -6.30 -12.41
N GLN B 730 -6.36 -6.57 -11.31
CA GLN B 730 -6.90 -6.36 -9.97
C GLN B 730 -7.26 -4.89 -9.75
N LEU B 731 -6.53 -3.97 -10.38
CA LEU B 731 -6.97 -2.59 -10.39
C LEU B 731 -8.21 -2.43 -11.26
N ASN B 732 -8.18 -2.99 -12.47
CA ASN B 732 -9.28 -2.81 -13.41
C ASN B 732 -10.52 -3.60 -13.02
N ARG B 733 -10.39 -4.57 -12.11
CA ARG B 733 -11.57 -5.21 -11.54
C ARG B 733 -12.16 -4.43 -10.38
N ALA B 734 -11.47 -3.38 -9.91
CA ALA B 734 -11.96 -2.54 -8.83
C ALA B 734 -12.55 -1.23 -9.34
N LEU B 735 -11.82 -0.54 -10.22
CA LEU B 735 -12.31 0.72 -10.79
C LEU B 735 -13.53 0.50 -11.66
N SER B 736 -13.65 -0.68 -12.28
CA SER B 736 -14.86 -1.02 -13.01
C SER B 736 -15.96 -1.54 -12.10
N GLY B 737 -15.65 -1.85 -10.84
CA GLY B 737 -16.68 -2.22 -9.90
C GLY B 737 -17.36 -1.02 -9.27
N ILE B 738 -16.65 0.09 -9.17
CA ILE B 738 -17.26 1.33 -8.68
C ILE B 738 -18.21 1.90 -9.72
N ALA B 739 -17.79 1.93 -10.99
CA ALA B 739 -18.46 2.73 -12.01
C ALA B 739 -19.87 2.24 -12.28
N VAL B 740 -20.06 0.92 -12.40
CA VAL B 740 -21.39 0.38 -12.57
C VAL B 740 -22.24 0.67 -11.33
N GLU B 741 -21.63 0.62 -10.15
CA GLU B 741 -22.31 1.01 -8.93
C GLU B 741 -22.70 2.48 -8.95
N GLN B 742 -21.91 3.31 -9.65
CA GLN B 742 -22.26 4.72 -9.80
C GLN B 742 -23.49 4.91 -10.67
N ASP B 743 -23.82 3.93 -11.50
CA ASP B 743 -25.08 3.96 -12.24
C ASP B 743 -26.20 3.27 -11.48
N LYS B 744 -25.92 2.69 -10.32
CA LYS B 744 -26.96 2.14 -9.46
C LYS B 744 -27.44 3.14 -8.43
N ASN B 745 -26.60 4.12 -8.07
CA ASN B 745 -26.99 5.13 -7.11
C ASN B 745 -28.09 6.04 -7.66
N THR B 746 -27.99 6.41 -8.94
CA THR B 746 -28.94 7.34 -9.53
C THR B 746 -30.31 6.69 -9.72
N GLN B 747 -30.35 5.50 -10.31
CA GLN B 747 -31.63 4.88 -10.62
C GLN B 747 -32.33 4.34 -9.40
N GLU B 748 -31.62 4.20 -8.27
CA GLU B 748 -32.30 3.90 -7.02
C GLU B 748 -33.00 5.13 -6.46
N VAL B 749 -32.47 6.32 -6.75
CA VAL B 749 -33.03 7.55 -6.21
C VAL B 749 -34.20 8.06 -7.05
N PHE B 750 -33.99 8.21 -8.35
CA PHE B 750 -34.98 8.86 -9.20
C PHE B 750 -35.98 7.89 -9.82
N ALA B 751 -35.52 6.72 -10.27
CA ALA B 751 -36.38 5.77 -10.97
C ALA B 751 -37.13 4.89 -9.97
N GLN B 752 -37.99 5.53 -9.18
CA GLN B 752 -38.82 4.85 -8.20
C GLN B 752 -40.26 4.69 -8.66
N VAL B 753 -40.56 5.07 -9.89
CA VAL B 753 -41.90 4.94 -10.45
C VAL B 753 -41.80 4.28 -11.81
N LYS B 754 -42.68 3.31 -12.06
CA LYS B 754 -42.73 2.61 -13.33
C LYS B 754 -43.62 3.27 -14.36
N GLN B 755 -44.22 4.41 -14.02
CA GLN B 755 -45.09 5.15 -14.92
C GLN B 755 -44.55 6.56 -15.11
N MET B 756 -44.64 7.06 -16.34
CA MET B 756 -44.17 8.39 -16.69
C MET B 756 -45.39 9.29 -16.88
N TYR B 757 -45.82 9.91 -15.78
CA TYR B 757 -46.98 10.79 -15.84
C TYR B 757 -46.64 12.07 -16.57
N LYS B 758 -47.49 12.47 -17.51
CA LYS B 758 -47.26 13.70 -18.27
C LYS B 758 -47.61 14.91 -17.42
N THR B 759 -46.89 16.00 -17.67
CA THR B 759 -47.09 17.22 -16.90
C THR B 759 -48.44 17.86 -17.27
N PRO B 760 -49.21 18.30 -16.29
CA PRO B 760 -50.51 18.91 -16.59
C PRO B 760 -50.35 20.26 -17.28
N THR B 761 -51.38 20.64 -18.04
CA THR B 761 -51.35 21.88 -18.79
C THR B 761 -51.57 23.10 -17.88
N ILE B 762 -52.12 22.91 -16.70
CA ILE B 762 -52.37 24.00 -15.77
C ILE B 762 -51.36 23.93 -14.63
N ARG B 763 -51.13 25.09 -13.99
CA ARG B 763 -50.21 25.19 -12.88
C ARG B 763 -50.85 25.78 -11.64
N ASP B 764 -52.17 25.95 -11.62
CA ASP B 764 -52.89 26.52 -10.49
C ASP B 764 -53.76 25.42 -9.89
N PHE B 765 -53.22 24.73 -8.88
CA PHE B 765 -53.92 23.65 -8.21
C PHE B 765 -54.62 24.19 -6.96
N GLY B 766 -55.71 24.92 -7.20
CA GLY B 766 -56.47 25.52 -6.12
C GLY B 766 -55.75 26.62 -5.36
N GLY B 767 -55.00 27.46 -6.06
CA GLY B 767 -54.27 28.56 -5.47
C GLY B 767 -52.80 28.28 -5.24
N PHE B 768 -52.39 27.02 -5.25
CA PHE B 768 -51.00 26.64 -5.06
C PHE B 768 -50.30 26.68 -6.41
N ASN B 769 -49.30 27.55 -6.55
CA ASN B 769 -48.67 27.82 -7.83
C ASN B 769 -47.48 26.88 -8.02
N PHE B 770 -47.57 26.01 -9.01
CA PHE B 770 -46.54 25.03 -9.33
C PHE B 770 -45.78 25.39 -10.60
N SER B 771 -45.73 26.69 -10.93
CA SER B 771 -45.21 27.10 -12.24
C SER B 771 -43.71 26.92 -12.33
N GLN B 772 -42.98 27.24 -11.27
CA GLN B 772 -41.52 27.23 -11.30
C GLN B 772 -40.92 25.91 -10.83
N ILE B 773 -41.73 24.92 -10.52
CA ILE B 773 -41.25 23.60 -10.15
C ILE B 773 -41.31 22.62 -11.32
N LEU B 774 -42.37 22.70 -12.12
CA LEU B 774 -42.67 21.91 -13.29
C LEU B 774 -42.07 22.56 -14.54
N PRO B 775 -41.72 21.76 -15.56
CA PRO B 775 -41.17 22.33 -16.79
C PRO B 775 -42.17 23.18 -17.54
N ASP B 776 -41.66 24.18 -18.25
CA ASP B 776 -42.49 25.09 -19.02
C ASP B 776 -42.65 24.56 -20.43
N PRO B 777 -43.88 24.34 -20.91
CA PRO B 777 -44.06 23.83 -22.29
C PRO B 777 -43.76 24.87 -23.35
N LEU B 778 -43.72 26.16 -23.02
CA LEU B 778 -43.44 27.21 -23.98
C LEU B 778 -41.97 27.62 -24.00
N LYS B 779 -41.07 26.72 -23.63
CA LYS B 779 -39.64 26.98 -23.59
C LYS B 779 -38.89 25.85 -24.25
N PRO B 780 -37.77 26.15 -24.92
CA PRO B 780 -36.96 25.07 -25.52
C PRO B 780 -36.31 24.16 -24.49
N THR B 781 -36.16 24.60 -23.24
CA THR B 781 -35.55 23.76 -22.22
C THR B 781 -36.55 22.76 -21.66
N LYS B 782 -36.03 21.62 -21.22
CA LYS B 782 -36.83 20.57 -20.59
C LYS B 782 -36.71 20.59 -19.08
N ARG B 783 -36.10 21.62 -18.51
CA ARG B 783 -35.92 21.76 -17.08
C ARG B 783 -36.62 23.01 -16.58
N SER B 784 -37.05 22.97 -15.32
CA SER B 784 -37.82 24.06 -14.74
C SER B 784 -36.91 25.22 -14.34
N PHE B 785 -37.52 26.25 -13.73
CA PHE B 785 -36.78 27.46 -13.39
C PHE B 785 -35.80 27.21 -12.25
N ILE B 786 -36.24 26.54 -11.19
CA ILE B 786 -35.35 26.26 -10.07
C ILE B 786 -34.28 25.25 -10.47
N GLU B 787 -34.63 24.30 -11.35
CA GLU B 787 -33.62 23.38 -11.88
C GLU B 787 -32.59 24.13 -12.71
N ASP B 788 -33.02 25.13 -13.48
CA ASP B 788 -32.08 25.94 -14.25
C ASP B 788 -31.20 26.77 -13.33
N LEU B 789 -31.75 27.25 -12.21
CA LEU B 789 -30.95 28.02 -11.26
C LEU B 789 -29.96 27.14 -10.51
N LEU B 790 -30.30 25.87 -10.28
CA LEU B 790 -29.37 24.96 -9.61
C LEU B 790 -28.19 24.63 -10.52
N TYR B 791 -28.44 24.47 -11.82
CA TYR B 791 -27.36 24.48 -12.78
C TYR B 791 -26.80 25.89 -12.90
N ASN B 792 -25.62 25.99 -13.54
CA ASN B 792 -24.83 27.22 -13.62
C ASN B 792 -24.50 27.77 -12.23
N LYS B 793 -24.34 26.88 -11.25
CA LYS B 793 -23.89 27.24 -9.91
C LYS B 793 -22.77 26.29 -9.49
N VAL B 794 -22.74 25.13 -10.10
CA VAL B 794 -21.68 24.14 -9.90
C VAL B 794 -20.79 24.19 -11.12
N THR B 795 -19.56 24.69 -10.95
CA THR B 795 -18.63 24.86 -12.06
C THR B 795 -18.06 23.51 -12.42
N LEU B 796 -18.74 22.82 -13.34
CA LEU B 796 -18.31 21.49 -13.78
C LEU B 796 -17.09 21.54 -14.70
N ALA B 797 -16.74 22.71 -15.24
CA ALA B 797 -15.63 22.83 -16.18
C ALA B 797 -14.31 23.05 -15.45
N ASP B 798 -13.99 22.10 -14.58
CA ASP B 798 -12.70 22.08 -13.89
C ASP B 798 -12.04 20.72 -14.10
N ALA B 799 -12.86 19.68 -14.24
CA ALA B 799 -12.40 18.35 -14.57
C ALA B 799 -12.62 18.08 -16.05
N GLY B 800 -12.36 16.85 -16.49
CA GLY B 800 -12.52 16.49 -17.89
C GLY B 800 -13.90 15.95 -18.20
N PHE B 801 -14.95 16.64 -17.75
CA PHE B 801 -16.30 16.17 -17.99
C PHE B 801 -16.71 16.33 -19.44
N MET B 802 -16.31 17.43 -20.07
CA MET B 802 -16.61 17.69 -21.48
C MET B 802 -15.37 18.29 -22.13
N LYS B 803 -14.63 17.46 -22.88
CA LYS B 803 -13.40 17.89 -23.52
C LYS B 803 -13.19 17.05 -24.76
N GLN B 804 -13.29 17.68 -25.93
CA GLN B 804 -13.08 16.98 -27.19
C GLN B 804 -11.61 16.60 -27.36
N TYR B 805 -11.38 15.60 -28.21
CA TYR B 805 -10.02 15.17 -28.51
C TYR B 805 -9.42 15.88 -29.70
N ALA B 806 -10.20 16.69 -30.43
CA ALA B 806 -9.68 17.38 -31.60
C ALA B 806 -8.73 18.50 -31.23
N ASP B 807 -9.10 19.33 -30.25
CA ASP B 807 -8.25 20.43 -29.82
C ASP B 807 -7.13 19.98 -28.91
N CYS B 808 -7.18 18.75 -28.40
CA CYS B 808 -6.12 18.25 -27.54
C CYS B 808 -4.85 17.93 -28.32
N LEU B 809 -4.95 17.72 -29.63
CA LEU B 809 -3.78 17.32 -30.42
C LEU B 809 -2.79 18.47 -30.61
N GLY B 810 -3.29 19.66 -30.95
CA GLY B 810 -2.44 20.77 -31.31
C GLY B 810 -2.83 22.05 -30.59
N GLY B 811 -2.07 23.10 -30.88
CA GLY B 811 -2.29 24.38 -30.27
C GLY B 811 -1.73 24.47 -28.85
N ILE B 812 -2.11 25.56 -28.17
CA ILE B 812 -1.71 25.75 -26.78
C ILE B 812 -2.49 24.85 -25.83
N ASN B 813 -3.57 24.22 -26.30
CA ASN B 813 -4.39 23.35 -25.48
C ASN B 813 -3.66 22.10 -25.01
N ALA B 814 -2.50 21.78 -25.60
CA ALA B 814 -1.65 20.71 -25.08
C ALA B 814 -1.05 21.04 -23.73
N ARG B 815 -1.10 22.29 -23.29
CA ARG B 815 -0.63 22.68 -21.96
C ARG B 815 -1.71 22.54 -20.89
N ASP B 816 -2.89 22.06 -21.26
CA ASP B 816 -3.97 21.88 -20.30
C ASP B 816 -3.72 20.64 -19.43
N LEU B 817 -4.45 20.59 -18.31
CA LEU B 817 -4.36 19.42 -17.42
C LEU B 817 -5.09 18.23 -18.01
N ILE B 818 -6.23 18.47 -18.66
CA ILE B 818 -7.04 17.40 -19.22
C ILE B 818 -6.32 16.70 -20.37
N CYS B 819 -5.54 17.45 -21.15
CA CYS B 819 -4.76 16.84 -22.23
C CYS B 819 -3.70 15.91 -21.68
N ALA B 820 -3.06 16.28 -20.56
CA ALA B 820 -2.09 15.38 -19.93
C ALA B 820 -2.78 14.15 -19.34
N GLN B 821 -3.95 14.34 -18.73
CA GLN B 821 -4.70 13.21 -18.18
C GLN B 821 -5.12 12.24 -19.28
N LYS B 822 -5.49 12.75 -20.45
CA LYS B 822 -5.86 11.88 -21.56
C LYS B 822 -4.65 11.23 -22.21
N PHE B 823 -3.52 11.95 -22.27
CA PHE B 823 -2.30 11.39 -22.84
C PHE B 823 -1.65 10.35 -21.93
N ASN B 824 -1.97 10.37 -20.62
CA ASN B 824 -1.45 9.38 -19.69
C ASN B 824 -2.42 8.24 -19.44
N GLY B 825 -3.44 8.10 -20.28
CA GLY B 825 -4.40 7.01 -20.15
C GLY B 825 -5.30 7.07 -18.94
N LEU B 826 -5.77 8.26 -18.59
CA LEU B 826 -6.73 8.45 -17.49
C LEU B 826 -7.95 9.15 -18.06
N THR B 827 -9.02 8.40 -18.28
CA THR B 827 -10.24 8.92 -18.87
C THR B 827 -11.36 8.97 -17.82
N VAL B 828 -12.46 9.61 -18.19
CA VAL B 828 -13.65 9.69 -17.36
C VAL B 828 -14.82 9.19 -18.19
N LEU B 829 -15.42 8.08 -17.77
CA LEU B 829 -16.53 7.50 -18.52
C LEU B 829 -17.79 8.33 -18.32
N PRO B 830 -18.61 8.46 -19.37
CA PRO B 830 -19.84 9.26 -19.25
C PRO B 830 -20.90 8.50 -18.46
N PRO B 831 -21.83 9.22 -17.83
CA PRO B 831 -22.91 8.54 -17.11
C PRO B 831 -23.93 7.96 -18.08
N LEU B 832 -24.71 7.00 -17.57
CA LEU B 832 -25.73 6.36 -18.38
C LEU B 832 -26.92 7.29 -18.59
N LEU B 833 -27.56 7.71 -17.51
CA LEU B 833 -28.67 8.65 -17.61
C LEU B 833 -28.15 10.05 -17.86
N THR B 834 -28.73 10.73 -18.84
CA THR B 834 -28.41 12.12 -19.09
C THR B 834 -29.20 13.01 -18.12
N ASP B 835 -29.00 14.32 -18.23
CA ASP B 835 -29.72 15.24 -17.37
C ASP B 835 -31.18 15.37 -17.78
N ASP B 836 -31.49 15.13 -19.05
CA ASP B 836 -32.86 15.24 -19.53
C ASP B 836 -33.73 14.12 -18.96
N MET B 837 -33.19 12.90 -18.86
CA MET B 837 -33.95 11.79 -18.29
C MET B 837 -34.20 12.00 -16.80
N ILE B 838 -33.21 12.54 -16.08
CA ILE B 838 -33.40 12.82 -14.66
C ILE B 838 -34.41 13.93 -14.47
N ALA B 839 -34.38 14.95 -15.34
CA ALA B 839 -35.38 16.02 -15.27
C ALA B 839 -36.77 15.50 -15.57
N ALA B 840 -36.89 14.56 -16.51
CA ALA B 840 -38.17 13.93 -16.80
C ALA B 840 -38.66 13.10 -15.62
N TYR B 841 -37.75 12.41 -14.94
CA TYR B 841 -38.12 11.64 -13.74
C TYR B 841 -38.65 12.56 -12.64
N THR B 842 -37.96 13.69 -12.42
CA THR B 842 -38.41 14.62 -11.38
C THR B 842 -39.74 15.27 -11.75
N ALA B 843 -39.92 15.60 -13.03
CA ALA B 843 -41.19 16.18 -13.48
C ALA B 843 -42.34 15.19 -13.32
N ALA B 844 -42.09 13.91 -13.64
CA ALA B 844 -43.11 12.89 -13.44
C ALA B 844 -43.43 12.71 -11.97
N LEU B 845 -42.41 12.75 -11.10
CA LEU B 845 -42.65 12.60 -9.68
C LEU B 845 -43.48 13.77 -9.13
N ILE B 846 -43.16 14.99 -9.54
CA ILE B 846 -43.90 16.15 -9.05
C ILE B 846 -45.33 16.16 -9.59
N SER B 847 -45.50 15.74 -10.85
CA SER B 847 -46.85 15.65 -11.42
C SER B 847 -47.68 14.58 -10.71
N GLY B 848 -47.07 13.44 -10.40
CA GLY B 848 -47.79 12.41 -9.65
C GLY B 848 -48.13 12.85 -8.24
N THR B 849 -47.25 13.63 -7.61
CA THR B 849 -47.56 14.17 -6.29
C THR B 849 -48.69 15.18 -6.36
N ALA B 850 -48.73 16.01 -7.41
CA ALA B 850 -49.74 17.05 -7.50
C ALA B 850 -51.10 16.48 -7.87
N THR B 851 -51.15 15.50 -8.77
CA THR B 851 -52.43 15.01 -9.27
C THR B 851 -52.96 13.78 -8.54
N ALA B 852 -52.10 13.02 -7.87
CA ALA B 852 -52.55 11.81 -7.17
C ALA B 852 -52.33 11.86 -5.67
N GLY B 853 -51.18 12.31 -5.21
CA GLY B 853 -50.93 12.46 -3.79
C GLY B 853 -50.02 11.37 -3.26
N TRP B 854 -50.43 10.73 -2.16
CA TRP B 854 -49.66 9.67 -1.53
C TRP B 854 -49.99 8.29 -2.07
N THR B 855 -51.02 8.16 -2.91
CA THR B 855 -51.56 6.86 -3.29
C THR B 855 -50.96 6.29 -4.55
N PHE B 856 -50.05 7.00 -5.21
CA PHE B 856 -49.41 6.47 -6.40
C PHE B 856 -48.12 5.72 -6.10
N GLY B 857 -47.76 5.59 -4.82
CA GLY B 857 -46.63 4.76 -4.43
C GLY B 857 -47.04 3.35 -4.07
N ALA B 858 -48.31 3.16 -3.74
CA ALA B 858 -48.82 1.83 -3.40
C ALA B 858 -49.19 1.04 -4.65
N GLY B 859 -50.14 1.55 -5.43
CA GLY B 859 -50.57 0.89 -6.64
C GLY B 859 -50.79 1.86 -7.78
N ALA B 860 -51.96 1.81 -8.40
CA ALA B 860 -52.29 2.76 -9.45
C ALA B 860 -52.58 4.13 -8.86
N ALA B 861 -52.36 5.16 -9.68
CA ALA B 861 -52.58 6.52 -9.23
C ALA B 861 -54.08 6.83 -9.14
N LEU B 862 -54.47 7.49 -8.06
CA LEU B 862 -55.86 7.84 -7.80
C LEU B 862 -55.98 9.36 -7.77
N GLN B 863 -56.82 9.91 -8.65
CA GLN B 863 -56.95 11.36 -8.71
C GLN B 863 -57.74 11.89 -7.52
N ILE B 864 -57.40 13.12 -7.11
CA ILE B 864 -58.02 13.79 -5.98
C ILE B 864 -57.73 15.28 -6.12
N PRO B 865 -58.68 16.16 -5.83
CA PRO B 865 -58.37 17.60 -5.84
C PRO B 865 -57.34 17.96 -4.78
N PHE B 866 -56.56 18.99 -5.07
CA PHE B 866 -55.40 19.32 -4.24
C PHE B 866 -55.80 19.89 -2.89
N ALA B 867 -56.96 20.53 -2.81
CA ALA B 867 -57.44 21.04 -1.51
C ALA B 867 -57.74 19.89 -0.56
N MET B 868 -58.31 18.81 -1.07
CA MET B 868 -58.56 17.63 -0.23
C MET B 868 -57.25 16.98 0.22
N GLN B 869 -56.24 16.98 -0.66
CA GLN B 869 -54.95 16.44 -0.29
C GLN B 869 -54.30 17.28 0.80
N MET B 870 -54.40 18.60 0.70
CA MET B 870 -53.88 19.47 1.75
C MET B 870 -54.64 19.29 3.05
N ALA B 871 -55.95 19.09 2.98
CA ALA B 871 -56.75 18.87 4.19
C ALA B 871 -56.37 17.55 4.86
N TYR B 872 -56.17 16.49 4.07
CA TYR B 872 -55.78 15.21 4.64
C TYR B 872 -54.38 15.27 5.23
N ARG B 873 -53.47 16.00 4.58
CA ARG B 873 -52.12 16.15 5.13
C ARG B 873 -52.12 17.00 6.39
N PHE B 874 -53.01 18.00 6.48
CA PHE B 874 -53.18 18.74 7.72
C PHE B 874 -53.77 17.88 8.82
N ASN B 875 -54.65 16.94 8.48
CA ASN B 875 -55.26 16.07 9.48
C ASN B 875 -54.28 15.05 10.05
N GLY B 876 -53.10 14.88 9.44
CA GLY B 876 -52.12 13.95 9.96
C GLY B 876 -51.04 14.64 10.79
N ILE B 877 -51.33 15.86 11.24
CA ILE B 877 -50.38 16.63 12.02
C ILE B 877 -50.93 16.82 13.42
N GLY B 878 -52.25 16.91 13.52
CA GLY B 878 -52.91 17.19 14.78
C GLY B 878 -53.82 18.39 14.68
N VAL B 879 -53.97 18.90 13.46
CA VAL B 879 -54.83 20.04 13.16
C VAL B 879 -56.03 19.54 12.39
N THR B 880 -57.23 19.89 12.86
CA THR B 880 -58.44 19.43 12.22
C THR B 880 -58.61 20.09 10.85
N GLN B 881 -59.39 19.43 9.99
CA GLN B 881 -59.47 19.83 8.59
C GLN B 881 -60.30 21.10 8.36
N ASN B 882 -61.02 21.59 9.37
CA ASN B 882 -61.75 22.84 9.22
C ASN B 882 -60.83 24.05 9.22
N VAL B 883 -59.59 23.89 9.67
CA VAL B 883 -58.64 24.99 9.71
C VAL B 883 -58.21 25.37 8.29
N LEU B 884 -57.99 24.38 7.43
CA LEU B 884 -57.50 24.67 6.07
C LEU B 884 -58.56 25.37 5.23
N TYR B 885 -59.80 24.87 5.26
CA TYR B 885 -60.85 25.44 4.42
C TYR B 885 -61.25 26.84 4.87
N GLU B 886 -60.98 27.21 6.12
CA GLU B 886 -61.20 28.58 6.55
C GLU B 886 -60.00 29.49 6.30
N ASN B 887 -58.86 28.93 5.91
CA ASN B 887 -57.64 29.71 5.67
C ASN B 887 -56.94 29.22 4.43
N GLN B 888 -57.69 28.96 3.35
CA GLN B 888 -57.08 28.43 2.13
C GLN B 888 -56.25 29.49 1.43
N LYS B 889 -56.77 30.71 1.32
CA LYS B 889 -56.09 31.77 0.58
C LYS B 889 -54.81 32.20 1.28
N GLN B 890 -54.83 32.28 2.61
CA GLN B 890 -53.63 32.65 3.35
C GLN B 890 -52.53 31.60 3.20
N ILE B 891 -52.91 30.32 3.25
CA ILE B 891 -51.92 29.25 3.07
C ILE B 891 -51.36 29.26 1.65
N ALA B 892 -52.22 29.51 0.65
CA ALA B 892 -51.75 29.61 -0.72
C ALA B 892 -50.78 30.77 -0.91
N ASN B 893 -51.10 31.92 -0.33
CA ASN B 893 -50.21 33.08 -0.43
C ASN B 893 -48.89 32.83 0.28
N GLN B 894 -48.93 32.18 1.45
CA GLN B 894 -47.70 31.86 2.18
C GLN B 894 -46.83 30.88 1.40
N PHE B 895 -47.45 29.87 0.78
CA PHE B 895 -46.69 28.90 -0.02
C PHE B 895 -46.04 29.58 -1.22
N ASN B 896 -46.79 30.43 -1.92
CA ASN B 896 -46.25 31.13 -3.08
C ASN B 896 -45.13 32.08 -2.68
N LYS B 897 -45.30 32.80 -1.57
CA LYS B 897 -44.26 33.71 -1.10
C LYS B 897 -43.01 32.96 -0.68
N ALA B 898 -43.17 31.81 -0.03
CA ALA B 898 -42.01 31.01 0.35
C ALA B 898 -41.27 30.48 -0.87
N ILE B 899 -42.00 30.06 -1.91
CA ILE B 899 -41.37 29.58 -3.13
C ILE B 899 -40.64 30.72 -3.83
N THR B 900 -41.24 31.90 -3.88
CA THR B 900 -40.58 33.05 -4.48
C THR B 900 -39.35 33.48 -3.66
N GLN B 901 -39.38 33.27 -2.35
CA GLN B 901 -38.24 33.64 -1.52
C GLN B 901 -37.09 32.67 -1.71
N ILE B 902 -37.36 31.37 -1.80
CA ILE B 902 -36.26 30.42 -1.97
C ILE B 902 -35.72 30.51 -3.40
N GLN B 903 -36.57 30.84 -4.37
CA GLN B 903 -36.11 30.99 -5.74
C GLN B 903 -35.14 32.16 -5.89
N GLU B 904 -35.43 33.28 -5.23
CA GLU B 904 -34.55 34.44 -5.31
C GLU B 904 -33.27 34.24 -4.51
N SER B 905 -33.31 33.41 -3.46
CA SER B 905 -32.14 33.19 -2.63
C SER B 905 -31.07 32.35 -3.30
N LEU B 906 -31.39 31.69 -4.42
CA LEU B 906 -30.40 30.89 -5.14
C LEU B 906 -29.60 31.71 -6.14
N THR B 907 -29.96 32.96 -6.38
CA THR B 907 -29.26 33.83 -7.32
C THR B 907 -28.25 34.75 -6.64
N THR B 908 -28.63 35.33 -5.50
CA THR B 908 -27.73 36.28 -4.83
C THR B 908 -26.59 35.56 -4.12
N THR B 909 -26.82 34.34 -3.64
CA THR B 909 -25.79 33.62 -2.90
C THR B 909 -24.71 33.11 -3.85
N SER B 910 -23.60 32.67 -3.26
CA SER B 910 -22.50 32.12 -4.03
C SER B 910 -22.11 30.74 -3.53
N THR B 911 -22.31 30.48 -2.24
CA THR B 911 -22.00 29.18 -1.64
C THR B 911 -23.31 28.67 -1.03
N ALA B 912 -23.96 27.76 -1.76
CA ALA B 912 -25.09 27.01 -1.24
C ALA B 912 -25.05 25.54 -1.65
N LEU B 913 -24.22 25.19 -2.63
CA LEU B 913 -24.08 23.80 -3.07
C LEU B 913 -22.63 23.36 -2.93
N GLY B 914 -22.01 23.67 -1.79
CA GLY B 914 -20.63 23.29 -1.57
C GLY B 914 -20.44 21.78 -1.44
N LYS B 915 -21.49 21.07 -1.02
CA LYS B 915 -21.41 19.62 -0.94
C LYS B 915 -21.21 18.99 -2.31
N LEU B 916 -21.92 19.48 -3.32
CA LEU B 916 -21.74 18.96 -4.68
C LEU B 916 -20.44 19.46 -5.30
N GLN B 917 -19.96 20.63 -4.91
CA GLN B 917 -18.73 21.17 -5.46
C GLN B 917 -17.50 20.46 -4.92
N ASP B 918 -17.56 20.01 -3.66
CA ASP B 918 -16.43 19.34 -3.04
C ASP B 918 -16.10 18.02 -3.72
N VAL B 919 -17.12 17.31 -4.22
CA VAL B 919 -16.88 16.03 -4.90
C VAL B 919 -16.09 16.25 -6.18
N VAL B 920 -16.49 17.24 -6.98
CA VAL B 920 -15.79 17.54 -8.22
C VAL B 920 -14.38 18.01 -7.95
N ASN B 921 -14.21 18.88 -6.94
CA ASN B 921 -12.88 19.37 -6.60
C ASN B 921 -11.97 18.25 -6.12
N GLN B 922 -12.50 17.33 -5.30
CA GLN B 922 -11.71 16.21 -4.79
C GLN B 922 -11.29 15.28 -5.91
N ASN B 923 -12.21 14.94 -6.82
CA ASN B 923 -11.86 14.07 -7.94
C ASN B 923 -10.83 14.70 -8.86
N ALA B 924 -11.00 16.00 -9.17
CA ALA B 924 -10.05 16.68 -10.03
C ALA B 924 -8.67 16.77 -9.40
N GLN B 925 -8.61 17.08 -8.10
CA GLN B 925 -7.32 17.21 -7.45
C GLN B 925 -6.65 15.84 -7.26
N ALA B 926 -7.43 14.77 -7.09
CA ALA B 926 -6.84 13.43 -7.01
C ALA B 926 -6.25 13.01 -8.35
N LEU B 927 -6.96 13.28 -9.44
CA LEU B 927 -6.44 12.95 -10.76
C LEU B 927 -5.21 13.79 -11.09
N ASN B 928 -5.21 15.06 -10.69
CA ASN B 928 -4.05 15.92 -10.94
C ASN B 928 -2.84 15.48 -10.12
N THR B 929 -3.06 15.03 -8.88
CA THR B 929 -1.96 14.49 -8.09
C THR B 929 -1.42 13.21 -8.70
N LEU B 930 -2.30 12.35 -9.20
CA LEU B 930 -1.86 11.12 -9.85
C LEU B 930 -1.05 11.41 -11.12
N VAL B 931 -1.43 12.44 -11.86
CA VAL B 931 -0.66 12.83 -13.04
C VAL B 931 0.70 13.41 -12.63
N LYS B 932 0.71 14.30 -11.64
CA LYS B 932 1.94 14.97 -11.24
C LYS B 932 2.90 14.07 -10.50
N GLN B 933 2.45 12.90 -10.03
CA GLN B 933 3.35 11.97 -9.36
C GLN B 933 4.24 11.17 -10.33
N LEU B 934 4.26 11.52 -11.61
CA LEU B 934 5.13 10.85 -12.57
C LEU B 934 6.52 11.46 -12.64
N SER B 935 6.76 12.58 -11.96
CA SER B 935 8.04 13.26 -12.01
C SER B 935 9.03 12.75 -10.96
N SER B 936 8.63 11.80 -10.13
CA SER B 936 9.51 11.21 -9.13
C SER B 936 10.30 10.06 -9.74
N ASN B 937 11.60 10.04 -9.50
CA ASN B 937 12.47 9.03 -10.08
C ASN B 937 12.53 7.74 -9.27
N PHE B 938 12.01 7.75 -8.04
CA PHE B 938 11.90 6.57 -7.17
C PHE B 938 13.26 5.90 -6.92
N GLY B 939 14.31 6.72 -6.80
CA GLY B 939 15.63 6.22 -6.54
C GLY B 939 16.48 5.92 -7.76
N ALA B 940 15.91 6.01 -8.96
CA ALA B 940 16.68 5.77 -10.17
C ALA B 940 17.47 7.03 -10.55
N ILE B 941 18.18 6.97 -11.67
CA ILE B 941 18.99 8.10 -12.10
C ILE B 941 18.17 9.16 -12.82
N SER B 942 16.98 8.81 -13.31
CA SER B 942 16.13 9.77 -14.00
C SER B 942 14.67 9.33 -13.87
N SER B 943 13.78 10.28 -14.09
CA SER B 943 12.34 10.06 -13.96
C SER B 943 11.67 9.71 -15.28
N ALA B 944 12.43 9.57 -16.36
CA ALA B 944 11.90 9.23 -17.66
C ALA B 944 12.56 7.97 -18.18
N LEU B 945 11.82 7.22 -19.00
CA LEU B 945 12.34 5.99 -19.57
C LEU B 945 13.22 6.23 -20.79
N ASN B 946 13.25 7.46 -21.32
CA ASN B 946 13.99 7.71 -22.56
C ASN B 946 15.46 8.00 -22.29
N ASP B 947 15.77 8.75 -21.24
CA ASP B 947 17.17 9.04 -20.94
C ASP B 947 17.83 7.95 -20.10
N ILE B 948 17.09 6.91 -19.73
CA ILE B 948 17.69 5.73 -19.12
C ILE B 948 18.05 4.70 -20.18
N LEU B 949 17.15 4.48 -21.15
CA LEU B 949 17.41 3.51 -22.21
C LEU B 949 18.38 4.03 -23.24
N SER B 950 18.65 5.34 -23.27
CA SER B 950 19.60 5.93 -24.21
C SER B 950 20.94 6.24 -23.56
N ARG B 951 21.12 5.88 -22.29
CA ARG B 951 22.40 6.05 -21.59
C ARG B 951 23.01 4.74 -21.16
N LEU B 952 22.23 3.85 -20.55
CA LEU B 952 22.74 2.61 -19.99
C LEU B 952 22.44 1.44 -20.91
N ASP B 953 23.37 0.49 -20.96
CA ASP B 953 23.16 -0.73 -21.73
C ASP B 953 22.19 -1.65 -20.99
N LYS B 954 21.78 -2.72 -21.67
CA LYS B 954 20.74 -3.61 -21.16
C LYS B 954 21.18 -4.43 -19.94
N VAL B 955 22.48 -4.43 -19.61
CA VAL B 955 22.94 -5.16 -18.43
C VAL B 955 22.40 -4.51 -17.16
N GLU B 956 22.51 -3.19 -17.06
CA GLU B 956 22.11 -2.47 -15.85
C GLU B 956 20.94 -1.51 -16.07
N ALA B 957 20.31 -1.55 -17.25
CA ALA B 957 19.09 -0.75 -17.44
C ALA B 957 17.86 -1.44 -16.88
N GLU B 958 17.93 -2.75 -16.63
CA GLU B 958 16.80 -3.48 -16.07
C GLU B 958 16.68 -3.32 -14.56
N VAL B 959 17.72 -2.79 -13.90
CA VAL B 959 17.65 -2.57 -12.46
C VAL B 959 17.19 -1.17 -12.10
N GLN B 960 17.09 -0.27 -13.07
CA GLN B 960 16.55 1.06 -12.86
C GLN B 960 15.11 1.20 -13.34
N ILE B 961 14.75 0.50 -14.42
CA ILE B 961 13.38 0.53 -14.90
C ILE B 961 12.45 -0.18 -13.92
N ASP B 962 12.93 -1.28 -13.32
CA ASP B 962 12.11 -2.04 -12.37
C ASP B 962 11.80 -1.23 -11.11
N ARG B 963 12.74 -0.38 -10.67
CA ARG B 963 12.45 0.52 -9.56
C ARG B 963 11.33 1.49 -9.92
N LEU B 964 11.34 2.02 -11.14
CA LEU B 964 10.29 2.93 -11.59
C LEU B 964 8.95 2.21 -11.67
N ILE B 965 8.93 0.97 -12.15
CA ILE B 965 7.67 0.22 -12.25
C ILE B 965 7.12 -0.08 -10.86
N THR B 966 7.97 -0.54 -9.94
CA THR B 966 7.52 -0.83 -8.59
C THR B 966 7.14 0.43 -7.81
N GLY B 967 7.67 1.60 -8.21
CA GLY B 967 7.23 2.84 -7.58
C GLY B 967 5.96 3.40 -8.18
N ARG B 968 5.74 3.17 -9.47
CA ARG B 968 4.53 3.68 -10.13
C ARG B 968 3.33 2.76 -9.94
N LEU B 969 3.53 1.52 -9.49
CA LEU B 969 2.38 0.70 -9.10
C LEU B 969 1.72 1.22 -7.83
N GLN B 970 2.52 1.77 -6.90
CA GLN B 970 1.99 2.23 -5.63
C GLN B 970 1.05 3.42 -5.77
N SER B 971 1.33 4.31 -6.72
CA SER B 971 0.45 5.45 -6.95
C SER B 971 -0.92 5.01 -7.41
N LEU B 972 -0.97 4.04 -8.34
CA LEU B 972 -2.24 3.49 -8.79
C LEU B 972 -2.96 2.77 -7.66
N GLN B 973 -2.22 2.04 -6.83
CA GLN B 973 -2.82 1.34 -5.70
C GLN B 973 -3.46 2.32 -4.72
N THR B 974 -2.75 3.40 -4.38
CA THR B 974 -3.28 4.40 -3.46
C THR B 974 -4.49 5.11 -4.05
N TYR B 975 -4.44 5.41 -5.35
CA TYR B 975 -5.57 6.05 -6.01
C TYR B 975 -6.80 5.16 -5.99
N VAL B 976 -6.62 3.86 -6.25
CA VAL B 976 -7.74 2.92 -6.23
C VAL B 976 -8.33 2.80 -4.83
N THR B 977 -7.47 2.74 -3.81
CA THR B 977 -7.96 2.64 -2.43
C THR B 977 -8.76 3.86 -2.02
N GLN B 978 -8.25 5.06 -2.34
CA GLN B 978 -8.97 6.28 -1.99
C GLN B 978 -10.27 6.40 -2.75
N GLN B 979 -10.28 5.99 -4.03
CA GLN B 979 -11.52 5.99 -4.80
C GLN B 979 -12.54 5.03 -4.21
N LEU B 980 -12.09 3.88 -3.70
CA LEU B 980 -13.00 2.92 -3.08
C LEU B 980 -13.62 3.49 -1.81
N ILE B 981 -12.82 4.16 -0.98
CA ILE B 981 -13.35 4.76 0.25
C ILE B 981 -14.35 5.87 -0.07
N ARG B 982 -14.02 6.73 -1.04
CA ARG B 982 -14.95 7.78 -1.44
C ARG B 982 -16.22 7.21 -2.06
N ALA B 983 -16.11 6.10 -2.79
CA ALA B 983 -17.28 5.43 -3.35
C ALA B 983 -18.18 4.90 -2.26
N ALA B 984 -17.59 4.35 -1.18
CA ALA B 984 -18.39 3.88 -0.05
C ALA B 984 -19.15 5.03 0.61
N GLU B 985 -18.48 6.18 0.80
CA GLU B 985 -19.15 7.33 1.38
C GLU B 985 -20.29 7.84 0.50
N ILE B 986 -20.05 7.90 -0.82
CA ILE B 986 -21.07 8.36 -1.76
C ILE B 986 -22.24 7.38 -1.80
N ARG B 987 -21.95 6.08 -1.68
CA ARG B 987 -23.02 5.07 -1.62
C ARG B 987 -23.88 5.24 -0.37
N THR B 988 -23.26 5.58 0.77
CA THR B 988 -24.02 5.85 1.98
C THR B 988 -24.95 7.06 1.78
N SER B 989 -24.43 8.13 1.18
CA SER B 989 -25.25 9.31 0.93
C SER B 989 -26.38 9.01 -0.05
N ALA B 990 -26.11 8.18 -1.06
CA ALA B 990 -27.13 7.82 -2.03
C ALA B 990 -28.22 6.96 -1.41
N ASN B 991 -27.86 6.06 -0.50
CA ASN B 991 -28.86 5.27 0.21
C ASN B 991 -29.74 6.14 1.07
N LEU B 992 -29.15 7.13 1.75
CA LEU B 992 -29.96 8.07 2.52
C LEU B 992 -30.89 8.88 1.63
N ALA B 993 -30.40 9.28 0.45
CA ALA B 993 -31.24 10.03 -0.49
C ALA B 993 -32.40 9.17 -1.01
N ALA B 994 -32.15 7.89 -1.29
CA ALA B 994 -33.20 7.00 -1.73
C ALA B 994 -34.26 6.79 -0.65
N THR B 995 -33.82 6.64 0.61
CA THR B 995 -34.77 6.51 1.72
C THR B 995 -35.60 7.79 1.88
N LYS B 996 -34.96 8.96 1.75
CA LYS B 996 -35.69 10.22 1.86
C LYS B 996 -36.69 10.39 0.73
N MET B 997 -36.35 9.94 -0.48
CA MET B 997 -37.30 10.00 -1.58
C MET B 997 -38.46 9.05 -1.37
N SER B 998 -38.18 7.85 -0.85
CA SER B 998 -39.26 6.88 -0.65
C SER B 998 -40.18 7.26 0.50
N GLU B 999 -39.68 7.97 1.50
CA GLU B 999 -40.47 8.24 2.70
C GLU B 999 -41.03 9.65 2.77
N CYS B 1000 -40.27 10.66 2.35
CA CYS B 1000 -40.68 12.05 2.50
C CYS B 1000 -41.34 12.63 1.25
N VAL B 1001 -41.43 11.87 0.15
CA VAL B 1001 -42.02 12.35 -1.09
C VAL B 1001 -43.26 11.54 -1.46
N LEU B 1002 -43.13 10.21 -1.52
CA LEU B 1002 -44.26 9.35 -1.86
C LEU B 1002 -45.29 9.28 -0.75
N GLY B 1003 -44.95 9.72 0.47
CA GLY B 1003 -45.90 9.76 1.56
C GLY B 1003 -45.59 10.86 2.55
N GLN B 1004 -46.20 10.81 3.72
CA GLN B 1004 -45.95 11.78 4.78
C GLN B 1004 -45.31 11.06 5.96
N SER B 1005 -44.21 11.61 6.47
CA SER B 1005 -43.40 10.93 7.47
C SER B 1005 -43.65 11.51 8.85
N LYS B 1006 -43.68 10.64 9.86
CA LYS B 1006 -43.85 11.03 11.25
C LYS B 1006 -42.55 11.01 12.03
N ARG B 1007 -41.42 10.76 11.37
CA ARG B 1007 -40.13 10.79 12.05
C ARG B 1007 -39.72 12.23 12.31
N VAL B 1008 -39.31 12.51 13.54
CA VAL B 1008 -39.02 13.88 13.96
C VAL B 1008 -37.69 14.32 13.35
N ASP B 1009 -37.72 15.50 12.70
CA ASP B 1009 -36.55 16.14 12.09
C ASP B 1009 -35.87 15.27 11.04
N PHE B 1010 -36.65 14.43 10.36
CA PHE B 1010 -36.09 13.65 9.26
C PHE B 1010 -36.05 14.49 7.99
N CYS B 1011 -37.19 14.97 7.54
CA CYS B 1011 -37.28 15.92 6.43
C CYS B 1011 -37.87 17.22 6.97
N GLY B 1012 -37.04 18.25 7.05
CA GLY B 1012 -37.49 19.56 7.48
C GLY B 1012 -37.59 19.70 8.99
N LYS B 1013 -37.42 20.93 9.47
CA LYS B 1013 -37.51 21.23 10.90
C LYS B 1013 -38.95 21.61 11.22
N GLY B 1014 -39.67 20.70 11.86
CA GLY B 1014 -41.06 20.94 12.21
C GLY B 1014 -41.98 19.82 11.77
N TYR B 1015 -43.24 20.13 11.52
CA TYR B 1015 -44.22 19.12 11.13
C TYR B 1015 -44.24 19.03 9.60
N HIS B 1016 -43.87 17.86 9.07
CA HIS B 1016 -43.70 17.70 7.64
C HIS B 1016 -45.06 17.64 6.94
N LEU B 1017 -45.13 18.28 5.77
CA LEU B 1017 -46.32 18.27 4.94
C LEU B 1017 -46.11 17.52 3.63
N MET B 1018 -45.14 17.94 2.82
CA MET B 1018 -44.78 17.28 1.57
C MET B 1018 -43.45 17.83 1.11
N SER B 1019 -42.87 17.18 0.10
CA SER B 1019 -41.55 17.55 -0.38
C SER B 1019 -41.50 17.47 -1.90
N PHE B 1020 -40.53 18.17 -2.48
CA PHE B 1020 -40.35 18.21 -3.92
C PHE B 1020 -38.89 17.94 -4.26
N PRO B 1021 -38.60 17.01 -5.17
CA PRO B 1021 -37.22 16.78 -5.57
C PRO B 1021 -36.83 17.59 -6.80
N GLN B 1022 -35.59 18.08 -6.79
CA GLN B 1022 -35.02 18.81 -7.92
C GLN B 1022 -33.65 18.22 -8.23
N SER B 1023 -33.33 18.14 -9.51
CA SER B 1023 -32.06 17.55 -9.91
C SER B 1023 -30.94 18.58 -9.81
N ALA B 1024 -29.72 18.08 -9.66
CA ALA B 1024 -28.52 18.90 -9.64
C ALA B 1024 -27.37 18.03 -10.11
N PRO B 1025 -26.27 18.63 -10.62
CA PRO B 1025 -25.12 17.82 -11.08
C PRO B 1025 -24.57 16.92 -9.99
N HIS B 1026 -24.78 15.60 -10.18
CA HIS B 1026 -24.43 14.56 -9.23
C HIS B 1026 -25.09 14.78 -7.87
N GLY B 1027 -26.35 15.19 -7.86
CA GLY B 1027 -26.99 15.41 -6.57
C GLY B 1027 -28.48 15.69 -6.69
N VAL B 1028 -29.13 15.67 -5.53
CA VAL B 1028 -30.56 15.90 -5.41
C VAL B 1028 -30.78 16.99 -4.38
N VAL B 1029 -31.64 17.95 -4.71
CA VAL B 1029 -32.01 19.04 -3.81
C VAL B 1029 -33.48 18.90 -3.47
N PHE B 1030 -33.78 18.73 -2.19
CA PHE B 1030 -35.13 18.55 -1.71
C PHE B 1030 -35.67 19.87 -1.19
N LEU B 1031 -36.87 20.24 -1.60
CA LEU B 1031 -37.60 21.35 -1.02
C LEU B 1031 -38.66 20.78 -0.07
N HIS B 1032 -38.46 21.00 1.22
CA HIS B 1032 -39.38 20.51 2.25
C HIS B 1032 -40.34 21.61 2.63
N VAL B 1033 -41.63 21.28 2.64
CA VAL B 1033 -42.69 22.21 3.04
C VAL B 1033 -43.13 21.83 4.44
N THR B 1034 -43.02 22.77 5.37
CA THR B 1034 -43.15 22.47 6.79
C THR B 1034 -44.07 23.48 7.46
N TYR B 1035 -44.77 23.03 8.49
CA TYR B 1035 -45.75 23.80 9.23
C TYR B 1035 -45.16 24.15 10.59
N VAL B 1036 -45.12 25.44 10.93
CA VAL B 1036 -44.55 25.90 12.19
C VAL B 1036 -45.50 26.84 12.91
N PRO B 1037 -45.85 26.57 14.18
CA PRO B 1037 -46.66 27.53 14.94
C PRO B 1037 -45.83 28.73 15.38
N SER B 1038 -46.49 29.89 15.43
CA SER B 1038 -45.77 31.15 15.60
C SER B 1038 -46.07 31.88 16.89
N GLN B 1039 -47.33 32.22 17.17
CA GLN B 1039 -47.66 33.16 18.25
C GLN B 1039 -48.34 32.42 19.39
N GLU B 1040 -47.75 32.52 20.58
CA GLU B 1040 -48.20 31.78 21.75
C GLU B 1040 -49.08 32.65 22.64
N ARG B 1041 -49.58 32.04 23.72
CA ARG B 1041 -50.46 32.72 24.68
C ARG B 1041 -50.51 31.88 25.94
N ASN B 1042 -50.32 32.52 27.09
CA ASN B 1042 -50.43 31.82 28.37
C ASN B 1042 -51.87 31.42 28.64
N PHE B 1043 -52.05 30.29 29.33
CA PHE B 1043 -53.37 29.80 29.68
C PHE B 1043 -53.27 28.99 30.96
N THR B 1044 -54.39 28.91 31.67
CA THR B 1044 -54.52 28.06 32.84
C THR B 1044 -55.33 26.82 32.48
N THR B 1045 -54.78 25.65 32.77
CA THR B 1045 -55.35 24.38 32.38
C THR B 1045 -55.74 23.57 33.61
N ALA B 1046 -56.20 22.35 33.36
CA ALA B 1046 -56.62 21.41 34.39
C ALA B 1046 -56.52 20.02 33.81
N PRO B 1047 -56.14 19.00 34.59
CA PRO B 1047 -56.03 17.65 34.02
C PRO B 1047 -57.38 17.02 33.71
N ALA B 1048 -58.38 17.26 34.54
CA ALA B 1048 -59.70 16.67 34.33
C ALA B 1048 -60.74 17.53 35.03
N ILE B 1049 -62.00 17.29 34.68
CA ILE B 1049 -63.15 17.98 35.25
C ILE B 1049 -64.14 16.92 35.69
N CYS B 1050 -64.61 17.00 36.95
CA CYS B 1050 -65.63 16.08 37.42
C CYS B 1050 -66.90 16.87 37.75
N HIS B 1051 -68.03 16.37 37.27
CA HIS B 1051 -69.29 17.11 37.27
C HIS B 1051 -70.21 16.71 38.42
N GLU B 1052 -70.56 15.42 38.50
CA GLU B 1052 -71.46 14.91 39.53
C GLU B 1052 -70.85 13.69 40.19
N GLY B 1053 -69.57 13.79 40.54
CA GLY B 1053 -68.89 12.69 41.19
C GLY B 1053 -68.06 11.85 40.24
N LYS B 1054 -68.30 11.99 38.94
CA LYS B 1054 -67.58 11.23 37.93
C LYS B 1054 -66.63 12.14 37.16
N ALA B 1055 -65.40 11.68 36.96
CA ALA B 1055 -64.39 12.48 36.28
C ALA B 1055 -64.56 12.40 34.77
N TYR B 1056 -64.35 13.54 34.10
CA TYR B 1056 -64.41 13.60 32.64
C TYR B 1056 -63.04 13.99 32.11
N PHE B 1057 -62.59 13.26 31.10
CA PHE B 1057 -61.31 13.51 30.46
C PHE B 1057 -61.53 13.90 29.00
N PRO B 1058 -60.70 14.79 28.45
CA PRO B 1058 -60.88 15.18 27.05
C PRO B 1058 -60.52 14.06 26.10
N ARG B 1059 -61.33 13.91 25.05
CA ARG B 1059 -61.05 12.87 24.06
C ARG B 1059 -59.85 13.24 23.21
N GLU B 1060 -59.91 14.37 22.50
CA GLU B 1060 -58.80 14.86 21.71
C GLU B 1060 -58.68 16.36 21.96
N GLY B 1061 -57.68 16.76 22.73
CA GLY B 1061 -57.44 18.15 23.08
C GLY B 1061 -57.18 18.29 24.55
N VAL B 1062 -57.09 19.55 24.99
CA VAL B 1062 -56.82 19.88 26.38
C VAL B 1062 -57.85 20.87 26.89
N PHE B 1063 -58.15 20.77 28.18
CA PHE B 1063 -58.99 21.75 28.84
C PHE B 1063 -58.18 23.02 29.07
N VAL B 1064 -58.87 24.17 28.97
CA VAL B 1064 -58.21 25.46 28.98
C VAL B 1064 -59.16 26.49 29.58
N SER B 1065 -58.60 27.59 30.08
CA SER B 1065 -59.40 28.69 30.60
C SER B 1065 -58.91 30.01 30.04
N ASN B 1066 -59.85 30.83 29.56
CA ASN B 1066 -59.53 32.15 29.04
C ASN B 1066 -59.59 33.24 30.11
N GLY B 1067 -59.97 32.89 31.33
CA GLY B 1067 -60.03 33.85 32.42
C GLY B 1067 -61.29 33.73 33.25
N SER B 1068 -62.40 33.37 32.59
CA SER B 1068 -63.67 33.18 33.29
C SER B 1068 -64.42 31.91 32.87
N PHE B 1069 -64.14 31.36 31.69
CA PHE B 1069 -64.81 30.18 31.19
C PHE B 1069 -63.80 29.06 31.00
N TRP B 1070 -64.30 27.84 30.85
CA TRP B 1070 -63.48 26.68 30.59
C TRP B 1070 -63.90 26.04 29.28
N PHE B 1071 -62.94 25.86 28.38
CA PHE B 1071 -63.17 25.30 27.05
C PHE B 1071 -62.26 24.10 26.85
N ILE B 1072 -62.39 23.44 25.70
CA ILE B 1072 -61.53 22.34 25.30
C ILE B 1072 -61.03 22.62 23.89
N THR B 1073 -59.72 22.68 23.72
CA THR B 1073 -59.13 23.03 22.43
C THR B 1073 -58.23 21.90 21.94
N GLN B 1074 -57.65 22.10 20.75
CA GLN B 1074 -56.62 21.22 20.24
C GLN B 1074 -55.25 21.75 20.64
N ARG B 1075 -54.25 20.88 20.56
CA ARG B 1075 -52.93 21.19 21.10
C ARG B 1075 -52.09 22.08 20.19
N ASN B 1076 -52.46 22.24 18.92
CA ASN B 1076 -51.62 22.97 17.97
C ASN B 1076 -52.31 24.19 17.37
N PHE B 1077 -53.50 24.55 17.86
CA PHE B 1077 -54.21 25.72 17.38
C PHE B 1077 -55.24 26.11 18.42
N TYR B 1078 -55.38 27.41 18.67
CA TYR B 1078 -56.35 27.89 19.65
C TYR B 1078 -57.71 28.00 18.97
N SER B 1079 -58.50 26.94 19.10
CA SER B 1079 -59.87 26.90 18.60
C SER B 1079 -60.76 26.43 19.75
N PRO B 1080 -61.30 27.37 20.54
CA PRO B 1080 -62.06 26.97 21.73
C PRO B 1080 -63.41 26.38 21.36
N GLN B 1081 -63.79 25.34 22.10
CA GLN B 1081 -65.07 24.66 21.92
C GLN B 1081 -65.71 24.46 23.28
N ILE B 1082 -67.04 24.45 23.29
CA ILE B 1082 -67.78 24.24 24.54
C ILE B 1082 -67.66 22.79 24.97
N ILE B 1083 -67.40 22.58 26.26
CA ILE B 1083 -67.24 21.23 26.80
C ILE B 1083 -68.59 20.56 26.85
N THR B 1084 -68.79 19.54 26.02
CA THR B 1084 -70.00 18.73 26.00
C THR B 1084 -69.64 17.29 26.33
N THR B 1085 -70.61 16.40 26.20
CA THR B 1085 -70.38 14.97 26.41
C THR B 1085 -69.96 14.24 25.14
N ASP B 1086 -69.92 14.93 24.01
CA ASP B 1086 -69.48 14.33 22.76
C ASP B 1086 -67.99 14.46 22.52
N ASN B 1087 -67.27 15.21 23.36
CA ASN B 1087 -65.83 15.35 23.25
C ASN B 1087 -65.11 14.97 24.53
N THR B 1088 -65.80 14.40 25.51
CA THR B 1088 -65.21 13.95 26.75
C THR B 1088 -65.64 12.51 27.01
N PHE B 1089 -64.79 11.76 27.71
CA PHE B 1089 -65.13 10.41 28.15
C PHE B 1089 -64.97 10.30 29.66
N VAL B 1090 -65.82 9.48 30.27
CA VAL B 1090 -65.97 9.45 31.71
C VAL B 1090 -65.16 8.31 32.31
N ALA B 1091 -64.64 8.55 33.53
CA ALA B 1091 -63.86 7.59 34.30
C ALA B 1091 -63.74 8.11 35.73
N GLY B 1092 -63.29 7.23 36.61
CA GLY B 1092 -62.89 7.62 37.96
C GLY B 1092 -64.02 8.09 38.86
N SER B 1093 -63.61 8.74 39.95
CA SER B 1093 -64.54 9.28 40.94
C SER B 1093 -64.14 10.65 41.46
N CYS B 1094 -63.15 11.32 40.84
CA CYS B 1094 -62.49 12.56 41.27
C CYS B 1094 -62.12 12.57 42.76
N ASP B 1095 -61.76 11.42 43.33
CA ASP B 1095 -61.04 11.37 44.59
C ASP B 1095 -59.60 10.90 44.42
N VAL B 1096 -59.18 10.59 43.20
CA VAL B 1096 -57.85 10.03 42.95
C VAL B 1096 -57.04 10.87 41.98
N VAL B 1097 -57.69 11.74 41.20
CA VAL B 1097 -57.01 12.60 40.24
C VAL B 1097 -56.50 13.83 40.98
N ILE B 1098 -55.22 14.15 40.78
CA ILE B 1098 -54.59 15.30 41.43
C ILE B 1098 -54.77 16.52 40.55
N GLY B 1099 -55.38 17.56 41.11
CA GLY B 1099 -55.60 18.80 40.38
C GLY B 1099 -56.93 18.93 39.69
N ILE B 1100 -57.90 18.07 39.99
CA ILE B 1100 -59.20 18.12 39.33
C ILE B 1100 -60.00 19.31 39.86
N ILE B 1101 -60.81 19.89 38.97
CA ILE B 1101 -61.57 21.10 39.27
C ILE B 1101 -63.06 20.80 39.13
N ASN B 1102 -63.88 21.74 39.60
CA ASN B 1102 -65.33 21.66 39.49
C ASN B 1102 -65.80 22.48 38.32
N ASN B 1103 -66.55 21.86 37.41
CA ASN B 1103 -67.15 22.56 36.28
C ASN B 1103 -68.32 21.74 35.76
N THR B 1104 -69.17 22.39 34.97
CA THR B 1104 -70.35 21.75 34.40
C THR B 1104 -70.08 21.32 32.97
N VAL B 1105 -70.75 20.25 32.56
CA VAL B 1105 -70.62 19.68 31.22
C VAL B 1105 -71.98 19.77 30.55
N TYR B 1106 -72.01 20.42 29.38
CA TYR B 1106 -73.27 20.63 28.68
C TYR B 1106 -73.77 19.33 28.06
N ASP B 1107 -75.06 19.05 28.22
CA ASP B 1107 -75.67 17.88 27.65
C ASP B 1107 -76.50 18.28 26.45
N PRO B 1108 -76.21 17.78 25.25
CA PRO B 1108 -76.95 18.17 24.05
C PRO B 1108 -78.31 17.52 23.89
N LEU B 1109 -78.83 16.85 24.91
CA LEU B 1109 -80.13 16.18 24.83
C LEU B 1109 -81.01 16.76 25.94
N GLN B 1110 -81.92 17.67 25.56
CA GLN B 1110 -82.93 18.13 26.51
C GLN B 1110 -84.23 18.42 25.76
N PRO B 1111 -85.32 17.74 26.12
CA PRO B 1111 -86.63 18.10 25.57
C PRO B 1111 -87.37 19.06 26.49
N GLU B 1112 -88.10 20.01 25.93
CA GLU B 1112 -88.81 21.02 26.70
C GLU B 1112 -90.30 20.97 26.36
N LEU B 1113 -91.12 20.75 27.39
CA LEU B 1113 -92.59 20.76 27.29
C LEU B 1113 -93.09 19.75 26.26
N ASP B 1114 -92.80 18.48 26.53
CA ASP B 1114 -93.24 17.40 25.65
C ASP B 1114 -94.73 17.17 25.76
N LEU C 30 3.68 -14.28 -59.58
CA LEU C 30 3.80 -14.43 -58.14
C LEU C 30 2.49 -14.09 -57.43
N THR C 31 1.51 -14.97 -57.58
CA THR C 31 0.22 -14.76 -56.93
C THR C 31 0.35 -14.93 -55.41
N GLN C 32 -0.47 -14.17 -54.69
CA GLN C 32 -0.44 -14.15 -53.24
C GLN C 32 -1.67 -14.86 -52.70
N VAL C 33 -1.46 -15.79 -51.78
CA VAL C 33 -2.53 -16.56 -51.16
C VAL C 33 -2.66 -16.10 -49.72
N SER C 34 -3.89 -15.82 -49.30
CA SER C 34 -4.15 -15.44 -47.92
C SER C 34 -3.88 -16.61 -46.99
N SER C 35 -3.15 -16.36 -45.92
CA SER C 35 -2.80 -17.39 -44.97
C SER C 35 -3.95 -17.62 -43.99
N SER C 36 -3.66 -18.34 -42.91
CA SER C 36 -4.64 -18.64 -41.88
C SER C 36 -3.89 -18.68 -40.55
N ARG C 37 -4.51 -19.28 -39.54
CA ARG C 37 -3.85 -19.38 -38.23
C ARG C 37 -2.73 -20.42 -38.27
N ARG C 38 -1.68 -20.13 -39.03
CA ARG C 38 -0.60 -21.07 -39.31
C ARG C 38 0.72 -20.50 -38.81
N GLY C 39 1.69 -21.39 -38.61
CA GLY C 39 3.02 -20.96 -38.20
C GLY C 39 3.11 -20.58 -36.75
N VAL C 40 2.72 -21.48 -35.85
CA VAL C 40 2.85 -21.30 -34.41
C VAL C 40 3.86 -22.31 -33.90
N TYR C 41 4.91 -21.81 -33.26
CA TYR C 41 5.99 -22.69 -32.81
C TYR C 41 6.27 -22.50 -31.32
N TYR C 42 7.34 -23.10 -30.83
CA TYR C 42 7.76 -22.96 -29.44
C TYR C 42 8.91 -21.96 -29.42
N ASN C 43 8.63 -20.74 -28.98
CA ASN C 43 9.66 -19.72 -28.92
C ASN C 43 10.59 -19.89 -27.73
N ASP C 44 10.22 -20.70 -26.74
CA ASP C 44 11.05 -20.94 -25.57
C ASP C 44 11.02 -22.42 -25.23
N ASP C 45 12.09 -22.88 -24.58
CA ASP C 45 12.24 -24.27 -24.20
C ASP C 45 11.70 -24.56 -22.80
N ILE C 46 11.07 -23.58 -22.16
CA ILE C 46 10.56 -23.77 -20.80
C ILE C 46 9.33 -24.66 -20.86
N PHE C 47 9.34 -25.73 -20.07
CA PHE C 47 8.19 -26.61 -19.98
C PHE C 47 7.08 -25.94 -19.15
N ARG C 48 5.88 -25.90 -19.70
CA ARG C 48 4.74 -25.27 -19.05
C ARG C 48 3.50 -26.12 -19.25
N SER C 49 2.73 -26.29 -18.18
CA SER C 49 1.51 -27.09 -18.23
C SER C 49 0.38 -26.33 -17.56
N ASP C 50 -0.77 -26.25 -18.24
CA ASP C 50 -2.00 -25.62 -17.74
C ASP C 50 -1.76 -24.15 -17.36
N VAL C 51 -1.39 -23.36 -18.37
CA VAL C 51 -1.05 -21.95 -18.15
C VAL C 51 -1.54 -21.17 -19.36
N LEU C 52 -1.84 -19.89 -19.13
CA LEU C 52 -2.29 -18.99 -20.19
C LEU C 52 -1.25 -17.89 -20.38
N HIS C 53 0.02 -18.28 -20.40
CA HIS C 53 1.13 -17.33 -20.36
C HIS C 53 1.24 -16.55 -21.66
N LEU C 54 1.39 -15.23 -21.53
CA LEU C 54 1.52 -14.34 -22.68
C LEU C 54 2.96 -14.33 -23.20
N THR C 55 3.12 -14.38 -24.51
CA THR C 55 4.43 -14.38 -25.15
C THR C 55 4.62 -13.09 -25.94
N GLN C 56 5.81 -12.50 -25.82
CA GLN C 56 6.21 -11.35 -26.63
C GLN C 56 7.47 -11.76 -27.39
N ASP C 57 7.31 -12.13 -28.65
CA ASP C 57 8.41 -12.66 -29.45
C ASP C 57 8.06 -12.44 -30.92
N TYR C 58 8.80 -13.08 -31.80
CA TYR C 58 8.53 -13.02 -33.23
C TYR C 58 7.58 -14.15 -33.62
N PHE C 59 6.62 -13.81 -34.48
CA PHE C 59 5.62 -14.78 -34.93
C PHE C 59 5.17 -14.39 -36.32
N LEU C 60 4.53 -15.34 -37.00
CA LEU C 60 3.85 -15.02 -38.24
C LEU C 60 2.47 -14.46 -37.93
N PRO C 61 2.13 -13.26 -38.41
CA PRO C 61 0.82 -12.69 -38.09
C PRO C 61 -0.32 -13.48 -38.74
N PHE C 62 -1.44 -13.50 -38.04
CA PHE C 62 -2.60 -14.27 -38.50
C PHE C 62 -3.21 -13.59 -39.72
N HIS C 63 -3.71 -14.44 -40.65
CA HIS C 63 -4.41 -14.00 -41.86
C HIS C 63 -3.56 -13.07 -42.71
N SER C 64 -2.29 -13.45 -42.89
CA SER C 64 -1.39 -12.69 -43.73
C SER C 64 -1.49 -13.16 -45.17
N ASN C 65 -0.62 -12.61 -46.02
CA ASN C 65 -0.50 -13.01 -47.42
C ASN C 65 0.85 -13.66 -47.65
N LEU C 66 0.84 -14.96 -47.91
CA LEU C 66 2.04 -15.66 -48.35
C LEU C 66 2.12 -15.61 -49.87
N THR C 67 3.31 -15.86 -50.40
CA THR C 67 3.53 -15.84 -51.83
C THR C 67 3.59 -17.26 -52.38
N GLN C 68 2.94 -17.48 -53.53
CA GLN C 68 2.81 -18.79 -54.12
C GLN C 68 3.85 -18.98 -55.22
N TYR C 69 4.69 -20.00 -55.07
CA TYR C 69 5.65 -20.39 -56.10
C TYR C 69 5.25 -21.75 -56.65
N PHE C 70 5.15 -21.84 -57.97
CA PHE C 70 4.75 -23.08 -58.63
C PHE C 70 5.98 -23.81 -59.17
N SER C 71 5.73 -25.04 -59.63
CA SER C 71 6.75 -25.83 -60.33
C SER C 71 6.15 -26.56 -61.51
N LEU C 72 5.14 -25.97 -62.15
CA LEU C 72 4.40 -26.65 -63.21
C LEU C 72 5.21 -26.71 -64.50
N ASN C 73 4.77 -27.58 -65.40
CA ASN C 73 5.31 -27.65 -66.75
C ASN C 73 4.14 -27.84 -67.72
N ILE C 74 4.13 -27.08 -68.80
CA ILE C 74 3.03 -27.13 -69.76
C ILE C 74 3.56 -27.08 -71.18
N TYR C 81 7.64 -21.60 -64.68
CA TYR C 81 7.86 -23.02 -64.92
C TYR C 81 8.64 -23.65 -63.76
N PHE C 82 9.91 -23.31 -63.67
CA PHE C 82 10.79 -23.80 -62.60
C PHE C 82 11.53 -22.58 -62.02
N ASP C 83 11.01 -22.05 -60.92
CA ASP C 83 11.57 -20.87 -60.30
C ASP C 83 11.89 -21.14 -58.84
N ASN C 84 13.06 -20.67 -58.41
CA ASN C 84 13.46 -20.72 -57.00
C ASN C 84 14.37 -19.54 -56.72
N PRO C 85 13.81 -18.34 -56.60
CA PRO C 85 14.63 -17.15 -56.46
C PRO C 85 15.20 -17.02 -55.06
N ILE C 86 16.17 -16.12 -54.93
CA ILE C 86 16.80 -15.84 -53.64
C ILE C 86 15.81 -15.08 -52.77
N LEU C 87 15.24 -15.78 -51.79
CA LEU C 87 14.22 -15.19 -50.92
C LEU C 87 14.87 -14.29 -49.87
N LYS C 88 14.03 -13.69 -49.03
CA LYS C 88 14.49 -12.77 -48.01
C LYS C 88 14.29 -13.40 -46.64
N PHE C 89 15.40 -13.74 -45.99
CA PHE C 89 15.38 -14.22 -44.61
C PHE C 89 15.49 -13.01 -43.69
N GLY C 90 14.42 -12.72 -42.96
CA GLY C 90 14.43 -11.58 -42.06
C GLY C 90 14.84 -12.00 -40.67
N ASP C 91 13.88 -12.05 -39.75
CA ASP C 91 14.16 -12.71 -38.48
C ASP C 91 13.90 -14.21 -38.58
N GLY C 92 12.88 -14.60 -39.34
CA GLY C 92 12.59 -16.00 -39.56
C GLY C 92 11.71 -16.14 -40.77
N VAL C 93 11.56 -17.40 -41.21
CA VAL C 93 10.80 -17.70 -42.42
C VAL C 93 9.86 -18.86 -42.12
N TYR C 94 8.58 -18.69 -42.47
CA TYR C 94 7.61 -19.77 -42.46
C TYR C 94 7.60 -20.42 -43.84
N PHE C 95 8.06 -21.66 -43.93
CA PHE C 95 8.15 -22.40 -45.18
C PHE C 95 7.17 -23.55 -45.15
N ALA C 96 6.17 -23.50 -46.02
CA ALA C 96 5.16 -24.55 -46.13
C ALA C 96 5.11 -25.03 -47.58
N ALA C 97 5.31 -26.32 -47.79
CA ALA C 97 5.39 -26.89 -49.13
C ALA C 97 4.37 -28.01 -49.30
N THR C 98 3.69 -28.01 -50.43
CA THR C 98 2.77 -29.07 -50.81
C THR C 98 3.35 -29.84 -51.99
N GLU C 99 3.40 -31.16 -51.87
CA GLU C 99 4.06 -31.97 -52.88
C GLU C 99 3.34 -33.31 -53.01
N LYS C 100 3.51 -33.94 -54.17
CA LYS C 100 3.06 -35.30 -54.41
C LYS C 100 4.22 -36.29 -54.38
N SER C 101 5.24 -36.05 -55.20
CA SER C 101 6.52 -36.72 -55.08
C SER C 101 7.49 -35.83 -54.31
N ASN C 102 8.59 -36.43 -53.86
CA ASN C 102 9.55 -35.71 -53.01
C ASN C 102 10.38 -34.77 -53.87
N VAL C 103 9.78 -33.64 -54.22
CA VAL C 103 10.46 -32.61 -55.00
C VAL C 103 11.24 -31.67 -54.09
N ILE C 104 10.62 -31.24 -53.00
CA ILE C 104 11.30 -30.37 -52.03
C ILE C 104 12.24 -31.23 -51.20
N ARG C 105 13.55 -31.09 -51.44
CA ARG C 105 14.54 -31.86 -50.70
C ARG C 105 15.06 -31.12 -49.48
N GLY C 106 15.50 -29.88 -49.65
CA GLY C 106 16.09 -29.14 -48.56
C GLY C 106 16.30 -27.69 -48.91
N TRP C 107 17.16 -27.04 -48.14
CA TRP C 107 17.39 -25.61 -48.26
C TRP C 107 18.87 -25.29 -48.25
N VAL C 108 19.24 -24.18 -48.88
CA VAL C 108 20.60 -23.67 -48.90
C VAL C 108 20.56 -22.26 -48.32
N PHE C 109 21.07 -22.10 -47.11
CA PHE C 109 21.07 -20.81 -46.44
C PHE C 109 22.34 -20.05 -46.80
N GLY C 110 22.58 -18.93 -46.11
CA GLY C 110 23.75 -18.12 -46.33
C GLY C 110 23.40 -16.65 -46.23
N SER C 111 24.32 -15.81 -46.71
CA SER C 111 24.12 -14.37 -46.71
C SER C 111 24.14 -13.77 -48.11
N THR C 112 25.14 -14.13 -48.93
CA THR C 112 25.26 -13.60 -50.28
C THR C 112 25.46 -14.65 -51.35
N PHE C 113 25.68 -15.92 -50.98
CA PHE C 113 25.84 -17.04 -51.91
C PHE C 113 27.00 -16.84 -52.87
N ASP C 114 28.17 -16.55 -52.30
CA ASP C 114 29.37 -16.35 -53.13
C ASP C 114 30.58 -17.03 -52.52
N ASN C 115 31.76 -16.74 -53.06
CA ASN C 115 33.00 -17.32 -52.56
C ASN C 115 33.40 -16.79 -51.20
N THR C 116 32.94 -15.60 -50.83
CA THR C 116 33.41 -14.89 -49.65
C THR C 116 32.37 -14.84 -48.53
N THR C 117 31.59 -15.91 -48.38
CA THR C 117 30.57 -15.96 -47.34
C THR C 117 30.25 -17.41 -47.03
N GLN C 118 30.32 -17.77 -45.75
CA GLN C 118 29.96 -19.11 -45.33
C GLN C 118 28.46 -19.35 -45.49
N SER C 119 28.11 -20.53 -45.99
CA SER C 119 26.73 -20.92 -46.22
C SER C 119 26.46 -22.25 -45.53
N ALA C 120 25.22 -22.43 -45.09
CA ALA C 120 24.80 -23.65 -44.41
C ALA C 120 23.70 -24.32 -45.21
N ILE C 121 23.77 -25.63 -45.34
CA ILE C 121 22.79 -26.41 -46.10
C ILE C 121 22.18 -27.47 -45.18
N ILE C 122 20.88 -27.68 -45.34
CA ILE C 122 20.17 -28.78 -44.70
C ILE C 122 19.48 -29.54 -45.82
N VAL C 123 20.16 -30.54 -46.37
CA VAL C 123 19.68 -31.27 -47.53
C VAL C 123 19.92 -32.75 -47.30
N ASN C 124 19.22 -33.58 -48.09
CA ASN C 124 19.36 -35.02 -48.04
C ASN C 124 19.75 -35.54 -49.42
N ASN C 125 20.58 -36.59 -49.42
CA ASN C 125 21.04 -37.23 -50.65
C ASN C 125 20.09 -38.34 -51.11
N SER C 126 18.82 -38.26 -50.70
CA SER C 126 17.75 -39.26 -50.79
C SER C 126 17.99 -40.48 -49.89
N THR C 127 19.09 -40.52 -49.14
CA THR C 127 19.32 -41.57 -48.15
C THR C 127 19.72 -41.02 -46.79
N HIS C 128 20.54 -39.97 -46.74
CA HIS C 128 21.08 -39.43 -45.51
C HIS C 128 20.92 -37.92 -45.49
N ILE C 129 20.50 -37.38 -44.35
CA ILE C 129 20.46 -35.92 -44.19
C ILE C 129 21.85 -35.43 -43.82
N ILE C 130 22.24 -34.29 -44.38
CA ILE C 130 23.55 -33.71 -44.12
C ILE C 130 23.37 -32.25 -43.70
N ILE C 131 24.22 -31.82 -42.77
CA ILE C 131 24.25 -30.43 -42.29
C ILE C 131 25.71 -30.00 -42.30
N ARG C 132 26.05 -29.08 -43.20
CA ARG C 132 27.42 -28.58 -43.32
C ARG C 132 27.40 -27.06 -43.35
N VAL C 133 28.38 -26.45 -42.71
CA VAL C 133 28.57 -25.00 -42.73
C VAL C 133 29.98 -24.75 -43.28
N CYS C 134 30.07 -24.57 -44.59
CA CYS C 134 31.37 -24.37 -45.23
C CYS C 134 31.36 -23.16 -46.16
N TYR C 135 32.45 -22.96 -46.89
CA TYR C 135 32.53 -21.95 -47.93
C TYR C 135 32.14 -22.62 -49.24
N PHE C 136 30.88 -22.49 -49.63
CA PHE C 136 30.35 -23.25 -50.74
C PHE C 136 30.60 -22.54 -52.07
N ASN C 137 30.45 -23.30 -53.16
CA ASN C 137 30.52 -22.80 -54.53
C ASN C 137 29.23 -23.25 -55.22
N LEU C 138 28.18 -22.45 -55.09
CA LEU C 138 26.86 -22.82 -55.58
C LEU C 138 26.70 -22.44 -57.05
N CYS C 139 25.97 -23.26 -57.79
CA CYS C 139 25.67 -22.97 -59.19
C CYS C 139 24.48 -22.03 -59.28
N LYS C 140 24.07 -21.73 -60.51
CA LYS C 140 22.95 -20.82 -60.72
C LYS C 140 21.63 -21.44 -60.26
N ASP C 141 21.43 -22.73 -60.55
CA ASP C 141 20.24 -23.45 -60.11
C ASP C 141 20.64 -24.62 -59.23
N PRO C 142 20.48 -24.51 -57.91
CA PRO C 142 20.80 -25.65 -57.04
C PRO C 142 19.77 -26.75 -57.15
N MET C 143 19.89 -27.57 -58.20
CA MET C 143 18.91 -28.59 -58.51
C MET C 143 19.51 -29.98 -58.34
N TYR C 144 18.68 -30.92 -57.90
CA TYR C 144 19.03 -32.32 -57.89
C TYR C 144 18.76 -32.91 -59.27
N THR C 145 18.91 -34.23 -59.41
CA THR C 145 18.54 -34.91 -60.64
C THR C 145 18.12 -36.32 -60.30
N VAL C 146 17.36 -36.93 -61.20
CA VAL C 146 16.78 -38.25 -60.98
C VAL C 146 16.44 -38.85 -62.33
N SER C 147 16.23 -40.16 -62.35
CA SER C 147 15.85 -40.88 -63.57
C SER C 147 14.70 -41.81 -63.24
N ALA C 148 14.40 -42.76 -64.13
CA ALA C 148 13.28 -43.66 -63.90
C ALA C 148 13.60 -44.64 -62.78
N GLY C 149 13.23 -44.27 -61.55
CA GLY C 149 13.47 -45.09 -60.39
C GLY C 149 14.84 -44.95 -59.76
N THR C 150 15.78 -44.30 -60.44
CA THR C 150 17.15 -44.16 -59.96
C THR C 150 17.52 -42.68 -59.82
N GLN C 151 18.22 -42.35 -58.73
CA GLN C 151 18.76 -41.02 -58.54
C GLN C 151 20.20 -41.00 -59.07
N VAL C 152 20.43 -40.17 -60.09
CA VAL C 152 21.69 -40.24 -60.83
C VAL C 152 22.81 -39.55 -60.06
N SER C 153 22.68 -38.26 -59.82
CA SER C 153 23.73 -37.48 -59.19
C SER C 153 23.12 -36.43 -58.28
N SER C 154 23.99 -35.66 -57.63
CA SER C 154 23.60 -34.62 -56.69
C SER C 154 24.35 -33.34 -57.04
N TRP C 155 23.71 -32.49 -57.84
CA TRP C 155 24.32 -31.24 -58.29
C TRP C 155 23.89 -30.08 -57.37
N VAL C 156 24.23 -30.22 -56.09
CA VAL C 156 23.83 -29.23 -55.09
C VAL C 156 24.92 -28.18 -54.92
N TYR C 157 26.17 -28.58 -55.12
CA TYR C 157 27.30 -27.65 -55.06
C TYR C 157 28.44 -28.21 -55.90
N GLN C 158 29.58 -27.50 -55.87
CA GLN C 158 30.76 -27.91 -56.59
C GLN C 158 31.92 -28.27 -55.68
N SER C 159 32.31 -27.37 -54.77
CA SER C 159 33.42 -27.64 -53.87
C SER C 159 33.28 -26.77 -52.63
N ALA C 160 34.03 -27.13 -51.60
CA ALA C 160 34.05 -26.38 -50.35
C ALA C 160 35.50 -26.09 -49.95
N PHE C 161 35.69 -24.98 -49.26
CA PHE C 161 37.03 -24.57 -48.85
C PHE C 161 37.40 -25.13 -47.48
N ASN C 162 36.62 -24.79 -46.45
CA ASN C 162 36.84 -25.31 -45.12
C ASN C 162 35.50 -25.39 -44.41
N CYS C 163 35.25 -26.50 -43.74
CA CYS C 163 33.98 -26.76 -43.07
C CYS C 163 34.19 -26.65 -41.56
N THR C 164 33.47 -25.73 -40.93
CA THR C 164 33.52 -25.57 -39.49
C THR C 164 32.43 -26.35 -38.77
N TYR C 165 31.61 -27.10 -39.52
CA TYR C 165 30.54 -27.89 -38.92
C TYR C 165 30.22 -29.04 -39.86
N ASP C 166 29.85 -30.19 -39.29
CA ASP C 166 29.54 -31.38 -40.08
C ASP C 166 28.68 -32.30 -39.25
N ARG C 167 27.45 -32.54 -39.68
CA ARG C 167 26.47 -33.33 -38.94
C ARG C 167 25.78 -34.33 -39.88
N VAL C 168 26.57 -35.11 -40.60
CA VAL C 168 26.00 -36.17 -41.42
C VAL C 168 25.51 -37.26 -40.49
N GLU C 169 24.21 -37.27 -40.21
CA GLU C 169 23.61 -38.17 -39.24
C GLU C 169 23.18 -39.50 -39.83
N LYS C 170 23.27 -39.64 -41.16
CA LYS C 170 22.82 -40.82 -41.91
C LYS C 170 21.36 -41.15 -41.59
N SER C 171 21.10 -42.41 -41.19
CA SER C 171 19.78 -42.92 -40.84
C SER C 171 18.82 -42.82 -42.03
N PHE C 172 17.51 -42.85 -41.75
CA PHE C 172 16.43 -42.65 -42.71
C PHE C 172 16.40 -43.77 -43.76
N GLN C 173 15.45 -43.71 -44.70
CA GLN C 173 15.36 -44.71 -45.76
C GLN C 173 15.34 -44.01 -47.11
N LEU C 174 15.22 -44.82 -48.17
CA LEU C 174 15.21 -44.29 -49.52
C LEU C 174 13.91 -43.54 -49.81
N ASP C 175 14.04 -42.36 -50.42
CA ASP C 175 12.88 -41.59 -50.81
C ASP C 175 12.25 -42.19 -52.07
N THR C 176 10.93 -42.03 -52.18
CA THR C 176 10.18 -42.57 -53.30
C THR C 176 10.44 -41.71 -54.53
N SER C 177 11.37 -42.15 -55.37
CA SER C 177 11.67 -41.44 -56.61
C SER C 177 10.50 -41.36 -57.61
N PRO C 178 9.70 -42.40 -57.87
CA PRO C 178 8.58 -42.23 -58.81
C PRO C 178 7.50 -41.31 -58.26
N LYS C 179 6.67 -40.81 -59.18
CA LYS C 179 5.70 -39.76 -58.90
C LYS C 179 4.30 -40.34 -58.75
N THR C 180 3.52 -39.75 -57.85
CA THR C 180 2.14 -40.14 -57.61
C THR C 180 1.20 -39.29 -58.49
N GLY C 181 -0.09 -39.37 -58.21
CA GLY C 181 -1.10 -38.69 -59.02
C GLY C 181 -1.50 -37.31 -58.54
N ASN C 182 -1.71 -37.14 -57.24
CA ASN C 182 -2.14 -35.86 -56.68
C ASN C 182 -1.37 -35.58 -55.40
N PHE C 183 -1.54 -34.35 -54.89
CA PHE C 183 -0.88 -33.94 -53.66
C PHE C 183 -1.41 -34.75 -52.49
N THR C 184 -0.49 -35.29 -51.68
CA THR C 184 -0.86 -36.20 -50.61
C THR C 184 -0.43 -35.73 -49.22
N ASP C 185 0.45 -34.73 -49.11
CA ASP C 185 0.92 -34.30 -47.81
C ASP C 185 1.40 -32.86 -47.90
N LEU C 186 1.42 -32.19 -46.74
CA LEU C 186 2.01 -30.86 -46.62
C LEU C 186 2.97 -30.84 -45.44
N ARG C 187 4.14 -30.25 -45.66
CA ARG C 187 5.17 -30.13 -44.64
C ARG C 187 5.47 -28.66 -44.42
N GLU C 188 5.43 -28.23 -43.16
CA GLU C 188 5.71 -26.84 -42.79
C GLU C 188 6.98 -26.78 -41.95
N PHE C 189 7.80 -25.76 -42.22
CA PHE C 189 9.06 -25.57 -41.53
C PHE C 189 9.20 -24.12 -41.10
N VAL C 190 9.87 -23.92 -39.96
CA VAL C 190 10.18 -22.61 -39.43
C VAL C 190 11.64 -22.61 -38.98
N PHE C 191 12.43 -21.66 -39.50
CA PHE C 191 13.83 -21.54 -39.17
C PHE C 191 14.06 -20.26 -38.40
N LYS C 192 14.83 -20.34 -37.31
CA LYS C 192 15.16 -19.16 -36.52
C LYS C 192 16.66 -19.13 -36.23
N ASN C 193 17.25 -17.95 -36.33
CA ASN C 193 18.66 -17.73 -36.02
C ASN C 193 18.75 -16.69 -34.92
N ARG C 194 19.35 -17.07 -33.79
CA ARG C 194 19.39 -16.17 -32.64
C ARG C 194 20.54 -16.57 -31.73
N ASP C 195 21.35 -15.58 -31.35
CA ASP C 195 22.42 -15.72 -30.35
C ASP C 195 23.42 -16.81 -30.73
N GLY C 196 23.73 -16.90 -32.02
CA GLY C 196 24.65 -17.90 -32.50
C GLY C 196 24.08 -19.30 -32.61
N PHE C 197 22.78 -19.47 -32.44
CA PHE C 197 22.12 -20.77 -32.53
C PHE C 197 21.10 -20.76 -33.65
N PHE C 198 20.91 -21.92 -34.27
CA PHE C 198 19.97 -22.10 -35.38
C PHE C 198 18.98 -23.18 -34.98
N THR C 199 17.72 -22.79 -34.82
CA THR C 199 16.66 -23.67 -34.36
C THR C 199 15.70 -23.95 -35.51
N VAL C 200 15.36 -25.22 -35.69
CA VAL C 200 14.48 -25.67 -36.77
C VAL C 200 13.24 -26.30 -36.15
N TYR C 201 12.07 -25.89 -36.61
CA TYR C 201 10.79 -26.45 -36.20
C TYR C 201 10.08 -27.01 -37.42
N GLN C 202 9.49 -28.20 -37.29
CA GLN C 202 8.89 -28.86 -38.44
C GLN C 202 7.58 -29.54 -38.05
N THR C 203 6.69 -29.64 -39.02
CA THR C 203 5.48 -30.45 -38.90
C THR C 203 5.11 -30.99 -40.26
N TYR C 204 4.37 -32.09 -40.27
CA TYR C 204 4.12 -32.84 -41.49
C TYR C 204 2.77 -33.54 -41.36
N THR C 205 1.87 -33.26 -42.29
CA THR C 205 0.51 -33.76 -42.20
C THR C 205 0.06 -34.36 -43.52
N PRO C 206 -0.81 -35.38 -43.47
CA PRO C 206 -1.43 -35.90 -44.71
C PRO C 206 -2.72 -35.19 -45.04
N VAL C 207 -2.89 -34.86 -46.32
CA VAL C 207 -3.99 -34.02 -46.78
C VAL C 207 -4.26 -34.32 -48.25
N ASN C 208 -5.43 -33.90 -48.72
CA ASN C 208 -5.84 -34.11 -50.11
C ASN C 208 -6.30 -32.77 -50.70
N LEU C 209 -5.42 -32.10 -51.42
CA LEU C 209 -5.71 -30.81 -52.04
C LEU C 209 -5.65 -30.90 -53.56
N LEU C 210 -6.30 -29.93 -54.19
CA LEU C 210 -6.21 -29.68 -55.63
C LEU C 210 -5.82 -28.21 -55.78
N ARG C 211 -4.51 -27.96 -55.93
CA ARG C 211 -3.88 -26.63 -56.03
C ARG C 211 -4.48 -25.61 -55.07
N GLY C 212 -4.37 -25.91 -53.78
CA GLY C 212 -4.84 -25.00 -52.75
C GLY C 212 -3.98 -24.99 -51.50
N LEU C 213 -4.54 -24.48 -50.40
CA LEU C 213 -3.88 -24.45 -49.10
C LEU C 213 -4.94 -24.40 -48.01
N PRO C 214 -4.95 -25.35 -47.08
CA PRO C 214 -6.04 -25.46 -46.12
C PRO C 214 -5.98 -24.37 -45.05
N SER C 215 -7.07 -24.26 -44.30
CA SER C 215 -7.20 -23.30 -43.21
C SER C 215 -7.37 -24.06 -41.90
N GLY C 216 -6.59 -23.67 -40.90
CA GLY C 216 -6.65 -24.32 -39.61
C GLY C 216 -5.54 -23.82 -38.71
N LEU C 217 -5.41 -24.48 -37.56
CA LEU C 217 -4.39 -24.15 -36.58
C LEU C 217 -3.31 -25.23 -36.61
N SER C 218 -2.07 -24.82 -36.82
CA SER C 218 -0.94 -25.74 -36.95
C SER C 218 0.15 -25.37 -35.96
N VAL C 219 0.56 -26.34 -35.15
CA VAL C 219 1.64 -26.15 -34.20
C VAL C 219 2.90 -26.80 -34.77
N LEU C 220 4.05 -26.45 -34.19
CA LEU C 220 5.34 -26.95 -34.63
C LEU C 220 6.17 -27.35 -33.43
N LYS C 221 7.15 -28.22 -33.67
CA LYS C 221 8.00 -28.72 -32.58
C LYS C 221 9.46 -28.66 -32.98
N PRO C 222 10.35 -28.37 -32.04
CA PRO C 222 11.78 -28.28 -32.37
C PRO C 222 12.42 -29.64 -32.51
N ILE C 223 13.33 -29.76 -33.49
CA ILE C 223 14.08 -30.99 -33.69
C ILE C 223 15.56 -30.70 -33.72
N LEU C 224 15.95 -29.47 -34.07
CA LEU C 224 17.35 -29.12 -34.25
C LEU C 224 17.63 -27.78 -33.59
N LYS C 225 18.73 -27.72 -32.84
CA LYS C 225 19.21 -26.53 -32.12
C LYS C 225 20.70 -26.35 -32.37
N LEU C 226 21.10 -26.37 -33.63
CA LEU C 226 22.51 -26.49 -33.98
C LEU C 226 23.28 -25.20 -33.69
N PRO C 227 24.54 -25.31 -33.27
CA PRO C 227 25.42 -24.13 -33.20
C PRO C 227 26.05 -23.85 -34.56
N PHE C 228 25.62 -22.76 -35.20
CA PHE C 228 26.12 -22.39 -36.51
C PHE C 228 27.18 -21.29 -36.45
N GLY C 229 26.86 -20.16 -35.83
CA GLY C 229 27.83 -19.10 -35.66
C GLY C 229 27.98 -18.16 -36.83
N ILE C 230 27.11 -18.24 -37.83
CA ILE C 230 27.15 -17.34 -38.97
C ILE C 230 25.91 -16.46 -38.94
N ASN C 231 25.88 -15.48 -39.85
CA ASN C 231 24.71 -14.63 -40.00
C ASN C 231 24.00 -14.98 -41.30
N ILE C 232 22.67 -14.95 -41.27
CA ILE C 232 21.85 -15.42 -42.38
C ILE C 232 20.84 -14.33 -42.74
N THR C 233 20.81 -13.94 -44.01
CA THR C 233 19.86 -12.95 -44.50
C THR C 233 19.14 -13.35 -45.78
N SER C 234 19.50 -14.48 -46.39
CA SER C 234 18.84 -14.94 -47.60
C SER C 234 18.99 -16.46 -47.70
N PHE C 235 18.02 -17.10 -48.34
CA PHE C 235 18.04 -18.55 -48.48
C PHE C 235 17.26 -18.96 -49.71
N ARG C 236 17.56 -20.15 -50.21
CA ARG C 236 16.88 -20.77 -51.34
C ARG C 236 16.31 -22.12 -50.93
N VAL C 237 15.72 -22.81 -51.90
CA VAL C 237 15.21 -24.17 -51.71
C VAL C 237 15.60 -24.99 -52.93
N VAL C 238 16.13 -26.19 -52.70
CA VAL C 238 16.53 -27.06 -53.78
C VAL C 238 15.33 -27.92 -54.20
N MET C 239 15.30 -28.26 -55.48
CA MET C 239 14.22 -29.06 -56.05
C MET C 239 14.83 -30.23 -56.82
N ALA C 240 13.97 -31.18 -57.18
CA ALA C 240 14.38 -32.36 -57.93
C ALA C 240 13.77 -32.31 -59.33
N MET C 241 14.63 -32.41 -60.34
CA MET C 241 14.20 -32.37 -61.74
C MET C 241 14.11 -33.78 -62.28
N PHE C 242 13.13 -34.00 -63.16
CA PHE C 242 12.83 -35.32 -63.67
C PHE C 242 13.12 -35.41 -65.16
N SER C 243 13.44 -36.62 -65.61
CA SER C 243 13.75 -36.86 -67.02
C SER C 243 13.53 -38.33 -67.38
N VAL C 250 12.54 -32.39 -67.28
CA VAL C 250 11.39 -31.52 -67.08
C VAL C 250 11.00 -31.54 -65.59
N PRO C 251 10.70 -30.37 -65.04
CA PRO C 251 10.26 -30.33 -63.64
C PRO C 251 8.88 -30.95 -63.46
N GLU C 252 8.64 -31.46 -62.26
CA GLU C 252 7.35 -32.03 -61.91
C GLU C 252 6.58 -31.07 -61.02
N SER C 253 5.29 -31.35 -60.87
CA SER C 253 4.37 -30.40 -60.25
C SER C 253 4.56 -30.37 -58.73
N ALA C 254 4.81 -29.17 -58.20
CA ALA C 254 4.93 -28.94 -56.77
C ALA C 254 4.71 -27.46 -56.51
N ALA C 255 4.43 -27.12 -55.25
CA ALA C 255 4.19 -25.74 -54.89
C ALA C 255 4.53 -25.53 -53.41
N TYR C 256 5.10 -24.36 -53.10
CA TYR C 256 5.44 -24.00 -51.74
C TYR C 256 5.11 -22.54 -51.50
N TYR C 257 5.01 -22.17 -50.23
CA TYR C 257 4.66 -20.82 -49.80
C TYR C 257 5.67 -20.32 -48.79
N VAL C 258 6.06 -19.05 -48.92
CA VAL C 258 7.09 -18.43 -48.09
C VAL C 258 6.48 -17.25 -47.34
N GLY C 259 6.74 -17.18 -46.03
CA GLY C 259 6.31 -16.06 -45.23
C GLY C 259 7.46 -15.52 -44.40
N ASN C 260 7.19 -14.41 -43.72
CA ASN C 260 8.19 -13.75 -42.88
C ASN C 260 7.60 -13.45 -41.51
N LEU C 261 8.36 -13.76 -40.46
CA LEU C 261 7.93 -13.48 -39.10
C LEU C 261 8.05 -11.99 -38.78
N LYS C 262 7.17 -11.51 -37.91
CA LYS C 262 7.17 -10.13 -37.47
C LYS C 262 6.99 -10.09 -35.96
N GLN C 263 7.31 -8.94 -35.38
CA GLN C 263 7.14 -8.74 -33.95
C GLN C 263 5.66 -8.69 -33.60
N SER C 264 5.26 -9.46 -32.59
CA SER C 264 3.86 -9.57 -32.21
C SER C 264 3.76 -9.98 -30.75
N THR C 265 2.54 -10.03 -30.24
CA THR C 265 2.24 -10.42 -28.86
C THR C 265 1.19 -11.53 -28.92
N PHE C 266 1.64 -12.78 -28.90
CA PHE C 266 0.76 -13.92 -28.97
C PHE C 266 0.34 -14.38 -27.59
N MET C 267 -0.86 -14.96 -27.51
CA MET C 267 -1.37 -15.57 -26.29
C MET C 267 -1.58 -17.05 -26.56
N LEU C 268 -1.02 -17.89 -25.68
CA LEU C 268 -1.01 -19.33 -25.89
C LEU C 268 -1.71 -20.05 -24.75
N SER C 269 -2.37 -21.16 -25.09
CA SER C 269 -3.03 -22.01 -24.12
C SER C 269 -2.35 -23.38 -24.13
N PHE C 270 -2.00 -23.87 -22.95
CA PHE C 270 -1.33 -25.16 -22.81
C PHE C 270 -2.24 -26.13 -22.09
N ASN C 271 -2.33 -27.35 -22.60
CA ASN C 271 -3.20 -28.36 -22.04
C ASN C 271 -2.54 -29.01 -20.83
N GLN C 272 -3.12 -30.13 -20.37
CA GLN C 272 -2.55 -30.87 -19.24
C GLN C 272 -1.20 -31.50 -19.60
N ASN C 273 -1.02 -31.95 -20.84
CA ASN C 273 0.18 -32.69 -21.21
C ASN C 273 1.07 -31.89 -22.15
N GLY C 274 1.12 -30.56 -21.96
CA GLY C 274 2.13 -29.72 -22.58
C GLY C 274 2.12 -29.55 -24.08
N THR C 275 0.94 -29.31 -24.66
CA THR C 275 0.83 -28.98 -26.08
C THR C 275 -0.10 -27.80 -26.26
N ILE C 276 0.19 -26.99 -27.28
CA ILE C 276 -0.60 -25.80 -27.56
C ILE C 276 -1.90 -26.21 -28.25
N VAL C 277 -3.03 -25.74 -27.72
CA VAL C 277 -4.33 -26.06 -28.29
C VAL C 277 -5.04 -24.82 -28.84
N ASP C 278 -4.60 -23.61 -28.49
CA ASP C 278 -5.25 -22.40 -28.97
C ASP C 278 -4.26 -21.25 -28.93
N ALA C 279 -4.28 -20.42 -29.97
CA ALA C 279 -3.42 -19.25 -30.06
C ALA C 279 -4.21 -18.11 -30.66
N VAL C 280 -4.04 -16.92 -30.09
CA VAL C 280 -4.73 -15.72 -30.54
C VAL C 280 -3.70 -14.63 -30.80
N ASP C 281 -3.69 -14.10 -32.02
CA ASP C 281 -2.83 -12.98 -32.37
C ASP C 281 -3.58 -11.69 -32.05
N CYS C 282 -3.12 -10.97 -31.03
CA CYS C 282 -3.85 -9.80 -30.54
C CYS C 282 -3.41 -8.52 -31.26
N SER C 283 -3.39 -8.56 -32.59
CA SER C 283 -3.08 -7.35 -33.34
C SER C 283 -3.96 -7.19 -34.58
N GLN C 284 -5.05 -7.93 -34.71
CA GLN C 284 -5.85 -7.92 -35.93
C GLN C 284 -7.30 -7.53 -35.71
N ASP C 285 -7.91 -7.97 -34.62
CA ASP C 285 -9.33 -7.71 -34.38
C ASP C 285 -9.52 -7.16 -32.97
N PRO C 286 -10.57 -6.36 -32.76
CA PRO C 286 -10.87 -5.91 -31.39
C PRO C 286 -11.18 -7.04 -30.42
N LEU C 287 -11.77 -8.13 -30.91
CA LEU C 287 -12.03 -9.28 -30.05
C LEU C 287 -10.73 -9.91 -29.55
N ALA C 288 -9.71 -9.96 -30.41
CA ALA C 288 -8.41 -10.49 -30.00
C ALA C 288 -7.78 -9.61 -28.94
N GLU C 289 -7.87 -8.29 -29.11
CA GLU C 289 -7.34 -7.36 -28.11
C GLU C 289 -8.09 -7.50 -26.79
N LEU C 290 -9.41 -7.70 -26.85
CA LEU C 290 -10.20 -7.91 -25.65
C LEU C 290 -9.80 -9.22 -24.95
N LYS C 291 -9.54 -10.27 -25.73
CA LYS C 291 -9.12 -11.55 -25.16
C LYS C 291 -7.74 -11.44 -24.50
N CYS C 292 -6.83 -10.68 -25.12
CA CYS C 292 -5.54 -10.43 -24.47
C CYS C 292 -5.70 -9.58 -23.21
N THR C 293 -6.60 -8.60 -23.23
CA THR C 293 -6.78 -7.72 -22.08
C THR C 293 -7.39 -8.45 -20.89
N THR C 294 -8.41 -9.27 -21.14
CA THR C 294 -9.08 -9.99 -20.06
C THR C 294 -8.33 -11.23 -19.61
N LYS C 295 -7.27 -11.62 -20.32
CA LYS C 295 -6.46 -12.81 -20.03
C LYS C 295 -7.31 -14.08 -19.98
N SER C 296 -8.24 -14.21 -20.93
CA SER C 296 -9.07 -15.40 -21.04
C SER C 296 -9.56 -15.54 -22.47
N PHE C 297 -9.82 -16.78 -22.86
CA PHE C 297 -10.33 -17.08 -24.19
C PHE C 297 -11.86 -17.02 -24.24
N ASN C 298 -12.52 -16.84 -23.10
CA ASN C 298 -13.97 -16.77 -23.02
C ASN C 298 -14.36 -15.47 -22.33
N VAL C 299 -15.30 -14.74 -22.91
CA VAL C 299 -15.79 -13.49 -22.35
C VAL C 299 -17.31 -13.52 -22.30
N SER C 300 -17.88 -13.00 -21.21
CA SER C 300 -19.32 -12.92 -21.05
C SER C 300 -19.84 -11.66 -21.72
N LYS C 301 -21.11 -11.35 -21.50
CA LYS C 301 -21.76 -10.22 -22.16
C LYS C 301 -21.57 -8.94 -21.36
N GLY C 302 -21.16 -7.88 -22.04
CA GLY C 302 -20.99 -6.60 -21.39
C GLY C 302 -20.12 -5.68 -22.24
N ILE C 303 -19.60 -4.64 -21.59
CA ILE C 303 -18.69 -3.68 -22.21
C ILE C 303 -17.40 -3.67 -21.39
N TYR C 304 -16.27 -3.76 -22.08
CA TYR C 304 -14.97 -3.80 -21.44
C TYR C 304 -14.02 -2.81 -22.09
N GLN C 305 -13.08 -2.30 -21.30
CA GLN C 305 -12.03 -1.43 -21.82
C GLN C 305 -10.81 -2.27 -22.18
N THR C 306 -10.20 -1.93 -23.30
CA THR C 306 -9.07 -2.69 -23.82
C THR C 306 -7.80 -1.87 -23.76
N SER C 307 -6.66 -2.59 -23.71
CA SER C 307 -5.35 -1.95 -23.71
C SER C 307 -4.95 -1.65 -25.16
N ASN C 308 -3.69 -1.29 -25.37
CA ASN C 308 -3.20 -0.90 -26.68
C ASN C 308 -2.30 -2.00 -27.24
N PHE C 309 -2.72 -2.60 -28.35
CA PHE C 309 -1.89 -3.49 -29.15
C PHE C 309 -2.04 -3.20 -30.63
N ARG C 310 -2.55 -2.03 -30.99
CA ARG C 310 -2.94 -1.75 -32.36
C ARG C 310 -1.73 -1.41 -33.24
N VAL C 311 -1.02 -0.33 -32.90
CA VAL C 311 -0.01 0.24 -33.78
C VAL C 311 1.37 0.01 -33.17
N SER C 312 2.36 -0.13 -34.04
CA SER C 312 3.76 -0.32 -33.67
C SER C 312 4.64 0.44 -34.65
N PRO C 313 5.78 0.96 -34.21
CA PRO C 313 6.69 1.65 -35.12
C PRO C 313 7.32 0.71 -36.12
N VAL C 314 7.60 1.23 -37.31
CA VAL C 314 8.17 0.42 -38.39
C VAL C 314 9.44 1.05 -38.94
N THR C 315 9.57 2.37 -38.81
CA THR C 315 10.70 3.07 -39.40
C THR C 315 11.29 4.06 -38.39
N GLU C 316 12.58 4.32 -38.55
CA GLU C 316 13.35 5.13 -37.60
C GLU C 316 13.76 6.45 -38.25
N VAL C 317 13.76 7.51 -37.44
CA VAL C 317 14.16 8.84 -37.87
C VAL C 317 15.35 9.27 -37.04
N VAL C 318 16.46 9.58 -37.70
CA VAL C 318 17.69 10.01 -37.03
C VAL C 318 18.01 11.42 -37.48
N ARG C 319 18.25 12.32 -36.53
CA ARG C 319 18.57 13.71 -36.80
C ARG C 319 19.76 14.13 -35.95
N PHE C 320 20.89 14.37 -36.59
CA PHE C 320 22.12 14.80 -35.95
C PHE C 320 22.63 16.06 -36.64
N PRO C 321 23.30 16.96 -35.90
CA PRO C 321 23.90 18.13 -36.55
C PRO C 321 25.04 17.71 -37.46
N ASN C 322 25.22 18.46 -38.54
CA ASN C 322 26.20 18.12 -39.56
C ASN C 322 27.53 18.79 -39.23
N ILE C 323 28.43 18.04 -38.60
CA ILE C 323 29.79 18.46 -38.34
C ILE C 323 30.73 17.45 -38.99
N THR C 324 31.80 17.95 -39.60
CA THR C 324 32.74 17.10 -40.33
C THR C 324 34.12 17.03 -39.67
N ASN C 325 34.40 17.86 -38.68
CA ASN C 325 35.72 17.87 -38.06
C ASN C 325 35.92 16.63 -37.20
N LEU C 326 37.19 16.29 -36.99
CA LEU C 326 37.58 15.18 -36.13
C LEU C 326 38.23 15.70 -34.86
N CYS C 327 38.00 14.99 -33.76
CA CYS C 327 38.60 15.37 -32.49
C CYS C 327 40.13 15.27 -32.56
N PRO C 328 40.84 16.14 -31.85
CA PRO C 328 42.31 16.04 -31.77
C PRO C 328 42.76 14.98 -30.77
N PHE C 329 42.42 13.72 -31.06
CA PHE C 329 42.80 12.63 -30.18
C PHE C 329 44.30 12.37 -30.23
N ASP C 330 44.92 12.60 -31.38
CA ASP C 330 46.37 12.43 -31.48
C ASP C 330 47.11 13.49 -30.67
N LYS C 331 46.60 14.71 -30.64
CA LYS C 331 47.27 15.78 -29.91
C LYS C 331 47.08 15.67 -28.40
N VAL C 332 45.99 15.06 -27.95
CA VAL C 332 45.72 14.95 -26.52
C VAL C 332 46.25 13.65 -25.94
N PHE C 333 45.91 12.52 -26.57
CA PHE C 333 46.30 11.23 -26.02
C PHE C 333 47.78 10.94 -26.21
N ASN C 334 48.39 11.48 -27.26
CA ASN C 334 49.77 11.17 -27.61
C ASN C 334 50.58 12.46 -27.72
N ALA C 335 50.51 13.30 -26.70
CA ALA C 335 51.36 14.47 -26.63
C ALA C 335 52.80 14.07 -26.34
N THR C 336 53.71 15.04 -26.47
CA THR C 336 55.13 14.76 -26.29
C THR C 336 55.46 14.48 -24.83
N ARG C 337 54.96 15.30 -23.91
CA ARG C 337 55.26 15.16 -22.50
C ARG C 337 53.99 15.38 -21.69
N PHE C 338 53.57 14.35 -20.96
CA PHE C 338 52.48 14.51 -20.02
C PHE C 338 52.99 15.17 -18.73
N PRO C 339 52.20 16.03 -18.11
CA PRO C 339 52.67 16.73 -16.91
C PRO C 339 52.60 15.85 -15.67
N SER C 340 53.34 16.27 -14.64
CA SER C 340 53.30 15.59 -13.36
C SER C 340 51.92 15.77 -12.71
N VAL C 341 51.61 14.88 -11.77
CA VAL C 341 50.25 14.77 -11.26
C VAL C 341 49.87 15.97 -10.39
N TYR C 342 50.84 16.60 -9.72
CA TYR C 342 50.50 17.72 -8.85
C TYR C 342 50.18 18.99 -9.63
N ALA C 343 50.45 19.03 -10.93
CA ALA C 343 50.20 20.17 -11.80
C ALA C 343 49.47 19.73 -13.06
N TRP C 344 48.40 18.96 -12.89
CA TRP C 344 47.63 18.46 -14.01
C TRP C 344 46.94 19.59 -14.76
N GLU C 345 46.73 19.37 -16.06
CA GLU C 345 46.22 20.40 -16.95
C GLU C 345 44.81 20.08 -17.40
N ARG C 346 44.15 21.09 -17.98
CA ARG C 346 42.76 21.00 -18.40
C ARG C 346 42.64 21.48 -19.84
N THR C 347 41.97 20.68 -20.68
CA THR C 347 41.79 21.00 -22.08
C THR C 347 40.31 20.88 -22.45
N LYS C 348 39.82 21.83 -23.24
CA LYS C 348 38.43 21.87 -23.66
C LYS C 348 38.29 21.26 -25.05
N ILE C 349 37.22 20.50 -25.25
CA ILE C 349 36.92 19.83 -26.52
C ILE C 349 35.58 20.35 -27.02
N SER C 350 35.56 20.80 -28.28
CA SER C 350 34.33 21.31 -28.88
C SER C 350 34.41 21.17 -30.39
N ASP C 351 33.22 21.12 -31.02
CA ASP C 351 33.06 21.04 -32.48
C ASP C 351 33.79 19.82 -33.06
N CYS C 352 33.31 18.65 -32.67
CA CYS C 352 34.01 17.40 -32.92
C CYS C 352 33.08 16.37 -33.56
N VAL C 353 33.70 15.29 -34.01
CA VAL C 353 33.02 14.01 -34.23
C VAL C 353 33.88 12.98 -33.49
N ALA C 354 33.46 12.61 -32.29
CA ALA C 354 34.27 11.77 -31.40
C ALA C 354 34.25 10.34 -31.90
N ASP C 355 35.30 9.94 -32.60
CA ASP C 355 35.44 8.59 -33.14
C ASP C 355 36.57 7.88 -32.39
N TYR C 356 36.20 6.92 -31.52
CA TYR C 356 37.20 6.16 -30.79
C TYR C 356 37.89 5.12 -31.66
N THR C 357 37.31 4.80 -32.83
CA THR C 357 37.78 3.69 -33.66
C THR C 357 39.20 3.89 -34.16
N VAL C 358 39.68 5.14 -34.24
CA VAL C 358 41.04 5.39 -34.69
C VAL C 358 42.08 4.87 -33.68
N PHE C 359 41.67 4.56 -32.46
CA PHE C 359 42.54 3.94 -31.48
C PHE C 359 42.55 2.41 -31.57
N TYR C 360 41.78 1.84 -32.49
CA TYR C 360 41.56 0.39 -32.47
C TYR C 360 42.79 -0.38 -32.94
N ASN C 361 43.43 0.05 -34.02
CA ASN C 361 44.55 -0.68 -34.60
C ASN C 361 45.90 -0.16 -34.16
N SER C 362 45.94 0.75 -33.19
CA SER C 362 47.20 1.34 -32.76
C SER C 362 47.55 1.03 -31.31
N THR C 363 46.64 1.31 -30.37
CA THR C 363 46.94 1.20 -28.95
C THR C 363 45.85 0.41 -28.24
N SER C 364 46.23 -0.17 -27.10
CA SER C 364 45.31 -0.90 -26.24
C SER C 364 45.37 -0.30 -24.85
N PHE C 365 44.22 0.10 -24.32
CA PHE C 365 44.15 0.75 -23.01
C PHE C 365 44.09 -0.30 -21.91
N SER C 366 44.89 -0.08 -20.87
CA SER C 366 44.90 -1.02 -19.73
C SER C 366 43.57 -1.00 -19.00
N THR C 367 42.99 0.18 -18.78
CA THR C 367 41.70 0.26 -18.14
C THR C 367 40.90 1.41 -18.74
N PHE C 368 39.60 1.22 -18.86
CA PHE C 368 38.71 2.24 -19.43
C PHE C 368 37.32 1.98 -18.84
N ASN C 369 36.95 2.77 -17.85
CA ASN C 369 35.69 2.58 -17.14
C ASN C 369 34.95 3.90 -17.02
N CYS C 370 33.63 3.85 -17.25
CA CYS C 370 32.81 5.04 -17.29
C CYS C 370 31.79 5.03 -16.17
N TYR C 371 31.60 6.19 -15.55
CA TYR C 371 30.65 6.39 -14.48
C TYR C 371 29.53 7.30 -14.95
N GLY C 372 28.29 6.85 -14.78
CA GLY C 372 27.11 7.60 -15.16
C GLY C 372 26.55 7.24 -16.52
N VAL C 373 27.40 6.75 -17.43
CA VAL C 373 26.96 6.28 -18.74
C VAL C 373 27.57 4.90 -18.96
N SER C 374 26.95 4.17 -19.88
CA SER C 374 27.50 2.88 -20.26
C SER C 374 28.68 3.08 -21.22
N PRO C 375 29.66 2.18 -21.19
CA PRO C 375 30.79 2.30 -22.13
C PRO C 375 30.46 1.79 -23.53
N SER C 376 29.18 1.49 -23.79
CA SER C 376 28.73 1.03 -25.09
C SER C 376 27.75 1.98 -25.77
N LYS C 377 27.13 2.89 -25.04
CA LYS C 377 26.18 3.84 -25.60
C LYS C 377 26.81 5.18 -25.94
N LEU C 378 28.10 5.36 -25.69
CA LEU C 378 28.75 6.64 -25.94
C LEU C 378 29.17 6.81 -27.40
N ILE C 379 29.00 5.77 -28.23
CA ILE C 379 29.24 5.92 -29.66
C ILE C 379 28.19 6.82 -30.29
N ASP C 380 26.95 6.76 -29.81
CA ASP C 380 25.86 7.52 -30.40
C ASP C 380 25.23 8.49 -29.40
N LEU C 381 26.06 9.21 -28.65
CA LEU C 381 25.59 10.22 -27.72
C LEU C 381 26.21 11.57 -28.05
N CYS C 382 25.45 12.63 -27.80
CA CYS C 382 25.89 14.00 -28.06
C CYS C 382 26.05 14.73 -26.74
N PHE C 383 27.24 15.29 -26.53
CA PHE C 383 27.57 15.98 -25.29
C PHE C 383 27.65 17.48 -25.52
N THR C 384 27.61 18.23 -24.42
CA THR C 384 27.67 19.68 -24.48
C THR C 384 29.04 20.24 -24.09
N SER C 385 29.79 19.55 -23.26
CA SER C 385 31.13 19.99 -22.88
C SER C 385 31.95 18.79 -22.43
N VAL C 386 33.12 18.61 -23.04
CA VAL C 386 34.03 17.51 -22.73
C VAL C 386 35.37 18.11 -22.33
N TYR C 387 35.92 17.66 -21.20
CA TYR C 387 37.19 18.14 -20.71
C TYR C 387 38.21 17.00 -20.66
N ALA C 388 39.48 17.37 -20.52
CA ALA C 388 40.59 16.45 -20.78
C ALA C 388 41.66 16.52 -19.69
N ASP C 389 41.25 16.37 -18.44
CA ASP C 389 42.19 16.32 -17.31
C ASP C 389 43.23 15.21 -17.49
N THR C 390 44.50 15.59 -17.65
CA THR C 390 45.56 14.66 -17.99
C THR C 390 46.72 14.77 -17.01
N PHE C 391 47.28 13.62 -16.64
CA PHE C 391 48.43 13.55 -15.75
C PHE C 391 49.10 12.19 -15.94
N LEU C 392 50.17 11.96 -15.18
CA LEU C 392 50.98 10.75 -15.34
C LEU C 392 51.40 10.26 -13.97
N ILE C 393 51.02 9.02 -13.63
CA ILE C 393 51.23 8.45 -12.31
C ILE C 393 51.87 7.06 -12.45
N ARG C 394 52.06 6.41 -11.30
CA ARG C 394 52.51 5.03 -11.26
C ARG C 394 51.36 4.09 -11.60
N PHE C 395 51.71 2.85 -11.95
CA PHE C 395 50.70 1.89 -12.39
C PHE C 395 49.83 1.41 -11.23
N SER C 396 50.38 1.34 -10.02
CA SER C 396 49.63 0.81 -8.90
C SER C 396 48.61 1.79 -8.35
N GLU C 397 48.66 3.06 -8.74
CA GLU C 397 47.78 4.08 -8.18
C GLU C 397 46.57 4.40 -9.06
N VAL C 398 46.42 3.70 -10.20
CA VAL C 398 45.29 3.94 -11.09
C VAL C 398 43.98 3.55 -10.42
N ARG C 399 44.02 2.61 -9.46
CA ARG C 399 42.83 2.28 -8.69
C ARG C 399 42.39 3.41 -7.78
N GLN C 400 43.26 4.38 -7.49
CA GLN C 400 42.87 5.53 -6.67
C GLN C 400 42.18 6.62 -7.46
N VAL C 401 42.23 6.57 -8.80
CA VAL C 401 41.55 7.57 -9.63
C VAL C 401 40.15 7.02 -9.88
N ALA C 402 39.28 7.25 -8.91
CA ALA C 402 37.91 6.74 -8.92
C ALA C 402 37.12 7.50 -7.86
N PRO C 403 35.81 7.68 -8.04
CA PRO C 403 35.03 8.38 -7.01
C PRO C 403 34.84 7.56 -5.76
N GLY C 404 35.53 7.92 -4.68
CA GLY C 404 35.35 7.25 -3.41
C GLY C 404 36.62 6.78 -2.74
N GLN C 405 37.58 6.31 -3.54
CA GLN C 405 38.81 5.75 -2.98
C GLN C 405 39.69 6.87 -2.41
N THR C 406 40.66 6.47 -1.59
CA THR C 406 41.61 7.39 -0.97
C THR C 406 43.01 6.82 -1.06
N GLY C 407 43.98 7.71 -0.90
CA GLY C 407 45.38 7.33 -1.00
C GLY C 407 46.25 8.56 -1.07
N VAL C 408 47.45 8.40 -1.66
CA VAL C 408 48.34 9.54 -1.85
C VAL C 408 47.91 10.41 -3.02
N ILE C 409 47.00 9.94 -3.87
CA ILE C 409 46.53 10.68 -5.02
C ILE C 409 45.19 11.37 -4.74
N ALA C 410 44.25 10.64 -4.15
CA ALA C 410 42.91 11.16 -3.94
C ALA C 410 42.81 12.09 -2.73
N ASP C 411 43.86 12.21 -1.93
CA ASP C 411 43.83 13.08 -0.77
C ASP C 411 44.56 14.40 -1.00
N TYR C 412 45.71 14.38 -1.66
CA TYR C 412 46.54 15.58 -1.77
C TYR C 412 46.85 15.99 -3.20
N ASN C 413 46.58 15.16 -4.20
CA ASN C 413 46.99 15.45 -5.56
C ASN C 413 45.82 15.67 -6.51
N TYR C 414 44.86 14.75 -6.55
CA TYR C 414 43.76 14.84 -7.50
C TYR C 414 42.56 14.10 -6.94
N LYS C 415 41.47 14.82 -6.68
CA LYS C 415 40.26 14.24 -6.11
C LYS C 415 39.10 14.43 -7.07
N LEU C 416 38.39 13.33 -7.37
CA LEU C 416 37.19 13.29 -8.20
C LEU C 416 35.96 13.54 -7.34
N PRO C 417 34.95 14.23 -7.88
CA PRO C 417 33.71 14.42 -7.12
C PRO C 417 32.95 13.11 -6.96
N ASP C 418 32.09 13.08 -5.93
CA ASP C 418 31.33 11.88 -5.63
C ASP C 418 30.31 11.58 -6.73
N ASP C 419 29.61 12.59 -7.22
CA ASP C 419 28.66 12.43 -8.32
C ASP C 419 29.31 12.68 -9.66
N PHE C 420 30.42 12.00 -9.93
CA PHE C 420 31.16 12.21 -11.17
C PHE C 420 30.50 11.48 -12.32
N THR C 421 30.46 12.14 -13.47
CA THR C 421 29.99 11.54 -14.72
C THR C 421 31.08 11.71 -15.77
N GLY C 422 31.41 10.62 -16.44
CA GLY C 422 32.47 10.67 -17.43
C GLY C 422 33.12 9.31 -17.57
N CYS C 423 34.37 9.31 -18.02
CA CYS C 423 35.13 8.08 -18.21
C CYS C 423 36.57 8.28 -17.74
N VAL C 424 37.20 7.18 -17.34
CA VAL C 424 38.59 7.17 -16.90
C VAL C 424 39.33 6.15 -17.76
N ILE C 425 40.40 6.59 -18.41
CA ILE C 425 41.20 5.78 -19.31
C ILE C 425 42.64 5.80 -18.82
N ALA C 426 43.34 4.67 -18.97
CA ALA C 426 44.75 4.60 -18.59
C ALA C 426 45.40 3.45 -19.35
N TRP C 427 46.60 3.71 -19.87
CA TRP C 427 47.38 2.70 -20.58
C TRP C 427 48.85 2.81 -20.15
N ASN C 428 49.49 1.66 -20.01
CA ASN C 428 50.87 1.61 -19.54
C ASN C 428 51.81 2.06 -20.66
N THR C 429 52.71 2.99 -20.32
CA THR C 429 53.69 3.50 -21.28
C THR C 429 54.97 3.84 -20.50
N ALA C 430 55.94 2.92 -20.50
CA ALA C 430 57.18 3.13 -19.78
C ALA C 430 58.39 3.31 -20.67
N LYS C 431 58.29 3.02 -21.97
CA LYS C 431 59.42 3.14 -22.87
C LYS C 431 59.63 4.55 -23.42
N GLN C 432 58.67 5.46 -23.21
CA GLN C 432 58.78 6.80 -23.76
C GLN C 432 58.56 7.89 -22.70
N ASP C 433 58.50 7.53 -21.42
CA ASP C 433 58.37 8.50 -20.33
C ASP C 433 59.46 8.19 -19.31
N VAL C 434 60.65 8.74 -19.53
CA VAL C 434 61.80 8.53 -18.67
C VAL C 434 62.25 9.88 -18.14
N GLY C 435 62.38 9.97 -16.82
CA GLY C 435 62.82 11.20 -16.20
C GLY C 435 62.44 11.23 -14.73
N SER C 436 62.27 12.45 -14.21
CA SER C 436 61.87 12.67 -12.83
C SER C 436 60.54 13.40 -12.81
N TYR C 437 59.58 12.84 -12.10
CA TYR C 437 58.26 13.44 -11.94
C TYR C 437 57.91 13.49 -10.46
N PHE C 438 57.09 14.46 -10.09
CA PHE C 438 56.85 14.77 -8.69
C PHE C 438 55.42 14.49 -8.29
N TYR C 439 55.22 14.32 -6.98
CA TYR C 439 53.90 14.20 -6.39
C TYR C 439 53.98 14.65 -4.95
N ARG C 440 52.86 15.14 -4.42
CA ARG C 440 52.82 15.72 -3.09
C ARG C 440 52.37 14.68 -2.08
N SER C 441 53.15 14.53 -1.00
CA SER C 441 52.89 13.53 0.03
C SER C 441 52.42 14.13 1.34
N HIS C 442 52.91 15.30 1.71
CA HIS C 442 52.51 15.97 2.95
C HIS C 442 51.60 17.14 2.63
N ARG C 443 50.53 17.29 3.40
CA ARG C 443 49.68 18.46 3.31
C ARG C 443 48.91 18.60 4.61
N SER C 444 48.53 19.84 4.93
CA SER C 444 47.80 20.12 6.16
C SER C 444 46.34 19.71 6.08
N SER C 445 45.79 19.50 4.87
CA SER C 445 44.40 19.16 4.72
C SER C 445 44.22 18.42 3.40
N LYS C 446 43.02 17.88 3.21
CA LYS C 446 42.70 17.16 1.97
C LYS C 446 42.37 18.17 0.88
N LEU C 447 41.92 17.67 -0.27
CA LEU C 447 41.63 18.51 -1.43
C LEU C 447 40.15 18.47 -1.76
N LYS C 448 39.63 19.60 -2.21
CA LYS C 448 38.29 19.67 -2.78
C LYS C 448 38.29 18.99 -4.14
N PRO C 449 37.13 18.59 -4.65
CA PRO C 449 37.07 18.00 -6.00
C PRO C 449 37.54 18.98 -7.06
N PHE C 450 38.39 18.48 -7.96
CA PHE C 450 38.98 19.24 -9.07
C PHE C 450 39.74 20.48 -8.59
N GLU C 451 40.43 20.35 -7.46
CA GLU C 451 41.22 21.43 -6.90
C GLU C 451 42.69 21.18 -7.15
N ARG C 452 43.42 22.26 -7.43
CA ARG C 452 44.82 22.18 -7.83
C ARG C 452 45.64 23.16 -7.01
N ASP C 453 46.89 22.79 -6.73
CA ASP C 453 47.82 23.67 -6.03
C ASP C 453 49.24 23.39 -6.50
N LEU C 454 49.92 24.41 -7.01
CA LEU C 454 51.28 24.28 -7.49
C LEU C 454 52.30 24.75 -6.46
N SER C 455 51.94 24.72 -5.17
CA SER C 455 52.78 25.28 -4.12
C SER C 455 53.95 24.34 -3.83
N SER C 456 55.16 24.82 -4.03
CA SER C 456 56.37 24.12 -3.66
C SER C 456 57.29 25.07 -2.91
N GLU C 457 58.37 24.52 -2.35
CA GLU C 457 59.37 25.26 -1.58
C GLU C 457 58.73 25.99 -0.39
N GLU C 458 58.20 25.18 0.53
CA GLU C 458 57.42 25.70 1.65
C GLU C 458 58.34 26.21 2.75
N ASN C 459 57.76 26.49 3.92
CA ASN C 459 58.53 26.97 5.06
C ASN C 459 59.52 25.92 5.55
N GLY C 460 59.08 24.67 5.67
CA GLY C 460 59.95 23.60 6.09
C GLY C 460 60.44 22.75 4.93
N VAL C 461 60.22 21.43 5.03
CA VAL C 461 60.58 20.55 3.93
C VAL C 461 59.61 20.77 2.78
N ARG C 462 60.14 20.68 1.55
CA ARG C 462 59.29 20.77 0.38
C ARG C 462 58.36 19.58 0.31
N THR C 463 57.09 19.83 0.00
CA THR C 463 56.05 18.83 0.12
C THR C 463 56.00 17.87 -1.05
N LEU C 464 56.85 18.06 -2.07
CA LEU C 464 56.88 17.18 -3.24
C LEU C 464 58.06 16.23 -3.09
N SER C 465 57.76 14.93 -3.04
CA SER C 465 58.76 13.89 -3.18
C SER C 465 58.69 13.33 -4.60
N THR C 466 59.82 12.80 -5.06
CA THR C 466 59.98 12.42 -6.46
C THR C 466 60.03 10.91 -6.61
N TYR C 467 59.49 10.43 -7.74
CA TYR C 467 59.73 9.07 -8.19
C TYR C 467 60.43 9.12 -9.54
N ASP C 468 61.27 8.12 -9.79
CA ASP C 468 62.04 8.04 -11.02
C ASP C 468 61.45 6.96 -11.92
N PHE C 469 61.15 7.33 -13.17
CA PHE C 469 60.53 6.44 -14.13
C PHE C 469 61.54 6.03 -15.19
N ASN C 470 61.68 4.73 -15.40
CA ASN C 470 62.49 4.17 -16.47
C ASN C 470 62.07 2.73 -16.66
N GLN C 471 62.79 2.03 -17.53
CA GLN C 471 62.61 0.59 -17.68
C GLN C 471 63.50 -0.11 -16.64
N TYR C 472 63.55 -1.45 -16.72
CA TYR C 472 64.24 -2.31 -15.74
C TYR C 472 63.74 -2.03 -14.32
N VAL C 473 62.41 -1.82 -14.20
CA VAL C 473 61.81 -1.47 -12.88
C VAL C 473 60.51 -2.26 -12.70
N PRO C 474 60.17 -2.73 -11.47
CA PRO C 474 58.95 -3.49 -11.25
C PRO C 474 57.73 -2.80 -11.84
N LEU C 475 56.83 -3.58 -12.45
CA LEU C 475 55.60 -3.01 -13.08
C LEU C 475 54.92 -2.06 -12.08
N GLU C 476 54.71 -2.51 -10.84
CA GLU C 476 53.98 -1.65 -9.90
C GLU C 476 54.61 -0.28 -9.75
N TYR C 477 55.82 -0.07 -10.28
CA TYR C 477 56.54 1.20 -10.16
C TYR C 477 56.78 1.84 -11.52
N GLN C 478 55.98 1.49 -12.52
CA GLN C 478 56.16 1.98 -13.88
C GLN C 478 55.13 3.05 -14.21
N ALA C 479 55.49 3.89 -15.19
CA ALA C 479 54.69 5.05 -15.55
C ALA C 479 53.38 4.63 -16.22
N THR C 480 52.40 5.52 -16.18
CA THR C 480 51.08 5.24 -16.74
C THR C 480 50.40 6.57 -17.04
N ARG C 481 50.05 6.79 -18.30
CA ARG C 481 49.32 7.98 -18.69
C ARG C 481 47.84 7.80 -18.41
N VAL C 482 47.25 8.74 -17.69
CA VAL C 482 45.84 8.68 -17.30
C VAL C 482 45.14 9.89 -17.88
N VAL C 483 44.03 9.66 -18.58
CA VAL C 483 43.20 10.71 -19.15
C VAL C 483 41.81 10.59 -18.58
N VAL C 484 41.29 11.67 -18.01
CA VAL C 484 39.97 11.69 -17.39
C VAL C 484 39.10 12.65 -18.18
N LEU C 485 37.97 12.14 -18.68
CA LEU C 485 37.01 12.93 -19.43
C LEU C 485 35.75 13.14 -18.61
N SER C 486 35.19 14.35 -18.67
CA SER C 486 33.97 14.68 -17.97
C SER C 486 32.92 15.14 -18.96
N PHE C 487 31.71 14.60 -18.83
CA PHE C 487 30.60 14.92 -19.72
C PHE C 487 29.48 15.59 -18.94
N GLU C 488 28.62 16.30 -19.66
CA GLU C 488 27.40 16.83 -19.09
C GLU C 488 26.36 16.97 -20.20
N LEU C 489 25.11 16.69 -19.86
CA LEU C 489 24.00 16.71 -20.82
C LEU C 489 22.96 17.72 -20.33
N LEU C 490 22.84 18.84 -21.05
CA LEU C 490 21.92 19.90 -20.65
C LEU C 490 20.97 20.24 -21.79
N ASN C 491 20.19 21.30 -21.61
CA ASN C 491 19.31 21.80 -22.67
C ASN C 491 20.04 22.88 -23.48
N ALA C 492 21.15 22.47 -24.06
CA ALA C 492 22.07 23.33 -24.78
C ALA C 492 22.42 22.68 -26.10
N PRO C 493 22.86 23.46 -27.10
CA PRO C 493 23.31 22.85 -28.36
C PRO C 493 24.53 21.95 -28.14
N ALA C 494 24.56 20.85 -28.88
CA ALA C 494 25.62 19.87 -28.73
C ALA C 494 26.88 20.30 -29.46
N THR C 495 28.03 20.00 -28.86
CA THR C 495 29.32 20.34 -29.42
C THR C 495 30.12 19.12 -29.87
N VAL C 496 30.19 18.10 -29.03
CA VAL C 496 30.88 16.85 -29.36
C VAL C 496 29.82 15.78 -29.57
N CYS C 497 29.77 15.23 -30.77
CA CYS C 497 28.74 14.27 -31.14
C CYS C 497 29.37 13.04 -31.77
N GLY C 498 28.72 11.89 -31.59
CA GLY C 498 29.17 10.65 -32.18
C GLY C 498 28.90 10.60 -33.66
N PRO C 499 29.56 9.69 -34.37
CA PRO C 499 29.37 9.58 -35.82
C PRO C 499 28.06 8.88 -36.17
N LYS C 500 27.14 9.63 -36.76
CA LYS C 500 25.85 9.09 -37.17
C LYS C 500 25.30 9.93 -38.31
N LEU C 501 24.67 9.26 -39.27
CA LEU C 501 24.15 9.91 -40.47
C LEU C 501 22.66 10.18 -40.30
N SER C 502 22.25 11.43 -40.52
CA SER C 502 20.85 11.80 -40.40
C SER C 502 20.05 11.25 -41.56
N THR C 503 18.77 11.01 -41.32
CA THR C 503 17.84 10.48 -42.31
C THR C 503 16.73 11.51 -42.56
N SER C 504 15.75 11.10 -43.35
CA SER C 504 14.62 11.97 -43.66
C SER C 504 13.67 12.07 -42.46
N LEU C 505 12.80 13.07 -42.52
CA LEU C 505 11.83 13.34 -41.47
C LEU C 505 10.46 12.88 -41.90
N VAL C 506 9.81 12.06 -41.07
CA VAL C 506 8.48 11.54 -41.33
C VAL C 506 7.53 12.11 -40.28
N LYS C 507 6.42 12.65 -40.73
CA LYS C 507 5.46 13.30 -39.84
C LYS C 507 4.12 12.60 -39.90
N ASN C 508 3.35 12.74 -38.81
CA ASN C 508 2.02 12.16 -38.64
C ASN C 508 2.04 10.64 -38.80
N GLN C 509 3.05 10.00 -38.22
CA GLN C 509 3.17 8.55 -38.23
C GLN C 509 3.79 8.11 -36.91
N CYS C 510 3.57 6.84 -36.57
CA CYS C 510 4.11 6.25 -35.35
C CYS C 510 5.52 5.74 -35.64
N VAL C 511 6.52 6.53 -35.26
CA VAL C 511 7.92 6.21 -35.51
C VAL C 511 8.70 6.33 -34.20
N ASN C 512 9.92 5.82 -34.22
CA ASN C 512 10.87 5.99 -33.13
C ASN C 512 12.01 6.89 -33.61
N PHE C 513 12.30 7.93 -32.84
CA PHE C 513 13.19 8.99 -33.29
C PHE C 513 14.53 8.91 -32.57
N ASN C 514 15.44 9.81 -32.98
CA ASN C 514 16.76 9.93 -32.34
C ASN C 514 17.24 11.36 -32.57
N PHE C 515 17.13 12.19 -31.55
CA PHE C 515 17.52 13.60 -31.63
C PHE C 515 18.71 13.81 -30.68
N ASN C 516 19.91 13.78 -31.25
CA ASN C 516 21.17 13.97 -30.51
C ASN C 516 21.30 12.98 -29.35
N GLY C 517 20.98 11.72 -29.61
CA GLY C 517 21.07 10.69 -28.61
C GLY C 517 19.83 10.47 -27.78
N PHE C 518 18.79 11.28 -27.96
CA PHE C 518 17.55 11.14 -27.21
C PHE C 518 16.61 10.23 -28.01
N LYS C 519 16.54 8.97 -27.62
CA LYS C 519 15.74 7.97 -28.32
C LYS C 519 14.43 7.74 -27.59
N GLY C 520 13.34 7.75 -28.33
CA GLY C 520 12.01 7.49 -27.77
C GLY C 520 11.10 6.91 -28.83
N THR C 521 9.81 7.20 -28.73
CA THR C 521 8.81 6.72 -29.67
C THR C 521 7.60 7.64 -29.59
N GLY C 522 7.18 8.18 -30.73
CA GLY C 522 6.03 9.06 -30.73
C GLY C 522 5.70 9.51 -32.15
N VAL C 523 4.66 10.33 -32.24
CA VAL C 523 4.19 10.87 -33.51
C VAL C 523 4.72 12.29 -33.65
N LEU C 524 5.46 12.56 -34.71
CA LEU C 524 6.07 13.86 -34.93
C LEU C 524 5.13 14.74 -35.73
N THR C 525 4.89 15.96 -35.23
CA THR C 525 4.02 16.91 -35.90
C THR C 525 4.68 18.29 -35.84
N ASP C 526 4.36 19.12 -36.83
CA ASP C 526 4.83 20.51 -36.81
C ASP C 526 4.18 21.27 -35.67
N SER C 527 4.96 22.11 -35.01
CA SER C 527 4.53 22.79 -33.79
C SER C 527 4.65 24.30 -33.95
N SER C 528 3.75 25.01 -33.30
CA SER C 528 3.73 26.47 -33.31
C SER C 528 4.29 27.10 -32.04
N LYS C 529 4.85 26.29 -31.15
CA LYS C 529 5.39 26.80 -29.90
C LYS C 529 6.69 27.56 -30.15
N THR C 530 7.01 28.46 -29.22
CA THR C 530 8.19 29.31 -29.32
C THR C 530 9.14 29.01 -28.17
N PHE C 531 10.39 28.70 -28.51
CA PHE C 531 11.41 28.39 -27.53
C PHE C 531 12.33 29.58 -27.33
N GLN C 532 13.41 29.37 -26.57
CA GLN C 532 14.46 30.37 -26.45
C GLN C 532 15.41 30.23 -27.64
N SER C 533 16.55 30.92 -27.57
CA SER C 533 17.55 30.85 -28.63
C SER C 533 18.59 29.76 -28.40
N PHE C 534 18.49 29.02 -27.30
CA PHE C 534 19.52 28.03 -26.98
C PHE C 534 18.92 26.67 -26.62
N GLN C 535 17.68 26.67 -26.13
CA GLN C 535 17.09 25.44 -25.63
C GLN C 535 16.76 24.48 -26.77
N GLN C 536 16.72 23.18 -26.43
CA GLN C 536 16.55 22.12 -27.40
C GLN C 536 15.20 21.42 -27.30
N PHE C 537 14.85 20.92 -26.12
CA PHE C 537 13.59 20.20 -25.94
C PHE C 537 12.82 20.78 -24.77
N GLY C 538 11.50 20.93 -24.96
CA GLY C 538 10.62 21.35 -23.90
C GLY C 538 10.14 20.18 -23.06
N ARG C 539 9.50 20.49 -21.94
CA ARG C 539 9.08 19.47 -21.00
C ARG C 539 7.64 19.72 -20.56
N ASP C 540 6.96 18.64 -20.19
CA ASP C 540 5.58 18.70 -19.73
C ASP C 540 5.55 18.86 -18.22
N ALA C 541 4.37 18.71 -17.62
CA ALA C 541 4.24 18.78 -16.17
C ALA C 541 4.78 17.54 -15.47
N SER C 542 4.83 16.40 -16.17
CA SER C 542 5.31 15.15 -15.61
C SER C 542 6.71 14.79 -16.08
N ASP C 543 7.51 15.80 -16.46
CA ASP C 543 8.89 15.63 -16.94
C ASP C 543 8.96 14.71 -18.16
N PHE C 544 7.95 14.80 -19.02
CA PHE C 544 7.89 14.01 -20.25
C PHE C 544 8.12 14.95 -21.43
N THR C 545 9.19 14.71 -22.17
CA THR C 545 9.55 15.59 -23.28
C THR C 545 8.54 15.42 -24.42
N ASP C 546 7.88 16.50 -24.79
CA ASP C 546 6.86 16.48 -25.83
C ASP C 546 7.16 17.38 -27.02
N SER C 547 8.10 18.31 -26.89
CA SER C 547 8.54 19.13 -28.01
C SER C 547 10.06 19.10 -28.09
N VAL C 548 10.58 19.01 -29.30
CA VAL C 548 12.02 18.92 -29.52
C VAL C 548 12.35 19.66 -30.81
N ARG C 549 13.56 20.23 -30.86
CA ARG C 549 14.03 20.98 -32.00
C ARG C 549 15.03 20.13 -32.78
N ASP C 550 14.78 19.94 -34.07
CA ASP C 550 15.71 19.19 -34.89
C ASP C 550 16.96 20.04 -35.17
N PRO C 551 18.15 19.48 -35.03
CA PRO C 551 19.38 20.30 -35.14
C PRO C 551 19.77 20.68 -36.55
N GLN C 552 19.00 20.29 -37.56
CA GLN C 552 19.33 20.62 -38.95
C GLN C 552 18.43 21.72 -39.50
N THR C 553 17.11 21.53 -39.41
CA THR C 553 16.18 22.56 -39.88
C THR C 553 16.11 23.74 -38.92
N LEU C 554 16.44 23.50 -37.64
CA LEU C 554 16.29 24.47 -36.55
C LEU C 554 14.84 24.96 -36.45
N ARG C 555 13.89 24.04 -36.58
CA ARG C 555 12.48 24.31 -36.40
C ARG C 555 11.99 23.56 -35.15
N ILE C 556 10.68 23.61 -34.91
CA ILE C 556 10.08 23.05 -33.71
C ILE C 556 9.17 21.90 -34.13
N LEU C 557 9.27 20.79 -33.40
CA LEU C 557 8.45 19.61 -33.64
C LEU C 557 7.72 19.22 -32.37
N ASP C 558 6.57 18.57 -32.53
CA ASP C 558 5.74 18.16 -31.40
C ASP C 558 5.63 16.64 -31.38
N ILE C 559 5.70 16.06 -30.18
CA ILE C 559 5.67 14.61 -29.99
C ILE C 559 4.37 14.25 -29.27
N SER C 560 3.63 13.31 -29.84
CA SER C 560 2.39 12.80 -29.27
C SER C 560 2.45 11.28 -29.23
N PRO C 561 1.80 10.65 -28.24
CA PRO C 561 1.84 9.20 -28.15
C PRO C 561 1.12 8.51 -29.30
N CYS C 562 1.59 7.32 -29.65
CA CYS C 562 0.97 6.55 -30.73
C CYS C 562 -0.41 6.06 -30.32
N SER C 563 -0.55 5.54 -29.11
CA SER C 563 -1.86 5.15 -28.60
C SER C 563 -2.69 6.39 -28.27
N PHE C 564 -3.95 6.37 -28.67
CA PHE C 564 -4.82 7.54 -28.58
C PHE C 564 -6.12 7.18 -27.89
N GLY C 565 -6.25 7.63 -26.64
CA GLY C 565 -7.51 7.57 -25.92
C GLY C 565 -7.88 6.17 -25.43
N GLY C 566 -9.14 6.05 -25.03
CA GLY C 566 -9.70 4.80 -24.55
C GLY C 566 -10.70 4.25 -25.56
N VAL C 567 -10.59 2.95 -25.84
CA VAL C 567 -11.43 2.26 -26.81
C VAL C 567 -12.16 1.15 -26.08
N SER C 568 -13.49 1.14 -26.17
CA SER C 568 -14.31 0.14 -25.51
C SER C 568 -14.89 -0.81 -26.54
N VAL C 569 -15.03 -2.08 -26.14
CA VAL C 569 -15.52 -3.13 -27.01
C VAL C 569 -16.83 -3.65 -26.42
N ILE C 570 -17.89 -3.63 -27.22
CA ILE C 570 -19.20 -4.14 -26.84
C ILE C 570 -19.39 -5.48 -27.51
N THR C 571 -19.58 -6.53 -26.72
CA THR C 571 -19.72 -7.88 -27.25
C THR C 571 -20.85 -8.60 -26.54
N PRO C 572 -21.55 -9.50 -27.24
CA PRO C 572 -22.40 -10.48 -26.55
C PRO C 572 -21.56 -11.64 -26.04
N GLY C 573 -22.20 -12.69 -25.53
CA GLY C 573 -21.46 -13.86 -25.10
C GLY C 573 -20.78 -14.56 -26.26
N THR C 574 -19.61 -15.15 -25.97
CA THR C 574 -18.85 -15.83 -27.01
C THR C 574 -19.54 -17.10 -27.46
N ASN C 575 -20.33 -17.72 -26.58
CA ASN C 575 -21.10 -18.90 -26.95
C ASN C 575 -22.29 -18.59 -27.86
N THR C 576 -22.64 -17.31 -28.01
CA THR C 576 -23.74 -16.91 -28.88
C THR C 576 -23.26 -16.39 -30.23
N SER C 577 -22.30 -15.47 -30.22
CA SER C 577 -21.79 -14.89 -31.46
C SER C 577 -20.38 -14.39 -31.22
N SER C 578 -19.75 -13.91 -32.30
CA SER C 578 -18.40 -13.37 -32.25
C SER C 578 -18.30 -12.02 -32.95
N ALA C 579 -19.42 -11.32 -33.13
CA ALA C 579 -19.44 -10.00 -33.73
C ALA C 579 -19.48 -8.95 -32.64
N VAL C 580 -18.56 -7.98 -32.70
CA VAL C 580 -18.43 -6.97 -31.68
C VAL C 580 -18.62 -5.59 -32.31
N ALA C 581 -18.82 -4.60 -31.44
CA ALA C 581 -18.85 -3.20 -31.82
C ALA C 581 -17.79 -2.45 -31.02
N VAL C 582 -17.35 -1.32 -31.56
CA VAL C 582 -16.25 -0.56 -30.96
C VAL C 582 -16.71 0.87 -30.72
N LEU C 583 -16.53 1.35 -29.50
CA LEU C 583 -16.85 2.71 -29.12
C LEU C 583 -15.57 3.48 -28.83
N TYR C 584 -15.41 4.63 -29.50
CA TYR C 584 -14.28 5.52 -29.27
C TYR C 584 -14.73 6.68 -28.39
N GLN C 585 -13.89 7.05 -27.43
CA GLN C 585 -14.27 8.02 -26.41
C GLN C 585 -13.97 9.44 -26.90
N ASP C 586 -15.03 10.23 -27.08
CA ASP C 586 -14.95 11.68 -27.31
C ASP C 586 -14.19 12.03 -28.59
N VAL C 587 -14.58 11.37 -29.69
CA VAL C 587 -14.08 11.70 -31.02
C VAL C 587 -15.27 11.91 -31.95
N ASN C 588 -15.00 12.50 -33.11
CA ASN C 588 -16.00 12.64 -34.16
C ASN C 588 -15.82 11.51 -35.18
N CYS C 589 -16.93 11.14 -35.82
CA CYS C 589 -16.92 10.02 -36.74
C CYS C 589 -16.11 10.30 -38.02
N THR C 590 -15.96 11.56 -38.39
CA THR C 590 -15.11 11.90 -39.53
C THR C 590 -13.63 11.79 -39.20
N ASP C 591 -13.27 11.97 -37.92
CA ASP C 591 -11.88 11.99 -37.49
C ASP C 591 -11.43 10.66 -36.88
N VAL C 592 -12.25 9.61 -37.00
CA VAL C 592 -11.85 8.30 -36.46
C VAL C 592 -10.61 7.72 -37.14
N PRO C 593 -10.51 7.65 -38.49
CA PRO C 593 -9.30 7.05 -39.07
C PRO C 593 -8.06 7.91 -38.93
N THR C 594 -8.19 9.22 -38.75
CA THR C 594 -7.02 10.06 -38.55
C THR C 594 -6.43 9.90 -37.16
N THR C 595 -7.28 9.81 -36.14
CA THR C 595 -6.83 9.67 -34.76
C THR C 595 -6.59 8.23 -34.35
N LEU C 596 -6.82 7.27 -35.24
CA LEU C 596 -6.47 5.88 -34.98
C LEU C 596 -5.34 5.37 -35.88
N HIS C 597 -4.90 6.17 -36.84
CA HIS C 597 -3.84 5.82 -37.80
C HIS C 597 -4.19 4.55 -38.56
N ALA C 598 -5.26 4.65 -39.36
CA ALA C 598 -5.82 3.50 -40.07
C ALA C 598 -4.88 2.96 -41.14
N ASP C 599 -3.90 3.74 -41.59
CA ASP C 599 -2.95 3.24 -42.57
C ASP C 599 -2.01 2.20 -41.96
N GLN C 600 -1.65 2.36 -40.69
CA GLN C 600 -0.74 1.43 -40.03
C GLN C 600 -1.44 0.26 -39.37
N LEU C 601 -2.77 0.25 -39.33
CA LEU C 601 -3.49 -0.82 -38.66
C LEU C 601 -3.56 -2.06 -39.55
N ALA C 602 -4.02 -3.15 -38.95
CA ALA C 602 -4.23 -4.39 -39.68
C ALA C 602 -5.41 -4.24 -40.64
N PRO C 603 -5.44 -5.02 -41.73
CA PRO C 603 -6.59 -4.95 -42.64
C PRO C 603 -7.92 -5.34 -42.00
N SER C 604 -7.90 -6.19 -40.97
CA SER C 604 -9.12 -6.51 -40.25
C SER C 604 -9.54 -5.38 -39.31
N TRP C 605 -8.60 -4.53 -38.90
CA TRP C 605 -8.95 -3.40 -38.05
C TRP C 605 -9.61 -2.26 -38.81
N ARG C 606 -9.30 -2.13 -40.11
CA ARG C 606 -9.75 -0.98 -40.88
C ARG C 606 -11.24 -1.01 -41.17
N VAL C 607 -11.90 -2.16 -41.04
CA VAL C 607 -13.35 -2.23 -41.26
C VAL C 607 -14.11 -1.63 -40.08
N TYR C 608 -13.48 -1.47 -38.93
CA TYR C 608 -14.10 -0.89 -37.75
C TYR C 608 -13.78 0.58 -37.57
N THR C 609 -13.17 1.22 -38.58
CA THR C 609 -12.94 2.65 -38.54
C THR C 609 -13.89 3.44 -39.44
N THR C 610 -14.54 2.78 -40.38
CA THR C 610 -15.49 3.43 -41.27
C THR C 610 -16.46 2.37 -41.80
N GLY C 611 -17.44 2.83 -42.56
CA GLY C 611 -18.39 1.94 -43.17
C GLY C 611 -19.81 2.46 -43.10
N PRO C 612 -20.79 1.58 -43.35
CA PRO C 612 -22.19 2.02 -43.28
C PRO C 612 -22.77 2.00 -41.88
N TYR C 613 -22.22 1.21 -40.96
CA TYR C 613 -22.74 1.11 -39.60
C TYR C 613 -21.94 2.07 -38.72
N VAL C 614 -22.39 3.32 -38.69
CA VAL C 614 -21.75 4.38 -37.93
C VAL C 614 -22.83 5.16 -37.21
N PHE C 615 -22.66 5.34 -35.90
CA PHE C 615 -23.61 6.10 -35.07
C PHE C 615 -22.83 7.14 -34.28
N GLN C 616 -23.42 8.32 -34.11
CA GLN C 616 -22.81 9.41 -33.38
C GLN C 616 -23.60 9.67 -32.11
N THR C 617 -22.97 9.44 -30.95
CA THR C 617 -23.56 9.70 -29.66
C THR C 617 -22.84 10.87 -28.99
N GLN C 618 -23.25 11.18 -27.77
CA GLN C 618 -22.58 12.21 -26.99
C GLN C 618 -21.28 11.72 -26.36
N ALA C 619 -21.02 10.40 -26.38
CA ALA C 619 -19.78 9.84 -25.87
C ALA C 619 -18.75 9.59 -26.94
N GLY C 620 -19.15 9.53 -28.20
CA GLY C 620 -18.23 9.30 -29.29
C GLY C 620 -18.86 8.44 -30.36
N CYS C 621 -18.02 8.04 -31.32
CA CYS C 621 -18.48 7.31 -32.50
C CYS C 621 -18.61 5.83 -32.17
N LEU C 622 -19.79 5.26 -32.41
CA LEU C 622 -20.04 3.83 -32.24
C LEU C 622 -20.07 3.20 -33.63
N ILE C 623 -19.09 2.35 -33.91
CA ILE C 623 -18.97 1.69 -35.20
C ILE C 623 -19.10 0.19 -34.99
N GLY C 624 -20.08 -0.41 -35.65
CA GLY C 624 -20.29 -1.84 -35.54
C GLY C 624 -21.74 -2.22 -35.32
N ALA C 625 -22.54 -1.28 -34.84
CA ALA C 625 -23.95 -1.54 -34.53
C ALA C 625 -24.82 -0.53 -35.26
N GLU C 626 -25.93 -1.02 -35.79
CA GLU C 626 -26.89 -0.16 -36.49
C GLU C 626 -27.85 0.47 -35.50
N HIS C 627 -28.36 1.64 -35.86
CA HIS C 627 -29.23 2.42 -34.99
C HIS C 627 -30.67 2.27 -35.43
N VAL C 628 -31.56 2.02 -34.48
CA VAL C 628 -32.98 1.84 -34.75
C VAL C 628 -33.77 2.89 -33.96
N ASN C 629 -34.98 3.17 -34.42
CA ASN C 629 -35.81 4.20 -33.83
C ASN C 629 -36.70 3.70 -32.70
N ALA C 630 -36.74 2.39 -32.46
CA ALA C 630 -37.55 1.85 -31.38
C ALA C 630 -36.87 2.08 -30.03
N SER C 631 -37.62 1.86 -28.96
CA SER C 631 -37.12 2.02 -27.61
C SER C 631 -37.44 0.76 -26.80
N TYR C 632 -36.41 0.16 -26.21
CA TYR C 632 -36.59 -1.01 -25.37
C TYR C 632 -35.93 -0.78 -24.02
N GLN C 633 -35.86 -1.84 -23.20
CA GLN C 633 -35.09 -1.77 -21.96
C GLN C 633 -33.60 -1.84 -22.25
N CYS C 634 -32.79 -1.63 -21.22
CA CYS C 634 -31.35 -1.59 -21.37
C CYS C 634 -30.76 -2.98 -21.18
N ASP C 635 -29.91 -3.39 -22.12
CA ASP C 635 -29.23 -4.68 -22.06
C ASP C 635 -27.73 -4.52 -21.85
N ILE C 636 -27.06 -3.78 -22.74
CA ILE C 636 -25.66 -3.45 -22.60
C ILE C 636 -25.53 -1.92 -22.63
N PRO C 637 -25.42 -1.27 -21.48
CA PRO C 637 -25.37 0.19 -21.46
C PRO C 637 -24.05 0.71 -22.02
N ILE C 638 -24.12 1.82 -22.77
CA ILE C 638 -22.97 2.47 -23.36
C ILE C 638 -22.66 3.79 -22.67
N GLY C 639 -23.65 4.65 -22.54
CA GLY C 639 -23.49 5.97 -21.98
C GLY C 639 -24.33 6.97 -22.76
N ALA C 640 -24.68 8.07 -22.08
CA ALA C 640 -25.51 9.15 -22.63
C ALA C 640 -26.86 8.64 -23.13
N GLY C 641 -27.45 7.70 -22.39
CA GLY C 641 -28.77 7.20 -22.72
C GLY C 641 -28.82 6.28 -23.91
N ILE C 642 -27.77 5.47 -24.12
CA ILE C 642 -27.70 4.54 -25.24
C ILE C 642 -27.47 3.14 -24.67
N CYS C 643 -28.28 2.19 -25.13
CA CYS C 643 -28.13 0.79 -24.72
C CYS C 643 -28.12 -0.09 -25.97
N ALA C 644 -27.12 -0.95 -26.07
CA ALA C 644 -27.00 -1.89 -27.18
C ALA C 644 -27.55 -3.26 -26.77
N SER C 645 -27.89 -4.06 -27.78
CA SER C 645 -28.46 -5.38 -27.56
C SER C 645 -28.11 -6.26 -28.76
N TYR C 646 -28.56 -7.51 -28.71
CA TYR C 646 -28.36 -8.49 -29.77
C TYR C 646 -29.73 -8.96 -30.23
N HIS C 647 -30.30 -8.26 -31.21
CA HIS C 647 -31.63 -8.53 -31.70
C HIS C 647 -31.56 -9.19 -33.08
N THR C 648 -32.73 -9.42 -33.66
CA THR C 648 -32.84 -10.06 -34.97
C THR C 648 -32.97 -9.01 -36.07
N GLN C 657 -31.11 -12.73 -40.14
CA GLN C 657 -29.99 -13.03 -39.26
C GLN C 657 -29.94 -12.04 -38.10
N LYS C 658 -29.19 -12.39 -37.06
CA LYS C 658 -29.05 -11.56 -35.87
C LYS C 658 -27.91 -10.57 -36.04
N SER C 659 -28.05 -9.41 -35.39
CA SER C 659 -27.02 -8.38 -35.42
C SER C 659 -27.15 -7.52 -34.18
N ILE C 660 -26.10 -6.75 -33.91
CA ILE C 660 -26.07 -5.86 -32.75
C ILE C 660 -26.74 -4.54 -33.14
N VAL C 661 -27.73 -4.13 -32.36
CA VAL C 661 -28.45 -2.88 -32.58
C VAL C 661 -28.16 -1.93 -31.43
N ALA C 662 -28.47 -0.66 -31.65
CA ALA C 662 -28.34 0.38 -30.63
C ALA C 662 -29.57 1.26 -30.66
N TYR C 663 -29.95 1.75 -29.47
CA TYR C 663 -31.18 2.54 -29.33
C TYR C 663 -31.05 3.43 -28.11
N THR C 664 -32.15 4.03 -27.70
CA THR C 664 -32.22 4.82 -26.48
C THR C 664 -33.10 4.10 -25.47
N MET C 665 -32.63 4.03 -24.23
CA MET C 665 -33.35 3.30 -23.19
C MET C 665 -34.66 4.01 -22.86
N SER C 666 -35.68 3.21 -22.58
CA SER C 666 -37.01 3.71 -22.27
C SER C 666 -37.17 3.79 -20.75
N LEU C 667 -37.58 4.96 -20.27
CA LEU C 667 -37.70 5.16 -18.82
C LEU C 667 -38.93 4.46 -18.26
N GLY C 668 -40.00 4.38 -19.04
CA GLY C 668 -41.21 3.73 -18.57
C GLY C 668 -42.37 4.01 -19.50
N ALA C 669 -43.48 3.35 -19.21
CA ALA C 669 -44.69 3.52 -20.02
C ALA C 669 -45.30 4.88 -19.77
N GLU C 670 -45.67 5.57 -20.84
CA GLU C 670 -46.28 6.88 -20.72
C GLU C 670 -47.69 6.76 -20.16
N ASN C 671 -48.01 7.59 -19.17
CA ASN C 671 -49.29 7.53 -18.48
C ASN C 671 -49.85 8.92 -18.32
N SER C 672 -51.16 8.99 -18.16
CA SER C 672 -51.86 10.24 -17.88
C SER C 672 -52.92 10.00 -16.82
N VAL C 673 -53.14 11.01 -15.98
CA VAL C 673 -54.15 10.95 -14.93
C VAL C 673 -55.11 12.14 -15.13
N ALA C 674 -56.40 11.83 -15.22
CA ALA C 674 -57.41 12.85 -15.46
C ALA C 674 -57.69 13.58 -14.14
N TYR C 675 -57.34 14.86 -14.09
CA TYR C 675 -57.48 15.65 -12.88
C TYR C 675 -58.64 16.63 -13.03
N ALA C 676 -59.48 16.70 -12.00
CA ALA C 676 -60.56 17.68 -11.94
C ALA C 676 -60.76 18.05 -10.48
N ASN C 677 -61.36 19.21 -10.26
CA ASN C 677 -61.51 19.72 -8.90
C ASN C 677 -62.67 19.08 -8.14
N ASN C 678 -63.51 18.29 -8.80
CA ASN C 678 -64.61 17.59 -8.14
C ASN C 678 -64.67 16.14 -8.63
N SER C 679 -63.52 15.47 -8.69
CA SER C 679 -63.46 14.10 -9.12
C SER C 679 -62.47 13.33 -8.25
N ILE C 680 -62.83 12.11 -7.88
CA ILE C 680 -61.98 11.27 -7.03
C ILE C 680 -62.16 9.82 -7.44
N ALA C 681 -61.08 9.05 -7.36
CA ALA C 681 -61.09 7.63 -7.66
C ALA C 681 -60.97 6.84 -6.36
N ILE C 682 -61.88 5.90 -6.14
CA ILE C 682 -61.89 5.10 -4.92
C ILE C 682 -61.89 3.63 -5.30
N PRO C 683 -60.99 2.82 -4.73
CA PRO C 683 -60.93 1.40 -5.09
C PRO C 683 -62.13 0.62 -4.60
N THR C 684 -62.39 -0.50 -5.28
CA THR C 684 -63.51 -1.37 -4.95
C THR C 684 -63.10 -2.81 -4.65
N ASN C 685 -61.84 -3.16 -4.85
CA ASN C 685 -61.36 -4.51 -4.58
C ASN C 685 -59.87 -4.42 -4.25
N PHE C 686 -59.35 -5.48 -3.64
CA PHE C 686 -57.96 -5.50 -3.21
C PHE C 686 -57.28 -6.78 -3.66
N SER C 687 -56.01 -6.90 -3.27
CA SER C 687 -55.22 -8.09 -3.55
C SER C 687 -54.11 -8.19 -2.52
N ILE C 688 -53.72 -9.43 -2.22
CA ILE C 688 -52.64 -9.72 -1.29
C ILE C 688 -51.47 -10.23 -2.10
N SER C 689 -50.32 -9.56 -1.98
CA SER C 689 -49.14 -9.90 -2.76
C SER C 689 -47.98 -10.21 -1.82
N VAL C 690 -47.30 -11.32 -2.07
CA VAL C 690 -46.15 -11.74 -1.28
C VAL C 690 -44.90 -11.58 -2.13
N THR C 691 -44.00 -10.71 -1.70
CA THR C 691 -42.76 -10.44 -2.41
C THR C 691 -41.58 -10.91 -1.59
N THR C 692 -40.41 -10.99 -2.23
CA THR C 692 -39.20 -11.45 -1.58
C THR C 692 -38.12 -10.38 -1.59
N GLU C 693 -37.27 -10.40 -0.58
CA GLU C 693 -36.13 -9.48 -0.48
C GLU C 693 -34.94 -10.26 0.06
N VAL C 694 -33.84 -10.24 -0.67
CA VAL C 694 -32.64 -11.01 -0.32
C VAL C 694 -31.60 -10.06 0.27
N MET C 695 -31.11 -10.39 1.47
CA MET C 695 -30.15 -9.52 2.16
C MET C 695 -28.94 -10.33 2.59
N PRO C 696 -27.73 -9.95 2.18
CA PRO C 696 -26.54 -10.56 2.76
C PRO C 696 -26.36 -10.16 4.21
N VAL C 697 -25.75 -11.06 4.99
CA VAL C 697 -25.56 -10.82 6.42
C VAL C 697 -24.08 -10.93 6.78
N SER C 698 -23.45 -12.03 6.41
CA SER C 698 -22.06 -12.28 6.76
C SER C 698 -21.34 -12.92 5.58
N MET C 699 -20.02 -12.76 5.56
CA MET C 699 -19.19 -13.35 4.53
C MET C 699 -18.21 -14.33 5.18
N ALA C 700 -17.32 -14.89 4.36
CA ALA C 700 -16.39 -15.91 4.84
C ALA C 700 -15.31 -15.31 5.71
N LYS C 701 -14.90 -16.07 6.72
CA LYS C 701 -13.83 -15.67 7.63
C LYS C 701 -12.52 -16.32 7.16
N THR C 702 -11.47 -15.52 7.06
CA THR C 702 -10.20 -15.97 6.52
C THR C 702 -9.06 -15.65 7.49
N SER C 703 -8.02 -16.47 7.45
CA SER C 703 -6.80 -16.23 8.21
C SER C 703 -5.61 -16.50 7.30
N VAL C 704 -4.53 -15.74 7.49
CA VAL C 704 -3.33 -15.88 6.69
C VAL C 704 -2.14 -16.07 7.62
N ASP C 705 -1.28 -17.02 7.29
CA ASP C 705 -0.04 -17.25 8.03
C ASP C 705 1.09 -16.49 7.33
N CYS C 706 1.83 -15.71 8.11
CA CYS C 706 2.95 -14.95 7.55
C CYS C 706 4.04 -15.89 7.03
N THR C 707 4.50 -16.81 7.88
CA THR C 707 5.31 -17.91 7.39
C THR C 707 4.41 -18.86 6.60
N MET C 708 5.06 -19.74 5.82
CA MET C 708 4.46 -20.68 4.87
C MET C 708 3.81 -19.98 3.68
N TYR C 709 3.82 -18.65 3.61
CA TYR C 709 3.45 -17.91 2.42
C TYR C 709 4.62 -17.07 1.91
N ILE C 710 5.29 -16.34 2.79
CA ILE C 710 6.43 -15.53 2.38
C ILE C 710 7.68 -16.39 2.23
N CYS C 711 7.97 -17.20 3.24
CA CYS C 711 9.12 -18.09 3.25
C CYS C 711 8.63 -19.49 3.60
N GLY C 712 8.45 -20.34 2.59
CA GLY C 712 7.91 -21.66 2.81
C GLY C 712 8.94 -22.69 3.17
N ASP C 713 9.03 -23.02 4.47
CA ASP C 713 9.92 -24.06 5.00
C ASP C 713 11.38 -23.81 4.65
N SER C 714 11.80 -22.55 4.69
CA SER C 714 13.18 -22.17 4.41
C SER C 714 13.74 -21.50 5.65
N LEU C 715 14.82 -22.07 6.19
CA LEU C 715 15.44 -21.50 7.38
C LEU C 715 16.23 -20.23 7.07
N GLU C 716 16.74 -20.10 5.85
CA GLU C 716 17.45 -18.89 5.47
C GLU C 716 16.48 -17.72 5.29
N CYS C 717 15.30 -17.98 4.73
CA CYS C 717 14.32 -16.93 4.55
C CYS C 717 13.62 -16.54 5.85
N SER C 718 13.38 -17.53 6.73
CA SER C 718 12.74 -17.22 8.01
C SER C 718 13.68 -16.52 8.97
N ASN C 719 14.99 -16.60 8.74
CA ASN C 719 15.93 -15.86 9.57
C ASN C 719 15.94 -14.37 9.25
N LEU C 720 15.43 -13.99 8.07
CA LEU C 720 15.33 -12.59 7.70
C LEU C 720 13.96 -11.99 7.97
N LEU C 721 12.95 -12.82 8.20
CA LEU C 721 11.59 -12.31 8.40
C LEU C 721 11.41 -11.64 9.75
N LEU C 722 12.27 -11.94 10.73
CA LEU C 722 12.13 -11.37 12.07
C LEU C 722 12.32 -9.86 12.07
N GLN C 723 13.13 -9.35 11.13
CA GLN C 723 13.29 -7.90 10.98
C GLN C 723 12.00 -7.22 10.54
N TYR C 724 11.07 -7.96 9.93
CA TYR C 724 9.73 -7.46 9.64
C TYR C 724 8.70 -7.96 10.64
N GLY C 725 9.13 -8.27 11.87
CA GLY C 725 8.26 -8.95 12.82
C GLY C 725 7.09 -8.12 13.28
N SER C 726 7.20 -6.79 13.21
CA SER C 726 6.09 -5.92 13.55
C SER C 726 5.13 -5.69 12.39
N PHE C 727 5.49 -6.13 11.18
CA PHE C 727 4.63 -5.98 10.02
C PHE C 727 3.67 -7.13 9.83
N CYS C 728 3.72 -8.13 10.71
CA CYS C 728 2.97 -9.38 10.52
C CYS C 728 1.79 -9.51 11.46
N THR C 729 2.00 -9.29 12.76
CA THR C 729 0.89 -9.35 13.71
C THR C 729 -0.15 -8.27 13.42
N GLN C 730 0.29 -7.14 12.88
CA GLN C 730 -0.63 -6.09 12.43
C GLN C 730 -1.58 -6.60 11.36
N LEU C 731 -1.15 -7.58 10.57
CA LEU C 731 -2.08 -8.25 9.67
C LEU C 731 -3.05 -9.13 10.45
N ASN C 732 -2.53 -9.92 11.39
CA ASN C 732 -3.38 -10.87 12.12
C ASN C 732 -4.26 -10.17 13.14
N ARG C 733 -3.94 -8.93 13.51
CA ARG C 733 -4.84 -8.13 14.33
C ARG C 733 -5.93 -7.47 13.51
N ALA C 734 -5.86 -7.56 12.18
CA ALA C 734 -6.88 -6.98 11.30
C ALA C 734 -7.91 -8.00 10.87
N LEU C 735 -7.47 -9.14 10.34
CA LEU C 735 -8.40 -10.18 9.89
C LEU C 735 -9.19 -10.75 11.05
N SER C 736 -8.56 -10.92 12.21
CA SER C 736 -9.28 -11.32 13.40
C SER C 736 -10.29 -10.27 13.84
N GLY C 737 -10.08 -9.01 13.46
CA GLY C 737 -11.13 -8.02 13.66
C GLY C 737 -12.34 -8.29 12.78
N ILE C 738 -12.11 -8.78 11.56
CA ILE C 738 -13.21 -9.11 10.66
C ILE C 738 -13.95 -10.35 11.15
N ALA C 739 -13.21 -11.39 11.54
CA ALA C 739 -13.79 -12.70 11.80
C ALA C 739 -14.76 -12.66 12.98
N VAL C 740 -14.33 -12.07 14.10
CA VAL C 740 -15.22 -11.91 15.25
C VAL C 740 -16.35 -10.94 14.99
N GLU C 741 -16.26 -10.14 13.91
CA GLU C 741 -17.40 -9.35 13.48
C GLU C 741 -18.45 -10.20 12.78
N GLN C 742 -18.02 -11.23 12.04
CA GLN C 742 -18.96 -12.03 11.26
C GLN C 742 -19.88 -12.85 12.15
N ASP C 743 -19.43 -13.22 13.34
CA ASP C 743 -20.32 -13.85 14.30
C ASP C 743 -21.25 -12.85 14.97
N LYS C 744 -20.89 -11.57 14.97
CA LYS C 744 -21.77 -10.55 15.54
C LYS C 744 -22.83 -10.09 14.55
N ASN C 745 -22.54 -10.19 13.25
CA ASN C 745 -23.53 -9.82 12.24
C ASN C 745 -24.72 -10.76 12.25
N THR C 746 -24.47 -12.06 12.39
CA THR C 746 -25.56 -13.04 12.35
C THR C 746 -26.45 -12.93 13.59
N GLN C 747 -25.83 -12.92 14.77
CA GLN C 747 -26.62 -12.95 16.00
C GLN C 747 -27.33 -11.63 16.27
N GLU C 748 -26.91 -10.54 15.61
CA GLU C 748 -27.69 -9.31 15.67
C GLU C 748 -28.98 -9.42 14.90
N VAL C 749 -29.05 -10.29 13.89
CA VAL C 749 -30.22 -10.39 13.03
C VAL C 749 -31.20 -11.44 13.55
N PHE C 750 -30.71 -12.66 13.78
CA PHE C 750 -31.60 -13.76 14.14
C PHE C 750 -31.92 -13.77 15.63
N ALA C 751 -30.90 -13.64 16.48
CA ALA C 751 -31.08 -13.73 17.93
C ALA C 751 -31.67 -12.41 18.46
N GLN C 752 -32.95 -12.20 18.16
CA GLN C 752 -33.69 -11.08 18.69
C GLN C 752 -34.73 -11.50 19.73
N VAL C 753 -34.78 -12.78 20.06
CA VAL C 753 -35.71 -13.31 21.05
C VAL C 753 -34.92 -14.18 22.03
N LYS C 754 -35.27 -14.07 23.31
CA LYS C 754 -34.63 -14.86 24.35
C LYS C 754 -35.45 -16.08 24.75
N GLN C 755 -36.49 -16.40 23.99
CA GLN C 755 -37.32 -17.57 24.25
C GLN C 755 -37.40 -18.43 22.99
N MET C 756 -37.42 -19.74 23.18
CA MET C 756 -37.48 -20.68 22.06
C MET C 756 -38.91 -21.21 21.97
N TYR C 757 -39.75 -20.49 21.26
CA TYR C 757 -41.14 -20.92 21.06
C TYR C 757 -41.17 -22.13 20.15
N LYS C 758 -41.86 -23.19 20.59
CA LYS C 758 -41.92 -24.41 19.81
C LYS C 758 -42.95 -24.28 18.70
N THR C 759 -42.71 -25.00 17.61
CA THR C 759 -43.63 -24.96 16.47
C THR C 759 -44.91 -25.68 16.83
N PRO C 760 -46.07 -25.06 16.61
CA PRO C 760 -47.34 -25.73 16.95
C PRO C 760 -47.61 -26.92 16.05
N THR C 761 -48.41 -27.86 16.58
CA THR C 761 -48.71 -29.08 15.86
C THR C 761 -49.64 -28.86 14.68
N ILE C 762 -50.37 -27.75 14.67
CA ILE C 762 -51.29 -27.44 13.59
C ILE C 762 -50.66 -26.39 12.68
N ARG C 763 -51.08 -26.36 11.42
CA ARG C 763 -50.57 -25.42 10.44
C ARG C 763 -51.66 -24.59 9.78
N ASP C 764 -52.93 -24.79 10.15
CA ASP C 764 -54.05 -24.05 9.59
C ASP C 764 -54.55 -23.09 10.67
N PHE C 765 -54.13 -21.83 10.57
CA PHE C 765 -54.52 -20.80 11.53
C PHE C 765 -55.70 -20.02 10.96
N GLY C 766 -56.88 -20.62 11.06
CA GLY C 766 -58.09 -19.99 10.54
C GLY C 766 -58.13 -19.85 9.03
N GLY C 767 -57.68 -20.87 8.30
CA GLY C 767 -57.67 -20.85 6.87
C GLY C 767 -56.33 -20.50 6.25
N PHE C 768 -55.44 -19.87 7.01
CA PHE C 768 -54.13 -19.52 6.51
C PHE C 768 -53.20 -20.71 6.64
N ASN C 769 -52.54 -21.08 5.55
CA ASN C 769 -51.72 -22.28 5.49
C ASN C 769 -50.26 -21.91 5.67
N PHE C 770 -49.64 -22.48 6.71
CA PHE C 770 -48.24 -22.24 7.03
C PHE C 770 -47.40 -23.50 6.85
N SER C 771 -47.76 -24.35 5.89
CA SER C 771 -47.12 -25.65 5.76
C SER C 771 -45.68 -25.54 5.25
N GLN C 772 -45.45 -24.67 4.26
CA GLN C 772 -44.13 -24.52 3.66
C GLN C 772 -43.32 -23.39 4.30
N ILE C 773 -43.69 -22.97 5.50
CA ILE C 773 -42.98 -21.91 6.21
C ILE C 773 -42.30 -22.45 7.47
N LEU C 774 -43.02 -23.25 8.27
CA LEU C 774 -42.56 -23.92 9.47
C LEU C 774 -42.02 -25.31 9.14
N PRO C 775 -41.09 -25.84 9.93
CA PRO C 775 -40.55 -27.18 9.66
C PRO C 775 -41.60 -28.27 9.84
N ASP C 776 -41.44 -29.34 9.08
CA ASP C 776 -42.36 -30.48 9.13
C ASP C 776 -41.86 -31.48 10.16
N PRO C 777 -42.65 -31.83 11.18
CA PRO C 777 -42.17 -32.80 12.19
C PRO C 777 -42.08 -34.22 11.67
N LEU C 778 -42.67 -34.54 10.51
CA LEU C 778 -42.65 -35.87 9.95
C LEU C 778 -41.60 -36.01 8.85
N LYS C 779 -40.50 -35.29 8.94
CA LYS C 779 -39.43 -35.31 7.96
C LYS C 779 -38.08 -35.38 8.65
N PRO C 780 -37.08 -36.00 8.02
CA PRO C 780 -35.74 -36.03 8.63
C PRO C 780 -35.03 -34.68 8.65
N THR C 781 -35.47 -33.72 7.84
CA THR C 781 -34.84 -32.41 7.80
C THR C 781 -35.48 -31.48 8.83
N LYS C 782 -34.65 -30.56 9.34
CA LYS C 782 -35.09 -29.56 10.31
C LYS C 782 -35.38 -28.21 9.67
N ARG C 783 -35.46 -28.16 8.34
CA ARG C 783 -35.75 -26.93 7.62
C ARG C 783 -37.03 -27.10 6.82
N SER C 784 -37.67 -25.97 6.52
CA SER C 784 -38.95 -25.99 5.83
C SER C 784 -38.76 -26.20 4.33
N PHE C 785 -39.88 -26.21 3.59
CA PHE C 785 -39.83 -26.47 2.16
C PHE C 785 -39.20 -25.32 1.40
N ILE C 786 -39.63 -24.09 1.69
CA ILE C 786 -39.06 -22.92 1.03
C ILE C 786 -37.62 -22.71 1.47
N GLU C 787 -37.31 -23.01 2.73
CA GLU C 787 -35.92 -22.95 3.19
C GLU C 787 -35.06 -24.01 2.52
N ASP C 788 -35.66 -25.14 2.13
CA ASP C 788 -34.92 -26.14 1.38
C ASP C 788 -34.73 -25.70 -0.08
N LEU C 789 -35.72 -24.98 -0.63
CA LEU C 789 -35.58 -24.50 -2.00
C LEU C 789 -34.60 -23.34 -2.09
N LEU C 790 -34.44 -22.58 -1.01
CA LEU C 790 -33.45 -21.50 -1.00
C LEU C 790 -32.03 -22.07 -0.98
N TYR C 791 -31.84 -23.17 -0.26
CA TYR C 791 -30.64 -23.97 -0.46
C TYR C 791 -30.74 -24.71 -1.80
N ASN C 792 -29.60 -25.29 -2.20
CA ASN C 792 -29.40 -25.85 -3.55
C ASN C 792 -29.67 -24.80 -4.63
N LYS C 793 -29.37 -23.53 -4.32
CA LYS C 793 -29.42 -22.45 -5.28
C LYS C 793 -28.16 -21.59 -5.29
N VAL C 794 -27.39 -21.60 -4.20
CA VAL C 794 -26.07 -20.96 -4.15
C VAL C 794 -25.05 -22.09 -4.10
N THR C 795 -24.16 -22.13 -5.09
CA THR C 795 -23.20 -23.22 -5.22
C THR C 795 -21.97 -22.88 -4.38
N LEU C 796 -21.86 -23.53 -3.22
CA LEU C 796 -20.75 -23.31 -2.31
C LEU C 796 -19.58 -24.25 -2.55
N ALA C 797 -19.71 -25.19 -3.50
CA ALA C 797 -18.65 -26.16 -3.72
C ALA C 797 -17.46 -25.57 -4.46
N ASP C 798 -17.69 -24.50 -5.24
CA ASP C 798 -16.59 -23.87 -5.96
C ASP C 798 -15.63 -23.14 -5.03
N ALA C 799 -16.15 -22.55 -3.95
CA ALA C 799 -15.29 -21.85 -3.01
C ALA C 799 -14.50 -22.81 -2.12
N GLY C 800 -14.92 -24.06 -2.03
CA GLY C 800 -14.23 -25.03 -1.18
C GLY C 800 -14.31 -24.75 0.30
N PHE C 801 -15.49 -24.39 0.79
CA PHE C 801 -15.63 -24.08 2.21
C PHE C 801 -15.55 -25.34 3.07
N MET C 802 -16.08 -26.45 2.58
CA MET C 802 -16.08 -27.72 3.31
C MET C 802 -15.22 -28.72 2.53
N LYS C 803 -13.94 -28.76 2.87
CA LYS C 803 -12.99 -29.67 2.24
C LYS C 803 -12.16 -30.36 3.30
N GLN C 804 -11.97 -31.66 3.14
CA GLN C 804 -11.12 -32.42 4.05
C GLN C 804 -9.66 -32.30 3.65
N TYR C 805 -8.78 -32.69 4.57
CA TYR C 805 -7.34 -32.69 4.31
C TYR C 805 -6.85 -34.04 3.81
N ALA C 806 -7.71 -35.05 3.73
CA ALA C 806 -7.29 -36.36 3.27
C ALA C 806 -7.07 -36.37 1.75
N ASP C 807 -7.97 -35.74 1.00
CA ASP C 807 -7.85 -35.76 -0.45
C ASP C 807 -6.75 -34.85 -0.94
N CYS C 808 -6.41 -33.80 -0.19
CA CYS C 808 -5.31 -32.92 -0.58
C CYS C 808 -3.97 -33.62 -0.44
N LEU C 809 -3.81 -34.48 0.57
CA LEU C 809 -2.56 -35.18 0.79
C LEU C 809 -2.41 -36.43 -0.06
N GLY C 810 -3.46 -36.84 -0.77
CA GLY C 810 -3.37 -38.04 -1.60
C GLY C 810 -2.44 -37.86 -2.79
N GLY C 811 -2.47 -36.69 -3.42
CA GLY C 811 -1.65 -36.42 -4.57
C GLY C 811 -2.29 -36.72 -5.91
N ILE C 812 -3.44 -37.41 -5.91
CA ILE C 812 -4.14 -37.67 -7.17
C ILE C 812 -4.75 -36.38 -7.70
N ASN C 813 -5.32 -35.57 -6.82
CA ASN C 813 -5.93 -34.30 -7.18
C ASN C 813 -5.17 -33.14 -6.54
N ALA C 814 -3.84 -33.20 -6.58
CA ALA C 814 -2.99 -32.17 -6.00
C ALA C 814 -3.03 -30.85 -6.77
N ARG C 815 -3.58 -30.85 -7.99
CA ARG C 815 -3.72 -29.64 -8.78
C ARG C 815 -5.06 -28.95 -8.57
N ASP C 816 -5.70 -29.17 -7.42
CA ASP C 816 -6.94 -28.49 -7.10
C ASP C 816 -6.66 -27.04 -6.73
N LEU C 817 -7.72 -26.22 -6.78
CA LEU C 817 -7.60 -24.81 -6.44
C LEU C 817 -7.80 -24.54 -4.96
N ILE C 818 -8.08 -25.57 -4.16
CA ILE C 818 -8.26 -25.43 -2.73
C ILE C 818 -7.04 -25.94 -1.97
N CYS C 819 -6.45 -27.06 -2.43
CA CYS C 819 -5.29 -27.63 -1.75
C CYS C 819 -4.07 -26.71 -1.83
N ALA C 820 -3.98 -25.88 -2.86
CA ALA C 820 -2.90 -24.90 -2.91
C ALA C 820 -3.10 -23.80 -1.88
N GLN C 821 -4.36 -23.42 -1.63
CA GLN C 821 -4.65 -22.44 -0.60
C GLN C 821 -4.28 -22.95 0.79
N LYS C 822 -4.55 -24.24 1.06
CA LYS C 822 -4.18 -24.82 2.34
C LYS C 822 -2.67 -25.02 2.42
N PHE C 823 -2.03 -25.38 1.31
CA PHE C 823 -0.59 -25.56 1.31
C PHE C 823 0.17 -24.25 1.46
N ASN C 824 -0.44 -23.13 1.09
CA ASN C 824 0.18 -21.82 1.25
C ASN C 824 -0.32 -21.08 2.48
N GLY C 825 -0.97 -21.77 3.41
CA GLY C 825 -1.42 -21.17 4.65
C GLY C 825 -2.56 -20.17 4.51
N LEU C 826 -3.55 -20.47 3.68
CA LEU C 826 -4.73 -19.63 3.52
C LEU C 826 -5.95 -20.49 3.84
N THR C 827 -6.31 -20.53 5.12
CA THR C 827 -7.43 -21.34 5.59
C THR C 827 -8.67 -20.47 5.79
N VAL C 828 -9.82 -21.13 5.80
CA VAL C 828 -11.12 -20.48 5.99
C VAL C 828 -11.73 -21.03 7.27
N LEU C 829 -11.94 -20.17 8.25
CA LEU C 829 -12.53 -20.60 9.52
C LEU C 829 -14.02 -20.84 9.34
N PRO C 830 -14.59 -21.81 10.08
CA PRO C 830 -16.02 -22.09 9.97
C PRO C 830 -16.83 -21.08 10.76
N PRO C 831 -18.08 -20.85 10.37
CA PRO C 831 -18.95 -19.98 11.17
C PRO C 831 -19.31 -20.60 12.51
N LEU C 832 -19.62 -19.74 13.48
CA LEU C 832 -19.97 -20.21 14.81
C LEU C 832 -21.33 -20.89 14.81
N LEU C 833 -22.37 -20.17 14.41
CA LEU C 833 -23.71 -20.74 14.35
C LEU C 833 -23.84 -21.62 13.11
N THR C 834 -24.39 -22.83 13.31
CA THR C 834 -24.62 -23.73 12.20
C THR C 834 -25.94 -23.38 11.51
N ASP C 835 -26.28 -24.17 10.47
CA ASP C 835 -27.51 -23.91 9.74
C ASP C 835 -28.75 -24.37 10.51
N ASP C 836 -28.61 -25.41 11.32
CA ASP C 836 -29.75 -25.92 12.09
C ASP C 836 -30.18 -24.93 13.17
N MET C 837 -29.20 -24.27 13.80
CA MET C 837 -29.52 -23.26 14.81
C MET C 837 -30.23 -22.07 14.18
N ILE C 838 -29.79 -21.64 13.01
CA ILE C 838 -30.43 -20.53 12.32
C ILE C 838 -31.84 -20.91 11.88
N ALA C 839 -32.01 -22.15 11.41
CA ALA C 839 -33.34 -22.63 11.05
C ALA C 839 -34.27 -22.68 12.26
N ALA C 840 -33.73 -23.08 13.42
CA ALA C 840 -34.51 -23.06 14.66
C ALA C 840 -34.89 -21.64 15.05
N TYR C 841 -33.97 -20.68 14.85
CA TYR C 841 -34.26 -19.28 15.15
C TYR C 841 -35.39 -18.75 14.28
N THR C 842 -35.33 -19.05 12.97
CA THR C 842 -36.38 -18.60 12.06
C THR C 842 -37.71 -19.27 12.39
N ALA C 843 -37.69 -20.56 12.72
CA ALA C 843 -38.93 -21.25 13.08
C ALA C 843 -39.54 -20.69 14.36
N ALA C 844 -38.69 -20.36 15.35
CA ALA C 844 -39.18 -19.76 16.58
C ALA C 844 -39.78 -18.38 16.32
N LEU C 845 -39.13 -17.57 15.48
CA LEU C 845 -39.67 -16.25 15.15
C LEU C 845 -41.01 -16.36 14.43
N ILE C 846 -41.12 -17.29 13.47
CA ILE C 846 -42.36 -17.44 12.72
C ILE C 846 -43.48 -17.96 13.62
N SER C 847 -43.17 -18.92 14.49
CA SER C 847 -44.20 -19.45 15.40
C SER C 847 -44.64 -18.39 16.40
N GLY C 848 -43.71 -17.57 16.90
CA GLY C 848 -44.10 -16.49 17.79
C GLY C 848 -44.93 -15.43 17.09
N THR C 849 -44.63 -15.16 15.82
CA THR C 849 -45.44 -14.22 15.05
C THR C 849 -46.85 -14.77 14.82
N ALA C 850 -46.96 -16.07 14.55
CA ALA C 850 -48.26 -16.66 14.25
C ALA C 850 -49.12 -16.78 15.50
N THR C 851 -48.55 -17.23 16.61
CA THR C 851 -49.37 -17.49 17.79
C THR C 851 -49.58 -16.24 18.63
N ALA C 852 -48.57 -15.37 18.75
CA ALA C 852 -48.64 -14.20 19.62
C ALA C 852 -48.84 -12.90 18.85
N GLY C 853 -48.07 -12.67 17.80
CA GLY C 853 -48.26 -11.49 16.98
C GLY C 853 -47.19 -10.43 17.13
N TRP C 854 -47.61 -9.21 17.48
CA TRP C 854 -46.69 -8.10 17.66
C TRP C 854 -46.24 -7.93 19.10
N THR C 855 -46.83 -8.67 20.04
CA THR C 855 -46.65 -8.42 21.46
C THR C 855 -45.59 -9.30 22.12
N PHE C 856 -44.91 -10.15 21.36
CA PHE C 856 -43.83 -10.94 21.93
C PHE C 856 -42.47 -10.27 21.78
N GLY C 857 -42.41 -9.09 21.18
CA GLY C 857 -41.18 -8.34 21.09
C GLY C 857 -41.06 -7.27 22.15
N ALA C 858 -42.16 -6.99 22.85
CA ALA C 858 -42.17 -6.00 23.92
C ALA C 858 -41.95 -6.63 25.29
N GLY C 859 -42.82 -7.57 25.67
CA GLY C 859 -42.67 -8.27 26.93
C GLY C 859 -42.89 -9.76 26.79
N ALA C 860 -43.75 -10.33 27.62
CA ALA C 860 -44.10 -11.73 27.50
C ALA C 860 -45.04 -11.94 26.31
N ALA C 861 -45.06 -13.17 25.82
CA ALA C 861 -45.90 -13.52 24.67
C ALA C 861 -47.36 -13.66 25.11
N LEU C 862 -48.25 -13.01 24.36
CA LEU C 862 -49.68 -13.02 24.66
C LEU C 862 -50.40 -13.75 23.52
N GLN C 863 -51.16 -14.78 23.86
CA GLN C 863 -51.88 -15.53 22.84
C GLN C 863 -53.09 -14.73 22.35
N ILE C 864 -53.42 -14.94 21.08
CA ILE C 864 -54.55 -14.28 20.43
C ILE C 864 -54.89 -15.10 19.19
N PRO C 865 -56.16 -15.29 18.85
CA PRO C 865 -56.50 -15.97 17.59
C PRO C 865 -56.00 -15.19 16.38
N PHE C 866 -55.68 -15.93 15.32
CA PHE C 866 -55.05 -15.34 14.15
C PHE C 866 -56.01 -14.42 13.39
N ALA C 867 -57.31 -14.71 13.43
CA ALA C 867 -58.28 -13.86 12.76
C ALA C 867 -58.33 -12.47 13.40
N MET C 868 -58.29 -12.41 14.72
CA MET C 868 -58.32 -11.11 15.40
C MET C 868 -57.01 -10.34 15.21
N GLN C 869 -55.88 -11.04 15.15
CA GLN C 869 -54.62 -10.39 14.83
C GLN C 869 -54.64 -9.83 13.42
N MET C 870 -55.20 -10.58 12.47
CA MET C 870 -55.33 -10.08 11.10
C MET C 870 -56.29 -8.90 11.03
N ALA C 871 -57.35 -8.91 11.83
CA ALA C 871 -58.25 -7.76 11.89
C ALA C 871 -57.56 -6.52 12.44
N TYR C 872 -56.76 -6.68 13.49
CA TYR C 872 -56.03 -5.54 14.05
C TYR C 872 -54.99 -5.03 13.07
N ARG C 873 -54.33 -5.93 12.33
CA ARG C 873 -53.37 -5.48 11.32
C ARG C 873 -54.06 -4.80 10.15
N PHE C 874 -55.28 -5.24 9.81
CA PHE C 874 -56.05 -4.56 8.77
C PHE C 874 -56.48 -3.17 9.25
N ASN C 875 -56.78 -3.02 10.54
CA ASN C 875 -57.16 -1.72 11.09
C ASN C 875 -55.91 -0.95 11.55
N GLY C 876 -54.93 -0.90 10.66
CA GLY C 876 -53.75 -0.09 10.88
C GLY C 876 -53.22 0.50 9.58
N ILE C 877 -53.98 0.30 8.50
CA ILE C 877 -53.62 0.81 7.19
C ILE C 877 -54.78 1.63 6.64
N GLY C 878 -55.79 1.85 7.47
CA GLY C 878 -56.93 2.67 7.12
C GLY C 878 -58.18 1.89 6.78
N VAL C 879 -58.08 0.59 6.56
CA VAL C 879 -59.24 -0.23 6.27
C VAL C 879 -59.90 -0.65 7.57
N THR C 880 -61.22 -0.54 7.63
CA THR C 880 -61.95 -0.91 8.83
C THR C 880 -61.94 -2.43 9.03
N GLN C 881 -62.22 -2.85 10.25
CA GLN C 881 -62.06 -4.26 10.61
C GLN C 881 -63.24 -5.13 10.21
N ASN C 882 -64.35 -4.54 9.75
CA ASN C 882 -65.46 -5.34 9.26
C ASN C 882 -65.22 -5.88 7.87
N VAL C 883 -64.19 -5.40 7.17
CA VAL C 883 -63.88 -5.88 5.83
C VAL C 883 -63.33 -7.30 5.89
N LEU C 884 -62.48 -7.59 6.90
CA LEU C 884 -61.83 -8.90 6.97
C LEU C 884 -62.81 -10.01 7.28
N TYR C 885 -63.68 -9.80 8.26
CA TYR C 885 -64.58 -10.86 8.71
C TYR C 885 -65.63 -11.22 7.67
N GLU C 886 -65.90 -10.34 6.70
CA GLU C 886 -66.78 -10.65 5.60
C GLU C 886 -66.04 -11.21 4.39
N ASN C 887 -64.71 -11.22 4.41
CA ASN C 887 -63.91 -11.72 3.29
C ASN C 887 -62.75 -12.56 3.80
N GLN C 888 -62.99 -13.38 4.83
CA GLN C 888 -61.93 -14.20 5.40
C GLN C 888 -61.47 -15.27 4.43
N LYS C 889 -62.41 -15.93 3.75
CA LYS C 889 -62.06 -17.02 2.85
C LYS C 889 -61.31 -16.53 1.63
N GLN C 890 -61.72 -15.38 1.06
CA GLN C 890 -61.04 -14.83 -0.10
C GLN C 890 -59.62 -14.41 0.25
N ILE C 891 -59.42 -13.79 1.42
CA ILE C 891 -58.09 -13.36 1.83
C ILE C 891 -57.21 -14.58 2.10
N ALA C 892 -57.77 -15.62 2.72
CA ALA C 892 -57.01 -16.85 2.95
C ALA C 892 -56.61 -17.52 1.64
N ASN C 893 -57.52 -17.57 0.67
CA ASN C 893 -57.21 -18.15 -0.63
C ASN C 893 -56.15 -17.34 -1.37
N GLN C 894 -56.23 -16.00 -1.28
CA GLN C 894 -55.22 -15.16 -1.92
C GLN C 894 -53.85 -15.35 -1.30
N PHE C 895 -53.80 -15.47 0.04
CA PHE C 895 -52.53 -15.72 0.72
C PHE C 895 -51.94 -17.06 0.33
N ASN C 896 -52.77 -18.11 0.29
CA ASN C 896 -52.30 -19.43 -0.11
C ASN C 896 -51.83 -19.46 -1.56
N LYS C 897 -52.56 -18.79 -2.45
CA LYS C 897 -52.17 -18.75 -3.85
C LYS C 897 -50.87 -17.97 -4.05
N ALA C 898 -50.68 -16.88 -3.30
CA ALA C 898 -49.43 -16.14 -3.39
C ALA C 898 -48.24 -16.96 -2.90
N ILE C 899 -48.42 -17.69 -1.79
CA ILE C 899 -47.35 -18.53 -1.27
C ILE C 899 -47.02 -19.66 -2.25
N THR C 900 -48.05 -20.29 -2.82
CA THR C 900 -47.82 -21.34 -3.81
C THR C 900 -47.18 -20.78 -5.07
N GLN C 901 -47.48 -19.53 -5.42
CA GLN C 901 -46.88 -18.94 -6.62
C GLN C 901 -45.42 -18.60 -6.41
N ILE C 902 -45.04 -18.15 -5.21
CA ILE C 902 -43.63 -17.83 -5.02
C ILE C 902 -42.83 -19.12 -4.80
N GLN C 903 -43.44 -20.15 -4.19
CA GLN C 903 -42.75 -21.41 -3.98
C GLN C 903 -42.37 -22.08 -5.30
N GLU C 904 -43.28 -22.06 -6.28
CA GLU C 904 -42.97 -22.65 -7.58
C GLU C 904 -42.00 -21.78 -8.38
N SER C 905 -42.00 -20.47 -8.13
CA SER C 905 -41.13 -19.57 -8.88
C SER C 905 -39.66 -19.68 -8.46
N LEU C 906 -39.38 -20.27 -7.30
CA LEU C 906 -38.01 -20.42 -6.84
C LEU C 906 -37.32 -21.63 -7.45
N THR C 907 -38.05 -22.49 -8.15
CA THR C 907 -37.48 -23.67 -8.79
C THR C 907 -37.19 -23.46 -10.28
N THR C 908 -38.07 -22.75 -10.98
CA THR C 908 -37.88 -22.55 -12.42
C THR C 908 -36.76 -21.56 -12.71
N THR C 909 -36.66 -20.50 -11.92
CA THR C 909 -35.67 -19.46 -12.18
C THR C 909 -34.27 -19.95 -11.80
N SER C 910 -33.27 -19.16 -12.22
CA SER C 910 -31.88 -19.45 -11.91
C SER C 910 -31.11 -18.29 -11.32
N THR C 911 -31.55 -17.05 -11.53
CA THR C 911 -30.90 -15.87 -10.99
C THR C 911 -31.90 -15.10 -10.14
N ALA C 912 -32.00 -15.51 -8.87
CA ALA C 912 -32.79 -14.79 -7.87
C ALA C 912 -32.03 -14.53 -6.59
N LEU C 913 -30.97 -15.27 -6.30
CA LEU C 913 -30.11 -15.06 -5.15
C LEU C 913 -28.70 -14.68 -5.59
N GLY C 914 -28.60 -13.81 -6.60
CA GLY C 914 -27.30 -13.40 -7.09
C GLY C 914 -26.53 -12.55 -6.11
N LYS C 915 -27.23 -11.86 -5.21
CA LYS C 915 -26.56 -11.05 -4.20
C LYS C 915 -25.70 -11.91 -3.27
N LEU C 916 -26.21 -13.08 -2.87
CA LEU C 916 -25.41 -13.99 -2.07
C LEU C 916 -24.40 -14.77 -2.90
N GLN C 917 -24.58 -14.84 -4.22
CA GLN C 917 -23.62 -15.55 -5.07
C GLN C 917 -22.38 -14.71 -5.35
N ASP C 918 -22.57 -13.39 -5.51
CA ASP C 918 -21.43 -12.52 -5.79
C ASP C 918 -20.44 -12.45 -4.62
N VAL C 919 -20.93 -12.58 -3.38
CA VAL C 919 -20.02 -12.57 -2.23
C VAL C 919 -19.11 -13.78 -2.26
N VAL C 920 -19.68 -14.96 -2.53
CA VAL C 920 -18.90 -16.18 -2.61
C VAL C 920 -17.90 -16.11 -3.77
N ASN C 921 -18.35 -15.62 -4.92
CA ASN C 921 -17.48 -15.50 -6.08
C ASN C 921 -16.34 -14.52 -5.82
N GLN C 922 -16.62 -13.39 -5.15
CA GLN C 922 -15.60 -12.41 -4.85
C GLN C 922 -14.57 -12.95 -3.88
N ASN C 923 -15.00 -13.66 -2.84
CA ASN C 923 -14.05 -14.24 -1.89
C ASN C 923 -13.18 -15.30 -2.55
N ALA C 924 -13.78 -16.17 -3.37
CA ALA C 924 -13.01 -17.19 -4.07
C ALA C 924 -12.02 -16.57 -5.04
N GLN C 925 -12.44 -15.52 -5.76
CA GLN C 925 -11.55 -14.85 -6.71
C GLN C 925 -10.39 -14.16 -5.99
N ALA C 926 -10.66 -13.54 -4.84
CA ALA C 926 -9.60 -12.89 -4.08
C ALA C 926 -8.58 -13.90 -3.57
N LEU C 927 -9.04 -15.05 -3.05
CA LEU C 927 -8.11 -16.06 -2.58
C LEU C 927 -7.30 -16.67 -3.72
N ASN C 928 -7.96 -16.90 -4.88
CA ASN C 928 -7.25 -17.44 -6.03
C ASN C 928 -6.21 -16.45 -6.55
N THR C 929 -6.53 -15.15 -6.57
CA THR C 929 -5.55 -14.15 -6.98
C THR C 929 -4.39 -14.08 -6.01
N LEU C 930 -4.66 -14.18 -4.71
CA LEU C 930 -3.59 -14.17 -3.72
C LEU C 930 -2.68 -15.37 -3.87
N VAL C 931 -3.24 -16.54 -4.23
CA VAL C 931 -2.42 -17.71 -4.49
C VAL C 931 -1.59 -17.52 -5.76
N LYS C 932 -2.22 -17.05 -6.83
CA LYS C 932 -1.55 -16.93 -8.12
C LYS C 932 -0.55 -15.78 -8.18
N GLN C 933 -0.57 -14.86 -7.23
CA GLN C 933 0.40 -13.76 -7.23
C GLN C 933 1.77 -14.15 -6.71
N LEU C 934 2.03 -15.44 -6.49
CA LEU C 934 3.33 -15.89 -6.03
C LEU C 934 4.32 -16.16 -7.17
N SER C 935 3.88 -16.04 -8.42
CA SER C 935 4.72 -16.34 -9.57
C SER C 935 5.50 -15.12 -10.06
N SER C 936 5.27 -13.95 -9.50
CA SER C 936 6.00 -12.76 -9.90
C SER C 936 7.36 -12.73 -9.21
N ASN C 937 8.42 -12.54 -9.98
CA ASN C 937 9.77 -12.58 -9.44
C ASN C 937 10.17 -11.30 -8.71
N PHE C 938 9.41 -10.22 -8.90
CA PHE C 938 9.61 -8.93 -8.21
C PHE C 938 11.01 -8.35 -8.44
N GLY C 939 11.59 -8.60 -9.61
CA GLY C 939 12.92 -8.11 -9.92
C GLY C 939 14.06 -9.04 -9.59
N ALA C 940 13.80 -10.17 -8.94
CA ALA C 940 14.84 -11.14 -8.65
C ALA C 940 15.11 -12.00 -9.89
N ILE C 941 16.09 -12.90 -9.76
CA ILE C 941 16.45 -13.75 -10.89
C ILE C 941 15.47 -14.91 -11.07
N SER C 942 14.64 -15.20 -10.06
CA SER C 942 13.68 -16.29 -10.15
C SER C 942 12.53 -16.01 -9.20
N SER C 943 11.42 -16.69 -9.43
CA SER C 943 10.21 -16.53 -8.62
C SER C 943 10.11 -17.55 -7.51
N ALA C 944 11.11 -18.41 -7.33
CA ALA C 944 11.12 -19.42 -6.30
C ALA C 944 12.34 -19.23 -5.41
N LEU C 945 12.23 -19.71 -4.17
CA LEU C 945 13.31 -19.57 -3.21
C LEU C 945 14.32 -20.71 -3.28
N ASN C 946 14.06 -21.74 -4.07
CA ASN C 946 14.95 -22.89 -4.11
C ASN C 946 16.03 -22.76 -5.18
N ASP C 947 15.73 -22.13 -6.31
CA ASP C 947 16.74 -21.91 -7.34
C ASP C 947 17.54 -20.64 -7.11
N ILE C 948 17.17 -19.82 -6.12
CA ILE C 948 18.01 -18.70 -5.73
C ILE C 948 19.04 -19.15 -4.70
N LEU C 949 18.62 -19.96 -3.74
CA LEU C 949 19.53 -20.42 -2.69
C LEU C 949 20.47 -21.52 -3.17
N SER C 950 20.16 -22.16 -4.29
CA SER C 950 21.02 -23.21 -4.83
C SER C 950 21.91 -22.73 -5.97
N ARG C 951 21.89 -21.44 -6.28
CA ARG C 951 22.76 -20.88 -7.32
C ARG C 951 23.72 -19.83 -6.76
N LEU C 952 23.24 -18.92 -5.94
CA LEU C 952 24.03 -17.81 -5.43
C LEU C 952 24.45 -18.08 -3.99
N ASP C 953 25.67 -17.65 -3.65
CA ASP C 953 26.16 -17.79 -2.28
C ASP C 953 25.50 -16.75 -1.38
N LYS C 954 25.71 -16.90 -0.07
CA LYS C 954 25.05 -16.08 0.93
C LYS C 954 25.48 -14.62 0.91
N VAL C 955 26.55 -14.28 0.19
CA VAL C 955 26.98 -12.89 0.09
C VAL C 955 25.98 -12.08 -0.73
N GLU C 956 25.56 -12.62 -1.88
CA GLU C 956 24.73 -11.88 -2.81
C GLU C 956 23.33 -12.47 -2.98
N ALA C 957 22.98 -13.51 -2.23
CA ALA C 957 21.63 -14.03 -2.24
C ALA C 957 20.69 -13.27 -1.31
N GLU C 958 21.24 -12.48 -0.38
CA GLU C 958 20.41 -11.70 0.53
C GLU C 958 19.77 -10.50 -0.14
N VAL C 959 20.36 -9.99 -1.22
CA VAL C 959 19.77 -8.87 -1.94
C VAL C 959 18.67 -9.30 -2.90
N GLN C 960 18.48 -10.60 -3.10
CA GLN C 960 17.40 -11.11 -3.93
C GLN C 960 16.22 -11.63 -3.12
N ILE C 961 16.47 -12.21 -1.95
CA ILE C 961 15.40 -12.70 -1.09
C ILE C 961 14.59 -11.53 -0.53
N ASP C 962 15.27 -10.43 -0.19
CA ASP C 962 14.59 -9.28 0.39
C ASP C 962 13.63 -8.64 -0.60
N ARG C 963 13.97 -8.66 -1.90
CA ARG C 963 13.03 -8.19 -2.92
C ARG C 963 11.77 -9.04 -2.94
N LEU C 964 11.92 -10.36 -2.83
CA LEU C 964 10.77 -11.26 -2.80
C LEU C 964 9.91 -11.03 -1.56
N ILE C 965 10.55 -10.82 -0.40
CA ILE C 965 9.79 -10.61 0.83
C ILE C 965 9.04 -9.29 0.78
N THR C 966 9.71 -8.22 0.34
CA THR C 966 9.05 -6.92 0.25
C THR C 966 7.98 -6.89 -0.82
N GLY C 967 8.12 -7.71 -1.87
CA GLY C 967 7.04 -7.82 -2.85
C GLY C 967 5.86 -8.60 -2.32
N ARG C 968 6.12 -9.70 -1.60
CA ARG C 968 5.03 -10.55 -1.13
C ARG C 968 4.32 -9.99 0.09
N LEU C 969 4.89 -8.99 0.76
CA LEU C 969 4.14 -8.30 1.80
C LEU C 969 3.05 -7.41 1.21
N GLN C 970 3.28 -6.85 0.02
CA GLN C 970 2.32 -5.95 -0.60
C GLN C 970 1.03 -6.67 -1.00
N SER C 971 1.16 -7.94 -1.43
CA SER C 971 -0.03 -8.71 -1.79
C SER C 971 -0.93 -8.93 -0.58
N LEU C 972 -0.32 -9.28 0.56
CA LEU C 972 -1.10 -9.46 1.79
C LEU C 972 -1.71 -8.14 2.24
N GLN C 973 -0.98 -7.04 2.11
CA GLN C 973 -1.50 -5.74 2.51
C GLN C 973 -2.71 -5.35 1.66
N THR C 974 -2.62 -5.52 0.34
CA THR C 974 -3.73 -5.20 -0.53
C THR C 974 -4.94 -6.10 -0.28
N TYR C 975 -4.69 -7.40 -0.03
CA TYR C 975 -5.78 -8.32 0.27
C TYR C 975 -6.49 -7.95 1.56
N VAL C 976 -5.72 -7.57 2.59
CA VAL C 976 -6.32 -7.21 3.88
C VAL C 976 -7.12 -5.91 3.76
N THR C 977 -6.60 -4.95 3.00
CA THR C 977 -7.33 -3.69 2.80
C THR C 977 -8.65 -3.91 2.07
N GLN C 978 -8.63 -4.73 1.01
CA GLN C 978 -9.87 -5.03 0.29
C GLN C 978 -10.84 -5.82 1.17
N GLN C 979 -10.32 -6.71 2.01
CA GLN C 979 -11.18 -7.44 2.94
C GLN C 979 -11.84 -6.50 3.94
N LEU C 980 -11.09 -5.49 4.42
CA LEU C 980 -11.67 -4.53 5.36
C LEU C 980 -12.78 -3.71 4.71
N ILE C 981 -12.58 -3.29 3.45
CA ILE C 981 -13.61 -2.52 2.75
C ILE C 981 -14.87 -3.38 2.54
N ARG C 982 -14.67 -4.64 2.11
CA ARG C 982 -15.80 -5.54 1.91
C ARG C 982 -16.52 -5.83 3.22
N ALA C 983 -15.77 -5.95 4.32
CA ALA C 983 -16.37 -6.17 5.62
C ALA C 983 -17.22 -4.98 6.06
N ALA C 984 -16.75 -3.76 5.77
CA ALA C 984 -17.56 -2.59 6.09
C ALA C 984 -18.87 -2.58 5.30
N GLU C 985 -18.81 -2.93 4.01
CA GLU C 985 -20.03 -2.99 3.20
C GLU C 985 -21.00 -4.06 3.72
N ILE C 986 -20.48 -5.23 4.06
CA ILE C 986 -21.31 -6.31 4.57
C ILE C 986 -21.91 -5.94 5.93
N ARG C 987 -21.15 -5.22 6.76
CA ARG C 987 -21.66 -4.75 8.04
C ARG C 987 -22.81 -3.76 7.86
N THR C 988 -22.70 -2.87 6.86
CA THR C 988 -23.81 -1.96 6.57
C THR C 988 -25.06 -2.73 6.14
N SER C 989 -24.90 -3.74 5.28
CA SER C 989 -26.04 -4.54 4.86
C SER C 989 -26.64 -5.32 6.02
N ALA C 990 -25.79 -5.82 6.93
CA ALA C 990 -26.27 -6.56 8.08
C ALA C 990 -27.03 -5.65 9.05
N ASN C 991 -26.58 -4.40 9.21
CA ASN C 991 -27.33 -3.46 10.05
C ASN C 991 -28.70 -3.16 9.46
N LEU C 992 -28.77 -2.99 8.12
CA LEU C 992 -30.06 -2.80 7.48
C LEU C 992 -30.97 -4.01 7.67
N ALA C 993 -30.41 -5.21 7.55
CA ALA C 993 -31.21 -6.42 7.74
C ALA C 993 -31.70 -6.57 9.17
N ALA C 994 -30.86 -6.19 10.15
CA ALA C 994 -31.28 -6.23 11.55
C ALA C 994 -32.41 -5.24 11.83
N THR C 995 -32.32 -4.03 11.25
CA THR C 995 -33.40 -3.06 11.40
C THR C 995 -34.70 -3.56 10.76
N LYS C 996 -34.59 -4.19 9.58
CA LYS C 996 -35.77 -4.72 8.92
C LYS C 996 -36.40 -5.85 9.73
N MET C 997 -35.58 -6.71 10.34
CA MET C 997 -36.12 -7.77 11.18
C MET C 997 -36.77 -7.22 12.43
N SER C 998 -36.19 -6.17 13.01
CA SER C 998 -36.75 -5.60 14.24
C SER C 998 -38.06 -4.87 13.98
N GLU C 999 -38.18 -4.18 12.84
CA GLU C 999 -39.36 -3.35 12.60
C GLU C 999 -40.42 -4.01 11.75
N CYS C 1000 -40.05 -4.71 10.69
CA CYS C 1000 -41.02 -5.24 9.74
C CYS C 1000 -41.52 -6.65 10.09
N VAL C 1001 -40.88 -7.32 11.05
CA VAL C 1001 -41.28 -8.67 11.45
C VAL C 1001 -41.91 -8.68 12.83
N LEU C 1002 -41.28 -8.00 13.79
CA LEU C 1002 -41.79 -7.97 15.16
C LEU C 1002 -42.99 -7.04 15.32
N GLY C 1003 -43.29 -6.21 14.33
CA GLY C 1003 -44.41 -5.28 14.42
C GLY C 1003 -45.02 -5.04 13.07
N GLN C 1004 -45.40 -3.78 12.81
CA GLN C 1004 -46.03 -3.40 11.55
C GLN C 1004 -45.57 -1.99 11.22
N SER C 1005 -44.67 -1.88 10.25
CA SER C 1005 -44.06 -0.60 9.93
C SER C 1005 -45.03 0.30 9.17
N LYS C 1006 -44.81 1.61 9.29
CA LYS C 1006 -45.57 2.60 8.55
C LYS C 1006 -44.72 3.40 7.58
N ARG C 1007 -43.41 3.20 7.56
CA ARG C 1007 -42.55 3.89 6.61
C ARG C 1007 -42.78 3.34 5.20
N VAL C 1008 -42.87 4.25 4.24
CA VAL C 1008 -43.25 3.86 2.88
C VAL C 1008 -42.09 3.14 2.21
N ASP C 1009 -42.40 1.98 1.60
CA ASP C 1009 -41.48 1.14 0.84
C ASP C 1009 -40.30 0.63 1.67
N PHE C 1010 -40.44 0.60 3.00
CA PHE C 1010 -39.39 0.01 3.82
C PHE C 1010 -39.43 -1.51 3.72
N CYS C 1011 -40.62 -2.10 3.77
CA CYS C 1011 -40.81 -3.54 3.55
C CYS C 1011 -41.99 -3.71 2.62
N GLY C 1012 -41.71 -3.93 1.33
CA GLY C 1012 -42.77 -4.16 0.36
C GLY C 1012 -43.28 -2.88 -0.26
N LYS C 1013 -43.77 -3.01 -1.48
CA LYS C 1013 -44.31 -1.87 -2.24
C LYS C 1013 -45.80 -1.77 -1.96
N GLY C 1014 -46.19 -0.91 -1.03
CA GLY C 1014 -47.58 -0.73 -0.69
C GLY C 1014 -47.84 -0.70 0.81
N TYR C 1015 -49.03 -1.13 1.21
CA TYR C 1015 -49.39 -1.18 2.62
C TYR C 1015 -48.99 -2.52 3.19
N HIS C 1016 -48.17 -2.51 4.24
CA HIS C 1016 -47.52 -3.71 4.74
C HIS C 1016 -48.31 -4.30 5.90
N LEU C 1017 -48.48 -5.64 5.87
CA LEU C 1017 -49.22 -6.35 6.91
C LEU C 1017 -48.30 -7.13 7.85
N MET C 1018 -47.47 -8.02 7.32
CA MET C 1018 -46.51 -8.78 8.13
C MET C 1018 -45.37 -9.25 7.22
N SER C 1019 -44.42 -9.96 7.81
CA SER C 1019 -43.30 -10.50 7.05
C SER C 1019 -42.83 -11.79 7.71
N PHE C 1020 -42.15 -12.62 6.92
CA PHE C 1020 -41.64 -13.90 7.40
C PHE C 1020 -40.18 -14.06 6.98
N PRO C 1021 -39.30 -14.42 7.90
CA PRO C 1021 -37.89 -14.63 7.54
C PRO C 1021 -37.57 -16.08 7.21
N GLN C 1022 -36.71 -16.27 6.20
CA GLN C 1022 -36.16 -17.57 5.87
C GLN C 1022 -34.65 -17.45 5.77
N SER C 1023 -33.96 -18.52 6.15
CA SER C 1023 -32.51 -18.51 6.10
C SER C 1023 -32.01 -18.76 4.67
N ALA C 1024 -30.74 -18.43 4.45
CA ALA C 1024 -30.09 -18.71 3.18
C ALA C 1024 -28.59 -18.75 3.43
N PRO C 1025 -27.81 -19.47 2.61
CA PRO C 1025 -26.35 -19.49 2.80
C PRO C 1025 -25.74 -18.10 2.74
N HIS C 1026 -25.22 -17.66 3.89
CA HIS C 1026 -24.69 -16.32 4.10
C HIS C 1026 -25.72 -15.23 3.83
N GLY C 1027 -26.96 -15.44 4.27
CA GLY C 1027 -27.93 -14.37 4.14
C GLY C 1027 -29.31 -14.73 4.63
N VAL C 1028 -30.22 -13.77 4.48
CA VAL C 1028 -31.61 -13.93 4.89
C VAL C 1028 -32.50 -13.52 3.73
N VAL C 1029 -33.73 -14.04 3.74
CA VAL C 1029 -34.73 -13.75 2.72
C VAL C 1029 -36.02 -13.39 3.44
N PHE C 1030 -36.52 -12.18 3.20
CA PHE C 1030 -37.76 -11.71 3.80
C PHE C 1030 -38.90 -11.92 2.81
N LEU C 1031 -40.01 -12.46 3.30
CA LEU C 1031 -41.26 -12.55 2.54
C LEU C 1031 -42.19 -11.49 3.09
N HIS C 1032 -42.49 -10.49 2.27
CA HIS C 1032 -43.32 -9.35 2.67
C HIS C 1032 -44.73 -9.53 2.13
N VAL C 1033 -45.71 -9.42 3.01
CA VAL C 1033 -47.13 -9.54 2.65
C VAL C 1033 -47.70 -8.13 2.57
N THR C 1034 -48.25 -7.78 1.40
CA THR C 1034 -48.62 -6.41 1.10
C THR C 1034 -50.04 -6.35 0.55
N TYR C 1035 -50.80 -5.37 1.04
CA TYR C 1035 -52.17 -5.13 0.61
C TYR C 1035 -52.15 -4.08 -0.50
N VAL C 1036 -52.70 -4.41 -1.67
CA VAL C 1036 -52.72 -3.46 -2.78
C VAL C 1036 -54.13 -3.34 -3.35
N PRO C 1037 -54.66 -2.13 -3.50
CA PRO C 1037 -55.99 -1.98 -4.11
C PRO C 1037 -55.91 -2.04 -5.63
N SER C 1038 -56.94 -2.62 -6.24
CA SER C 1038 -56.89 -3.00 -7.64
C SER C 1038 -57.86 -2.23 -8.54
N GLN C 1039 -59.16 -2.28 -8.26
CA GLN C 1039 -60.18 -1.81 -9.20
C GLN C 1039 -60.76 -0.49 -8.73
N GLU C 1040 -60.53 0.57 -9.49
CA GLU C 1040 -60.95 1.92 -9.15
C GLU C 1040 -62.26 2.29 -9.85
N ARG C 1041 -62.77 3.47 -9.54
CA ARG C 1041 -64.03 3.95 -10.09
C ARG C 1041 -64.09 5.47 -9.92
N ASN C 1042 -64.52 6.16 -10.98
CA ASN C 1042 -64.69 7.60 -10.90
C ASN C 1042 -65.87 7.97 -10.00
N PHE C 1043 -65.73 9.09 -9.30
CA PHE C 1043 -66.78 9.58 -8.42
C PHE C 1043 -66.68 11.09 -8.34
N THR C 1044 -67.82 11.71 -8.00
CA THR C 1044 -67.85 13.14 -7.70
C THR C 1044 -67.94 13.35 -6.19
N THR C 1045 -67.30 14.42 -5.72
CA THR C 1045 -67.07 14.62 -4.30
C THR C 1045 -67.32 16.07 -3.93
N ALA C 1046 -67.22 16.36 -2.63
CA ALA C 1046 -67.42 17.70 -2.09
C ALA C 1046 -66.67 17.80 -0.78
N PRO C 1047 -66.08 18.96 -0.46
CA PRO C 1047 -65.30 19.04 0.78
C PRO C 1047 -66.16 19.07 2.04
N ALA C 1048 -67.29 19.76 2.01
CA ALA C 1048 -68.14 19.87 3.19
C ALA C 1048 -69.58 20.08 2.75
N ILE C 1049 -70.50 19.89 3.69
CA ILE C 1049 -71.94 19.98 3.42
C ILE C 1049 -72.53 21.02 4.36
N CYS C 1050 -73.18 22.04 3.80
CA CYS C 1050 -73.86 23.08 4.57
C CYS C 1050 -75.32 22.66 4.75
N HIS C 1051 -75.67 22.15 5.93
CA HIS C 1051 -77.01 21.66 6.17
C HIS C 1051 -77.97 22.80 6.49
N GLU C 1052 -77.71 23.52 7.59
CA GLU C 1052 -78.58 24.59 8.07
C GLU C 1052 -77.74 25.81 8.43
N GLY C 1053 -76.85 26.21 7.53
CA GLY C 1053 -75.95 27.30 7.78
C GLY C 1053 -74.69 26.93 8.52
N LYS C 1054 -74.44 25.64 8.74
CA LYS C 1054 -73.24 25.16 9.42
C LYS C 1054 -72.52 24.17 8.53
N ALA C 1055 -71.19 24.25 8.49
CA ALA C 1055 -70.41 23.35 7.68
C ALA C 1055 -70.24 22.01 8.40
N TYR C 1056 -70.41 20.92 7.66
CA TYR C 1056 -70.26 19.58 8.20
C TYR C 1056 -69.06 18.90 7.56
N PHE C 1057 -68.13 18.42 8.38
CA PHE C 1057 -66.94 17.77 7.87
C PHE C 1057 -66.91 16.31 8.30
N PRO C 1058 -66.44 15.40 7.44
CA PRO C 1058 -66.43 13.98 7.80
C PRO C 1058 -65.37 13.68 8.85
N ARG C 1059 -65.67 12.70 9.69
CA ARG C 1059 -64.70 12.27 10.71
C ARG C 1059 -63.60 11.44 10.08
N GLU C 1060 -63.96 10.32 9.45
CA GLU C 1060 -63.00 9.44 8.77
C GLU C 1060 -63.64 8.99 7.47
N GLY C 1061 -63.31 9.67 6.39
CA GLY C 1061 -63.83 9.32 5.08
C GLY C 1061 -63.97 10.54 4.21
N VAL C 1062 -64.56 10.32 3.03
CA VAL C 1062 -64.80 11.38 2.06
C VAL C 1062 -66.25 11.29 1.60
N PHE C 1063 -66.81 12.44 1.25
CA PHE C 1063 -68.16 12.51 0.69
C PHE C 1063 -68.11 12.10 -0.78
N VAL C 1064 -68.92 11.11 -1.15
CA VAL C 1064 -68.89 10.50 -2.47
C VAL C 1064 -70.32 10.40 -2.97
N SER C 1065 -70.57 10.84 -4.19
CA SER C 1065 -71.89 10.75 -4.81
C SER C 1065 -71.86 9.76 -5.97
N ASN C 1066 -72.81 8.83 -5.96
CA ASN C 1066 -72.94 7.84 -7.01
C ASN C 1066 -73.75 8.34 -8.21
N GLY C 1067 -74.26 9.57 -8.15
CA GLY C 1067 -75.00 10.14 -9.26
C GLY C 1067 -76.24 10.89 -8.82
N SER C 1068 -76.93 10.37 -7.79
CA SER C 1068 -78.09 11.05 -7.22
C SER C 1068 -78.09 11.11 -5.71
N PHE C 1069 -77.36 10.24 -5.01
CA PHE C 1069 -77.34 10.20 -3.56
C PHE C 1069 -75.92 10.47 -3.07
N TRP C 1070 -75.81 11.06 -1.89
CA TRP C 1070 -74.53 11.40 -1.29
C TRP C 1070 -74.27 10.51 -0.09
N PHE C 1071 -73.11 9.85 -0.09
CA PHE C 1071 -72.70 8.95 0.97
C PHE C 1071 -71.35 9.40 1.52
N ILE C 1072 -70.91 8.76 2.59
CA ILE C 1072 -69.59 9.00 3.16
C ILE C 1072 -68.87 7.66 3.23
N THR C 1073 -67.71 7.57 2.59
CA THR C 1073 -66.99 6.30 2.50
C THR C 1073 -65.60 6.43 3.10
N GLN C 1074 -64.92 5.30 3.21
CA GLN C 1074 -63.51 5.28 3.57
C GLN C 1074 -62.65 5.46 2.33
N ARG C 1075 -61.39 5.81 2.56
CA ARG C 1075 -60.51 6.20 1.45
C ARG C 1075 -60.01 5.01 0.65
N ASN C 1076 -59.76 3.87 1.32
CA ASN C 1076 -59.09 2.75 0.68
C ASN C 1076 -60.03 1.63 0.28
N PHE C 1077 -61.34 1.80 0.45
CA PHE C 1077 -62.30 0.77 0.06
C PHE C 1077 -63.65 1.43 -0.12
N TYR C 1078 -64.40 1.00 -1.12
CA TYR C 1078 -65.71 1.57 -1.42
C TYR C 1078 -66.76 0.84 -0.59
N SER C 1079 -67.11 1.41 0.56
CA SER C 1079 -68.18 0.90 1.42
C SER C 1079 -69.09 2.07 1.73
N PRO C 1080 -70.10 2.31 0.89
CA PRO C 1080 -70.94 3.51 1.05
C PRO C 1080 -71.86 3.39 2.26
N GLN C 1081 -71.68 4.29 3.22
CA GLN C 1081 -72.54 4.39 4.39
C GLN C 1081 -73.33 5.69 4.31
N ILE C 1082 -74.49 5.70 4.98
CA ILE C 1082 -75.33 6.89 4.96
C ILE C 1082 -74.70 7.98 5.82
N ILE C 1083 -75.11 9.22 5.55
CA ILE C 1083 -74.54 10.38 6.23
C ILE C 1083 -75.41 10.70 7.44
N THR C 1084 -74.81 10.63 8.63
CA THR C 1084 -75.51 10.95 9.87
C THR C 1084 -74.73 12.00 10.65
N THR C 1085 -75.16 12.28 11.88
CA THR C 1085 -74.42 13.18 12.76
C THR C 1085 -73.42 12.45 13.63
N ASP C 1086 -73.35 11.13 13.55
CA ASP C 1086 -72.41 10.33 14.33
C ASP C 1086 -71.10 10.09 13.59
N ASN C 1087 -71.00 10.49 12.32
CA ASN C 1087 -69.75 10.37 11.58
C ASN C 1087 -69.30 11.71 11.00
N THR C 1088 -69.96 12.81 11.38
CA THR C 1088 -69.61 14.15 10.93
C THR C 1088 -69.52 15.09 12.12
N PHE C 1089 -68.66 16.09 12.01
CA PHE C 1089 -68.56 17.13 13.02
C PHE C 1089 -68.77 18.50 12.40
N VAL C 1090 -69.37 19.40 13.18
CA VAL C 1090 -69.90 20.66 12.69
C VAL C 1090 -68.93 21.79 13.04
N ALA C 1091 -68.60 22.61 12.04
CA ALA C 1091 -67.76 23.78 12.24
C ALA C 1091 -68.13 24.84 11.21
N GLY C 1092 -67.65 26.06 11.47
CA GLY C 1092 -67.80 27.16 10.54
C GLY C 1092 -69.23 27.65 10.39
N SER C 1093 -69.46 28.38 9.29
CA SER C 1093 -70.78 28.86 8.95
C SER C 1093 -71.13 28.61 7.48
N CYS C 1094 -70.39 27.72 6.83
CA CYS C 1094 -70.60 27.31 5.42
C CYS C 1094 -70.55 28.49 4.45
N ASP C 1095 -69.84 29.56 4.83
CA ASP C 1095 -69.61 30.70 3.94
C ASP C 1095 -68.17 30.81 3.49
N VAL C 1096 -67.23 30.14 4.15
CA VAL C 1096 -65.82 30.24 3.81
C VAL C 1096 -65.31 28.99 3.09
N VAL C 1097 -66.02 27.86 3.17
CA VAL C 1097 -65.57 26.64 2.52
C VAL C 1097 -65.85 26.76 1.02
N ILE C 1098 -64.82 26.50 0.21
CA ILE C 1098 -64.94 26.59 -1.23
C ILE C 1098 -65.35 25.23 -1.77
N GLY C 1099 -66.48 25.18 -2.47
CA GLY C 1099 -67.02 23.92 -2.95
C GLY C 1099 -68.07 23.29 -2.07
N ILE C 1100 -68.59 24.01 -1.08
CA ILE C 1100 -69.59 23.44 -0.19
C ILE C 1100 -70.92 23.29 -0.93
N ILE C 1101 -71.65 22.22 -0.61
CA ILE C 1101 -72.88 21.85 -1.29
C ILE C 1101 -74.02 21.80 -0.28
N ASN C 1102 -75.23 21.62 -0.81
CA ASN C 1102 -76.44 21.53 0.01
C ASN C 1102 -76.88 20.07 0.07
N ASN C 1103 -77.03 19.55 1.29
CA ASN C 1103 -77.54 18.20 1.50
C ASN C 1103 -78.07 18.10 2.91
N THR C 1104 -78.84 17.05 3.16
CA THR C 1104 -79.45 16.80 4.46
C THR C 1104 -78.63 15.78 5.25
N VAL C 1105 -78.63 15.93 6.56
CA VAL C 1105 -77.90 15.05 7.47
C VAL C 1105 -78.93 14.33 8.34
N TYR C 1106 -78.91 13.01 8.31
CA TYR C 1106 -79.89 12.23 9.06
C TYR C 1106 -79.60 12.29 10.55
N ASP C 1107 -80.67 12.39 11.34
CA ASP C 1107 -80.57 12.45 12.80
C ASP C 1107 -81.08 11.16 13.40
N PRO C 1108 -80.25 10.42 14.15
CA PRO C 1108 -80.71 9.14 14.73
C PRO C 1108 -81.80 9.28 15.77
N LEU C 1109 -81.98 10.46 16.37
CA LEU C 1109 -82.98 10.66 17.42
C LEU C 1109 -84.26 11.19 16.77
N GLN C 1110 -85.33 10.43 16.90
CA GLN C 1110 -86.67 10.90 16.52
C GLN C 1110 -87.72 10.16 17.34
N PRO C 1111 -88.39 10.86 18.25
CA PRO C 1111 -89.57 10.26 18.92
C PRO C 1111 -90.85 10.62 18.19
N GLU C 1112 -91.68 9.63 17.88
CA GLU C 1112 -92.91 9.84 17.15
C GLU C 1112 -94.11 9.42 17.99
N LEU C 1113 -95.10 10.32 18.09
CA LEU C 1113 -96.35 10.08 18.81
C LEU C 1113 -96.11 9.73 20.28
N ASP C 1114 -95.40 10.61 20.98
CA ASP C 1114 -95.10 10.41 22.40
C ASP C 1114 -96.35 10.54 23.24
#